data_3AOD
#
_entry.id   3AOD
#
_cell.length_a   226.604
_cell.length_b   134.496
_cell.length_c   162.833
_cell.angle_alpha   90.00
_cell.angle_beta   97.75
_cell.angle_gamma   90.00
#
_symmetry.space_group_name_H-M   'C 1 2 1'
#
loop_
_entity.id
_entity.type
_entity.pdbx_description
1 polymer 'Acriflavine resistance protein B'
2 non-polymer '(4S,4AS,5AR,12AS)-4,7-BIS(DIMETHYLAMINO)-3,10,12,12A-TETRAHYDROXY-1,11-DIOXO-1,4,4A,5,5A,6,11,12A-OCTAHYDROTETRACENE-2- CARBOXAMIDE'
3 non-polymer RIFAMPICIN
4 water water
#
_entity_poly.entity_id   1
_entity_poly.type   'polypeptide(L)'
_entity_poly.pdbx_seq_one_letter_code
;MPNFFIDRPIFAWVIAIIIMLAGGLAILKLPVAQYPTIAPPAVTISASYPGADAKTVQDTVTQVIEQNMNGIDNLMYMSS
NSDSTGTVQITLTFESGTDADIAQVQVQNKLQLAMPLLPQEVQQQGVSVEKSSSSFLMVVGVINTDGTMTQEDISDYVAA
NMKDAISRTSGVGDVQLFGSQYAMRIWMNPNELNKFQLTPVDVITAIKAQNAQVAAGQLGGTPPVKGQQLNASIIAQTRL
TSTEEFGKILLKVNQDGSRVLLRDVAKIELGGENYDIIAEFNGQPASGLGIKLATGANALDTAAAIRAELAKMEPFFPSG
LKIVYPYDTTPFVKISIHEVVKTLVEAIILVFLVMYLFLQNFRATLIPTIAVPVVLLGTFAVLAAFGFSINTLTMFGMVL
AIGLLVDDAIVVVENVERVMAEEGLPPKEATRKSMGQIQGALVGIAMVLSAVFVPMAFFGGSTGAIYRQFSITIVSAMAL
SVLVALILTPALCATMLKPIAKGDHGEGKKGFFGWFNRMFEKSTHHYTDSVGGILRSTGRYLVLYLIIVVGMAYLFVRLP
SSFLPDEDQGVFMTMVQLPAGATQERTQKVLNEVTHYYLTKEKNNVESVFAVNGFGFAGRGQNTGIAFVSLKDWADRPGE
ENKVEAITMRATRAFSQIKDAMVFAFNLPAIVELGTATGFDFELIDQAGLGHEKLTQARNQLLAEAAKHPDMLTSVRPNG
LEDTPQFKIDIDQEKAQALGVSINDINTTLGAAWGGSYVNDFIDRGRVKKVYVMSEAKYRMLPDDIGDWYVRAADGQMVP
FSAFSSSRWEYGSPRLERYNGLPSMEILGQAAPGKSTGEAMELMEQLASKLPTGVGYDWTGMSYQERLSGNQAPSLYAIS
LIVVFLCLAALYESWSIPFSVMLVVPLGVIGALLAATFRGLTNDVYFQVGLLTTIGLSAKNAILIVEFAKDLMDKEGKGL
IEATLDAVRMRLRPILMTSLAFILGVMPLVISTGAGSGAQNAVGTGVMGGMVTATVLAIFFVPVFFVVVRRRFSRKNEDI
EHSHTVDHHHHHH
;
_entity_poly.pdbx_strand_id   A,B,C
#
loop_
_chem_comp.id
_chem_comp.type
_chem_comp.name
_chem_comp.formula
MIY non-polymer '(4S,4AS,5AR,12AS)-4,7-BIS(DIMETHYLAMINO)-3,10,12,12A-TETRAHYDROXY-1,11-DIOXO-1,4,4A,5,5A,6,11,12A-OCTAHYDROTETRACENE-2- CARBOXAMIDE' 'C23 H27 N3 O7'
RFP non-polymer RIFAMPICIN 'C43 H58 N4 O12'
#
# COMPACT_ATOMS: atom_id res chain seq x y z
N MET A 1 23.74 33.95 14.91
CA MET A 1 23.19 32.98 15.91
C MET A 1 24.12 32.77 17.10
N PRO A 2 25.37 32.34 16.87
CA PRO A 2 26.25 31.91 17.98
C PRO A 2 26.61 33.02 18.97
N ASN A 3 26.91 34.21 18.45
CA ASN A 3 27.16 35.40 19.29
C ASN A 3 25.99 35.55 20.27
N PHE A 4 24.78 35.60 19.72
CA PHE A 4 23.56 35.63 20.52
C PHE A 4 23.21 34.20 20.94
N PHE A 5 24.23 33.42 21.31
CA PHE A 5 24.07 32.09 21.90
C PHE A 5 25.17 31.83 22.91
N ILE A 6 26.26 32.60 22.86
CA ILE A 6 27.29 32.49 23.89
C ILE A 6 26.96 33.43 25.04
N ASP A 7 25.99 34.31 24.82
CA ASP A 7 25.31 35.03 25.90
C ASP A 7 24.32 34.09 26.60
N ARG A 8 23.51 33.39 25.82
CA ARG A 8 22.58 32.37 26.33
C ARG A 8 23.31 30.99 26.37
N PRO A 9 23.96 30.63 27.50
CA PRO A 9 24.77 29.40 27.49
C PRO A 9 24.08 28.11 27.97
N ILE A 10 23.17 28.19 28.94
CA ILE A 10 22.52 26.96 29.45
C ILE A 10 21.34 26.47 28.57
N PHE A 11 20.88 27.33 27.66
CA PHE A 11 19.91 26.93 26.61
C PHE A 11 20.59 26.01 25.61
N ALA A 12 21.82 26.38 25.20
CA ALA A 12 22.64 25.55 24.32
C ALA A 12 23.24 24.36 25.04
N TRP A 13 22.96 24.25 26.34
CA TRP A 13 23.20 23.01 27.05
C TRP A 13 21.97 22.11 26.95
N VAL A 14 20.77 22.70 26.87
CA VAL A 14 19.53 21.92 26.65
C VAL A 14 19.56 21.23 25.30
N ILE A 15 19.48 22.04 24.24
CA ILE A 15 19.67 21.60 22.86
C ILE A 15 20.70 20.47 22.75
N ALA A 16 21.79 20.57 23.52
CA ALA A 16 22.76 19.48 23.61
C ALA A 16 22.15 18.21 24.23
N ILE A 17 21.29 18.41 25.24
CA ILE A 17 20.71 17.29 25.95
C ILE A 17 19.69 16.57 25.05
N ILE A 18 18.76 17.30 24.43
CA ILE A 18 17.81 16.67 23.49
C ILE A 18 18.55 15.82 22.46
N ILE A 19 19.22 16.48 21.53
CA ILE A 19 20.11 15.85 20.54
C ILE A 19 20.66 14.52 21.07
N MET A 20 21.22 14.59 22.27
CA MET A 20 21.90 13.46 22.87
C MET A 20 20.86 12.46 23.33
N LEU A 21 20.00 12.90 24.23
CA LEU A 21 18.94 12.06 24.78
C LEU A 21 18.11 11.44 23.67
N ALA A 22 17.77 12.23 22.65
CA ALA A 22 17.10 11.72 21.44
C ALA A 22 17.95 10.70 20.68
N GLY A 23 19.24 11.00 20.54
CA GLY A 23 20.17 10.09 19.88
C GLY A 23 20.37 8.81 20.67
N GLY A 24 20.13 8.87 21.98
CA GLY A 24 20.31 7.72 22.87
C GLY A 24 19.13 6.81 22.73
N LEU A 25 17.94 7.42 22.63
CA LEU A 25 16.65 6.71 22.52
C LEU A 25 16.57 5.89 21.22
N ALA A 26 16.98 6.49 20.09
CA ALA A 26 17.17 5.78 18.82
C ALA A 26 18.10 4.55 18.92
N ILE A 27 19.26 4.70 19.56
CA ILE A 27 20.17 3.55 19.71
C ILE A 27 19.38 2.35 20.17
N LEU A 28 18.47 2.57 21.12
CA LEU A 28 17.52 1.53 21.53
C LEU A 28 16.17 1.55 20.80
N LYS A 29 16.21 1.51 19.47
CA LYS A 29 15.02 1.34 18.60
C LYS A 29 15.51 0.82 17.27
N LEU A 30 16.82 0.96 17.06
CA LEU A 30 17.38 0.78 15.73
C LEU A 30 17.52 -0.69 15.34
N PRO A 31 16.99 -1.06 14.15
CA PRO A 31 17.27 -2.36 13.60
C PRO A 31 18.77 -2.55 13.46
N VAL A 32 19.23 -3.73 13.78
CA VAL A 32 20.62 -4.08 13.60
C VAL A 32 20.65 -5.28 12.66
N ALA A 33 21.61 -5.29 11.74
CA ALA A 33 21.67 -6.28 10.68
C ALA A 33 22.95 -6.08 9.92
N GLN A 34 23.58 -7.18 9.49
CA GLN A 34 24.88 -7.08 8.79
C GLN A 34 24.83 -6.02 7.70
N TYR A 35 23.83 -6.10 6.83
CA TYR A 35 23.67 -5.14 5.75
C TYR A 35 22.22 -4.72 5.73
N PRO A 36 21.89 -3.66 4.95
CA PRO A 36 20.48 -3.46 4.65
C PRO A 36 20.12 -4.12 3.30
N THR A 37 18.95 -3.79 2.78
CA THR A 37 18.46 -4.33 1.53
C THR A 37 19.16 -3.61 0.40
N ILE A 38 19.46 -4.33 -0.68
CA ILE A 38 20.18 -3.67 -1.78
C ILE A 38 19.84 -4.29 -3.13
N ALA A 39 19.45 -5.56 -3.10
CA ALA A 39 19.02 -6.28 -4.29
C ALA A 39 17.59 -5.83 -4.65
N PRO A 40 17.28 -5.69 -5.96
CA PRO A 40 15.90 -5.37 -6.30
C PRO A 40 14.99 -6.49 -5.76
N PRO A 41 13.71 -6.19 -5.48
CA PRO A 41 12.89 -7.27 -4.96
C PRO A 41 12.59 -8.32 -6.04
N ALA A 42 12.43 -9.56 -5.60
CA ALA A 42 12.23 -10.67 -6.51
C ALA A 42 11.30 -11.70 -5.91
N VAL A 43 10.32 -12.10 -6.72
CA VAL A 43 9.36 -13.08 -6.32
C VAL A 43 9.64 -14.33 -7.09
N THR A 44 9.77 -15.43 -6.36
CA THR A 44 10.00 -16.77 -6.94
C THR A 44 8.76 -17.71 -6.84
N ILE A 45 8.31 -18.22 -7.98
CA ILE A 45 7.29 -19.23 -8.07
C ILE A 45 7.92 -20.59 -8.39
N SER A 46 7.64 -21.61 -7.59
CA SER A 46 8.27 -22.90 -7.81
C SER A 46 7.28 -23.98 -7.56
N ALA A 47 7.41 -25.08 -8.30
CA ALA A 47 6.45 -26.18 -8.35
C ALA A 47 7.15 -27.53 -8.55
N SER A 48 6.41 -28.59 -8.19
CA SER A 48 6.86 -29.96 -8.38
C SER A 48 5.90 -30.73 -9.26
N TYR A 49 6.43 -31.72 -9.99
CA TYR A 49 5.69 -32.64 -10.80
C TYR A 49 6.48 -33.95 -10.68
N PRO A 50 6.17 -34.78 -9.67
CA PRO A 50 7.03 -35.93 -9.33
C PRO A 50 7.22 -36.91 -10.49
N GLY A 51 8.46 -37.34 -10.70
CA GLY A 51 8.79 -38.19 -11.83
C GLY A 51 8.79 -37.47 -13.16
N ALA A 52 8.87 -36.15 -13.16
CA ALA A 52 8.79 -35.39 -14.42
C ALA A 52 10.03 -35.43 -15.37
N ASP A 53 10.39 -34.27 -15.92
CA ASP A 53 11.63 -34.08 -16.69
C ASP A 53 11.57 -32.75 -17.42
N ALA A 54 12.72 -32.10 -17.50
CA ALA A 54 12.79 -30.77 -18.08
C ALA A 54 11.72 -30.43 -19.14
N LYS A 55 11.73 -31.06 -20.35
CA LYS A 55 10.68 -30.80 -21.41
C LYS A 55 9.24 -30.92 -20.91
N THR A 56 8.95 -32.04 -20.23
CA THR A 56 7.61 -32.27 -19.74
C THR A 56 7.27 -31.14 -18.78
N VAL A 57 8.13 -30.92 -17.80
CA VAL A 57 7.83 -29.93 -16.78
C VAL A 57 7.72 -28.59 -17.42
N GLN A 58 8.52 -28.37 -18.47
CA GLN A 58 8.51 -27.10 -19.13
C GLN A 58 7.22 -26.88 -19.87
N ASP A 59 6.86 -27.77 -20.79
CA ASP A 59 5.64 -27.62 -21.61
C ASP A 59 4.33 -27.88 -20.89
N THR A 60 4.36 -28.42 -19.71
CA THR A 60 3.14 -28.75 -19.05
C THR A 60 2.80 -27.70 -18.00
N VAL A 61 3.86 -27.05 -17.50
CA VAL A 61 3.81 -26.11 -16.40
C VAL A 61 4.49 -24.78 -16.71
N THR A 62 5.82 -24.76 -16.85
CA THR A 62 6.49 -23.46 -16.96
C THR A 62 5.96 -22.55 -18.05
N GLN A 63 5.93 -23.02 -19.28
CA GLN A 63 5.30 -22.27 -20.35
C GLN A 63 3.95 -21.72 -19.91
N VAL A 64 2.97 -22.57 -19.65
CA VAL A 64 1.66 -22.14 -19.15
C VAL A 64 1.70 -20.92 -18.21
N ILE A 65 2.23 -21.10 -16.99
CA ILE A 65 2.24 -20.00 -16.03
C ILE A 65 2.96 -18.74 -16.55
N GLU A 66 3.97 -18.91 -17.38
CA GLU A 66 4.57 -17.72 -17.97
C GLU A 66 3.55 -16.98 -18.81
N GLN A 67 2.75 -17.68 -19.61
CA GLN A 67 1.80 -16.98 -20.49
C GLN A 67 0.79 -16.18 -19.68
N ASN A 68 0.92 -16.24 -18.35
CA ASN A 68 -0.04 -15.63 -17.45
C ASN A 68 0.51 -14.54 -16.59
N MET A 69 1.82 -14.41 -16.53
CA MET A 69 2.45 -13.34 -15.77
C MET A 69 2.26 -11.95 -16.38
N ASN A 70 1.04 -11.56 -16.72
CA ASN A 70 0.79 -10.23 -17.29
C ASN A 70 -0.13 -9.41 -16.42
N GLY A 71 -0.10 -8.09 -16.64
CA GLY A 71 -0.84 -7.14 -15.83
C GLY A 71 -0.34 -6.92 -14.43
N ILE A 72 0.88 -7.39 -14.15
CA ILE A 72 1.62 -7.21 -12.89
C ILE A 72 2.49 -5.94 -12.99
N ASP A 73 2.41 -5.02 -12.02
CA ASP A 73 3.16 -3.74 -12.11
C ASP A 73 4.65 -3.84 -11.73
N ASN A 74 5.48 -3.05 -12.43
CA ASN A 74 6.91 -2.85 -12.13
C ASN A 74 7.83 -4.05 -12.35
N LEU A 75 7.50 -4.87 -13.33
CA LEU A 75 8.25 -6.09 -13.57
C LEU A 75 9.49 -5.80 -14.41
N MET A 76 10.66 -6.06 -13.83
CA MET A 76 11.93 -5.81 -14.51
C MET A 76 12.32 -6.79 -15.62
N TYR A 77 12.33 -8.09 -15.28
CA TYR A 77 12.50 -9.21 -16.24
C TYR A 77 12.04 -10.49 -15.52
N MET A 78 11.87 -11.58 -16.28
CA MET A 78 11.40 -12.86 -15.72
C MET A 78 12.20 -14.05 -16.20
N SER A 79 12.84 -14.80 -15.30
CA SER A 79 13.63 -15.99 -15.73
C SER A 79 13.11 -17.29 -15.15
N SER A 80 13.29 -18.40 -15.86
CA SER A 80 12.74 -19.66 -15.38
C SER A 80 13.59 -20.92 -15.62
N ASN A 81 13.39 -21.91 -14.74
CA ASN A 81 14.11 -23.17 -14.78
C ASN A 81 13.26 -24.42 -14.82
N SER A 82 13.38 -25.22 -15.88
CA SER A 82 12.67 -26.47 -15.92
C SER A 82 13.61 -27.64 -16.05
N ASP A 83 13.76 -28.42 -14.99
CA ASP A 83 14.80 -29.46 -14.94
C ASP A 83 14.33 -30.87 -14.57
N SER A 84 14.99 -31.87 -15.16
CA SER A 84 14.65 -33.29 -15.04
C SER A 84 14.43 -33.89 -13.63
N THR A 85 14.42 -33.04 -12.62
CA THR A 85 14.07 -33.52 -11.30
C THR A 85 12.61 -33.28 -11.01
N GLY A 86 11.87 -32.88 -12.03
CA GLY A 86 10.47 -32.52 -11.90
C GLY A 86 10.28 -31.21 -11.18
N THR A 87 11.15 -30.23 -11.38
CA THR A 87 11.00 -28.96 -10.66
C THR A 87 11.05 -27.73 -11.53
N VAL A 88 10.11 -26.80 -11.29
CA VAL A 88 10.15 -25.47 -11.93
C VAL A 88 10.35 -24.35 -10.98
N GLN A 89 11.14 -23.38 -11.39
CA GLN A 89 11.28 -22.17 -10.63
C GLN A 89 11.24 -21.00 -11.60
N ILE A 90 10.22 -20.15 -11.45
CA ILE A 90 10.16 -18.88 -12.19
C ILE A 90 10.52 -17.79 -11.22
N THR A 91 11.39 -16.87 -11.63
CA THR A 91 11.82 -15.80 -10.75
C THR A 91 11.57 -14.50 -11.47
N LEU A 92 10.75 -13.67 -10.85
CA LEU A 92 10.46 -12.35 -11.38
C LEU A 92 11.09 -11.29 -10.49
N THR A 93 11.94 -10.47 -11.12
CA THR A 93 12.57 -9.34 -10.48
C THR A 93 11.80 -8.10 -10.80
N PHE A 94 11.77 -7.20 -9.83
CA PHE A 94 11.02 -5.95 -9.90
C PHE A 94 11.96 -4.72 -10.03
N GLU A 95 11.41 -3.54 -10.34
CA GLU A 95 12.16 -2.30 -10.30
C GLU A 95 12.60 -2.04 -8.85
N SER A 96 12.98 -0.82 -8.51
CA SER A 96 13.67 -0.66 -7.27
C SER A 96 12.93 -0.43 -6.00
N GLY A 97 12.11 0.61 -5.99
CA GLY A 97 11.32 0.87 -4.76
C GLY A 97 10.03 0.08 -4.71
N THR A 98 9.99 -1.05 -5.41
CA THR A 98 8.75 -1.76 -5.59
C THR A 98 8.42 -2.40 -4.27
N ASP A 99 7.21 -2.18 -3.76
CA ASP A 99 6.82 -2.80 -2.52
C ASP A 99 6.89 -4.33 -2.69
N ALA A 100 7.76 -4.98 -1.93
CA ALA A 100 7.93 -6.44 -2.02
C ALA A 100 6.63 -7.15 -1.77
N ASP A 101 5.86 -6.61 -0.84
CA ASP A 101 4.58 -7.16 -0.45
C ASP A 101 3.51 -7.04 -1.50
N ILE A 102 3.52 -5.95 -2.28
CA ILE A 102 2.58 -5.84 -3.37
C ILE A 102 2.99 -6.69 -4.57
N ALA A 103 4.30 -6.80 -4.80
CA ALA A 103 4.79 -7.56 -5.95
C ALA A 103 4.42 -9.03 -5.82
N GLN A 104 4.51 -9.57 -4.63
CA GLN A 104 4.10 -10.96 -4.42
C GLN A 104 2.63 -11.16 -4.62
N VAL A 105 1.77 -10.41 -3.94
CA VAL A 105 0.30 -10.46 -4.20
C VAL A 105 0.04 -10.63 -5.69
N GLN A 106 0.42 -9.61 -6.45
CA GLN A 106 0.12 -9.57 -7.87
C GLN A 106 0.49 -10.88 -8.61
N VAL A 107 1.76 -11.29 -8.49
CA VAL A 107 2.29 -12.54 -9.04
C VAL A 107 1.34 -13.62 -8.62
N GLN A 108 1.33 -13.88 -7.32
CA GLN A 108 0.59 -14.94 -6.66
C GLN A 108 -0.82 -14.96 -7.11
N ASN A 109 -1.45 -13.80 -7.08
CA ASN A 109 -2.82 -13.60 -7.60
C ASN A 109 -3.00 -13.94 -9.05
N LYS A 110 -2.03 -13.62 -9.89
CA LYS A 110 -2.18 -13.81 -11.31
C LYS A 110 -1.90 -15.25 -11.63
N LEU A 111 -1.17 -15.93 -10.75
CA LEU A 111 -0.95 -17.38 -10.81
C LEU A 111 -2.26 -18.07 -10.57
N GLN A 112 -2.92 -17.69 -9.48
CA GLN A 112 -4.15 -18.34 -9.02
C GLN A 112 -5.19 -18.55 -10.09
N LEU A 113 -4.98 -17.96 -11.27
CA LEU A 113 -5.98 -18.07 -12.31
C LEU A 113 -5.45 -18.93 -13.45
N ALA A 114 -4.18 -19.32 -13.34
CA ALA A 114 -3.53 -20.26 -14.28
C ALA A 114 -3.61 -21.66 -13.72
N MET A 115 -3.76 -21.75 -12.40
CA MET A 115 -3.91 -23.04 -11.73
C MET A 115 -4.79 -24.03 -12.45
N PRO A 116 -6.02 -23.64 -12.82
CA PRO A 116 -6.88 -24.56 -13.57
C PRO A 116 -6.24 -25.25 -14.80
N LEU A 117 -5.25 -24.61 -15.43
CA LEU A 117 -4.63 -25.14 -16.66
C LEU A 117 -3.41 -26.00 -16.36
N LEU A 118 -3.20 -26.27 -15.09
CA LEU A 118 -2.10 -27.11 -14.69
C LEU A 118 -2.59 -28.50 -14.43
N PRO A 119 -1.70 -29.48 -14.53
CA PRO A 119 -1.99 -30.88 -14.32
C PRO A 119 -2.31 -31.30 -12.87
N GLN A 120 -3.36 -32.10 -12.73
CA GLN A 120 -3.86 -32.43 -11.38
C GLN A 120 -2.77 -32.85 -10.42
N GLU A 121 -1.74 -33.55 -10.94
CA GLU A 121 -0.60 -34.03 -10.13
C GLU A 121 0.25 -32.86 -9.57
N VAL A 122 0.20 -31.70 -10.25
CA VAL A 122 1.00 -30.55 -9.86
C VAL A 122 0.23 -29.65 -8.93
N GLN A 123 -1.07 -29.49 -9.20
CA GLN A 123 -1.94 -28.61 -8.41
C GLN A 123 -1.96 -29.15 -7.00
N GLN A 124 -1.69 -30.43 -6.91
CA GLN A 124 -1.69 -31.18 -5.70
C GLN A 124 -0.46 -30.89 -4.84
N GLN A 125 0.71 -30.90 -5.46
CA GLN A 125 1.98 -30.67 -4.75
C GLN A 125 1.93 -29.28 -4.21
N GLY A 126 1.12 -28.46 -4.86
CA GLY A 126 1.02 -27.04 -4.59
C GLY A 126 2.12 -26.26 -5.28
N VAL A 127 1.80 -25.05 -5.70
CA VAL A 127 2.79 -24.12 -6.19
C VAL A 127 3.05 -23.04 -5.11
N SER A 128 4.30 -22.62 -4.97
CA SER A 128 4.68 -21.59 -3.98
C SER A 128 5.06 -20.28 -4.61
N VAL A 129 4.45 -19.21 -4.13
CA VAL A 129 4.95 -17.90 -4.41
C VAL A 129 5.40 -17.32 -3.09
N GLU A 130 6.61 -16.76 -3.09
CA GLU A 130 7.26 -16.25 -1.88
C GLU A 130 8.39 -15.37 -2.33
N LYS A 131 8.79 -14.45 -1.45
CA LYS A 131 9.83 -13.46 -1.74
C LYS A 131 11.18 -14.09 -1.57
N SER A 132 12.04 -14.01 -2.58
CA SER A 132 13.37 -14.62 -2.50
C SER A 132 14.37 -13.61 -1.96
N SER A 133 15.28 -14.10 -1.10
CA SER A 133 16.22 -13.26 -0.34
C SER A 133 17.24 -14.14 0.39
N SER A 134 18.13 -14.76 -0.41
CA SER A 134 19.22 -15.67 0.05
C SER A 134 20.24 -15.05 1.05
N SER A 135 19.68 -14.23 1.96
CA SER A 135 20.33 -13.64 3.13
C SER A 135 19.83 -14.35 4.39
N PHE A 136 20.52 -15.41 4.77
CA PHE A 136 20.19 -16.21 5.95
C PHE A 136 20.78 -15.66 7.23
N LEU A 137 19.95 -15.53 8.26
CA LEU A 137 20.43 -15.11 9.57
C LEU A 137 21.25 -16.21 10.19
N MET A 138 20.85 -17.46 9.96
CA MET A 138 21.64 -18.61 10.41
C MET A 138 21.12 -19.95 9.89
N VAL A 139 21.72 -21.04 10.37
CA VAL A 139 21.28 -22.36 10.01
C VAL A 139 21.68 -23.31 11.12
N VAL A 140 20.77 -23.52 12.05
CA VAL A 140 20.99 -24.53 13.08
C VAL A 140 21.05 -25.91 12.41
N GLY A 141 21.96 -26.76 12.88
CA GLY A 141 21.95 -28.16 12.51
C GLY A 141 21.38 -28.95 13.69
N VAL A 142 20.89 -30.16 13.42
CA VAL A 142 20.35 -31.01 14.46
C VAL A 142 20.83 -32.41 14.16
N ILE A 143 22.06 -32.70 14.54
CA ILE A 143 22.63 -34.01 14.25
C ILE A 143 22.27 -34.98 15.36
N ASN A 144 22.48 -36.27 15.13
CA ASN A 144 22.37 -37.28 16.18
C ASN A 144 23.71 -37.90 16.50
N THR A 145 24.05 -37.88 17.78
CA THR A 145 25.35 -38.31 18.29
C THR A 145 25.28 -39.68 19.00
N ASP A 146 24.49 -40.60 18.41
CA ASP A 146 24.39 -41.99 18.85
C ASP A 146 24.42 -42.87 17.63
N GLY A 147 23.95 -42.31 16.52
CA GLY A 147 23.71 -43.03 15.28
C GLY A 147 22.39 -43.80 15.36
N THR A 148 21.49 -43.36 16.23
CA THR A 148 20.19 -44.02 16.40
C THR A 148 19.18 -43.53 15.36
N MET A 149 19.34 -42.29 14.93
CA MET A 149 18.39 -41.62 14.06
C MET A 149 18.96 -41.39 12.68
N THR A 150 18.07 -41.38 11.68
CA THR A 150 18.49 -41.19 10.30
C THR A 150 18.21 -39.76 9.92
N GLN A 151 18.72 -39.40 8.73
CA GLN A 151 18.38 -38.16 8.06
C GLN A 151 16.92 -37.87 8.31
N GLU A 152 16.06 -38.76 7.80
CA GLU A 152 14.62 -38.56 7.84
C GLU A 152 14.04 -38.46 9.23
N ASP A 153 14.50 -39.34 10.11
CA ASP A 153 14.13 -39.28 11.53
C ASP A 153 14.43 -37.92 12.13
N ILE A 154 15.67 -37.47 12.03
CA ILE A 154 16.03 -36.23 12.68
C ILE A 154 15.16 -35.08 12.17
N SER A 155 14.96 -35.03 10.85
CA SER A 155 14.14 -34.00 10.21
C SER A 155 12.74 -33.95 10.80
N ASP A 156 12.18 -35.12 11.07
CA ASP A 156 10.83 -35.22 11.60
C ASP A 156 10.67 -34.55 12.98
N TYR A 157 11.58 -34.86 13.91
CA TYR A 157 11.56 -34.25 15.25
C TYR A 157 11.63 -32.75 15.12
N VAL A 158 12.50 -32.31 14.23
CA VAL A 158 12.76 -30.90 13.98
C VAL A 158 11.48 -30.22 13.51
N ALA A 159 10.75 -30.88 12.61
CA ALA A 159 9.45 -30.37 12.15
C ALA A 159 8.41 -30.36 13.28
N ALA A 160 8.17 -31.54 13.87
CA ALA A 160 7.14 -31.74 14.90
C ALA A 160 7.10 -30.76 16.08
N ASN A 161 8.28 -30.36 16.59
CA ASN A 161 8.40 -29.68 17.92
C ASN A 161 9.13 -28.32 17.94
N MET A 162 10.35 -28.31 17.41
CA MET A 162 11.15 -27.08 17.40
C MET A 162 10.88 -26.06 16.28
N LYS A 163 10.36 -26.50 15.13
CA LYS A 163 10.24 -25.62 13.97
C LYS A 163 9.36 -24.43 14.30
N ASP A 164 8.13 -24.69 14.68
CA ASP A 164 7.19 -23.62 15.01
C ASP A 164 7.74 -22.87 16.21
N ALA A 165 8.28 -23.62 17.17
CA ALA A 165 8.88 -23.04 18.34
C ALA A 165 9.80 -21.91 17.94
N ILE A 166 10.72 -22.15 17.01
CA ILE A 166 11.53 -21.06 16.46
C ILE A 166 10.66 -20.02 15.78
N SER A 167 9.91 -20.43 14.75
CA SER A 167 9.13 -19.54 13.89
C SER A 167 8.32 -18.46 14.62
N ARG A 168 8.09 -18.67 15.92
CA ARG A 168 7.32 -17.73 16.72
C ARG A 168 8.18 -16.80 17.56
N THR A 169 9.48 -17.06 17.62
CA THR A 169 10.38 -16.33 18.52
C THR A 169 10.61 -14.87 18.09
N SER A 170 11.06 -14.03 19.02
CA SER A 170 11.32 -12.57 18.80
C SER A 170 11.80 -12.23 17.40
N GLY A 171 10.87 -11.84 16.54
CA GLY A 171 11.16 -11.53 15.14
C GLY A 171 12.17 -12.41 14.40
N VAL A 172 11.79 -13.66 14.13
CA VAL A 172 12.48 -14.44 13.11
C VAL A 172 11.70 -14.23 11.84
N GLY A 173 12.37 -14.35 10.70
CA GLY A 173 11.73 -14.00 9.42
C GLY A 173 11.02 -15.12 8.68
N ASP A 174 11.56 -16.32 8.85
CA ASP A 174 11.17 -17.44 8.04
C ASP A 174 12.11 -18.56 8.39
N VAL A 175 11.55 -19.73 8.66
CA VAL A 175 12.38 -20.91 8.93
C VAL A 175 12.17 -21.94 7.82
N GLN A 176 13.25 -22.45 7.25
CA GLN A 176 13.12 -23.49 6.24
C GLN A 176 13.62 -24.83 6.75
N LEU A 177 12.87 -25.89 6.48
CA LEU A 177 13.29 -27.20 6.95
C LEU A 177 14.29 -27.84 5.99
N PHE A 178 15.38 -28.33 6.56
CA PHE A 178 16.37 -29.09 5.83
C PHE A 178 16.01 -30.57 5.91
N GLY A 179 14.82 -30.88 5.40
CA GLY A 179 14.29 -32.24 5.40
C GLY A 179 12.80 -32.34 5.19
N SER A 180 12.31 -33.56 5.34
CA SER A 180 10.95 -33.96 5.03
C SER A 180 9.98 -33.68 6.18
N GLN A 181 9.45 -34.75 6.78
CA GLN A 181 8.53 -34.68 7.91
C GLN A 181 7.75 -35.99 7.91
N TYR A 182 8.45 -37.09 7.58
CA TYR A 182 7.86 -38.43 7.46
C TYR A 182 6.69 -38.47 6.50
N ALA A 183 6.60 -39.56 5.76
CA ALA A 183 5.50 -39.74 4.83
C ALA A 183 5.24 -41.22 4.83
N MET A 184 3.97 -41.58 4.76
CA MET A 184 3.65 -42.96 4.70
C MET A 184 4.23 -43.51 3.41
N ARG A 185 5.37 -44.19 3.51
CA ARG A 185 5.96 -44.77 2.33
C ARG A 185 5.35 -46.15 2.02
N ILE A 186 4.70 -46.28 0.89
CA ILE A 186 4.25 -47.59 0.46
C ILE A 186 5.07 -48.04 -0.75
N TRP A 187 6.00 -48.97 -0.53
CA TRP A 187 7.05 -49.31 -1.49
C TRP A 187 6.74 -50.57 -2.27
N MET A 188 5.95 -50.45 -3.34
CA MET A 188 5.44 -51.60 -4.11
C MET A 188 6.47 -52.62 -4.67
N ASN A 189 6.02 -53.87 -4.81
CA ASN A 189 6.79 -54.98 -5.38
C ASN A 189 6.05 -55.51 -6.62
N PRO A 190 6.66 -55.41 -7.82
CA PRO A 190 5.97 -55.78 -9.06
C PRO A 190 5.66 -57.25 -9.14
N ASN A 191 6.47 -58.04 -8.44
CA ASN A 191 6.44 -59.46 -8.57
C ASN A 191 5.54 -59.96 -7.49
N GLU A 192 5.76 -59.52 -6.26
CA GLU A 192 4.88 -59.86 -5.16
C GLU A 192 3.43 -59.66 -5.59
N LEU A 193 3.20 -58.81 -6.58
CA LEU A 193 1.85 -58.41 -6.90
C LEU A 193 1.40 -58.74 -8.33
N ASN A 194 2.33 -59.09 -9.22
CA ASN A 194 1.89 -59.60 -10.53
C ASN A 194 1.19 -60.95 -10.33
N LYS A 195 1.55 -61.61 -9.24
CA LYS A 195 0.93 -62.85 -8.79
C LYS A 195 -0.59 -62.72 -8.67
N PHE A 196 -1.05 -61.86 -7.76
CA PHE A 196 -2.48 -61.65 -7.54
C PHE A 196 -3.18 -60.91 -8.67
N GLN A 197 -2.50 -60.78 -9.80
CA GLN A 197 -3.03 -60.10 -11.00
C GLN A 197 -3.38 -58.62 -10.74
N LEU A 198 -2.52 -57.93 -9.97
CA LEU A 198 -2.73 -56.53 -9.57
C LEU A 198 -1.71 -55.52 -10.12
N THR A 199 -2.17 -54.30 -10.38
CA THR A 199 -1.30 -53.18 -10.79
C THR A 199 -1.11 -52.19 -9.63
N PRO A 200 -0.30 -51.14 -9.83
CA PRO A 200 -0.29 -50.06 -8.84
C PRO A 200 -1.60 -49.28 -8.75
N VAL A 201 -2.41 -49.27 -9.83
CA VAL A 201 -3.73 -48.62 -9.85
C VAL A 201 -4.64 -49.21 -8.77
N ASP A 202 -4.83 -50.52 -8.83
CA ASP A 202 -5.59 -51.22 -7.82
C ASP A 202 -5.08 -50.83 -6.44
N VAL A 203 -3.77 -50.68 -6.32
CA VAL A 203 -3.16 -50.33 -5.04
C VAL A 203 -3.57 -48.94 -4.64
N ILE A 204 -3.48 -48.03 -5.61
CA ILE A 204 -3.75 -46.61 -5.41
C ILE A 204 -5.22 -46.38 -5.01
N THR A 205 -6.16 -46.90 -5.80
CA THR A 205 -7.57 -46.62 -5.56
C THR A 205 -8.08 -47.25 -4.25
N ALA A 206 -7.35 -48.23 -3.72
CA ALA A 206 -7.62 -48.77 -2.38
C ALA A 206 -7.24 -47.76 -1.32
N ILE A 207 -5.97 -47.35 -1.31
CA ILE A 207 -5.49 -46.28 -0.40
C ILE A 207 -6.49 -45.11 -0.30
N LYS A 208 -7.10 -44.77 -1.44
CA LYS A 208 -8.13 -43.76 -1.49
C LYS A 208 -9.36 -44.14 -0.67
N ALA A 209 -9.91 -45.32 -0.97
CA ALA A 209 -11.12 -45.80 -0.32
C ALA A 209 -10.92 -46.06 1.18
N GLN A 210 -9.79 -46.65 1.56
CA GLN A 210 -9.56 -47.08 2.96
C GLN A 210 -9.02 -45.97 3.83
N ASN A 211 -8.38 -45.00 3.19
CA ASN A 211 -7.78 -43.89 3.93
C ASN A 211 -8.47 -42.57 3.71
N ALA A 212 -9.76 -42.61 3.41
CA ALA A 212 -10.51 -41.41 3.14
C ALA A 212 -10.97 -40.75 4.43
N GLN A 213 -12.07 -40.00 4.36
CA GLN A 213 -12.72 -39.35 5.48
C GLN A 213 -14.09 -38.92 4.96
N VAL A 214 -15.14 -39.45 5.56
CA VAL A 214 -16.50 -39.25 5.07
C VAL A 214 -17.18 -38.22 5.97
N ALA A 215 -18.34 -37.72 5.54
CA ALA A 215 -19.18 -36.87 6.37
C ALA A 215 -20.58 -37.47 6.48
N ALA A 216 -21.28 -37.13 7.55
CA ALA A 216 -22.70 -37.47 7.70
C ALA A 216 -23.18 -36.51 8.74
N GLY A 217 -24.48 -36.36 8.90
CA GLY A 217 -25.04 -35.29 9.73
C GLY A 217 -24.75 -35.30 11.22
N GLN A 218 -25.64 -34.67 11.96
CA GLN A 218 -25.59 -34.77 13.40
C GLN A 218 -26.68 -35.76 13.82
N LEU A 219 -27.53 -35.32 14.74
CA LEU A 219 -28.80 -35.99 14.98
C LEU A 219 -29.93 -34.94 14.84
N GLY A 220 -30.08 -34.04 15.82
CA GLY A 220 -31.05 -32.96 15.67
C GLY A 220 -30.60 -31.91 14.65
N GLY A 221 -30.12 -30.78 15.20
CA GLY A 221 -29.46 -29.68 14.47
C GLY A 221 -30.18 -29.08 13.28
N THR A 222 -29.97 -29.73 12.14
CA THR A 222 -30.68 -29.37 10.94
C THR A 222 -32.13 -29.70 11.33
N PRO A 223 -33.13 -29.04 10.71
CA PRO A 223 -34.46 -28.92 11.34
C PRO A 223 -34.94 -30.24 11.93
N PRO A 224 -35.12 -30.30 13.27
CA PRO A 224 -35.49 -31.58 13.82
C PRO A 224 -37.02 -31.67 14.00
N VAL A 225 -37.47 -32.84 14.46
CA VAL A 225 -38.87 -33.10 14.68
C VAL A 225 -39.18 -32.71 16.13
N LYS A 226 -40.45 -32.39 16.41
CA LYS A 226 -40.82 -31.76 17.67
C LYS A 226 -40.21 -32.44 18.90
N GLY A 227 -39.81 -31.62 19.88
CA GLY A 227 -39.24 -32.08 21.15
C GLY A 227 -38.22 -33.18 21.05
N GLN A 228 -37.20 -32.99 20.22
CA GLN A 228 -36.06 -33.88 20.27
C GLN A 228 -35.29 -33.52 21.53
N GLN A 229 -34.45 -34.45 21.98
CA GLN A 229 -33.82 -34.33 23.27
C GLN A 229 -32.31 -34.54 23.20
N LEU A 230 -31.89 -35.39 22.26
CA LEU A 230 -30.48 -35.60 21.97
C LEU A 230 -30.06 -34.87 20.69
N ASN A 231 -28.90 -34.22 20.77
CA ASN A 231 -28.15 -33.71 19.61
C ASN A 231 -26.66 -34.04 19.72
N ALA A 232 -26.15 -34.85 18.80
CA ALA A 232 -24.71 -35.19 18.78
C ALA A 232 -24.18 -35.32 17.36
N SER A 233 -22.85 -35.40 17.22
CA SER A 233 -22.24 -35.44 15.91
C SER A 233 -21.79 -36.85 15.51
N ILE A 234 -22.39 -37.40 14.44
CA ILE A 234 -21.96 -38.67 13.84
C ILE A 234 -20.50 -38.61 13.44
N ILE A 235 -19.71 -39.66 13.69
CA ILE A 235 -18.31 -39.67 13.29
C ILE A 235 -17.98 -40.87 12.40
N ALA A 236 -18.12 -40.70 11.09
CA ALA A 236 -17.83 -41.77 10.11
C ALA A 236 -16.34 -42.08 9.95
N GLN A 237 -15.98 -42.59 8.77
CA GLN A 237 -14.60 -42.88 8.44
C GLN A 237 -13.71 -41.68 8.76
N THR A 238 -12.47 -41.97 9.15
CA THR A 238 -11.43 -40.95 9.38
C THR A 238 -10.04 -41.61 9.24
N ARG A 239 -9.03 -40.83 8.86
CA ARG A 239 -7.75 -41.33 8.33
C ARG A 239 -6.97 -42.36 9.16
N LEU A 240 -6.41 -43.36 8.48
CA LEU A 240 -5.47 -44.29 9.09
C LEU A 240 -4.33 -43.54 9.73
N THR A 241 -3.91 -43.95 10.92
CA THR A 241 -2.87 -43.23 11.67
C THR A 241 -1.62 -44.05 12.02
N SER A 242 -1.36 -45.11 11.27
CA SER A 242 -0.19 -45.96 11.55
C SER A 242 0.28 -46.77 10.35
N THR A 243 1.58 -47.09 10.32
CA THR A 243 2.11 -47.97 9.27
C THR A 243 1.38 -49.31 9.29
N GLU A 244 0.98 -49.68 10.50
CA GLU A 244 0.23 -50.89 10.77
C GLU A 244 -1.12 -50.92 10.03
N GLU A 245 -1.92 -49.88 10.25
CA GLU A 245 -3.24 -49.79 9.64
C GLU A 245 -3.12 -49.80 8.14
N PHE A 246 -2.04 -49.21 7.63
CA PHE A 246 -1.84 -49.16 6.19
C PHE A 246 -1.59 -50.55 5.59
N GLY A 247 -0.78 -51.36 6.27
CA GLY A 247 -0.60 -52.77 5.91
C GLY A 247 -1.89 -53.51 5.60
N LYS A 248 -2.91 -53.31 6.44
CA LYS A 248 -4.22 -53.94 6.29
C LYS A 248 -5.11 -53.12 5.36
N ILE A 249 -5.04 -53.42 4.08
CA ILE A 249 -5.90 -52.76 3.11
C ILE A 249 -6.38 -53.86 2.19
N LEU A 250 -7.67 -54.19 2.26
CA LEU A 250 -8.26 -55.17 1.35
C LEU A 250 -7.92 -54.79 -0.09
N LEU A 251 -6.98 -55.50 -0.69
CA LEU A 251 -6.59 -55.18 -2.03
C LEU A 251 -7.33 -56.09 -2.98
N LYS A 252 -7.36 -57.37 -2.61
CA LYS A 252 -7.97 -58.44 -3.43
C LYS A 252 -8.63 -59.53 -2.59
N VAL A 253 -9.76 -60.01 -3.12
CA VAL A 253 -10.45 -61.17 -2.58
C VAL A 253 -11.02 -62.00 -3.78
N ASN A 254 -10.50 -63.22 -3.94
CA ASN A 254 -10.84 -64.12 -5.08
C ASN A 254 -11.45 -65.46 -4.63
N GLN A 255 -11.96 -66.27 -5.57
CA GLN A 255 -12.52 -67.60 -5.25
C GLN A 255 -11.49 -68.44 -4.51
N ASP A 256 -11.69 -68.62 -3.21
CA ASP A 256 -10.66 -69.10 -2.28
C ASP A 256 -10.89 -68.38 -0.96
N GLY A 257 -11.40 -67.16 -1.06
CA GLY A 257 -11.52 -66.27 0.09
C GLY A 257 -10.15 -65.73 0.46
N SER A 258 -9.29 -65.59 -0.56
CA SER A 258 -7.90 -65.10 -0.42
C SER A 258 -7.85 -63.67 0.12
N ARG A 259 -6.95 -63.43 1.07
CA ARG A 259 -6.86 -62.11 1.72
C ARG A 259 -5.54 -61.38 1.50
N VAL A 260 -5.56 -60.53 0.47
CA VAL A 260 -4.37 -59.87 -0.06
C VAL A 260 -4.28 -58.44 0.45
N LEU A 261 -3.55 -58.27 1.54
CA LEU A 261 -3.35 -56.96 2.12
C LEU A 261 -2.23 -56.23 1.41
N LEU A 262 -2.20 -54.90 1.57
CA LEU A 262 -1.15 -54.06 1.00
C LEU A 262 0.22 -54.53 1.49
N ARG A 263 0.26 -54.98 2.75
CA ARG A 263 1.40 -55.64 3.41
C ARG A 263 2.02 -56.72 2.55
N ASP A 264 1.13 -57.54 1.97
CA ASP A 264 1.48 -58.65 1.12
C ASP A 264 1.87 -58.18 -0.28
N VAL A 265 1.95 -56.87 -0.48
CA VAL A 265 2.31 -56.32 -1.79
C VAL A 265 3.42 -55.24 -1.77
N ALA A 266 3.96 -54.95 -0.59
CA ALA A 266 5.00 -53.93 -0.47
C ALA A 266 5.47 -53.72 0.95
N LYS A 267 6.72 -53.27 1.09
CA LYS A 267 7.24 -52.67 2.32
C LYS A 267 6.37 -51.43 2.67
N ILE A 268 6.48 -50.92 3.90
CA ILE A 268 5.60 -49.87 4.45
C ILE A 268 6.29 -49.09 5.60
N GLU A 269 7.57 -48.79 5.42
CA GLU A 269 8.31 -47.97 6.41
C GLU A 269 7.67 -46.59 6.51
N LEU A 270 8.15 -45.78 7.45
CA LEU A 270 7.58 -44.47 7.64
C LEU A 270 8.63 -43.43 7.30
N GLY A 271 9.07 -43.40 6.05
CA GLY A 271 10.23 -42.62 5.68
C GLY A 271 10.01 -41.18 5.28
N GLY A 272 11.01 -40.62 4.62
CA GLY A 272 11.03 -39.23 4.19
C GLY A 272 10.13 -38.97 2.99
N GLU A 273 9.88 -37.69 2.72
CA GLU A 273 8.92 -37.27 1.70
C GLU A 273 9.59 -37.40 0.35
N ASN A 274 10.65 -36.64 0.13
CA ASN A 274 11.50 -36.80 -1.02
C ASN A 274 12.74 -37.51 -0.50
N TYR A 275 13.40 -38.32 -1.33
CA TYR A 275 14.54 -39.11 -0.88
C TYR A 275 15.85 -38.82 -1.61
N ASP A 276 15.95 -37.65 -2.22
CA ASP A 276 17.06 -37.45 -3.14
C ASP A 276 18.08 -36.33 -2.79
N ILE A 277 18.25 -36.07 -1.51
CA ILE A 277 19.19 -35.06 -1.05
C ILE A 277 19.64 -35.42 0.38
N ILE A 278 20.93 -35.70 0.52
CA ILE A 278 21.53 -36.37 1.67
C ILE A 278 22.31 -35.40 2.56
N ALA A 279 21.71 -35.00 3.67
CA ALA A 279 22.32 -34.04 4.59
C ALA A 279 23.10 -34.74 5.67
N GLU A 280 24.41 -34.54 5.64
CA GLU A 280 25.22 -34.87 6.82
C GLU A 280 26.24 -33.82 7.21
N PHE A 281 26.47 -33.83 8.52
CA PHE A 281 27.30 -32.89 9.22
C PHE A 281 28.41 -33.77 9.80
N ASN A 282 29.63 -33.24 9.88
CA ASN A 282 30.77 -34.05 10.29
C ASN A 282 30.56 -35.55 10.17
N GLY A 283 30.11 -35.97 8.99
CA GLY A 283 30.00 -37.37 8.61
C GLY A 283 28.76 -38.12 9.05
N GLN A 284 28.03 -37.55 10.00
CA GLN A 284 26.84 -38.22 10.53
C GLN A 284 25.52 -37.52 10.10
N PRO A 285 24.41 -38.28 10.07
CA PRO A 285 23.10 -37.76 9.69
C PRO A 285 22.75 -36.43 10.34
N ALA A 286 22.19 -35.53 9.53
CA ALA A 286 21.84 -34.18 9.97
C ALA A 286 20.61 -33.63 9.31
N SER A 287 19.95 -32.75 10.04
CA SER A 287 18.85 -31.93 9.53
C SER A 287 19.11 -30.48 9.92
N GLY A 288 18.40 -29.55 9.28
CA GLY A 288 18.67 -28.16 9.49
C GLY A 288 17.47 -27.26 9.69
N LEU A 289 17.76 -26.01 9.98
CA LEU A 289 16.77 -24.99 10.11
C LEU A 289 17.45 -23.66 9.81
N GLY A 290 17.14 -23.10 8.65
CA GLY A 290 17.75 -21.87 8.15
C GLY A 290 16.80 -20.73 8.37
N ILE A 291 17.08 -19.89 9.35
CA ILE A 291 16.22 -18.79 9.72
C ILE A 291 16.61 -17.50 8.99
N LYS A 292 15.66 -16.62 8.76
CA LYS A 292 15.94 -15.40 8.00
C LYS A 292 15.72 -14.15 8.86
N LEU A 293 16.18 -13.00 8.30
CA LEU A 293 16.15 -11.66 8.91
C LEU A 293 14.91 -11.41 9.78
N ALA A 294 13.95 -10.63 9.28
CA ALA A 294 12.64 -10.44 9.92
C ALA A 294 12.07 -9.03 9.77
N THR A 295 12.58 -8.25 8.82
CA THR A 295 12.05 -6.91 8.47
C THR A 295 11.95 -5.97 9.68
N GLY A 296 13.08 -5.41 10.09
CA GLY A 296 13.11 -4.46 11.18
C GLY A 296 13.33 -5.12 12.53
N ALA A 297 13.76 -6.38 12.51
CA ALA A 297 14.14 -7.06 13.74
C ALA A 297 15.57 -6.72 14.12
N ASN A 298 16.02 -7.28 15.25
CA ASN A 298 17.38 -7.06 15.71
C ASN A 298 18.20 -8.34 15.49
N ALA A 299 19.26 -8.23 14.69
CA ALA A 299 20.03 -9.42 14.28
C ALA A 299 20.71 -10.08 15.46
N LEU A 300 21.07 -9.26 16.44
CA LEU A 300 21.72 -9.73 17.62
C LEU A 300 20.69 -10.21 18.61
N ASP A 301 19.57 -9.49 18.70
CA ASP A 301 18.50 -9.82 19.66
C ASP A 301 17.76 -11.09 19.38
N THR A 302 17.53 -11.38 18.11
CA THR A 302 16.90 -12.63 17.74
C THR A 302 17.94 -13.77 17.69
N ALA A 303 19.23 -13.41 17.59
CA ALA A 303 20.33 -14.38 17.58
C ALA A 303 20.42 -15.01 18.95
N ALA A 304 20.41 -14.15 19.96
CA ALA A 304 20.21 -14.56 21.35
C ALA A 304 18.90 -15.36 21.50
N ALA A 305 17.77 -14.76 21.09
CA ALA A 305 16.43 -15.39 21.26
C ALA A 305 16.28 -16.83 20.69
N ILE A 306 17.02 -17.15 19.63
CA ILE A 306 17.03 -18.50 19.05
C ILE A 306 17.67 -19.44 20.06
N ARG A 307 18.83 -19.05 20.58
CA ARG A 307 19.65 -19.92 21.42
C ARG A 307 18.99 -20.21 22.74
N ALA A 308 18.17 -19.24 23.18
CA ALA A 308 17.33 -19.34 24.38
C ALA A 308 16.26 -20.41 24.19
N GLU A 309 15.41 -20.24 23.17
CA GLU A 309 14.38 -21.21 22.83
C GLU A 309 14.93 -22.62 22.56
N LEU A 310 16.14 -22.68 22.01
CA LEU A 310 16.79 -23.95 21.79
C LEU A 310 17.18 -24.59 23.11
N ALA A 311 17.55 -23.77 24.09
CA ALA A 311 17.90 -24.25 25.42
C ALA A 311 16.65 -24.62 26.24
N LYS A 312 15.59 -23.83 26.07
CA LYS A 312 14.31 -24.04 26.75
C LYS A 312 13.63 -25.33 26.29
N MET A 313 14.30 -26.08 25.41
CA MET A 313 13.77 -27.34 24.88
C MET A 313 14.87 -28.39 24.68
N GLU A 314 16.07 -28.12 25.21
CA GLU A 314 17.26 -29.01 25.17
C GLU A 314 17.10 -30.33 25.98
N PRO A 315 16.46 -30.25 27.18
CA PRO A 315 15.82 -31.45 27.73
C PRO A 315 14.69 -31.86 26.77
N PHE A 316 13.97 -32.94 27.07
CA PHE A 316 13.01 -33.53 26.11
C PHE A 316 13.83 -34.30 25.06
N PHE A 317 14.44 -33.56 24.12
CA PHE A 317 15.46 -34.06 23.19
C PHE A 317 15.92 -35.49 23.45
N PRO A 318 15.43 -36.43 22.64
CA PRO A 318 15.64 -37.89 22.75
C PRO A 318 17.10 -38.33 22.81
N SER A 319 17.29 -39.66 22.89
CA SER A 319 18.58 -40.35 22.77
C SER A 319 19.82 -39.46 23.01
N GLY A 320 20.23 -38.73 21.97
CA GLY A 320 21.31 -37.76 22.07
C GLY A 320 21.41 -37.01 20.76
N LEU A 321 20.65 -35.91 20.66
CA LEU A 321 20.70 -35.08 19.47
C LEU A 321 21.17 -33.65 19.80
N LYS A 322 22.43 -33.37 19.46
CA LYS A 322 22.99 -32.03 19.63
C LYS A 322 22.41 -31.07 18.61
N ILE A 323 22.13 -29.84 19.03
CA ILE A 323 21.86 -28.76 18.08
C ILE A 323 23.20 -28.08 17.78
N VAL A 324 23.49 -27.84 16.49
CA VAL A 324 24.81 -27.31 16.10
C VAL A 324 24.67 -26.07 15.25
N TYR A 325 25.73 -25.28 15.14
CA TYR A 325 25.62 -23.92 14.57
C TYR A 325 26.50 -23.52 13.37
N PRO A 326 26.58 -24.37 12.33
CA PRO A 326 27.47 -24.13 11.20
C PRO A 326 27.37 -22.77 10.49
N TYR A 327 26.39 -21.95 10.82
CA TYR A 327 26.32 -20.60 10.21
C TYR A 327 25.53 -19.66 11.10
N ASP A 328 26.19 -18.61 11.56
CA ASP A 328 25.54 -17.53 12.28
C ASP A 328 26.26 -16.25 11.90
N THR A 329 25.55 -15.31 11.28
CA THR A 329 26.19 -14.06 10.94
C THR A 329 26.62 -13.34 12.21
N THR A 330 25.72 -13.24 13.18
CA THR A 330 25.96 -12.56 14.47
C THR A 330 27.42 -12.33 14.93
N PRO A 331 28.20 -13.41 15.18
CA PRO A 331 29.59 -13.21 15.51
C PRO A 331 30.22 -12.10 14.68
N PHE A 332 30.09 -12.18 13.36
CA PHE A 332 30.63 -11.15 12.47
C PHE A 332 30.14 -9.75 12.85
N VAL A 333 28.83 -9.55 12.82
CA VAL A 333 28.23 -8.24 13.10
C VAL A 333 28.64 -7.68 14.47
N LYS A 334 28.87 -8.58 15.43
CA LYS A 334 29.34 -8.21 16.79
C LYS A 334 30.76 -7.64 16.77
N ILE A 335 31.76 -8.52 16.69
CA ILE A 335 33.17 -8.11 16.66
C ILE A 335 33.52 -7.52 15.28
N SER A 336 32.77 -6.47 14.94
CA SER A 336 32.93 -5.66 13.73
C SER A 336 32.22 -4.34 14.02
N ILE A 337 31.31 -4.39 14.99
CA ILE A 337 30.58 -3.22 15.52
C ILE A 337 31.05 -2.90 16.95
N HIS A 338 31.68 -3.90 17.59
CA HIS A 338 32.47 -3.72 18.81
C HIS A 338 33.79 -3.02 18.46
N GLU A 339 34.28 -3.27 17.25
CA GLU A 339 35.22 -2.36 16.60
C GLU A 339 34.33 -1.24 16.08
N VAL A 340 34.84 -0.38 15.19
CA VAL A 340 34.05 0.78 14.76
C VAL A 340 33.74 1.63 16.00
N VAL A 341 32.90 1.12 16.91
CA VAL A 341 32.63 1.79 18.18
C VAL A 341 33.92 2.09 18.97
N LYS A 342 34.91 1.18 18.86
CA LYS A 342 36.26 1.37 19.41
C LYS A 342 36.97 2.51 18.69
N THR A 343 36.90 2.50 17.37
CA THR A 343 37.42 3.60 16.55
C THR A 343 36.88 4.95 17.06
N LEU A 344 35.60 4.98 17.43
CA LEU A 344 34.99 6.20 17.98
C LEU A 344 35.55 6.55 19.35
N VAL A 345 35.52 5.59 20.27
CA VAL A 345 36.08 5.81 21.62
C VAL A 345 37.57 6.19 21.56
N GLU A 346 38.28 5.66 20.56
CA GLU A 346 39.72 5.86 20.43
C GLU A 346 40.12 7.16 19.75
N ALA A 347 39.64 7.39 18.54
CA ALA A 347 39.89 8.65 17.84
C ALA A 347 39.44 9.85 18.70
N ILE A 348 38.85 9.55 19.87
CA ILE A 348 38.57 10.55 20.90
C ILE A 348 39.82 10.77 21.77
N ILE A 349 40.39 9.70 22.31
CA ILE A 349 41.66 9.77 23.07
C ILE A 349 42.68 10.59 22.28
N LEU A 350 42.81 10.28 21.00
CA LEU A 350 43.65 11.02 20.08
C LEU A 350 43.35 12.53 20.10
N VAL A 351 42.09 12.93 19.87
CA VAL A 351 41.69 14.36 19.87
C VAL A 351 41.50 14.90 21.30
N PHE A 352 42.50 14.62 22.10
CA PHE A 352 42.62 15.10 23.44
C PHE A 352 44.13 15.18 23.61
N LEU A 353 44.82 14.15 23.11
CA LEU A 353 46.27 14.05 23.09
C LEU A 353 46.92 14.99 22.07
N VAL A 354 46.66 14.78 20.78
CA VAL A 354 47.11 15.71 19.74
C VAL A 354 46.30 17.00 19.85
N MET A 355 46.04 17.40 21.09
CA MET A 355 45.27 18.58 21.40
C MET A 355 45.92 19.20 22.64
N TYR A 356 46.00 18.44 23.73
CA TYR A 356 46.69 18.84 24.96
C TYR A 356 48.19 19.03 24.73
N LEU A 357 48.83 18.07 24.06
CA LEU A 357 50.24 18.19 23.65
C LEU A 357 50.38 19.15 22.46
N PHE A 358 49.75 20.32 22.58
CA PHE A 358 49.66 21.28 21.49
C PHE A 358 49.01 22.59 21.97
N LEU A 359 47.97 22.47 22.78
CA LEU A 359 47.30 23.62 23.39
C LEU A 359 47.71 23.65 24.85
N GLN A 360 47.68 22.48 25.49
CA GLN A 360 48.07 22.29 26.90
C GLN A 360 46.97 22.68 27.88
N ASN A 361 46.15 21.71 28.29
CA ASN A 361 44.97 21.95 29.12
C ASN A 361 44.35 20.72 29.85
N PHE A 362 43.06 20.83 30.10
CA PHE A 362 42.20 19.79 30.68
C PHE A 362 40.75 20.33 30.56
N ARG A 363 40.66 21.59 30.13
CA ARG A 363 39.38 22.28 29.96
C ARG A 363 39.17 22.76 28.52
N ALA A 364 40.25 22.73 27.72
CA ALA A 364 40.17 23.08 26.31
C ALA A 364 39.98 21.81 25.52
N THR A 365 40.51 20.72 26.07
CA THR A 365 40.43 19.43 25.44
C THR A 365 39.11 18.78 25.80
N LEU A 366 38.59 19.11 26.98
CA LEU A 366 37.31 18.58 27.45
C LEU A 366 36.13 19.14 26.63
N ILE A 367 36.39 20.08 25.71
CA ILE A 367 35.29 20.64 24.93
C ILE A 367 34.87 19.83 23.66
N PRO A 368 35.86 19.38 22.82
CA PRO A 368 35.47 18.55 21.66
C PRO A 368 35.19 17.10 22.07
N THR A 369 35.61 16.72 23.27
CA THR A 369 35.32 15.45 23.91
C THR A 369 33.92 15.50 24.51
N ILE A 370 33.32 16.67 24.46
CA ILE A 370 31.91 16.83 24.75
C ILE A 370 31.12 17.06 23.44
N ALA A 371 31.82 17.54 22.42
CA ALA A 371 31.17 17.88 21.14
C ALA A 371 30.99 16.69 20.22
N VAL A 372 32.09 15.97 19.93
CA VAL A 372 32.03 14.76 19.10
C VAL A 372 30.99 13.75 19.61
N PRO A 373 31.13 13.20 20.84
CA PRO A 373 30.19 12.15 21.24
C PRO A 373 28.74 12.63 21.24
N VAL A 374 28.53 13.92 21.02
CA VAL A 374 27.18 14.43 20.81
C VAL A 374 26.77 14.32 19.34
N VAL A 375 27.41 15.06 18.43
CA VAL A 375 27.07 14.99 16.99
C VAL A 375 26.87 13.51 16.57
N LEU A 376 27.86 12.68 16.89
CA LEU A 376 27.75 11.22 16.78
C LEU A 376 26.43 10.68 17.31
N LEU A 377 26.26 10.63 18.63
CA LEU A 377 25.03 10.11 19.21
C LEU A 377 23.80 10.69 18.49
N GLY A 378 23.84 12.00 18.28
CA GLY A 378 22.72 12.74 17.69
C GLY A 378 22.48 12.31 16.26
N THR A 379 23.53 11.85 15.59
CA THR A 379 23.45 11.42 14.21
C THR A 379 22.59 10.19 14.12
N PHE A 380 22.75 9.27 15.09
CA PHE A 380 21.87 8.10 15.17
C PHE A 380 20.40 8.48 15.00
N ALA A 381 19.92 9.43 15.80
CA ALA A 381 18.56 9.98 15.66
C ALA A 381 18.16 10.25 14.22
N VAL A 382 19.05 10.85 13.44
CA VAL A 382 18.74 11.22 12.07
C VAL A 382 18.65 10.00 11.13
N LEU A 383 19.52 9.01 11.38
CA LEU A 383 19.42 7.71 10.73
C LEU A 383 18.03 7.15 10.95
N ALA A 384 17.78 6.72 12.18
CA ALA A 384 16.45 6.30 12.65
C ALA A 384 15.31 7.15 12.11
N ALA A 385 15.58 8.45 11.94
CA ALA A 385 14.63 9.39 11.33
C ALA A 385 14.28 9.11 9.85
N PHE A 386 15.14 8.40 9.11
CA PHE A 386 14.80 7.99 7.73
C PHE A 386 14.71 6.46 7.53
N GLY A 387 14.45 5.74 8.62
CA GLY A 387 14.30 4.28 8.61
C GLY A 387 15.60 3.53 8.84
N PHE A 388 16.70 4.15 8.42
CA PHE A 388 18.01 3.52 8.41
C PHE A 388 18.29 2.58 9.60
N SER A 389 19.46 1.96 9.57
CA SER A 389 19.76 0.92 10.53
C SER A 389 21.24 0.87 10.86
N ILE A 390 21.54 0.43 12.08
CA ILE A 390 22.91 0.09 12.47
C ILE A 390 23.29 -1.08 11.60
N ASN A 391 24.22 -0.87 10.68
CA ASN A 391 24.70 -1.93 9.83
C ASN A 391 26.04 -1.62 9.17
N THR A 392 26.93 -2.61 9.17
CA THR A 392 28.17 -2.49 8.45
C THR A 392 28.23 -1.22 7.59
N LEU A 393 27.37 -1.09 6.58
CA LEU A 393 27.53 0.03 5.64
C LEU A 393 27.39 1.38 6.33
N THR A 394 26.33 1.51 7.11
CA THR A 394 26.04 2.76 7.85
C THR A 394 27.05 3.02 8.98
N MET A 395 27.60 1.93 9.56
CA MET A 395 28.60 1.98 10.64
C MET A 395 29.87 2.64 10.19
N PHE A 396 30.49 2.07 9.16
CA PHE A 396 31.66 2.67 8.56
C PHE A 396 31.27 4.00 7.97
N GLY A 397 30.01 4.15 7.62
CA GLY A 397 29.49 5.47 7.32
C GLY A 397 30.05 6.49 8.29
N MET A 398 29.84 6.29 9.59
CA MET A 398 30.24 7.27 10.61
C MET A 398 31.77 7.33 10.83
N VAL A 399 32.39 6.18 11.11
CA VAL A 399 33.85 6.06 11.22
C VAL A 399 34.52 6.90 10.16
N LEU A 400 34.18 6.60 8.92
CA LEU A 400 34.69 7.26 7.72
C LEU A 400 34.34 8.75 7.63
N ALA A 401 33.67 9.26 8.67
CA ALA A 401 33.20 10.64 8.72
C ALA A 401 33.64 11.32 10.01
N ILE A 402 34.36 10.58 10.85
CA ILE A 402 34.76 11.07 12.17
C ILE A 402 35.77 12.20 12.03
N GLY A 403 36.65 12.07 11.02
CA GLY A 403 37.65 13.08 10.73
C GLY A 403 37.02 14.38 10.30
N LEU A 404 35.99 14.27 9.47
CA LEU A 404 35.26 15.46 9.07
C LEU A 404 34.59 16.19 10.24
N LEU A 405 34.16 15.44 11.28
CA LEU A 405 33.47 16.07 12.41
C LEU A 405 34.29 16.33 13.67
N VAL A 406 35.51 15.83 13.69
CA VAL A 406 36.48 16.22 14.71
C VAL A 406 37.00 17.58 14.28
N ASP A 407 37.35 17.71 13.01
CA ASP A 407 37.84 18.98 12.45
C ASP A 407 36.84 20.12 12.58
N ASP A 408 35.58 19.82 12.84
CA ASP A 408 34.65 20.91 13.11
C ASP A 408 34.79 21.37 14.55
N ALA A 409 35.24 20.50 15.45
CA ALA A 409 35.40 20.87 16.85
C ALA A 409 36.74 21.58 17.04
N ILE A 410 37.83 20.83 16.89
CA ILE A 410 39.18 21.38 16.98
C ILE A 410 39.20 22.78 16.40
N VAL A 411 38.84 22.92 15.12
CA VAL A 411 38.81 24.23 14.47
C VAL A 411 38.23 25.34 15.37
N VAL A 412 36.96 25.20 15.79
CA VAL A 412 36.32 26.21 16.65
C VAL A 412 37.13 26.58 17.90
N VAL A 413 37.46 25.59 18.73
CA VAL A 413 38.08 25.86 20.03
C VAL A 413 39.44 26.53 19.92
N GLU A 414 40.34 25.99 19.10
CA GLU A 414 41.66 26.61 18.96
C GLU A 414 41.58 27.95 18.23
N ASN A 415 40.57 28.17 17.40
CA ASN A 415 40.46 29.51 16.82
C ASN A 415 39.96 30.51 17.86
N VAL A 416 40.16 30.21 19.14
CA VAL A 416 39.99 31.20 20.21
C VAL A 416 41.33 31.42 20.92
N GLU A 417 42.06 30.33 21.20
CA GLU A 417 43.49 30.34 21.60
C GLU A 417 44.41 31.04 20.60
N ARG A 418 43.82 31.43 19.47
CA ARG A 418 44.42 32.39 18.58
C ARG A 418 43.95 33.72 19.16
N VAL A 419 42.69 34.07 18.88
CA VAL A 419 42.18 35.39 19.21
C VAL A 419 42.55 35.86 20.62
N MET A 420 42.22 35.11 21.67
CA MET A 420 42.72 35.50 22.98
C MET A 420 44.21 35.17 23.19
N ALA A 421 45.07 35.90 22.49
CA ALA A 421 46.53 35.86 22.69
C ALA A 421 47.16 37.10 22.04
N GLU A 422 46.54 37.54 20.96
CA GLU A 422 46.89 38.81 20.30
C GLU A 422 45.74 39.79 20.52
N GLU A 423 46.04 40.90 21.19
CA GLU A 423 45.02 41.79 21.78
C GLU A 423 44.20 40.99 22.81
N GLY A 424 44.83 39.94 23.35
CA GLY A 424 44.22 38.94 24.24
C GLY A 424 43.08 39.33 25.17
N LEU A 425 41.85 39.18 24.65
CA LEU A 425 40.61 39.46 25.39
C LEU A 425 40.24 38.28 26.34
N PRO A 426 39.17 38.43 27.15
CA PRO A 426 38.65 37.31 27.99
C PRO A 426 38.01 36.12 27.22
N PRO A 427 37.50 35.09 27.94
CA PRO A 427 36.69 34.05 27.29
C PRO A 427 35.39 34.60 26.64
N LYS A 428 34.43 34.99 27.48
CA LYS A 428 33.07 35.40 27.03
C LYS A 428 33.06 36.49 25.96
N GLU A 429 34.25 36.91 25.52
CA GLU A 429 34.39 38.09 24.67
C GLU A 429 35.26 37.81 23.44
N ALA A 430 36.25 36.93 23.60
CA ALA A 430 37.10 36.54 22.48
C ALA A 430 36.42 35.50 21.60
N THR A 431 35.76 34.53 22.24
CA THR A 431 34.92 33.56 21.55
C THR A 431 33.84 34.30 20.76
N ARG A 432 33.43 35.45 21.28
CA ARG A 432 32.47 36.31 20.59
C ARG A 432 33.07 36.91 19.30
N LYS A 433 34.40 37.03 19.24
CA LYS A 433 35.09 37.55 18.02
C LYS A 433 35.57 36.48 17.05
N SER A 434 36.14 35.39 17.58
CA SER A 434 36.57 34.21 16.80
C SER A 434 35.44 33.58 16.00
N MET A 435 34.30 33.43 16.68
CA MET A 435 33.04 32.98 16.11
C MET A 435 32.48 34.12 15.25
N GLY A 436 33.27 34.55 14.28
CA GLY A 436 32.92 35.69 13.44
C GLY A 436 33.82 35.71 12.23
N GLN A 437 35.03 35.19 12.41
CA GLN A 437 35.97 35.04 11.30
C GLN A 437 35.74 33.68 10.63
N ILE A 438 35.26 32.72 11.42
CA ILE A 438 34.92 31.37 10.96
C ILE A 438 33.41 31.18 10.68
N GLN A 439 32.59 31.82 11.52
CA GLN A 439 31.13 31.78 11.44
C GLN A 439 30.60 31.48 10.03
N GLY A 440 30.48 32.51 9.19
CA GLY A 440 29.91 32.34 7.86
C GLY A 440 30.62 31.33 6.96
N ALA A 441 31.86 30.99 7.30
CA ALA A 441 32.66 30.07 6.49
C ALA A 441 32.36 28.59 6.80
N LEU A 442 31.73 28.31 7.94
CA LEU A 442 31.23 26.96 8.24
C LEU A 442 29.90 26.72 7.52
N VAL A 443 29.05 27.74 7.56
CA VAL A 443 27.79 27.76 6.82
C VAL A 443 28.02 27.67 5.31
N GLY A 444 29.29 27.68 4.91
CA GLY A 444 29.66 27.53 3.52
C GLY A 444 30.34 26.19 3.33
N ILE A 445 31.13 25.75 4.32
CA ILE A 445 31.71 24.41 4.28
C ILE A 445 30.62 23.37 4.48
N ALA A 446 29.47 23.81 5.01
CA ALA A 446 28.27 22.97 5.08
C ALA A 446 27.71 22.75 3.67
N MET A 447 27.10 23.78 3.09
CA MET A 447 26.64 23.73 1.69
C MET A 447 27.62 23.00 0.80
N VAL A 448 28.89 23.39 0.86
CA VAL A 448 29.90 22.75 0.04
C VAL A 448 29.89 21.24 0.22
N LEU A 449 30.01 20.79 1.46
CA LEU A 449 29.99 19.35 1.76
C LEU A 449 28.60 18.67 1.53
N SER A 450 27.57 19.46 1.32
CA SER A 450 26.25 18.93 1.07
C SER A 450 26.23 18.40 -0.35
N ALA A 451 26.80 19.17 -1.28
CA ALA A 451 27.22 18.63 -2.59
C ALA A 451 28.41 17.71 -2.30
N VAL A 452 29.16 17.29 -3.30
CA VAL A 452 30.23 16.31 -3.07
C VAL A 452 29.90 15.18 -2.08
N PHE A 453 28.60 15.03 -1.74
CA PHE A 453 28.09 13.95 -0.89
C PHE A 453 26.67 13.53 -1.28
N VAL A 454 25.72 14.45 -1.12
CA VAL A 454 24.35 14.19 -1.55
C VAL A 454 24.28 13.55 -2.96
N PRO A 455 25.09 14.03 -3.94
CA PRO A 455 25.13 13.47 -5.29
C PRO A 455 25.33 11.97 -5.38
N MET A 456 25.73 11.33 -4.27
CA MET A 456 25.60 9.88 -4.15
C MET A 456 24.13 9.71 -3.87
N ALA A 457 23.74 8.67 -3.16
CA ALA A 457 22.34 8.59 -2.73
C ALA A 457 21.38 8.81 -3.91
N PHE A 458 21.94 8.75 -5.11
CA PHE A 458 21.27 9.09 -6.36
C PHE A 458 21.81 8.14 -7.44
N PHE A 459 22.82 7.35 -7.09
CA PHE A 459 23.41 6.38 -8.01
C PHE A 459 22.44 5.28 -8.47
N GLY A 460 22.89 4.45 -9.41
CA GLY A 460 22.04 3.45 -10.06
C GLY A 460 21.14 2.62 -9.17
N GLY A 461 20.74 1.45 -9.67
CA GLY A 461 19.90 0.54 -8.91
C GLY A 461 20.65 -0.15 -7.77
N SER A 462 21.16 -1.34 -8.06
CA SER A 462 21.58 -2.29 -7.04
C SER A 462 22.60 -1.68 -6.08
N THR A 463 23.69 -1.21 -6.66
CA THR A 463 24.83 -0.72 -5.89
C THR A 463 24.59 0.74 -5.46
N GLY A 464 23.64 1.38 -6.12
CA GLY A 464 23.21 2.72 -5.75
C GLY A 464 22.72 2.85 -4.32
N ALA A 465 22.16 1.76 -3.77
CA ALA A 465 21.64 1.76 -2.41
C ALA A 465 22.77 1.76 -1.38
N ILE A 466 23.79 0.95 -1.63
CA ILE A 466 25.01 0.96 -0.81
C ILE A 466 25.55 2.38 -0.69
N TYR A 467 25.66 3.08 -1.81
CA TYR A 467 26.11 4.47 -1.77
C TYR A 467 25.25 5.35 -0.86
N ARG A 468 23.96 5.45 -1.15
CA ARG A 468 23.00 6.15 -0.27
C ARG A 468 23.34 5.83 1.16
N GLN A 469 23.66 4.56 1.41
CA GLN A 469 23.93 4.08 2.76
C GLN A 469 24.94 4.96 3.44
N PHE A 470 26.10 5.09 2.82
CA PHE A 470 27.12 6.02 3.31
C PHE A 470 26.65 7.46 3.19
N SER A 471 26.14 7.82 2.01
CA SER A 471 25.76 9.20 1.75
C SER A 471 24.93 9.80 2.89
N ILE A 472 23.67 9.39 3.05
CA ILE A 472 22.89 9.93 4.14
C ILE A 472 23.68 9.98 5.46
N THR A 473 24.26 8.87 5.91
CA THR A 473 25.03 8.88 7.16
C THR A 473 25.97 10.09 7.24
N ILE A 474 26.89 10.21 6.27
CA ILE A 474 27.87 11.30 6.27
C ILE A 474 27.16 12.65 6.31
N VAL A 475 26.39 13.00 5.27
CA VAL A 475 25.69 14.30 5.25
C VAL A 475 24.90 14.54 6.54
N SER A 476 24.46 13.46 7.17
CA SER A 476 23.78 13.55 8.45
C SER A 476 24.71 13.91 9.60
N ALA A 477 25.81 13.17 9.72
CA ALA A 477 26.90 13.57 10.63
C ALA A 477 27.37 15.00 10.31
N MET A 478 27.76 15.24 9.04
CA MET A 478 28.37 16.51 8.62
C MET A 478 27.51 17.69 9.00
N ALA A 479 26.27 17.74 8.54
CA ALA A 479 25.40 18.90 8.83
C ALA A 479 25.03 19.05 10.31
N LEU A 480 24.92 17.93 11.01
CA LEU A 480 24.57 17.96 12.42
C LEU A 480 25.77 18.48 13.22
N SER A 481 26.96 18.34 12.62
CA SER A 481 28.23 18.86 13.16
C SER A 481 28.30 20.40 13.14
N VAL A 482 28.20 21.01 11.97
CA VAL A 482 28.09 22.46 11.84
C VAL A 482 27.03 22.98 12.82
N LEU A 483 25.86 22.34 12.80
CA LEU A 483 24.77 22.63 13.73
C LEU A 483 25.17 22.78 15.24
N VAL A 484 26.21 22.08 15.69
CA VAL A 484 26.67 22.25 17.07
C VAL A 484 27.83 23.22 17.14
N ALA A 485 28.55 23.35 16.03
CA ALA A 485 29.66 24.30 15.95
C ALA A 485 29.14 25.75 15.95
N LEU A 486 27.84 25.93 15.70
CA LEU A 486 27.21 27.25 15.79
C LEU A 486 26.42 27.42 17.08
N ILE A 487 26.16 26.32 17.77
CA ILE A 487 25.25 26.39 18.91
C ILE A 487 25.89 25.97 20.23
N LEU A 488 26.43 24.77 20.30
CA LEU A 488 27.09 24.28 21.52
C LEU A 488 28.56 24.72 21.62
N THR A 489 29.38 24.34 20.64
CA THR A 489 30.84 24.56 20.70
C THR A 489 31.24 25.96 21.21
N PRO A 490 30.78 27.05 20.56
CA PRO A 490 31.15 28.38 21.08
C PRO A 490 30.69 28.57 22.52
N ALA A 491 29.36 28.50 22.73
CA ALA A 491 28.75 28.59 24.06
C ALA A 491 29.55 27.82 25.08
N LEU A 492 29.94 26.61 24.71
CA LEU A 492 30.82 25.81 25.54
C LEU A 492 32.15 26.53 25.83
N CYS A 493 33.02 26.70 24.83
CA CYS A 493 34.40 27.16 25.05
C CYS A 493 34.59 28.65 25.44
N ALA A 494 33.56 29.48 25.27
CA ALA A 494 33.54 30.81 25.93
C ALA A 494 33.31 30.71 27.45
N THR A 495 33.25 29.48 27.96
CA THR A 495 33.15 29.14 29.39
C THR A 495 34.12 27.97 29.58
N MET A 496 34.52 27.67 30.83
CA MET A 496 35.57 26.64 31.12
C MET A 496 37.00 26.93 30.55
N LEU A 497 37.09 27.81 29.56
CA LEU A 497 38.37 28.34 29.06
C LEU A 497 38.86 29.54 29.89
N LYS A 498 40.16 29.84 29.79
CA LYS A 498 40.66 31.17 30.19
C LYS A 498 40.43 32.19 29.05
N PHE A 513 52.54 19.70 27.37
CA PHE A 513 53.44 19.99 28.47
C PHE A 513 54.59 20.90 27.99
N GLY A 514 55.68 20.95 28.75
CA GLY A 514 56.81 21.81 28.44
C GLY A 514 57.73 21.33 27.33
N TRP A 515 57.47 20.14 26.79
CA TRP A 515 58.32 19.54 25.74
C TRP A 515 58.02 20.03 24.30
N PHE A 516 57.56 21.27 24.20
CA PHE A 516 56.98 21.80 22.97
C PHE A 516 56.95 23.32 23.15
N ASN A 517 55.98 23.98 22.50
CA ASN A 517 55.76 25.44 22.58
C ASN A 517 56.81 26.28 21.85
N ARG A 518 57.93 26.54 22.52
CA ARG A 518 59.06 27.27 21.91
C ARG A 518 59.55 26.48 20.69
N MET A 519 59.36 25.16 20.74
CA MET A 519 59.78 24.25 19.67
C MET A 519 58.89 24.30 18.41
N PHE A 520 57.58 24.43 18.59
CA PHE A 520 56.67 24.69 17.47
C PHE A 520 56.79 26.15 17.01
N GLU A 521 56.99 27.06 17.97
CA GLU A 521 57.09 28.53 17.75
C GLU A 521 58.05 28.94 16.62
N LYS A 522 59.12 28.16 16.41
CA LYS A 522 60.12 28.42 15.37
C LYS A 522 59.80 27.70 14.05
N SER A 523 59.19 26.52 14.17
CA SER A 523 58.85 25.67 13.03
C SER A 523 57.79 26.31 12.13
N THR A 524 56.96 27.16 12.74
CA THR A 524 55.97 27.98 12.03
C THR A 524 56.70 28.97 11.12
N HIS A 525 57.75 29.57 11.67
CA HIS A 525 58.51 30.63 11.00
C HIS A 525 59.33 30.09 9.84
N HIS A 526 60.10 29.01 10.09
CA HIS A 526 60.86 28.34 9.04
C HIS A 526 59.93 28.03 7.85
N TYR A 527 58.71 27.61 8.15
CA TYR A 527 57.69 27.30 7.15
C TYR A 527 57.09 28.55 6.49
N THR A 528 56.57 29.48 7.30
CA THR A 528 55.83 30.64 6.78
C THR A 528 56.64 31.43 5.75
N ASP A 529 57.96 31.43 5.92
CA ASP A 529 58.88 32.11 5.00
C ASP A 529 59.02 31.36 3.66
N SER A 530 58.99 30.03 3.71
CA SER A 530 59.11 29.16 2.52
C SER A 530 58.03 29.48 1.50
N VAL A 531 56.86 29.86 2.03
CA VAL A 531 55.71 30.29 1.24
C VAL A 531 56.07 31.56 0.47
N GLY A 532 56.60 32.55 1.18
CA GLY A 532 57.18 33.73 0.55
C GLY A 532 58.31 33.31 -0.39
N GLY A 533 58.54 34.11 -1.42
CA GLY A 533 59.53 33.74 -2.44
C GLY A 533 58.93 32.77 -3.43
N ILE A 534 58.36 31.68 -2.92
CA ILE A 534 57.52 30.81 -3.74
C ILE A 534 56.22 31.56 -4.00
N LEU A 535 56.36 32.88 -4.06
CA LEU A 535 55.27 33.82 -4.31
C LEU A 535 55.69 35.04 -5.16
N ARG A 536 56.93 35.05 -5.66
CA ARG A 536 57.40 36.16 -6.51
C ARG A 536 57.34 35.89 -8.02
N SER A 537 57.86 34.72 -8.44
CA SER A 537 57.73 34.24 -9.81
C SER A 537 56.28 33.86 -10.04
N THR A 538 55.70 33.23 -9.01
CA THR A 538 54.28 32.87 -8.92
C THR A 538 53.90 31.86 -10.02
N GLY A 539 54.74 30.86 -10.24
CA GLY A 539 54.53 29.94 -11.35
C GLY A 539 55.49 28.79 -11.46
N ARG A 540 56.42 28.69 -10.53
CA ARG A 540 57.33 27.53 -10.44
C ARG A 540 56.55 26.34 -9.89
N TYR A 541 55.48 26.63 -9.15
CA TYR A 541 54.68 25.64 -8.45
C TYR A 541 53.37 25.34 -9.17
N LEU A 542 52.75 26.38 -9.72
CA LEU A 542 51.66 26.24 -10.66
C LEU A 542 52.02 25.19 -11.72
N VAL A 543 53.28 25.21 -12.17
CA VAL A 543 53.77 24.23 -13.15
C VAL A 543 53.96 22.84 -12.52
N LEU A 544 54.36 22.83 -11.25
CA LEU A 544 54.54 21.59 -10.49
C LEU A 544 53.20 20.86 -10.36
N TYR A 545 52.16 21.64 -10.03
CA TYR A 545 50.77 21.20 -9.95
C TYR A 545 50.29 20.41 -11.18
N LEU A 546 50.54 20.94 -12.37
CA LEU A 546 50.11 20.27 -13.59
C LEU A 546 50.70 18.86 -13.71
N ILE A 547 51.83 18.64 -13.06
CA ILE A 547 52.43 17.30 -13.01
C ILE A 547 51.66 16.40 -12.04
N ILE A 548 51.13 16.98 -10.97
CA ILE A 548 50.33 16.22 -9.99
C ILE A 548 48.97 15.87 -10.56
N VAL A 549 48.33 16.84 -11.22
CA VAL A 549 47.04 16.63 -11.90
C VAL A 549 47.16 15.51 -12.97
N VAL A 550 48.33 15.43 -13.61
CA VAL A 550 48.64 14.33 -14.54
C VAL A 550 48.86 13.04 -13.77
N GLY A 551 49.48 13.15 -12.60
CA GLY A 551 49.69 12.01 -11.72
C GLY A 551 48.37 11.30 -11.56
N MET A 552 47.46 11.96 -10.86
CA MET A 552 46.15 11.37 -10.58
C MET A 552 45.40 10.96 -11.85
N ALA A 553 45.39 11.83 -12.85
CA ALA A 553 44.67 11.55 -14.10
C ALA A 553 45.16 10.29 -14.83
N TYR A 554 46.43 9.93 -14.62
CA TYR A 554 46.95 8.64 -15.12
C TYR A 554 46.88 7.59 -14.03
N LEU A 555 47.06 8.02 -12.78
CA LEU A 555 46.89 7.12 -11.66
C LEU A 555 45.48 6.52 -11.66
N PHE A 556 44.49 7.32 -12.07
CA PHE A 556 43.07 6.92 -12.14
C PHE A 556 42.87 5.66 -12.99
N VAL A 557 43.19 5.81 -14.27
CA VAL A 557 42.98 4.82 -15.32
C VAL A 557 43.64 3.48 -15.03
N ARG A 558 44.91 3.58 -14.60
CA ARG A 558 45.72 2.46 -14.14
C ARG A 558 44.98 1.60 -13.10
N LEU A 559 44.45 2.25 -12.06
CA LEU A 559 43.85 1.53 -10.93
C LEU A 559 42.64 0.65 -11.28
N PRO A 560 42.72 -0.67 -10.95
CA PRO A 560 41.60 -1.61 -11.11
C PRO A 560 40.37 -1.23 -10.26
N SER A 561 39.19 -1.62 -10.71
CA SER A 561 37.96 -1.31 -9.98
C SER A 561 37.24 -2.55 -9.43
N SER A 562 36.55 -2.35 -8.31
CA SER A 562 35.82 -3.41 -7.63
C SER A 562 34.60 -2.85 -6.89
N PHE A 563 34.01 -3.69 -6.05
CA PHE A 563 32.65 -3.53 -5.59
C PHE A 563 32.80 -3.49 -4.09
N LEU A 564 32.95 -4.66 -3.47
CA LEU A 564 33.30 -4.75 -2.07
C LEU A 564 34.25 -5.91 -1.96
N PRO A 565 35.42 -5.71 -1.31
CA PRO A 565 36.39 -6.81 -1.18
C PRO A 565 35.86 -7.91 -0.26
N ASP A 566 36.09 -9.16 -0.67
CA ASP A 566 35.66 -10.34 0.07
C ASP A 566 36.19 -10.25 1.49
N GLU A 567 35.72 -11.11 2.38
CA GLU A 567 36.25 -11.15 3.75
C GLU A 567 36.15 -12.53 4.37
N ASP A 568 37.17 -12.89 5.14
CA ASP A 568 37.06 -14.01 6.05
C ASP A 568 35.80 -13.67 6.84
N GLN A 569 34.76 -14.49 6.65
CA GLN A 569 33.49 -14.40 7.41
C GLN A 569 33.35 -15.60 8.36
N GLY A 570 34.32 -16.50 8.31
CA GLY A 570 34.34 -17.66 9.18
C GLY A 570 33.78 -18.94 8.57
N VAL A 571 33.18 -18.80 7.38
CA VAL A 571 32.69 -19.94 6.61
C VAL A 571 33.11 -19.84 5.16
N PHE A 572 33.12 -20.98 4.47
CA PHE A 572 33.32 -20.98 3.03
C PHE A 572 32.84 -22.27 2.40
N MET A 573 32.85 -22.33 1.07
CA MET A 573 32.24 -23.45 0.38
C MET A 573 33.13 -24.23 -0.57
N THR A 574 32.98 -25.54 -0.50
CA THR A 574 33.59 -26.48 -1.43
C THR A 574 32.49 -26.89 -2.34
N MET A 575 32.74 -26.84 -3.64
CA MET A 575 31.68 -27.07 -4.61
C MET A 575 32.03 -28.25 -5.54
N VAL A 576 31.48 -29.43 -5.23
CA VAL A 576 31.79 -30.67 -5.95
C VAL A 576 30.78 -31.00 -7.06
N GLN A 577 31.28 -31.37 -8.24
CA GLN A 577 30.42 -31.73 -9.38
C GLN A 577 30.92 -32.90 -10.25
N LEU A 578 30.23 -34.03 -10.13
CA LEU A 578 30.53 -35.27 -10.87
C LEU A 578 30.01 -35.13 -12.29
N PRO A 579 30.42 -36.02 -13.19
CA PRO A 579 30.10 -35.84 -14.59
C PRO A 579 28.67 -36.29 -14.90
N ALA A 580 28.20 -35.93 -16.10
CA ALA A 580 26.92 -36.35 -16.64
C ALA A 580 26.18 -37.38 -15.75
N GLY A 581 26.34 -38.66 -16.08
CA GLY A 581 25.50 -39.69 -15.48
C GLY A 581 25.61 -40.01 -14.00
N ALA A 582 26.63 -39.47 -13.31
CA ALA A 582 26.98 -39.91 -11.95
C ALA A 582 25.82 -40.02 -10.98
N THR A 583 26.04 -40.76 -9.89
CA THR A 583 25.01 -41.11 -8.93
C THR A 583 25.19 -40.54 -7.53
N GLN A 584 24.08 -40.46 -6.80
CA GLN A 584 24.01 -39.98 -5.41
C GLN A 584 25.15 -40.59 -4.63
N GLU A 585 25.05 -41.90 -4.41
CA GLU A 585 26.08 -42.67 -3.73
C GLU A 585 27.45 -42.37 -4.31
N ARG A 586 27.56 -42.38 -5.63
CA ARG A 586 28.84 -42.09 -6.28
C ARG A 586 29.35 -40.68 -5.95
N THR A 587 28.44 -39.73 -5.80
CA THR A 587 28.80 -38.38 -5.36
C THR A 587 29.20 -38.32 -3.86
N GLN A 588 28.51 -39.10 -3.02
CA GLN A 588 28.85 -39.23 -1.57
C GLN A 588 30.32 -39.58 -1.28
N LYS A 589 30.84 -40.55 -2.04
CA LYS A 589 32.23 -40.99 -1.96
C LYS A 589 33.14 -39.77 -2.06
N VAL A 590 32.94 -38.95 -3.10
CA VAL A 590 33.66 -37.70 -3.24
C VAL A 590 33.41 -36.82 -2.03
N LEU A 591 32.16 -36.49 -1.73
CA LEU A 591 31.90 -35.61 -0.60
C LEU A 591 32.74 -36.00 0.60
N ASN A 592 32.90 -37.31 0.81
CA ASN A 592 33.64 -37.81 1.97
C ASN A 592 35.10 -37.36 1.98
N GLU A 593 35.83 -37.68 0.91
CA GLU A 593 37.22 -37.22 0.79
C GLU A 593 37.34 -35.76 1.19
N VAL A 594 36.46 -34.94 0.62
CA VAL A 594 36.39 -33.53 0.92
C VAL A 594 36.24 -33.35 2.42
N THR A 595 35.20 -33.94 2.98
CA THR A 595 34.97 -33.86 4.40
C THR A 595 36.16 -34.41 5.19
N HIS A 596 36.71 -35.54 4.74
CA HIS A 596 37.89 -36.15 5.37
C HIS A 596 39.04 -35.17 5.37
N TYR A 597 39.53 -34.79 4.19
CA TYR A 597 40.55 -33.76 4.06
C TYR A 597 40.37 -32.63 5.08
N TYR A 598 39.18 -32.01 5.12
CA TYR A 598 38.96 -30.82 5.97
C TYR A 598 39.18 -31.04 7.48
N LEU A 599 38.78 -32.19 7.98
CA LEU A 599 38.97 -32.50 9.39
C LEU A 599 40.42 -32.97 9.59
N THR A 600 40.69 -34.23 9.27
CA THR A 600 42.05 -34.78 9.27
C THR A 600 42.84 -34.19 8.11
N LYS A 601 43.47 -33.05 8.41
CA LYS A 601 44.38 -32.31 7.52
C LYS A 601 44.16 -30.80 7.64
N GLU A 602 43.19 -30.39 8.45
CA GLU A 602 42.91 -28.97 8.70
C GLU A 602 42.17 -28.76 10.05
N LYS A 603 42.49 -29.58 11.06
CA LYS A 603 41.80 -29.52 12.34
C LYS A 603 42.21 -28.32 13.19
N ASN A 604 42.97 -27.39 12.60
CA ASN A 604 43.42 -26.18 13.30
C ASN A 604 42.74 -24.94 12.77
N ASN A 605 41.88 -25.15 11.78
CA ASN A 605 41.03 -24.10 11.27
C ASN A 605 39.56 -24.54 11.14
N VAL A 606 39.37 -25.72 10.54
CA VAL A 606 38.04 -26.28 10.29
C VAL A 606 37.34 -26.55 11.59
N GLU A 607 36.08 -26.09 11.68
CA GLU A 607 35.20 -26.38 12.81
C GLU A 607 34.23 -27.53 12.52
N SER A 608 33.71 -27.56 11.29
CA SER A 608 32.72 -28.57 10.88
C SER A 608 32.52 -28.58 9.36
N VAL A 609 32.13 -29.74 8.83
CA VAL A 609 31.69 -29.83 7.43
C VAL A 609 30.25 -30.34 7.33
N PHE A 610 29.34 -29.39 7.15
CA PHE A 610 27.95 -29.64 6.81
C PHE A 610 27.87 -29.77 5.30
N ALA A 611 27.77 -31.01 4.81
CA ALA A 611 27.81 -31.26 3.35
C ALA A 611 26.49 -31.78 2.87
N VAL A 612 25.94 -31.12 1.85
CA VAL A 612 24.66 -31.55 1.29
C VAL A 612 24.89 -32.19 -0.07
N ASN A 613 24.43 -33.43 -0.20
CA ASN A 613 24.63 -34.24 -1.38
C ASN A 613 23.37 -34.28 -2.24
N GLY A 614 23.30 -33.41 -3.24
CA GLY A 614 22.09 -33.34 -4.02
C GLY A 614 21.84 -31.97 -4.59
N PHE A 615 21.92 -30.93 -3.76
CA PHE A 615 21.77 -29.55 -4.23
C PHE A 615 23.11 -28.98 -4.70
N GLY A 616 23.20 -28.64 -5.98
CA GLY A 616 24.43 -28.10 -6.52
C GLY A 616 24.24 -26.65 -6.92
N PHE A 617 25.07 -26.18 -7.85
CA PHE A 617 24.86 -24.84 -8.41
C PHE A 617 24.08 -24.84 -9.72
N ALA A 618 24.79 -24.88 -10.85
CA ALA A 618 24.12 -24.82 -12.15
C ALA A 618 22.91 -25.80 -12.27
N GLY A 619 22.71 -26.67 -11.26
CA GLY A 619 21.51 -27.51 -11.19
C GLY A 619 21.25 -28.28 -9.90
N ARG A 620 20.49 -29.38 -10.04
CA ARG A 620 20.31 -30.39 -8.99
C ARG A 620 20.49 -31.75 -9.62
N GLY A 621 20.35 -32.81 -8.83
CA GLY A 621 20.58 -34.15 -9.35
C GLY A 621 21.57 -34.96 -8.54
N GLN A 622 21.52 -36.27 -8.71
CA GLN A 622 22.39 -37.19 -8.00
C GLN A 622 23.87 -36.86 -8.18
N ASN A 623 24.21 -36.17 -9.26
CA ASN A 623 25.60 -36.03 -9.65
C ASN A 623 26.22 -34.71 -9.20
N THR A 624 25.74 -34.16 -8.10
CA THR A 624 26.21 -32.83 -7.67
C THR A 624 26.07 -32.64 -6.17
N GLY A 625 26.89 -31.77 -5.62
CA GLY A 625 26.82 -31.52 -4.21
C GLY A 625 27.50 -30.23 -3.82
N ILE A 626 27.33 -29.88 -2.56
CA ILE A 626 28.03 -28.76 -2.00
C ILE A 626 28.42 -29.16 -0.58
N ALA A 627 29.54 -28.63 -0.12
CA ALA A 627 29.99 -28.80 1.26
C ALA A 627 30.13 -27.45 1.96
N PHE A 628 29.20 -27.12 2.87
CA PHE A 628 29.29 -25.90 3.69
C PHE A 628 30.33 -26.19 4.74
N VAL A 629 31.42 -25.42 4.79
CA VAL A 629 32.39 -25.60 5.87
C VAL A 629 32.56 -24.35 6.72
N SER A 630 32.38 -24.53 8.02
CA SER A 630 32.47 -23.47 9.02
C SER A 630 33.72 -23.62 9.91
N LEU A 631 34.39 -22.50 10.18
CA LEU A 631 35.71 -22.53 10.80
C LEU A 631 35.71 -22.25 12.30
N LYS A 632 36.89 -22.40 12.91
CA LYS A 632 37.13 -22.02 14.30
C LYS A 632 37.15 -20.51 14.41
N ASP A 633 37.26 -20.00 15.65
CA ASP A 633 37.33 -18.55 15.88
C ASP A 633 38.48 -17.89 15.13
N TRP A 634 38.38 -16.58 14.96
CA TRP A 634 39.45 -15.77 14.39
C TRP A 634 40.62 -15.78 15.35
N ALA A 635 40.27 -15.68 16.64
CA ALA A 635 41.20 -15.86 17.75
C ALA A 635 42.06 -17.12 17.54
N ASP A 636 41.40 -18.22 17.20
CA ASP A 636 42.06 -19.53 17.08
C ASP A 636 42.63 -19.80 15.68
N ARG A 637 42.53 -18.80 14.81
CA ARG A 637 43.05 -18.91 13.44
C ARG A 637 43.92 -17.69 13.18
N PRO A 638 45.20 -17.75 13.62
CA PRO A 638 46.07 -16.60 13.80
C PRO A 638 46.92 -16.28 12.59
N GLY A 639 47.76 -17.22 12.17
CA GLY A 639 48.56 -17.03 10.98
C GLY A 639 47.67 -16.59 9.84
N GLU A 640 48.13 -15.64 9.05
CA GLU A 640 47.44 -15.24 7.83
C GLU A 640 47.16 -16.48 6.95
N GLU A 641 47.99 -17.51 7.09
CA GLU A 641 47.83 -18.76 6.37
C GLU A 641 46.81 -19.68 7.03
N ASN A 642 46.23 -19.21 8.13
CA ASN A 642 45.10 -19.90 8.80
C ASN A 642 43.77 -19.19 8.53
N LYS A 643 43.82 -18.13 7.71
CA LYS A 643 42.62 -17.42 7.25
C LYS A 643 42.09 -18.02 5.96
N VAL A 644 41.04 -17.42 5.39
CA VAL A 644 40.27 -18.06 4.34
C VAL A 644 40.90 -18.10 2.95
N GLU A 645 41.30 -16.93 2.41
CA GLU A 645 41.92 -16.87 1.09
C GLU A 645 43.16 -17.75 1.06
N ALA A 646 43.62 -18.14 2.25
CA ALA A 646 44.68 -19.16 2.42
C ALA A 646 44.13 -20.58 2.30
N ILE A 647 43.22 -20.96 3.20
CA ILE A 647 42.65 -22.32 3.22
C ILE A 647 42.09 -22.73 1.86
N THR A 648 41.34 -21.83 1.23
CA THR A 648 40.66 -22.13 -0.04
C THR A 648 41.67 -22.36 -1.16
N MET A 649 42.68 -21.51 -1.22
CA MET A 649 43.79 -21.60 -2.17
C MET A 649 44.44 -22.99 -2.12
N ARG A 650 44.78 -23.45 -0.92
CA ARG A 650 45.30 -24.79 -0.71
C ARG A 650 44.32 -25.85 -1.16
N ALA A 651 43.14 -25.86 -0.55
CA ALA A 651 42.10 -26.83 -0.86
C ALA A 651 41.82 -26.99 -2.36
N THR A 652 41.65 -25.87 -3.07
CA THR A 652 41.34 -25.89 -4.50
C THR A 652 42.38 -26.69 -5.28
N ARG A 653 43.64 -26.52 -4.91
CA ARG A 653 44.72 -27.30 -5.49
C ARG A 653 44.66 -28.75 -5.00
N ALA A 654 44.75 -28.90 -3.69
CA ALA A 654 44.66 -30.19 -3.04
C ALA A 654 43.65 -31.10 -3.72
N PHE A 655 42.54 -30.53 -4.20
CA PHE A 655 41.49 -31.29 -4.87
C PHE A 655 41.73 -31.34 -6.38
N SER A 656 42.83 -31.94 -6.77
CA SER A 656 43.10 -32.18 -8.18
C SER A 656 43.58 -33.62 -8.34
N GLN A 657 43.31 -34.43 -7.32
CA GLN A 657 43.64 -35.87 -7.28
C GLN A 657 42.36 -36.71 -7.47
N ILE A 658 41.28 -36.03 -7.83
CA ILE A 658 40.03 -36.69 -8.04
C ILE A 658 39.81 -36.89 -9.54
N LYS A 659 39.63 -38.15 -9.92
CA LYS A 659 39.45 -38.62 -11.31
C LYS A 659 38.44 -37.82 -12.12
N ASP A 660 37.18 -38.25 -12.13
CA ASP A 660 36.06 -37.44 -12.63
C ASP A 660 35.31 -36.84 -11.44
N ALA A 661 35.52 -35.55 -11.19
CA ALA A 661 34.87 -34.86 -10.09
C ALA A 661 35.47 -33.49 -9.85
N MET A 662 35.17 -32.54 -10.73
CA MET A 662 35.55 -31.13 -10.51
C MET A 662 35.13 -30.65 -9.10
N VAL A 663 36.12 -30.30 -8.29
CA VAL A 663 35.88 -29.86 -6.91
C VAL A 663 36.59 -28.55 -6.57
N PHE A 664 35.84 -27.45 -6.55
CA PHE A 664 36.36 -26.13 -6.16
C PHE A 664 36.14 -25.81 -4.69
N ALA A 665 36.79 -24.74 -4.23
CA ALA A 665 36.50 -24.15 -2.94
C ALA A 665 36.71 -22.65 -3.09
N PHE A 666 35.67 -21.86 -2.75
CA PHE A 666 35.69 -20.42 -2.95
C PHE A 666 35.14 -19.68 -1.73
N ASN A 667 35.63 -18.47 -1.49
CA ASN A 667 35.11 -17.65 -0.41
C ASN A 667 33.86 -16.90 -0.89
N LEU A 668 32.79 -16.95 -0.09
CA LEU A 668 31.54 -16.28 -0.46
C LEU A 668 31.66 -14.76 -0.41
N PRO A 669 31.07 -14.05 -1.41
CA PRO A 669 31.25 -12.58 -1.47
C PRO A 669 30.60 -11.88 -0.29
N ALA A 670 31.06 -10.68 0.05
CA ALA A 670 30.66 -10.00 1.29
C ALA A 670 29.15 -9.91 1.47
N ILE A 671 28.50 -9.31 0.48
CA ILE A 671 27.04 -9.23 0.38
C ILE A 671 26.48 -10.48 -0.33
N VAL A 672 26.10 -11.50 0.47
CA VAL A 672 25.70 -12.82 -0.05
C VAL A 672 24.60 -12.66 -1.10
N GLU A 673 23.47 -12.05 -0.70
CA GLU A 673 22.30 -11.82 -1.54
C GLU A 673 22.46 -10.54 -2.36
N LEU A 674 23.38 -10.60 -3.32
CA LEU A 674 23.75 -9.44 -4.14
C LEU A 674 24.65 -9.91 -5.28
N GLY A 675 24.84 -9.00 -6.24
CA GLY A 675 25.81 -9.11 -7.35
C GLY A 675 27.23 -9.58 -7.03
N THR A 676 28.04 -9.72 -8.08
CA THR A 676 29.25 -10.52 -7.98
C THR A 676 30.47 -9.90 -8.74
N ALA A 677 31.43 -10.75 -9.14
CA ALA A 677 32.66 -10.36 -9.85
C ALA A 677 32.44 -9.29 -10.91
N THR A 678 33.54 -8.77 -11.47
CA THR A 678 33.45 -7.88 -12.66
C THR A 678 32.75 -8.58 -13.86
N GLY A 679 32.08 -9.71 -13.56
CA GLY A 679 31.35 -10.52 -14.51
C GLY A 679 30.27 -9.78 -15.28
N PHE A 680 29.95 -10.32 -16.44
CA PHE A 680 28.77 -9.91 -17.16
C PHE A 680 27.78 -11.07 -17.14
N ASP A 681 26.49 -10.78 -17.27
CA ASP A 681 25.51 -11.86 -17.27
C ASP A 681 24.76 -11.83 -18.57
N PHE A 682 24.93 -12.89 -19.35
CA PHE A 682 24.52 -12.86 -20.74
C PHE A 682 23.44 -13.87 -21.02
N GLU A 683 22.38 -13.42 -21.65
CA GLU A 683 21.27 -14.29 -21.99
C GLU A 683 21.15 -14.34 -23.49
N LEU A 684 21.13 -15.59 -23.98
CA LEU A 684 21.05 -15.90 -25.39
C LEU A 684 19.64 -16.39 -25.66
N ILE A 685 18.79 -15.52 -26.18
CA ILE A 685 17.38 -15.83 -26.36
C ILE A 685 17.17 -16.58 -27.66
N ASP A 686 15.94 -16.98 -27.94
CA ASP A 686 15.71 -17.67 -29.20
C ASP A 686 14.86 -17.00 -30.34
N GLN A 687 13.79 -16.29 -30.02
CA GLN A 687 13.12 -15.46 -31.05
C GLN A 687 12.50 -16.07 -32.34
N ALA A 688 12.77 -17.30 -32.70
CA ALA A 688 11.90 -17.94 -33.68
C ALA A 688 11.66 -19.43 -33.37
N GLY A 689 10.87 -20.08 -34.22
CA GLY A 689 10.52 -21.48 -33.99
C GLY A 689 11.74 -22.32 -33.61
N LEU A 690 12.95 -21.74 -33.80
CA LEU A 690 14.23 -22.43 -33.63
C LEU A 690 14.11 -23.35 -32.45
N GLY A 691 14.55 -24.59 -32.62
CA GLY A 691 14.43 -25.58 -31.54
C GLY A 691 15.49 -25.52 -30.45
N HIS A 692 15.43 -26.47 -29.52
CA HIS A 692 16.48 -26.63 -28.53
C HIS A 692 17.84 -26.79 -29.19
N GLU A 693 17.96 -27.70 -30.17
CA GLU A 693 19.27 -27.98 -30.79
C GLU A 693 19.78 -26.76 -31.52
N LYS A 694 18.94 -26.21 -32.39
CA LYS A 694 19.37 -25.07 -33.16
C LYS A 694 20.00 -24.06 -32.21
N LEU A 695 19.35 -23.81 -31.08
CA LEU A 695 19.90 -22.85 -30.17
C LEU A 695 21.13 -23.42 -29.51
N THR A 696 21.18 -24.74 -29.29
CA THR A 696 22.38 -25.34 -28.67
C THR A 696 23.59 -25.07 -29.54
N GLN A 697 23.49 -25.36 -30.85
CA GLN A 697 24.48 -24.92 -31.88
C GLN A 697 24.83 -23.43 -31.83
N ALA A 698 23.80 -22.59 -31.96
CA ALA A 698 23.98 -21.16 -31.85
C ALA A 698 24.84 -20.84 -30.62
N ARG A 699 24.52 -21.45 -29.48
CA ARG A 699 25.28 -21.18 -28.26
C ARG A 699 26.75 -21.48 -28.47
N ASN A 700 26.98 -22.60 -29.18
CA ASN A 700 28.31 -23.14 -29.40
C ASN A 700 29.19 -22.26 -30.26
N GLN A 701 28.61 -21.56 -31.24
CA GLN A 701 29.38 -20.54 -31.94
C GLN A 701 29.84 -19.47 -30.97
N LEU A 702 28.92 -18.63 -30.49
CA LEU A 702 29.30 -17.48 -29.68
C LEU A 702 30.33 -17.88 -28.65
N LEU A 703 30.20 -19.10 -28.13
CA LEU A 703 31.15 -19.61 -27.16
C LEU A 703 32.54 -19.79 -27.74
N ALA A 704 32.59 -20.61 -28.79
CA ALA A 704 33.83 -21.03 -29.42
C ALA A 704 34.54 -19.82 -29.99
N GLU A 705 33.76 -18.92 -30.58
CA GLU A 705 34.21 -17.60 -30.98
C GLU A 705 34.78 -16.79 -29.81
N ALA A 706 34.02 -16.61 -28.75
CA ALA A 706 34.49 -15.81 -27.60
C ALA A 706 35.88 -16.20 -27.09
N ALA A 707 36.24 -17.46 -27.34
CA ALA A 707 37.49 -18.06 -26.89
C ALA A 707 38.67 -17.68 -27.78
N LYS A 708 38.40 -17.41 -29.05
CA LYS A 708 39.40 -16.90 -29.97
C LYS A 708 39.94 -15.53 -29.56
N HIS A 709 39.30 -14.87 -28.60
CA HIS A 709 39.70 -13.51 -28.18
C HIS A 709 40.17 -13.34 -26.73
N PRO A 710 41.15 -14.14 -26.27
CA PRO A 710 41.53 -14.00 -24.85
C PRO A 710 42.15 -12.66 -24.57
N ASP A 711 42.35 -11.89 -25.63
CA ASP A 711 42.88 -10.57 -25.54
C ASP A 711 41.86 -9.66 -24.89
N MET A 712 40.61 -9.69 -25.36
CA MET A 712 39.48 -8.89 -24.77
C MET A 712 38.99 -9.48 -23.46
N LEU A 713 39.86 -10.35 -22.94
CA LEU A 713 39.62 -11.39 -21.92
C LEU A 713 38.23 -12.01 -21.87
N THR A 714 38.20 -13.14 -21.19
CA THR A 714 37.08 -14.02 -21.21
C THR A 714 37.18 -15.07 -20.04
N SER A 715 36.27 -16.05 -20.13
CA SER A 715 36.08 -17.25 -19.28
C SER A 715 34.58 -17.59 -19.51
N VAL A 716 34.14 -17.22 -20.71
CA VAL A 716 32.80 -17.42 -21.21
C VAL A 716 32.42 -18.86 -20.99
N ARG A 717 31.15 -19.09 -20.70
CA ARG A 717 30.69 -20.41 -20.28
C ARG A 717 29.18 -20.44 -20.11
N PRO A 718 28.54 -21.50 -20.65
CA PRO A 718 27.15 -21.80 -20.35
C PRO A 718 26.99 -21.97 -18.85
N ASN A 719 26.00 -21.32 -18.25
CA ASN A 719 25.66 -21.58 -16.85
C ASN A 719 24.45 -22.46 -16.77
N GLY A 720 24.55 -23.62 -17.39
CA GLY A 720 23.45 -24.56 -17.46
C GLY A 720 24.04 -25.91 -17.78
N LEU A 721 23.22 -26.88 -18.13
CA LEU A 721 23.71 -28.22 -18.24
C LEU A 721 23.72 -28.66 -19.68
N GLU A 722 24.56 -29.63 -19.98
CA GLU A 722 24.66 -30.21 -21.32
C GLU A 722 23.71 -31.39 -21.46
N ASP A 723 23.23 -31.59 -22.69
CA ASP A 723 22.35 -32.69 -23.02
C ASP A 723 22.90 -34.02 -22.53
N THR A 724 22.00 -34.87 -22.06
CA THR A 724 22.33 -36.16 -21.51
C THR A 724 21.66 -37.20 -22.37
N PRO A 725 22.04 -38.48 -22.25
CA PRO A 725 21.14 -39.55 -22.70
C PRO A 725 19.93 -39.75 -21.79
N GLN A 726 18.84 -40.23 -22.38
CA GLN A 726 17.64 -40.60 -21.64
C GLN A 726 16.92 -41.73 -22.32
N PHE A 727 16.13 -42.45 -21.54
CA PHE A 727 15.61 -43.73 -21.97
C PHE A 727 14.16 -43.52 -22.19
N LYS A 728 13.77 -43.60 -23.46
CA LYS A 728 12.40 -43.38 -23.87
C LYS A 728 11.65 -44.68 -24.06
N ILE A 729 10.64 -44.93 -23.23
CA ILE A 729 9.67 -45.98 -23.49
C ILE A 729 8.69 -45.37 -24.43
N ASP A 730 7.81 -46.16 -25.04
CA ASP A 730 6.99 -45.67 -26.12
C ASP A 730 5.81 -46.59 -26.36
N ILE A 731 4.67 -46.30 -25.71
CA ILE A 731 3.49 -47.17 -25.84
C ILE A 731 3.01 -47.26 -27.30
N ASP A 732 2.93 -48.49 -27.84
CA ASP A 732 2.30 -48.68 -29.13
C ASP A 732 0.84 -48.58 -28.86
N GLN A 733 0.23 -47.62 -29.55
CA GLN A 733 -1.17 -47.25 -29.34
C GLN A 733 -2.10 -48.37 -29.79
N GLU A 734 -1.96 -48.78 -31.06
CA GLU A 734 -2.77 -49.85 -31.63
C GLU A 734 -2.68 -51.13 -30.81
N LYS A 735 -1.44 -51.59 -30.61
CA LYS A 735 -1.19 -52.84 -29.93
C LYS A 735 -1.90 -52.83 -28.59
N ALA A 736 -1.95 -51.65 -27.98
CA ALA A 736 -2.69 -51.48 -26.74
C ALA A 736 -4.19 -51.83 -26.88
N GLN A 737 -4.86 -51.24 -27.90
CA GLN A 737 -6.28 -51.46 -28.19
C GLN A 737 -6.51 -52.92 -28.45
N ALA A 738 -5.54 -53.56 -29.13
CA ALA A 738 -5.59 -54.97 -29.50
C ALA A 738 -5.77 -55.90 -28.30
N LEU A 739 -4.94 -55.71 -27.28
CA LEU A 739 -5.19 -56.32 -26.00
C LEU A 739 -6.24 -55.44 -25.27
N GLY A 740 -6.63 -55.84 -24.06
CA GLY A 740 -7.56 -55.02 -23.27
C GLY A 740 -6.87 -53.97 -22.41
N VAL A 741 -5.89 -53.27 -23.00
CA VAL A 741 -4.98 -52.49 -22.18
C VAL A 741 -5.18 -50.98 -22.39
N SER A 742 -5.52 -50.28 -21.30
CA SER A 742 -5.87 -48.86 -21.36
C SER A 742 -4.68 -47.91 -21.15
N ILE A 743 -4.36 -47.10 -22.16
CA ILE A 743 -3.34 -46.05 -22.04
C ILE A 743 -3.21 -45.47 -20.62
N ASN A 744 -4.32 -45.40 -19.89
CA ASN A 744 -4.29 -44.93 -18.51
C ASN A 744 -3.72 -45.93 -17.56
N ASP A 745 -4.26 -47.14 -17.56
CA ASP A 745 -3.67 -48.18 -16.74
C ASP A 745 -2.15 -48.37 -17.05
N ILE A 746 -1.79 -48.46 -18.33
CA ILE A 746 -0.39 -48.37 -18.78
C ILE A 746 0.37 -47.27 -18.02
N ASN A 747 0.26 -46.04 -18.52
CA ASN A 747 0.90 -44.89 -17.92
C ASN A 747 0.97 -44.91 -16.38
N THR A 748 -0.17 -44.98 -15.67
CA THR A 748 -0.10 -44.91 -14.21
C THR A 748 0.98 -45.83 -13.68
N THR A 749 0.90 -47.10 -14.07
CA THR A 749 1.82 -48.13 -13.58
C THR A 749 3.27 -47.77 -13.84
N LEU A 750 3.60 -47.55 -15.11
CA LEU A 750 4.96 -47.19 -15.50
C LEU A 750 5.39 -46.01 -14.65
N GLY A 751 4.50 -45.04 -14.53
CA GLY A 751 4.75 -43.83 -13.72
C GLY A 751 4.97 -44.08 -12.25
N ALA A 752 3.89 -44.38 -11.55
CA ALA A 752 3.87 -44.57 -10.10
C ALA A 752 4.95 -45.50 -9.58
N ALA A 753 5.18 -46.61 -10.31
CA ALA A 753 6.31 -47.52 -10.03
C ALA A 753 7.62 -46.74 -10.09
N TRP A 754 7.94 -46.26 -11.28
CA TRP A 754 9.24 -45.65 -11.55
C TRP A 754 9.43 -44.23 -11.02
N GLY A 755 8.36 -43.48 -10.89
CA GLY A 755 8.49 -42.07 -10.51
C GLY A 755 7.96 -41.78 -9.13
N GLY A 756 7.00 -42.57 -8.70
CA GLY A 756 6.40 -42.35 -7.40
C GLY A 756 5.18 -41.51 -7.59
N SER A 757 4.14 -41.81 -6.83
CA SER A 757 2.94 -41.02 -6.84
C SER A 757 2.44 -40.79 -5.44
N TYR A 758 1.86 -39.61 -5.25
CA TYR A 758 1.35 -39.12 -3.98
C TYR A 758 -0.16 -39.33 -3.91
N VAL A 759 -0.60 -40.29 -3.08
CA VAL A 759 -2.00 -40.73 -3.08
C VAL A 759 -2.92 -39.79 -2.31
N ASN A 760 -2.59 -39.47 -1.07
CA ASN A 760 -3.42 -38.62 -0.24
C ASN A 760 -2.72 -38.44 1.09
N ASP A 761 -3.46 -37.94 2.08
CA ASP A 761 -2.90 -37.68 3.38
C ASP A 761 -3.43 -38.63 4.44
N PHE A 762 -2.74 -38.66 5.57
CA PHE A 762 -3.12 -39.38 6.75
C PHE A 762 -2.55 -38.58 7.91
N ILE A 763 -3.04 -38.87 9.12
CA ILE A 763 -2.60 -38.14 10.34
C ILE A 763 -1.67 -38.98 11.22
N ASP A 764 -0.46 -38.47 11.44
CA ASP A 764 0.56 -39.20 12.15
C ASP A 764 0.85 -38.39 13.39
N ARG A 765 0.42 -38.89 14.53
CA ARG A 765 0.65 -38.21 15.81
C ARG A 765 0.16 -36.78 15.81
N GLY A 766 -1.09 -36.60 15.40
CA GLY A 766 -1.76 -35.30 15.46
C GLY A 766 -1.39 -34.33 14.34
N ARG A 767 -0.76 -34.85 13.30
CA ARG A 767 -0.23 -34.04 12.21
C ARG A 767 -0.53 -34.64 10.84
N VAL A 768 -1.07 -33.84 9.94
CA VAL A 768 -1.30 -34.28 8.59
C VAL A 768 0.04 -34.42 7.90
N LYS A 769 0.19 -35.51 7.15
CA LYS A 769 1.41 -35.80 6.39
C LYS A 769 1.04 -36.62 5.17
N LYS A 770 1.90 -36.62 4.18
CA LYS A 770 1.58 -37.22 2.89
C LYS A 770 1.70 -38.75 2.92
N VAL A 771 1.15 -39.41 1.91
CA VAL A 771 1.30 -40.86 1.72
C VAL A 771 1.76 -41.08 0.30
N TYR A 772 3.04 -41.38 0.08
CA TYR A 772 3.49 -41.69 -1.28
C TYR A 772 3.41 -43.20 -1.55
N VAL A 773 3.66 -43.63 -2.79
CA VAL A 773 3.44 -45.00 -3.23
C VAL A 773 4.33 -45.20 -4.42
N MET A 774 5.43 -45.94 -4.28
CA MET A 774 6.28 -46.25 -5.46
C MET A 774 7.14 -47.51 -5.34
N SER A 775 7.49 -48.10 -6.47
CA SER A 775 8.35 -49.29 -6.51
C SER A 775 9.58 -49.22 -5.65
N GLU A 776 9.72 -50.20 -4.76
CA GLU A 776 10.96 -50.49 -4.03
C GLU A 776 12.14 -50.37 -4.97
N ALA A 777 13.24 -49.83 -4.47
CA ALA A 777 14.37 -49.47 -5.34
C ALA A 777 14.90 -50.61 -6.25
N LYS A 778 14.81 -51.83 -5.72
CA LYS A 778 15.23 -53.10 -6.36
C LYS A 778 14.60 -53.37 -7.73
N TYR A 779 13.34 -52.95 -7.92
CA TYR A 779 12.64 -53.23 -9.16
C TYR A 779 12.56 -52.02 -10.08
N ARG A 780 13.29 -50.95 -9.77
CA ARG A 780 13.30 -49.73 -10.58
C ARG A 780 14.67 -49.10 -10.87
N MET A 781 15.64 -49.91 -11.30
CA MET A 781 17.01 -49.38 -11.55
C MET A 781 17.47 -49.32 -13.00
N LEU A 782 17.38 -50.46 -13.69
CA LEU A 782 17.94 -50.59 -15.06
C LEU A 782 16.84 -50.74 -16.09
N PRO A 783 17.14 -50.44 -17.38
CA PRO A 783 16.11 -50.56 -18.40
C PRO A 783 15.56 -51.99 -18.54
N ASP A 784 16.46 -52.95 -18.35
CA ASP A 784 16.14 -54.37 -18.35
C ASP A 784 15.19 -54.77 -17.19
N ASP A 785 14.94 -53.82 -16.27
CA ASP A 785 14.00 -53.99 -15.18
C ASP A 785 12.57 -53.68 -15.59
N ILE A 786 12.36 -53.02 -16.73
CA ILE A 786 10.99 -52.73 -17.16
C ILE A 786 10.18 -54.04 -17.13
N GLY A 787 10.76 -55.07 -17.74
CA GLY A 787 10.16 -56.41 -17.82
C GLY A 787 9.20 -56.75 -16.70
N ASP A 788 9.71 -56.62 -15.47
CA ASP A 788 8.98 -56.91 -14.25
C ASP A 788 7.53 -56.43 -14.14
N TRP A 789 7.19 -55.36 -14.85
CA TRP A 789 5.91 -54.72 -14.61
C TRP A 789 4.80 -55.13 -15.58
N TYR A 790 3.68 -55.51 -14.97
CA TYR A 790 2.54 -56.10 -15.67
C TYR A 790 1.31 -55.24 -15.45
N VAL A 791 0.39 -55.22 -16.42
CA VAL A 791 -0.90 -54.51 -16.27
C VAL A 791 -2.15 -55.38 -16.60
N ARG A 792 -3.12 -55.39 -15.67
CA ARG A 792 -4.39 -56.15 -15.79
C ARG A 792 -5.21 -55.54 -16.92
N ALA A 793 -5.52 -56.34 -17.94
CA ALA A 793 -6.23 -55.83 -19.12
C ALA A 793 -7.75 -56.12 -19.09
N ALA A 794 -8.38 -55.94 -20.25
CA ALA A 794 -9.84 -55.93 -20.37
C ALA A 794 -10.46 -57.19 -19.79
N ASP A 795 -10.03 -58.33 -20.35
CA ASP A 795 -10.46 -59.68 -19.95
C ASP A 795 -9.94 -60.11 -18.57
N GLY A 796 -8.88 -59.47 -18.09
CA GLY A 796 -8.38 -59.74 -16.76
C GLY A 796 -7.16 -60.65 -16.73
N GLN A 797 -6.28 -60.48 -17.72
CA GLN A 797 -5.03 -61.23 -17.77
C GLN A 797 -3.80 -60.32 -17.80
N MET A 798 -2.87 -60.59 -16.89
CA MET A 798 -1.69 -59.76 -16.71
C MET A 798 -0.89 -59.73 -17.99
N VAL A 799 -0.49 -58.53 -18.42
CA VAL A 799 0.21 -58.35 -19.68
C VAL A 799 1.58 -57.70 -19.48
N PRO A 800 2.61 -58.15 -20.22
CA PRO A 800 3.97 -57.58 -20.08
C PRO A 800 4.22 -56.37 -20.97
N PHE A 801 5.13 -55.51 -20.54
CA PHE A 801 5.33 -54.23 -21.17
C PHE A 801 5.78 -54.37 -22.60
N SER A 802 6.59 -55.38 -22.86
CA SER A 802 7.10 -55.68 -24.21
C SER A 802 6.00 -55.94 -25.24
N ALA A 803 4.80 -56.19 -24.72
CA ALA A 803 3.65 -56.53 -25.51
C ALA A 803 3.08 -55.31 -26.24
N PHE A 804 3.23 -54.13 -25.63
CA PHE A 804 2.64 -52.89 -26.13
C PHE A 804 3.56 -51.64 -26.18
N SER A 805 4.87 -51.85 -26.35
CA SER A 805 5.85 -50.75 -26.31
C SER A 805 7.21 -51.21 -26.84
N SER A 806 8.11 -50.24 -27.09
CA SER A 806 9.46 -50.49 -27.60
C SER A 806 10.34 -49.30 -27.26
N SER A 807 11.56 -49.52 -26.76
CA SER A 807 12.35 -48.37 -26.23
C SER A 807 13.72 -48.11 -26.84
N ARG A 808 13.91 -46.92 -27.40
CA ARG A 808 15.23 -46.47 -27.85
C ARG A 808 15.90 -45.47 -26.89
N TRP A 809 17.23 -45.34 -26.92
CA TRP A 809 17.91 -44.30 -26.12
C TRP A 809 17.98 -43.04 -26.96
N GLU A 810 18.07 -41.90 -26.29
CA GLU A 810 18.25 -40.62 -26.99
C GLU A 810 18.69 -39.47 -26.09
N TYR A 811 19.21 -38.42 -26.73
CA TYR A 811 19.74 -37.23 -26.05
C TYR A 811 18.67 -36.16 -25.72
N GLY A 812 18.55 -35.74 -24.46
CA GLY A 812 17.68 -34.60 -24.10
C GLY A 812 18.36 -33.61 -23.15
N SER A 813 17.63 -32.62 -22.65
CA SER A 813 18.22 -31.66 -21.71
C SER A 813 17.68 -31.83 -20.31
N PRO A 814 18.56 -32.05 -19.34
CA PRO A 814 18.10 -32.16 -17.97
C PRO A 814 17.71 -30.82 -17.38
N ARG A 815 18.03 -29.70 -18.03
CA ARG A 815 17.67 -28.40 -17.49
C ARG A 815 17.48 -27.41 -18.62
N LEU A 816 16.23 -27.19 -19.08
CA LEU A 816 15.90 -26.20 -20.10
C LEU A 816 15.59 -24.90 -19.45
N GLU A 817 16.17 -23.85 -19.98
CA GLU A 817 16.00 -22.54 -19.39
C GLU A 817 15.37 -21.51 -20.32
N ARG A 818 14.70 -20.51 -19.74
CA ARG A 818 14.11 -19.45 -20.54
C ARG A 818 14.20 -18.09 -19.88
N TYR A 819 14.36 -17.10 -20.74
CA TYR A 819 14.44 -15.70 -20.37
C TYR A 819 13.30 -14.91 -21.01
N ASN A 820 12.50 -14.30 -20.15
CA ASN A 820 11.34 -13.52 -20.55
C ASN A 820 10.38 -14.21 -21.50
N GLY A 821 10.05 -15.47 -21.14
CA GLY A 821 9.09 -16.29 -21.88
C GLY A 821 9.68 -17.03 -23.07
N LEU A 822 10.73 -16.48 -23.67
CA LEU A 822 11.36 -17.15 -24.78
C LEU A 822 12.52 -18.02 -24.27
N PRO A 823 12.72 -19.22 -24.86
CA PRO A 823 13.74 -20.16 -24.30
C PRO A 823 15.15 -19.59 -24.33
N SER A 824 15.83 -19.61 -23.21
CA SER A 824 17.13 -19.00 -23.17
C SER A 824 18.22 -20.03 -22.94
N MET A 825 19.46 -19.59 -23.05
CA MET A 825 20.63 -20.24 -22.45
C MET A 825 21.48 -19.09 -21.90
N GLU A 826 21.67 -19.07 -20.59
CA GLU A 826 22.47 -18.06 -19.91
C GLU A 826 23.92 -18.47 -19.96
N ILE A 827 24.74 -17.45 -20.16
CA ILE A 827 26.17 -17.52 -20.43
C ILE A 827 26.86 -16.56 -19.50
N LEU A 828 27.76 -17.13 -18.70
CA LEU A 828 28.57 -16.36 -17.80
C LEU A 828 29.90 -15.98 -18.44
N GLY A 829 30.57 -14.98 -17.89
CA GLY A 829 31.85 -14.58 -18.43
C GLY A 829 32.51 -13.43 -17.71
N GLN A 830 33.85 -13.50 -17.72
CA GLN A 830 34.74 -12.62 -16.97
C GLN A 830 35.20 -11.41 -17.82
N ALA A 831 35.47 -10.29 -17.15
CA ALA A 831 35.93 -9.06 -17.81
C ALA A 831 37.16 -9.25 -18.73
N ALA A 832 38.35 -8.99 -18.17
CA ALA A 832 39.63 -8.96 -18.90
C ALA A 832 40.69 -8.46 -17.93
N PRO A 833 41.96 -8.88 -18.12
CA PRO A 833 42.90 -8.49 -17.11
C PRO A 833 43.17 -7.00 -17.18
N GLY A 834 42.94 -6.39 -18.34
CA GLY A 834 43.14 -4.95 -18.48
C GLY A 834 41.87 -4.19 -18.83
N LYS A 835 40.93 -4.91 -19.47
CA LYS A 835 39.72 -4.32 -20.04
C LYS A 835 38.60 -4.12 -19.00
N SER A 836 37.66 -3.22 -19.34
CA SER A 836 36.52 -2.85 -18.49
C SER A 836 35.35 -3.81 -18.65
N THR A 837 34.64 -4.07 -17.56
CA THR A 837 33.42 -4.88 -17.62
C THR A 837 32.58 -4.43 -18.85
N GLY A 838 32.52 -3.12 -19.06
CA GLY A 838 31.79 -2.53 -20.17
C GLY A 838 32.24 -2.91 -21.56
N GLU A 839 33.55 -3.01 -21.78
CA GLU A 839 34.00 -3.30 -23.13
C GLU A 839 33.98 -4.79 -23.47
N ALA A 840 34.11 -5.65 -22.45
CA ALA A 840 33.91 -7.11 -22.60
C ALA A 840 32.51 -7.38 -23.10
N MET A 841 31.53 -6.70 -22.51
CA MET A 841 30.18 -6.73 -23.02
C MET A 841 30.13 -6.32 -24.47
N GLU A 842 30.81 -5.22 -24.79
CA GLU A 842 30.63 -4.59 -26.09
C GLU A 842 31.16 -5.45 -27.25
N LEU A 843 32.15 -6.29 -26.93
CA LEU A 843 32.67 -7.26 -27.89
C LEU A 843 31.63 -8.36 -28.06
N MET A 844 31.17 -8.87 -26.92
CA MET A 844 30.17 -9.91 -26.85
C MET A 844 28.99 -9.60 -27.78
N GLU A 845 28.44 -8.39 -27.70
CA GLU A 845 27.29 -8.03 -28.52
C GLU A 845 27.59 -8.19 -30.02
N GLN A 846 28.86 -7.97 -30.37
CA GLN A 846 29.34 -7.99 -31.75
C GLN A 846 29.43 -9.42 -32.20
N LEU A 847 30.10 -10.24 -31.39
CA LEU A 847 30.13 -11.68 -31.58
C LEU A 847 28.73 -12.29 -31.65
N ALA A 848 27.78 -11.64 -30.98
CA ALA A 848 26.41 -12.11 -31.00
C ALA A 848 25.76 -11.78 -32.35
N SER A 849 25.92 -10.54 -32.79
CA SER A 849 25.25 -10.06 -34.02
C SER A 849 25.49 -10.88 -35.32
N LYS A 850 26.32 -11.93 -35.24
CA LYS A 850 26.66 -12.72 -36.41
C LYS A 850 26.18 -14.17 -36.26
N LEU A 851 25.32 -14.40 -35.27
CA LEU A 851 24.81 -15.74 -34.99
C LEU A 851 23.57 -16.04 -35.87
N PRO A 852 23.39 -17.32 -36.28
CA PRO A 852 22.40 -17.70 -37.30
C PRO A 852 20.99 -17.12 -37.10
N THR A 853 20.37 -16.61 -38.18
CA THR A 853 19.08 -15.87 -38.04
C THR A 853 18.05 -16.60 -37.21
N GLY A 854 17.45 -15.84 -36.30
CA GLY A 854 16.58 -16.37 -35.26
C GLY A 854 17.06 -15.93 -33.89
N VAL A 855 18.35 -16.10 -33.64
CA VAL A 855 18.92 -15.98 -32.28
C VAL A 855 19.16 -14.55 -31.78
N GLY A 856 18.91 -14.32 -30.50
CA GLY A 856 19.10 -12.98 -29.95
C GLY A 856 19.80 -13.02 -28.60
N TYR A 857 20.05 -11.84 -28.04
CA TYR A 857 20.68 -11.77 -26.74
C TYR A 857 20.07 -10.72 -25.87
N ASP A 858 20.38 -10.77 -24.59
CA ASP A 858 19.89 -9.77 -23.69
C ASP A 858 20.79 -9.82 -22.47
N TRP A 859 20.82 -8.72 -21.74
CA TRP A 859 21.67 -8.60 -20.57
C TRP A 859 20.81 -8.62 -19.32
N THR A 860 21.29 -9.33 -18.30
CA THR A 860 20.55 -9.49 -17.05
C THR A 860 21.52 -9.31 -15.89
N GLY A 861 21.10 -9.76 -14.70
CA GLY A 861 21.95 -9.69 -13.50
C GLY A 861 22.53 -8.32 -13.29
N MET A 862 23.72 -8.28 -12.70
CA MET A 862 24.52 -7.08 -12.58
C MET A 862 24.69 -6.39 -13.95
N SER A 863 24.92 -7.18 -15.00
CA SER A 863 25.19 -6.64 -16.34
C SER A 863 23.99 -5.97 -16.98
N TYR A 864 22.90 -5.91 -16.22
CA TYR A 864 21.72 -5.19 -16.61
C TYR A 864 21.65 -3.98 -15.71
N GLN A 865 21.84 -4.22 -14.41
CA GLN A 865 21.94 -3.16 -13.42
C GLN A 865 23.09 -2.22 -13.79
N GLU A 866 23.96 -2.66 -14.70
CA GLU A 866 25.01 -1.82 -15.27
C GLU A 866 24.52 -1.06 -16.50
N ARG A 867 23.96 -1.79 -17.48
CA ARG A 867 23.46 -1.21 -18.73
C ARG A 867 22.50 -0.03 -18.49
N LEU A 868 21.52 -0.25 -17.62
CA LEU A 868 20.46 0.73 -17.37
C LEU A 868 20.83 1.70 -16.26
N SER A 869 22.11 1.68 -15.87
CA SER A 869 22.62 2.69 -14.95
C SER A 869 23.91 3.34 -15.48
N GLY A 870 23.86 3.74 -16.77
CA GLY A 870 24.97 4.37 -17.50
C GLY A 870 26.35 4.31 -16.85
N ASN A 871 27.00 5.48 -16.74
CA ASN A 871 28.24 5.64 -15.99
C ASN A 871 27.91 6.50 -14.77
N GLN A 872 27.06 7.50 -15.00
CA GLN A 872 26.50 8.42 -14.00
C GLN A 872 27.53 9.29 -13.25
N ALA A 873 28.53 8.64 -12.64
CA ALA A 873 29.49 9.35 -11.81
C ALA A 873 29.90 10.70 -12.43
N PRO A 874 30.51 10.68 -13.65
CA PRO A 874 30.84 11.94 -14.34
C PRO A 874 29.65 12.87 -14.59
N SER A 875 28.51 12.33 -14.97
CA SER A 875 27.31 13.15 -15.17
C SER A 875 26.79 13.77 -13.86
N LEU A 876 26.94 13.07 -12.73
CA LEU A 876 26.43 13.54 -11.44
C LEU A 876 27.34 14.57 -10.76
N TYR A 877 28.62 14.26 -10.66
CA TYR A 877 29.58 15.15 -10.03
C TYR A 877 29.79 16.41 -10.88
N ALA A 878 29.52 16.32 -12.17
CA ALA A 878 29.43 17.49 -13.03
C ALA A 878 28.47 18.54 -12.44
N ILE A 879 27.53 18.10 -11.61
CA ILE A 879 26.52 18.99 -10.99
C ILE A 879 26.96 19.41 -9.62
N SER A 880 27.46 18.45 -8.84
CA SER A 880 28.13 18.72 -7.58
C SER A 880 29.10 19.89 -7.78
N LEU A 881 30.08 19.66 -8.65
CA LEU A 881 31.07 20.66 -9.02
C LEU A 881 30.43 22.01 -9.29
N ILE A 882 29.56 22.08 -10.30
CA ILE A 882 28.85 23.33 -10.59
C ILE A 882 28.19 23.90 -9.33
N VAL A 883 27.65 23.03 -8.47
CA VAL A 883 26.94 23.49 -7.28
C VAL A 883 27.89 23.79 -6.12
N VAL A 884 29.18 23.55 -6.35
CA VAL A 884 30.21 24.01 -5.42
C VAL A 884 30.68 25.41 -5.81
N PHE A 885 31.04 25.62 -7.08
CA PHE A 885 31.41 26.95 -7.60
C PHE A 885 30.26 27.95 -7.41
N LEU A 886 29.05 27.52 -7.72
CA LEU A 886 27.87 28.32 -7.46
C LEU A 886 27.72 28.63 -5.96
N CYS A 887 28.04 27.65 -5.12
CA CYS A 887 27.86 27.77 -3.67
C CYS A 887 28.96 28.64 -3.09
N LEU A 888 30.19 28.40 -3.57
CA LEU A 888 31.40 28.99 -3.02
C LEU A 888 31.55 30.48 -3.37
N ALA A 889 31.20 30.84 -4.60
CA ALA A 889 31.14 32.25 -5.01
C ALA A 889 30.42 33.10 -3.98
N ALA A 890 29.17 32.70 -3.70
CA ALA A 890 28.28 33.36 -2.74
C ALA A 890 28.83 33.42 -1.33
N LEU A 891 29.73 32.50 -0.96
CA LEU A 891 30.38 32.58 0.35
C LEU A 891 31.23 33.82 0.41
N TYR A 892 31.92 34.06 -0.69
CA TYR A 892 32.72 35.26 -0.89
C TYR A 892 31.85 36.29 -1.62
N GLU A 893 32.21 36.57 -2.87
CA GLU A 893 31.52 37.56 -3.67
C GLU A 893 32.33 37.66 -4.93
N SER A 894 32.33 36.61 -5.74
CA SER A 894 33.21 36.56 -6.91
C SER A 894 32.98 35.34 -7.79
N TRP A 895 32.90 35.59 -9.09
CA TRP A 895 32.97 34.53 -10.08
C TRP A 895 34.42 34.15 -10.35
N SER A 896 35.27 34.28 -9.31
CA SER A 896 36.70 34.11 -9.45
C SER A 896 37.31 33.47 -8.20
N ILE A 897 37.22 34.17 -7.07
CA ILE A 897 37.79 33.72 -5.78
C ILE A 897 37.58 32.22 -5.48
N PRO A 898 36.32 31.71 -5.56
CA PRO A 898 36.06 30.29 -5.32
C PRO A 898 36.98 29.34 -6.09
N PHE A 899 37.32 29.72 -7.32
CA PHE A 899 38.17 28.92 -8.22
C PHE A 899 39.54 28.55 -7.56
N SER A 900 39.94 29.36 -6.58
CA SER A 900 41.15 29.10 -5.81
C SER A 900 40.98 27.94 -4.84
N VAL A 901 39.76 27.76 -4.32
CA VAL A 901 39.41 26.73 -3.31
C VAL A 901 39.30 25.33 -3.94
N MET A 902 38.79 25.31 -5.16
CA MET A 902 38.52 24.07 -5.85
C MET A 902 39.81 23.32 -6.14
N LEU A 903 40.81 24.00 -6.70
CA LEU A 903 42.08 23.37 -7.07
C LEU A 903 42.67 22.39 -6.03
N VAL A 904 42.09 22.34 -4.83
CA VAL A 904 42.50 21.36 -3.82
C VAL A 904 42.04 19.92 -4.13
N VAL A 905 41.00 19.76 -4.96
CA VAL A 905 40.47 18.43 -5.25
C VAL A 905 41.59 17.40 -5.47
N PRO A 906 42.50 17.63 -6.45
CA PRO A 906 43.50 16.58 -6.77
C PRO A 906 44.53 16.26 -5.68
N LEU A 907 44.83 17.25 -4.84
CA LEU A 907 45.89 17.15 -3.84
C LEU A 907 45.64 15.99 -2.89
N GLY A 908 44.38 15.84 -2.48
CA GLY A 908 43.96 14.65 -1.75
C GLY A 908 43.93 13.38 -2.60
N VAL A 909 43.53 13.51 -3.86
CA VAL A 909 43.41 12.37 -4.77
C VAL A 909 44.76 11.64 -4.83
N ILE A 910 45.78 12.26 -5.41
CA ILE A 910 47.12 11.66 -5.36
C ILE A 910 47.40 11.28 -3.92
N GLY A 911 48.10 10.17 -3.73
CA GLY A 911 48.42 9.69 -2.40
C GLY A 911 47.29 8.81 -1.90
N ALA A 912 46.08 9.34 -1.97
CA ALA A 912 44.90 8.51 -1.79
C ALA A 912 44.98 7.48 -2.90
N LEU A 913 45.16 7.99 -4.12
CA LEU A 913 45.27 7.18 -5.31
C LEU A 913 46.57 6.36 -5.28
N LEU A 914 47.53 6.79 -4.46
CA LEU A 914 48.77 6.04 -4.25
C LEU A 914 48.57 4.85 -3.30
N ALA A 915 47.43 4.19 -3.47
CA ALA A 915 47.15 2.87 -2.92
C ALA A 915 47.47 1.85 -4.00
N ALA A 916 48.25 2.29 -4.98
CA ALA A 916 48.93 1.42 -5.91
C ALA A 916 50.36 1.09 -5.41
N THR A 917 51.08 2.11 -4.92
CA THR A 917 52.53 2.02 -4.53
C THR A 917 52.78 1.56 -3.09
N PHE A 918 51.93 1.99 -2.15
CA PHE A 918 52.07 1.56 -0.75
C PHE A 918 51.21 0.30 -0.46
N ARG A 919 50.50 -0.19 -1.48
CA ARG A 919 49.69 -1.41 -1.41
C ARG A 919 49.11 -1.81 -2.76
N GLY A 920 48.63 -3.05 -2.85
CA GLY A 920 47.90 -3.55 -4.02
C GLY A 920 46.41 -3.75 -3.77
N LEU A 921 45.60 -2.74 -4.13
CA LEU A 921 44.15 -2.75 -3.91
C LEU A 921 43.37 -2.32 -5.18
N THR A 922 42.09 -2.00 -5.00
CA THR A 922 41.19 -1.65 -6.11
C THR A 922 40.31 -0.45 -5.81
N ASN A 923 40.02 0.32 -6.85
CA ASN A 923 39.09 1.45 -6.76
C ASN A 923 37.72 0.93 -6.39
N ASP A 924 37.40 0.94 -5.11
CA ASP A 924 36.14 0.36 -4.69
C ASP A 924 35.24 1.32 -3.93
N VAL A 925 34.09 0.83 -3.48
CA VAL A 925 33.07 1.66 -2.84
C VAL A 925 33.64 2.34 -1.61
N TYR A 926 34.39 1.59 -0.80
CA TYR A 926 35.01 2.16 0.38
C TYR A 926 36.02 3.21 -0.01
N PHE A 927 36.93 2.86 -0.90
CA PHE A 927 37.88 3.81 -1.44
C PHE A 927 37.16 5.06 -1.91
N GLN A 928 36.13 4.88 -2.73
CA GLN A 928 35.41 5.99 -3.36
C GLN A 928 34.85 6.97 -2.32
N VAL A 929 34.35 6.45 -1.20
CA VAL A 929 33.81 7.31 -0.16
C VAL A 929 34.92 7.89 0.73
N GLY A 930 35.92 7.06 1.01
CA GLY A 930 37.17 7.54 1.62
C GLY A 930 37.74 8.73 0.86
N LEU A 931 37.88 8.56 -0.45
CA LEU A 931 38.22 9.64 -1.38
C LEU A 931 37.36 10.88 -1.13
N LEU A 932 36.04 10.75 -1.07
CA LEU A 932 35.20 11.91 -0.76
C LEU A 932 35.48 12.60 0.60
N THR A 933 35.70 11.82 1.67
CA THR A 933 36.00 12.35 3.01
C THR A 933 37.19 13.28 2.98
N THR A 934 38.18 12.89 2.17
CA THR A 934 39.43 13.61 1.96
C THR A 934 39.28 14.92 1.16
N ILE A 935 38.62 14.86 0.00
CA ILE A 935 38.25 16.08 -0.71
C ILE A 935 37.48 17.02 0.22
N GLY A 936 36.87 16.45 1.26
CA GLY A 936 36.03 17.21 2.18
C GLY A 936 36.81 18.13 3.11
N LEU A 937 37.83 17.57 3.76
CA LEU A 937 38.71 18.36 4.60
C LEU A 937 39.57 19.26 3.74
N SER A 938 40.01 18.77 2.58
CA SER A 938 40.77 19.58 1.60
C SER A 938 40.15 20.93 1.29
N ALA A 939 38.95 20.93 0.72
CA ALA A 939 38.20 22.15 0.45
C ALA A 939 37.94 23.00 1.71
N LYS A 940 37.67 22.32 2.83
CA LYS A 940 37.42 22.96 4.15
C LYS A 940 38.59 23.85 4.56
N ASN A 941 39.80 23.30 4.41
CA ASN A 941 41.04 24.01 4.60
C ASN A 941 41.07 25.21 3.64
N ALA A 942 41.18 24.92 2.35
CA ALA A 942 41.13 25.94 1.33
C ALA A 942 40.10 27.05 1.63
N ILE A 943 38.90 26.69 2.07
CA ILE A 943 37.84 27.67 2.30
C ILE A 943 38.16 28.58 3.48
N LEU A 944 38.65 28.02 4.57
CA LEU A 944 39.01 28.82 5.73
C LEU A 944 40.21 29.73 5.45
N ILE A 945 41.19 29.22 4.70
CA ILE A 945 42.31 30.01 4.19
C ILE A 945 41.84 31.17 3.30
N VAL A 946 41.26 30.85 2.15
CA VAL A 946 40.80 31.88 1.19
C VAL A 946 39.87 32.90 1.86
N GLU A 947 39.36 32.53 3.04
CA GLU A 947 38.50 33.39 3.86
C GLU A 947 39.32 34.32 4.74
N PHE A 948 40.23 33.74 5.51
CA PHE A 948 41.17 34.47 6.35
C PHE A 948 42.01 35.46 5.56
N ALA A 949 42.31 35.12 4.32
CA ALA A 949 43.00 35.98 3.38
C ALA A 949 42.10 37.11 2.86
N LYS A 950 40.79 36.87 2.84
CA LYS A 950 39.82 37.85 2.35
C LYS A 950 39.32 38.75 3.49
N ASP A 951 39.26 38.20 4.70
CA ASP A 951 38.84 38.97 5.89
C ASP A 951 39.80 40.16 6.10
N LEU A 952 41.00 39.86 6.58
CA LEU A 952 42.07 40.85 6.64
C LEU A 952 42.67 41.09 5.25
N MET A 953 41.84 41.65 4.37
CA MET A 953 42.27 42.18 3.06
C MET A 953 41.14 43.03 2.50
N ASP A 954 39.94 42.86 3.06
CA ASP A 954 38.78 43.66 2.68
C ASP A 954 38.33 44.48 3.88
N LYS A 955 38.69 44.01 5.06
CA LYS A 955 38.33 44.65 6.32
C LYS A 955 39.56 45.34 6.95
N GLU A 956 40.74 44.76 6.72
CA GLU A 956 42.02 45.35 7.15
C GLU A 956 42.81 45.98 6.00
N GLY A 957 42.30 45.87 4.78
CA GLY A 957 42.95 46.42 3.58
C GLY A 957 44.38 45.92 3.29
N LYS A 958 44.83 44.91 4.05
CA LYS A 958 46.20 44.42 3.97
C LYS A 958 46.62 43.92 2.58
N GLY A 959 47.76 43.24 2.53
CA GLY A 959 48.50 43.05 1.29
C GLY A 959 48.02 41.99 0.32
N LEU A 960 47.85 42.43 -0.93
CA LEU A 960 47.67 41.55 -2.10
C LEU A 960 48.35 40.17 -1.90
N ILE A 961 49.47 40.18 -1.15
CA ILE A 961 50.27 38.99 -0.78
C ILE A 961 50.50 38.88 0.74
N GLU A 962 50.45 40.02 1.45
CA GLU A 962 50.71 40.07 2.89
C GLU A 962 49.63 39.35 3.71
N ALA A 963 48.37 39.49 3.28
CA ALA A 963 47.24 38.80 3.91
C ALA A 963 47.38 37.28 3.78
N THR A 964 47.72 36.85 2.57
CA THR A 964 47.93 35.43 2.26
C THR A 964 49.05 34.81 3.11
N LEU A 965 49.98 35.64 3.59
CA LEU A 965 51.05 35.21 4.50
C LEU A 965 50.56 35.16 5.95
N ASP A 966 49.73 36.14 6.31
CA ASP A 966 49.08 36.19 7.62
C ASP A 966 47.93 35.17 7.70
N ALA A 967 47.43 34.74 6.55
CA ALA A 967 46.38 33.72 6.51
C ALA A 967 46.96 32.34 6.81
N VAL A 968 47.89 31.88 5.97
CA VAL A 968 48.53 30.57 6.15
C VAL A 968 49.34 30.49 7.46
N ARG A 969 49.62 31.65 8.06
CA ARG A 969 50.17 31.74 9.43
C ARG A 969 49.14 31.22 10.44
N MET A 970 47.96 31.81 10.40
CA MET A 970 46.90 31.51 11.35
C MET A 970 46.32 30.11 11.15
N ARG A 971 46.39 29.57 9.94
CA ARG A 971 45.75 28.28 9.66
C ARG A 971 46.64 27.08 10.00
N LEU A 972 47.93 27.17 9.68
CA LEU A 972 48.87 26.06 9.86
C LEU A 972 48.68 25.21 11.13
N ARG A 973 48.20 25.83 12.21
CA ARG A 973 48.04 25.10 13.47
C ARG A 973 46.81 24.16 13.51
N PRO A 974 45.59 24.67 13.23
CA PRO A 974 44.48 23.76 13.07
C PRO A 974 44.86 22.58 12.19
N ILE A 975 45.16 22.84 10.91
CA ILE A 975 45.56 21.81 9.96
C ILE A 975 46.31 20.71 10.71
N LEU A 976 47.50 21.05 11.19
CA LEU A 976 48.37 20.09 11.86
C LEU A 976 47.69 19.33 13.00
N MET A 977 46.98 20.03 13.88
CA MET A 977 46.30 19.38 15.01
C MET A 977 45.36 18.28 14.54
N THR A 978 44.30 18.67 13.83
CA THR A 978 43.28 17.74 13.34
C THR A 978 43.86 16.66 12.43
N SER A 979 44.83 17.07 11.61
CA SER A 979 45.38 16.21 10.59
C SER A 979 46.22 15.08 11.21
N LEU A 980 46.96 15.38 12.28
CA LEU A 980 47.67 14.34 13.03
C LEU A 980 46.67 13.47 13.77
N ALA A 981 45.62 14.10 14.29
CA ALA A 981 44.54 13.39 14.95
C ALA A 981 43.99 12.30 14.06
N PHE A 982 43.64 12.67 12.83
CA PHE A 982 43.14 11.72 11.85
C PHE A 982 44.20 10.66 11.58
N ILE A 983 45.31 11.05 10.93
CA ILE A 983 46.33 10.10 10.40
C ILE A 983 46.87 9.12 11.42
N LEU A 984 46.55 9.35 12.69
CA LEU A 984 46.77 8.36 13.72
C LEU A 984 45.54 7.47 13.86
N GLY A 985 44.54 7.93 14.61
CA GLY A 985 43.33 7.14 14.90
C GLY A 985 42.55 6.60 13.71
N VAL A 986 43.00 6.92 12.49
CA VAL A 986 42.43 6.39 11.24
C VAL A 986 43.30 5.25 10.72
N MET A 987 43.93 4.57 11.65
CA MET A 987 44.91 3.57 11.33
C MET A 987 45.24 2.76 12.60
N PRO A 988 44.24 2.56 13.50
CA PRO A 988 44.53 1.73 14.66
C PRO A 988 44.68 0.31 14.15
N LEU A 989 43.61 -0.48 14.19
CA LEU A 989 43.62 -1.76 13.49
C LEU A 989 43.28 -1.46 12.00
N VAL A 990 42.68 -0.28 11.74
CA VAL A 990 42.47 0.20 10.37
C VAL A 990 43.86 0.27 9.74
N ILE A 991 44.00 -0.34 8.56
CA ILE A 991 45.30 -0.69 7.93
C ILE A 991 46.16 -1.63 8.78
N SER A 992 45.71 -2.88 8.92
CA SER A 992 46.42 -3.95 9.63
C SER A 992 45.43 -4.78 10.42
N THR A 993 44.82 -5.77 9.77
CA THR A 993 43.84 -6.60 10.50
C THR A 993 43.88 -8.13 10.19
N GLY A 994 42.79 -8.64 9.59
CA GLY A 994 42.60 -10.08 9.33
C GLY A 994 41.42 -10.70 10.08
N ALA A 995 40.93 -9.99 11.09
CA ALA A 995 39.78 -10.43 11.90
C ALA A 995 38.51 -9.68 11.47
N GLY A 996 37.72 -10.29 10.59
CA GLY A 996 36.57 -9.63 10.00
C GLY A 996 37.02 -8.25 9.68
N SER A 997 37.87 -8.16 8.65
CA SER A 997 38.66 -6.95 8.39
C SER A 997 38.34 -6.35 7.03
N GLY A 998 39.23 -6.58 6.07
CA GLY A 998 38.99 -6.36 4.66
C GLY A 998 38.52 -4.98 4.27
N ALA A 999 37.24 -4.71 4.52
CA ALA A 999 36.65 -3.37 4.40
C ALA A 999 37.38 -2.32 5.26
N GLN A 1000 37.95 -2.77 6.37
CA GLN A 1000 38.78 -1.94 7.27
C GLN A 1000 40.00 -1.31 6.57
N ASN A 1001 40.87 -2.19 6.03
CA ASN A 1001 42.06 -1.80 5.27
C ASN A 1001 41.65 -0.94 4.06
N ALA A 1002 40.49 -1.26 3.50
CA ALA A 1002 39.95 -0.61 2.31
C ALA A 1002 39.66 0.87 2.51
N VAL A 1003 38.78 1.16 3.47
CA VAL A 1003 38.44 2.54 3.84
C VAL A 1003 39.71 3.29 4.18
N GLY A 1004 40.43 2.77 5.18
CA GLY A 1004 41.53 3.48 5.81
C GLY A 1004 42.67 3.87 4.90
N THR A 1005 43.26 2.89 4.22
CA THR A 1005 44.37 3.12 3.31
C THR A 1005 44.09 4.32 2.40
N GLY A 1006 42.91 4.33 1.78
CA GLY A 1006 42.55 5.43 0.89
C GLY A 1006 42.56 6.80 1.54
N VAL A 1007 42.23 6.84 2.84
CA VAL A 1007 42.16 8.09 3.62
C VAL A 1007 43.55 8.54 4.11
N MET A 1008 44.38 7.57 4.53
CA MET A 1008 45.74 7.80 5.05
C MET A 1008 46.61 8.56 4.05
N GLY A 1009 46.99 7.87 2.98
CA GLY A 1009 47.81 8.43 1.91
C GLY A 1009 47.21 9.67 1.29
N GLY A 1010 45.89 9.72 1.25
CA GLY A 1010 45.17 10.85 0.70
C GLY A 1010 45.22 12.04 1.63
N MET A 1011 45.21 11.76 2.92
CA MET A 1011 45.30 12.78 3.95
C MET A 1011 46.71 13.36 3.98
N VAL A 1012 47.72 12.48 4.04
CA VAL A 1012 49.13 12.88 3.95
C VAL A 1012 49.32 13.94 2.87
N THR A 1013 48.97 13.60 1.63
CA THR A 1013 49.19 14.51 0.50
C THR A 1013 48.26 15.72 0.49
N ALA A 1014 47.06 15.54 1.03
CA ALA A 1014 46.08 16.62 1.08
C ALA A 1014 46.48 17.75 2.04
N THR A 1015 47.41 17.44 2.95
CA THR A 1015 47.92 18.43 3.91
C THR A 1015 49.37 18.85 3.62
N VAL A 1016 50.29 17.87 3.70
CA VAL A 1016 51.72 18.06 3.42
C VAL A 1016 51.93 18.57 1.99
N LEU A 1017 51.01 19.44 1.52
CA LEU A 1017 50.97 19.87 0.13
C LEU A 1017 49.97 20.98 -0.19
N ALA A 1018 48.88 21.07 0.56
CA ALA A 1018 47.91 22.15 0.35
C ALA A 1018 48.34 23.41 1.10
N ILE A 1019 49.08 23.18 2.19
CA ILE A 1019 49.75 24.24 2.97
C ILE A 1019 50.65 25.12 2.12
N PHE A 1020 51.35 24.54 1.15
CA PHE A 1020 52.15 25.34 0.23
C PHE A 1020 51.30 25.88 -0.93
N PHE A 1021 50.31 25.09 -1.35
CA PHE A 1021 49.60 25.33 -2.61
C PHE A 1021 48.39 26.25 -2.56
N VAL A 1022 47.61 26.17 -1.50
CA VAL A 1022 46.42 27.03 -1.41
C VAL A 1022 46.79 28.54 -1.34
N PRO A 1023 47.90 28.88 -0.65
CA PRO A 1023 48.33 30.28 -0.70
C PRO A 1023 48.82 30.65 -2.09
N VAL A 1024 49.47 29.72 -2.79
CA VAL A 1024 49.79 29.88 -4.20
C VAL A 1024 48.51 30.07 -5.02
N PHE A 1025 47.50 29.26 -4.72
CA PHE A 1025 46.22 29.29 -5.43
C PHE A 1025 45.51 30.64 -5.26
N PHE A 1026 45.52 31.18 -4.04
CA PHE A 1026 44.84 32.45 -3.78
C PHE A 1026 45.49 33.64 -4.46
N VAL A 1027 46.80 33.52 -4.68
CA VAL A 1027 47.55 34.58 -5.33
C VAL A 1027 47.50 34.41 -6.85
N VAL A 1028 47.70 33.18 -7.36
CA VAL A 1028 47.62 32.93 -8.81
C VAL A 1028 46.25 33.37 -9.36
N VAL A 1029 45.18 33.07 -8.62
CA VAL A 1029 43.87 33.70 -8.86
C VAL A 1029 43.87 35.06 -8.15
N ARG A 1030 42.92 35.93 -8.49
CA ARG A 1030 42.96 37.36 -8.16
C ARG A 1030 43.74 38.11 -9.25
N ARG A 1031 45.03 37.79 -9.37
CA ARG A 1031 45.92 38.45 -10.33
C ARG A 1031 45.49 38.29 -11.80
N ARG A 1032 44.89 37.14 -12.13
CA ARG A 1032 44.35 36.91 -13.48
C ARG A 1032 43.08 37.72 -13.74
N PHE A 1033 42.36 38.06 -12.67
CA PHE A 1033 41.10 38.79 -12.80
C PHE A 1033 41.23 40.20 -12.24
N SER A 1034 41.00 41.19 -13.11
CA SER A 1034 41.41 42.59 -12.94
C SER A 1034 42.65 42.93 -13.82
N ARG A 1035 43.02 41.97 -14.69
CA ARG A 1035 44.14 42.11 -15.65
C ARG A 1035 43.71 41.58 -17.04
N LYS A 1036 43.91 42.42 -18.06
CA LYS A 1036 43.46 42.13 -19.43
C LYS A 1036 43.67 43.36 -20.31
N MET B 1 7.67 40.11 18.82
CA MET B 1 7.00 40.91 19.89
C MET B 1 5.80 41.75 19.36
N PRO B 2 4.79 42.02 20.22
CA PRO B 2 3.58 42.77 19.83
C PRO B 2 3.88 44.22 19.50
N ASN B 3 3.26 45.13 20.25
CA ASN B 3 3.46 46.59 20.19
C ASN B 3 3.10 47.19 18.84
N PHE B 4 3.67 46.61 17.76
CA PHE B 4 3.04 46.58 16.43
C PHE B 4 1.63 46.12 16.73
N PHE B 5 0.67 46.44 15.87
CA PHE B 5 -0.72 46.05 16.09
C PHE B 5 -1.45 47.02 17.02
N ILE B 6 -0.77 47.53 18.05
CA ILE B 6 -1.36 48.58 18.89
C ILE B 6 -1.48 49.85 18.03
N ASP B 7 -0.44 50.13 17.24
CA ASP B 7 -0.51 51.18 16.22
C ASP B 7 -1.35 50.71 15.01
N ARG B 8 -1.65 49.40 14.98
CA ARG B 8 -2.33 48.75 13.85
C ARG B 8 -3.47 47.82 14.29
N PRO B 9 -4.51 48.34 15.00
CA PRO B 9 -5.51 47.42 15.58
C PRO B 9 -6.46 46.77 14.56
N ILE B 10 -6.46 47.29 13.33
CA ILE B 10 -7.22 46.67 12.24
C ILE B 10 -6.49 45.39 11.76
N PHE B 11 -5.21 45.49 11.40
CA PHE B 11 -4.41 44.31 10.98
C PHE B 11 -4.47 43.19 12.03
N ALA B 12 -4.49 43.57 13.31
CA ALA B 12 -4.60 42.62 14.42
C ALA B 12 -5.99 42.00 14.53
N TRP B 13 -7.02 42.82 14.31
CA TRP B 13 -8.40 42.34 14.35
C TRP B 13 -8.62 41.41 13.15
N VAL B 14 -7.93 41.70 12.04
CA VAL B 14 -8.03 40.91 10.80
C VAL B 14 -7.55 39.48 10.98
N ILE B 15 -6.37 39.29 11.57
CA ILE B 15 -5.87 37.96 11.88
C ILE B 15 -6.93 37.18 12.63
N ALA B 16 -7.43 37.76 13.73
CA ALA B 16 -8.45 37.16 14.59
C ALA B 16 -9.76 36.81 13.87
N ILE B 17 -9.98 37.39 12.69
CA ILE B 17 -11.17 37.07 11.90
C ILE B 17 -10.94 35.86 10.97
N ILE B 18 -9.84 35.90 10.22
CA ILE B 18 -9.39 34.79 9.35
C ILE B 18 -9.26 33.47 10.12
N ILE B 19 -8.48 33.47 11.19
CA ILE B 19 -8.35 32.29 12.03
C ILE B 19 -9.74 31.76 12.44
N MET B 20 -10.68 32.68 12.62
CA MET B 20 -12.03 32.30 13.00
C MET B 20 -12.86 31.88 11.82
N LEU B 21 -12.53 32.42 10.66
CA LEU B 21 -13.24 32.10 9.44
C LEU B 21 -12.79 30.75 8.92
N ALA B 22 -11.47 30.52 8.95
CA ALA B 22 -10.86 29.26 8.54
C ALA B 22 -11.56 28.08 9.22
N GLY B 23 -11.14 27.72 10.43
CA GLY B 23 -11.91 26.77 11.23
C GLY B 23 -13.29 27.38 11.38
N GLY B 24 -14.30 26.55 11.56
CA GLY B 24 -15.67 27.04 11.52
C GLY B 24 -16.26 26.62 10.20
N LEU B 25 -15.60 26.99 9.10
CA LEU B 25 -15.82 26.30 7.84
C LEU B 25 -15.36 24.86 8.04
N ALA B 26 -14.24 24.71 8.73
CA ALA B 26 -13.76 23.40 9.10
C ALA B 26 -14.86 22.66 9.82
N ILE B 27 -15.53 23.31 10.78
CA ILE B 27 -16.53 22.56 11.56
C ILE B 27 -17.62 21.94 10.69
N LEU B 28 -17.84 22.50 9.50
CA LEU B 28 -18.86 21.92 8.62
C LEU B 28 -18.35 20.89 7.58
N LYS B 29 -17.09 20.43 7.74
CA LYS B 29 -16.51 19.38 6.85
C LYS B 29 -15.69 18.34 7.61
N LEU B 30 -15.44 18.62 8.89
CA LEU B 30 -14.70 17.70 9.76
C LEU B 30 -15.55 16.51 10.10
N PRO B 31 -15.03 15.30 9.85
CA PRO B 31 -15.75 14.09 10.22
C PRO B 31 -16.13 14.11 11.71
N VAL B 32 -17.30 13.56 12.04
CA VAL B 32 -17.76 13.46 13.42
C VAL B 32 -17.86 12.00 13.83
N ALA B 33 -17.72 11.73 15.13
CA ALA B 33 -18.01 10.43 15.71
C ALA B 33 -17.60 10.43 17.18
N GLN B 34 -17.68 9.27 17.83
CA GLN B 34 -17.29 9.18 19.23
C GLN B 34 -15.79 9.12 19.43
N TYR B 35 -15.21 8.01 19.00
CA TYR B 35 -13.80 7.74 19.11
C TYR B 35 -13.21 7.72 17.72
N PRO B 36 -11.95 8.16 17.58
CA PRO B 36 -11.22 7.96 16.32
C PRO B 36 -10.78 6.48 16.18
N THR B 37 -9.97 6.16 15.17
CA THR B 37 -9.47 4.79 15.02
C THR B 37 -8.62 4.40 16.26
N ILE B 38 -9.20 3.56 17.14
CA ILE B 38 -8.65 3.31 18.47
C ILE B 38 -8.07 1.92 18.66
N ALA B 39 -8.84 0.89 18.33
CA ALA B 39 -8.47 -0.48 18.56
C ALA B 39 -7.51 -0.98 17.48
N PRO B 40 -6.55 -1.86 17.86
CA PRO B 40 -5.67 -2.48 16.88
C PRO B 40 -6.49 -3.21 15.82
N PRO B 41 -6.03 -3.17 14.54
CA PRO B 41 -6.77 -3.81 13.49
C PRO B 41 -6.56 -5.31 13.49
N ALA B 42 -7.55 -6.02 12.97
CA ALA B 42 -7.44 -7.45 12.96
C ALA B 42 -7.77 -8.00 11.58
N VAL B 43 -7.23 -9.18 11.28
CA VAL B 43 -7.55 -9.96 10.08
C VAL B 43 -7.91 -11.39 10.50
N THR B 44 -8.97 -11.92 9.89
CA THR B 44 -9.53 -13.20 10.26
C THR B 44 -9.58 -14.13 9.05
N ILE B 45 -9.02 -15.32 9.23
CA ILE B 45 -9.04 -16.35 8.20
C ILE B 45 -10.16 -17.28 8.59
N SER B 46 -11.07 -17.55 7.65
CA SER B 46 -12.17 -18.49 7.85
C SER B 46 -12.05 -19.67 6.92
N ALA B 47 -12.01 -20.88 7.49
CA ALA B 47 -11.95 -22.11 6.71
C ALA B 47 -13.14 -22.96 7.09
N SER B 48 -13.43 -23.97 6.27
CA SER B 48 -14.57 -24.86 6.49
C SER B 48 -14.31 -26.26 5.91
N TYR B 49 -14.13 -27.26 6.79
CA TYR B 49 -13.99 -28.69 6.42
C TYR B 49 -15.26 -29.46 6.80
N PRO B 50 -16.32 -29.35 5.99
CA PRO B 50 -17.62 -29.84 6.45
C PRO B 50 -17.56 -31.28 6.94
N GLY B 51 -18.31 -31.57 8.01
CA GLY B 51 -18.43 -32.94 8.54
C GLY B 51 -17.38 -33.42 9.52
N ALA B 52 -16.21 -32.81 9.49
CA ALA B 52 -15.16 -33.16 10.44
C ALA B 52 -15.35 -32.38 11.74
N ASP B 53 -14.40 -32.54 12.67
CA ASP B 53 -14.61 -32.25 14.07
C ASP B 53 -13.29 -32.00 14.76
N ALA B 54 -13.18 -30.82 15.36
CA ALA B 54 -12.01 -30.39 16.14
C ALA B 54 -10.76 -31.19 15.83
N LYS B 55 -10.45 -32.20 16.63
CA LYS B 55 -9.18 -32.88 16.45
C LYS B 55 -8.98 -33.39 15.02
N THR B 56 -10.02 -33.40 14.18
CA THR B 56 -9.86 -33.74 12.76
C THR B 56 -9.79 -32.51 11.84
N VAL B 57 -9.97 -31.32 12.41
CA VAL B 57 -9.73 -30.07 11.68
C VAL B 57 -8.61 -29.28 12.34
N GLN B 58 -8.66 -29.09 13.66
CA GLN B 58 -7.56 -28.42 14.33
C GLN B 58 -6.25 -29.02 13.85
N ASP B 59 -6.24 -30.34 13.70
CA ASP B 59 -5.07 -31.05 13.19
C ASP B 59 -4.84 -30.71 11.73
N THR B 60 -5.91 -30.82 10.95
CA THR B 60 -5.89 -30.89 9.48
C THR B 60 -5.81 -29.54 8.76
N VAL B 61 -6.45 -28.53 9.34
CA VAL B 61 -6.51 -27.20 8.73
C VAL B 61 -5.86 -26.12 9.64
N THR B 62 -6.47 -25.83 10.80
CA THR B 62 -5.97 -24.82 11.76
C THR B 62 -4.46 -24.80 12.02
N GLN B 63 -3.83 -25.97 12.15
CA GLN B 63 -2.38 -26.04 12.27
C GLN B 63 -1.79 -25.48 11.01
N VAL B 64 -1.94 -26.24 9.93
CA VAL B 64 -1.35 -25.88 8.64
C VAL B 64 -1.35 -24.37 8.40
N ILE B 65 -2.51 -23.73 8.58
CA ILE B 65 -2.60 -22.29 8.43
C ILE B 65 -1.75 -21.55 9.45
N GLU B 66 -1.78 -22.03 10.69
CA GLU B 66 -1.14 -21.36 11.80
C GLU B 66 0.38 -21.45 11.72
N GLN B 67 0.84 -22.60 11.24
CA GLN B 67 2.26 -22.89 11.01
C GLN B 67 2.87 -21.75 10.18
N ASN B 68 2.07 -21.29 9.23
CA ASN B 68 2.47 -20.35 8.22
C ASN B 68 2.28 -18.87 8.55
N MET B 69 1.63 -18.58 9.68
CA MET B 69 1.46 -17.18 10.13
C MET B 69 2.70 -16.68 10.88
N ASN B 70 3.85 -17.05 10.31
CA ASN B 70 5.12 -16.66 10.87
C ASN B 70 5.67 -15.42 10.19
N GLY B 71 5.96 -14.41 11.01
CA GLY B 71 6.62 -13.17 10.55
C GLY B 71 5.85 -12.39 9.50
N ILE B 72 4.87 -11.65 9.99
CA ILE B 72 4.09 -10.71 9.23
C ILE B 72 4.17 -9.47 10.11
N ASP B 73 4.74 -8.39 9.57
CA ASP B 73 5.06 -7.15 10.32
C ASP B 73 3.97 -6.72 11.29
N ASN B 74 4.38 -6.18 12.43
CA ASN B 74 3.45 -5.66 13.41
C ASN B 74 2.43 -6.66 13.93
N LEU B 75 2.74 -7.94 13.86
CA LEU B 75 1.86 -8.94 14.46
C LEU B 75 1.87 -8.70 15.94
N MET B 76 0.72 -8.83 16.58
CA MET B 76 0.67 -8.58 18.02
C MET B 76 0.27 -9.84 18.76
N TYR B 77 -0.69 -10.57 18.18
CA TYR B 77 -1.18 -11.81 18.76
C TYR B 77 -2.24 -12.45 17.88
N MET B 78 -2.16 -13.77 17.80
CA MET B 78 -3.02 -14.56 16.93
C MET B 78 -3.88 -15.44 17.83
N SER B 79 -5.11 -15.70 17.42
CA SER B 79 -5.95 -16.64 18.15
C SER B 79 -6.92 -17.37 17.23
N SER B 80 -7.06 -18.67 17.48
CA SER B 80 -7.85 -19.52 16.63
C SER B 80 -8.71 -20.55 17.39
N ASN B 81 -9.76 -20.98 16.72
CA ASN B 81 -10.59 -22.06 17.21
C ASN B 81 -11.07 -22.94 16.04
N SER B 82 -10.89 -24.24 16.22
CA SER B 82 -11.48 -25.20 15.32
C SER B 82 -12.96 -25.31 15.67
N ASP B 83 -13.65 -26.30 15.13
CA ASP B 83 -15.05 -26.49 15.45
C ASP B 83 -15.39 -27.93 15.77
N SER B 84 -16.68 -28.27 15.68
CA SER B 84 -17.20 -29.62 15.86
C SER B 84 -18.08 -29.91 14.65
N THR B 85 -18.04 -28.96 13.72
CA THR B 85 -18.85 -28.94 12.53
C THR B 85 -17.95 -28.62 11.37
N GLY B 86 -16.65 -28.52 11.65
CA GLY B 86 -15.64 -28.15 10.63
C GLY B 86 -15.80 -26.69 10.25
N THR B 87 -15.02 -25.83 10.91
CA THR B 87 -15.19 -24.38 10.79
C THR B 87 -14.04 -23.72 11.54
N VAL B 88 -13.20 -23.00 10.81
CA VAL B 88 -12.04 -22.35 11.44
C VAL B 88 -12.03 -20.84 11.39
N GLN B 89 -11.54 -20.26 12.47
CA GLN B 89 -11.43 -18.83 12.59
C GLN B 89 -10.06 -18.49 13.17
N ILE B 90 -9.10 -18.25 12.30
CA ILE B 90 -7.84 -17.74 12.75
C ILE B 90 -8.01 -16.23 12.72
N THR B 91 -7.67 -15.56 13.81
CA THR B 91 -7.62 -14.11 13.84
C THR B 91 -6.24 -13.59 14.24
N LEU B 92 -5.74 -12.67 13.41
CA LEU B 92 -4.48 -11.99 13.67
C LEU B 92 -4.74 -10.53 14.00
N THR B 93 -4.34 -10.13 15.20
CA THR B 93 -4.52 -8.74 15.64
C THR B 93 -3.18 -8.07 15.54
N PHE B 94 -3.16 -6.92 14.88
CA PHE B 94 -1.91 -6.23 14.64
C PHE B 94 -1.77 -5.01 15.56
N GLU B 95 -0.55 -4.49 15.69
CA GLU B 95 -0.27 -3.32 16.53
C GLU B 95 -1.03 -2.05 16.15
N SER B 96 -1.68 -1.42 17.13
CA SER B 96 -2.36 -0.17 16.87
C SER B 96 -1.42 0.71 16.06
N GLY B 97 -1.92 1.25 14.97
CA GLY B 97 -1.06 1.97 14.02
C GLY B 97 -0.92 1.24 12.69
N THR B 98 -0.47 -0.03 12.76
CA THR B 98 -0.30 -0.87 11.56
C THR B 98 -1.42 -0.72 10.50
N ASP B 99 -1.03 -0.82 9.22
CA ASP B 99 -1.95 -0.68 8.06
C ASP B 99 -2.73 -1.97 7.75
N ALA B 100 -4.03 -1.89 7.93
CA ALA B 100 -4.86 -3.07 7.85
C ALA B 100 -4.82 -3.72 6.47
N ASP B 101 -4.77 -2.91 5.42
CA ASP B 101 -4.68 -3.40 4.06
C ASP B 101 -3.37 -4.09 3.74
N ILE B 102 -2.28 -3.63 4.34
CA ILE B 102 -1.00 -4.28 4.16
C ILE B 102 -1.05 -5.57 4.92
N ALA B 103 -1.52 -5.47 6.17
CA ALA B 103 -1.70 -6.62 7.05
C ALA B 103 -2.56 -7.68 6.37
N GLN B 104 -3.69 -7.24 5.80
CA GLN B 104 -4.51 -8.13 4.97
C GLN B 104 -3.62 -8.90 4.00
N VAL B 105 -2.78 -8.17 3.26
CA VAL B 105 -1.95 -8.72 2.18
C VAL B 105 -0.92 -9.74 2.66
N GLN B 106 -0.08 -9.37 3.63
CA GLN B 106 0.89 -10.33 4.15
C GLN B 106 0.16 -11.58 4.64
N VAL B 107 -0.97 -11.40 5.32
CA VAL B 107 -1.75 -12.51 5.80
C VAL B 107 -2.17 -13.38 4.61
N GLN B 108 -2.70 -12.74 3.54
CA GLN B 108 -3.09 -13.46 2.33
C GLN B 108 -1.87 -14.05 1.64
N ASN B 109 -0.73 -13.37 1.71
CA ASN B 109 0.43 -13.96 1.08
C ASN B 109 0.91 -15.27 1.74
N LYS B 110 0.81 -15.35 3.07
CA LYS B 110 1.27 -16.51 3.81
C LYS B 110 0.27 -17.64 3.75
N LEU B 111 -1.01 -17.26 3.75
CA LEU B 111 -2.11 -18.19 3.61
C LEU B 111 -1.94 -19.02 2.35
N GLN B 112 -1.21 -18.50 1.37
CA GLN B 112 -1.14 -19.19 0.08
C GLN B 112 -0.25 -20.39 0.23
N LEU B 113 0.78 -20.23 1.06
CA LEU B 113 1.76 -21.28 1.26
C LEU B 113 1.13 -22.47 1.97
N ALA B 114 0.06 -22.24 2.72
CA ALA B 114 -0.66 -23.34 3.33
C ALA B 114 -1.66 -24.00 2.34
N MET B 115 -2.47 -23.19 1.68
CA MET B 115 -3.48 -23.67 0.74
C MET B 115 -3.20 -24.99 0.03
N PRO B 116 -2.04 -25.13 -0.66
CA PRO B 116 -1.74 -26.42 -1.26
C PRO B 116 -1.87 -27.61 -0.31
N LEU B 117 -1.37 -27.46 0.91
CA LEU B 117 -1.45 -28.52 1.93
C LEU B 117 -2.82 -28.71 2.61
N LEU B 118 -3.83 -27.94 2.23
CA LEU B 118 -5.14 -28.10 2.87
C LEU B 118 -6.00 -29.17 2.18
N PRO B 119 -6.78 -29.95 2.98
CA PRO B 119 -7.70 -30.91 2.38
C PRO B 119 -8.37 -30.28 1.18
N GLN B 120 -8.20 -30.92 0.03
CA GLN B 120 -8.74 -30.45 -1.24
C GLN B 120 -10.27 -30.52 -1.23
N GLU B 121 -10.84 -30.29 -0.05
CA GLU B 121 -12.29 -30.14 0.14
C GLU B 121 -12.55 -28.84 0.87
N VAL B 122 -11.62 -28.48 1.76
CA VAL B 122 -11.63 -27.17 2.38
C VAL B 122 -11.40 -26.15 1.28
N GLN B 123 -10.39 -26.46 0.44
CA GLN B 123 -10.03 -25.67 -0.73
C GLN B 123 -11.27 -25.56 -1.59
N GLN B 124 -11.87 -26.70 -1.90
CA GLN B 124 -13.02 -26.78 -2.80
C GLN B 124 -14.21 -25.86 -2.45
N GLN B 125 -14.01 -24.95 -1.50
CA GLN B 125 -15.13 -24.29 -0.88
C GLN B 125 -14.72 -22.98 -0.21
N GLY B 126 -14.19 -23.07 1.01
CA GLY B 126 -13.95 -21.89 1.83
C GLY B 126 -12.64 -21.15 1.63
N VAL B 127 -11.89 -21.03 2.73
CA VAL B 127 -10.68 -20.15 2.87
C VAL B 127 -10.87 -18.68 2.47
N SER B 128 -11.15 -17.84 3.46
CA SER B 128 -11.29 -16.40 3.27
C SER B 128 -10.41 -15.63 4.26
N VAL B 129 -9.70 -14.66 3.73
CA VAL B 129 -8.92 -13.73 4.54
C VAL B 129 -9.46 -12.32 4.42
N GLU B 130 -9.98 -11.79 5.52
CA GLU B 130 -10.46 -10.41 5.52
C GLU B 130 -10.34 -9.69 6.84
N LYS B 131 -10.37 -8.36 6.74
CA LYS B 131 -10.18 -7.44 7.84
C LYS B 131 -11.35 -7.56 8.81
N SER B 132 -11.17 -8.34 9.86
CA SER B 132 -12.23 -8.58 10.81
C SER B 132 -12.35 -7.44 11.79
N SER B 133 -13.58 -7.25 12.28
CA SER B 133 -13.86 -6.48 13.48
C SER B 133 -14.30 -7.49 14.53
N SER B 134 -15.25 -7.11 15.40
CA SER B 134 -15.79 -8.04 16.42
C SER B 134 -17.19 -7.71 16.92
N SER B 135 -17.62 -6.47 16.66
CA SER B 135 -18.86 -5.96 17.22
C SER B 135 -19.74 -5.44 16.11
N PHE B 136 -20.98 -5.93 16.10
CA PHE B 136 -21.99 -5.41 15.21
C PHE B 136 -22.20 -3.90 15.49
N LEU B 137 -22.15 -3.08 14.44
CA LEU B 137 -22.44 -1.67 14.57
C LEU B 137 -23.94 -1.49 14.80
N MET B 138 -24.76 -2.32 14.17
CA MET B 138 -26.21 -2.26 14.30
C MET B 138 -26.88 -3.59 13.89
N VAL B 139 -28.20 -3.73 14.08
CA VAL B 139 -28.83 -5.02 13.80
C VAL B 139 -30.14 -4.94 13.01
N VAL B 140 -30.26 -4.01 12.07
CA VAL B 140 -31.52 -3.88 11.33
C VAL B 140 -32.21 -5.22 11.10
N GLY B 141 -33.30 -5.42 11.86
CA GLY B 141 -34.14 -6.60 11.80
C GLY B 141 -35.33 -6.33 10.89
N VAL B 142 -36.06 -7.39 10.57
CA VAL B 142 -37.17 -7.30 9.61
C VAL B 142 -38.30 -8.29 9.93
N ILE B 143 -39.52 -7.73 10.10
CA ILE B 143 -40.77 -8.51 10.40
C ILE B 143 -41.92 -8.37 9.37
N ASN B 144 -42.95 -9.18 9.60
CA ASN B 144 -44.17 -9.08 8.83
C ASN B 144 -45.36 -8.76 9.76
N THR B 145 -46.20 -7.80 9.34
CA THR B 145 -47.32 -7.33 10.16
C THR B 145 -48.56 -8.26 10.08
N ASP B 146 -48.66 -9.08 9.03
CA ASP B 146 -49.91 -9.81 8.76
C ASP B 146 -49.80 -11.17 8.08
N GLY B 147 -49.17 -12.12 8.76
CA GLY B 147 -49.14 -13.53 8.33
C GLY B 147 -48.90 -13.90 6.87
N THR B 148 -48.91 -12.92 5.95
CA THR B 148 -48.55 -13.20 4.53
C THR B 148 -47.10 -13.71 4.42
N MET B 149 -46.37 -13.62 5.54
CA MET B 149 -44.97 -14.04 5.61
C MET B 149 -44.65 -14.75 6.90
N THR B 150 -43.61 -15.57 6.86
CA THR B 150 -43.19 -16.38 7.99
C THR B 150 -41.67 -16.36 8.13
N GLN B 151 -41.16 -16.95 9.21
CA GLN B 151 -39.71 -17.03 9.44
C GLN B 151 -38.97 -17.28 8.12
N GLU B 152 -39.22 -18.44 7.54
CA GLU B 152 -38.57 -18.87 6.28
C GLU B 152 -38.88 -17.93 5.11
N ASP B 153 -40.10 -17.38 5.10
CA ASP B 153 -40.53 -16.48 4.06
C ASP B 153 -39.68 -15.22 4.07
N ILE B 154 -39.59 -14.57 5.23
CA ILE B 154 -38.91 -13.28 5.34
C ILE B 154 -37.41 -13.50 5.35
N SER B 155 -37.01 -14.47 6.15
CA SER B 155 -35.62 -14.78 6.35
C SER B 155 -35.00 -15.12 5.02
N ASP B 156 -35.81 -15.18 3.98
CA ASP B 156 -35.30 -15.32 2.64
C ASP B 156 -35.52 -14.05 1.85
N TYR B 157 -36.57 -13.29 2.18
CA TYR B 157 -36.71 -12.01 1.50
C TYR B 157 -35.38 -11.27 1.73
N VAL B 158 -35.13 -10.88 2.98
CA VAL B 158 -33.86 -10.23 3.37
C VAL B 158 -32.64 -10.92 2.77
N ALA B 159 -32.68 -12.24 2.65
CA ALA B 159 -31.52 -13.00 2.19
C ALA B 159 -31.21 -12.69 0.75
N ALA B 160 -32.26 -12.61 -0.05
CA ALA B 160 -32.11 -12.62 -1.48
C ALA B 160 -32.61 -11.35 -2.12
N ASN B 161 -32.97 -10.36 -1.30
CA ASN B 161 -33.53 -9.09 -1.82
C ASN B 161 -32.81 -7.87 -1.29
N MET B 162 -32.33 -7.98 -0.06
CA MET B 162 -31.68 -6.85 0.60
C MET B 162 -30.24 -7.04 1.12
N LYS B 163 -29.84 -8.28 1.43
CA LYS B 163 -28.48 -8.51 1.94
C LYS B 163 -27.39 -8.06 0.96
N ASP B 164 -27.34 -8.67 -0.23
CA ASP B 164 -26.30 -8.32 -1.22
C ASP B 164 -25.99 -6.83 -1.35
N ALA B 165 -27.01 -5.97 -1.45
CA ALA B 165 -26.78 -4.52 -1.51
C ALA B 165 -26.38 -3.88 -0.19
N ILE B 166 -26.89 -4.36 0.94
CA ILE B 166 -26.41 -3.83 2.21
C ILE B 166 -24.96 -4.23 2.30
N SER B 167 -24.68 -5.53 2.11
CA SER B 167 -23.31 -6.07 2.22
C SER B 167 -22.33 -5.43 1.23
N ARG B 168 -22.77 -4.37 0.57
CA ARG B 168 -22.02 -3.76 -0.51
C ARG B 168 -22.07 -2.24 -0.43
N THR B 169 -22.70 -1.71 0.63
CA THR B 169 -22.85 -0.24 0.82
C THR B 169 -21.69 0.42 1.58
N SER B 170 -21.52 1.73 1.36
CA SER B 170 -20.37 2.46 1.89
C SER B 170 -20.17 2.27 3.38
N GLY B 171 -18.91 2.10 3.78
CA GLY B 171 -18.51 1.85 5.16
C GLY B 171 -18.87 0.51 5.80
N VAL B 172 -19.54 -0.38 5.06
CA VAL B 172 -20.08 -1.60 5.64
C VAL B 172 -19.07 -2.74 5.74
N GLY B 173 -18.85 -3.24 6.95
CA GLY B 173 -18.00 -4.41 7.12
C GLY B 173 -18.62 -5.71 6.63
N ASP B 174 -18.50 -6.77 7.44
CA ASP B 174 -19.14 -8.05 7.15
C ASP B 174 -20.66 -7.89 7.32
N VAL B 175 -21.45 -8.95 7.07
CA VAL B 175 -22.91 -8.91 7.31
C VAL B 175 -23.51 -10.27 7.73
N GLN B 176 -23.77 -10.45 9.02
CA GLN B 176 -24.28 -11.73 9.52
C GLN B 176 -25.77 -11.73 9.34
N LEU B 177 -26.28 -12.74 8.63
CA LEU B 177 -27.71 -12.81 8.31
C LEU B 177 -28.37 -13.78 9.27
N PHE B 178 -29.36 -13.26 9.98
CA PHE B 178 -30.04 -14.03 11.02
C PHE B 178 -31.18 -14.82 10.43
N GLY B 179 -30.83 -16.06 10.12
CA GLY B 179 -31.66 -16.93 9.32
C GLY B 179 -30.90 -17.35 8.06
N SER B 180 -31.68 -17.81 7.07
CA SER B 180 -31.16 -18.48 5.89
C SER B 180 -31.99 -18.32 4.64
N GLN B 181 -31.28 -18.05 3.56
CA GLN B 181 -31.85 -17.86 2.24
C GLN B 181 -32.54 -19.12 1.76
N TYR B 182 -33.36 -18.99 0.71
CA TYR B 182 -34.11 -20.15 0.18
C TYR B 182 -33.27 -21.17 -0.59
N ALA B 183 -33.63 -22.44 -0.43
CA ALA B 183 -32.98 -23.51 -1.14
C ALA B 183 -34.02 -24.52 -1.60
N MET B 184 -33.86 -25.08 -2.80
CA MET B 184 -34.72 -26.17 -3.20
C MET B 184 -34.51 -27.35 -2.27
N ARG B 185 -35.55 -27.75 -1.56
CA ARG B 185 -35.37 -28.74 -0.51
C ARG B 185 -36.00 -30.08 -0.78
N ILE B 186 -35.14 -31.08 -0.98
CA ILE B 186 -35.60 -32.45 -1.07
C ILE B 186 -35.32 -33.12 0.29
N TRP B 187 -36.42 -33.57 0.90
CA TRP B 187 -36.42 -34.25 2.21
C TRP B 187 -36.72 -35.71 1.96
N MET B 188 -35.70 -36.55 2.02
CA MET B 188 -35.85 -37.92 1.56
C MET B 188 -36.59 -38.81 2.57
N ASN B 189 -37.34 -39.77 2.00
CA ASN B 189 -38.06 -40.83 2.72
C ASN B 189 -37.48 -42.20 2.42
N PRO B 190 -36.91 -42.88 3.43
CA PRO B 190 -36.22 -44.15 3.18
C PRO B 190 -37.18 -45.29 2.87
N ASN B 191 -38.29 -45.35 3.62
CA ASN B 191 -39.32 -46.35 3.41
C ASN B 191 -39.87 -46.29 2.00
N GLU B 192 -40.33 -45.10 1.56
CA GLU B 192 -40.77 -44.92 0.17
C GLU B 192 -39.60 -45.24 -0.77
N LEU B 193 -38.37 -44.96 -0.33
CA LEU B 193 -37.20 -45.23 -1.17
C LEU B 193 -37.01 -46.71 -1.32
N ASN B 194 -36.56 -47.33 -0.22
CA ASN B 194 -36.21 -48.73 -0.16
C ASN B 194 -37.26 -49.62 -0.81
N LYS B 195 -38.51 -49.13 -0.77
CA LYS B 195 -39.64 -49.72 -1.47
C LYS B 195 -39.39 -49.85 -2.98
N PHE B 196 -39.08 -48.75 -3.66
CA PHE B 196 -38.85 -48.78 -5.11
C PHE B 196 -37.41 -49.16 -5.50
N GLN B 197 -36.64 -49.64 -4.52
CA GLN B 197 -35.26 -50.11 -4.73
C GLN B 197 -34.31 -48.97 -5.10
N LEU B 198 -34.31 -47.91 -4.29
CA LEU B 198 -33.45 -46.76 -4.59
C LEU B 198 -32.62 -46.21 -3.41
N THR B 199 -31.41 -45.77 -3.76
CA THR B 199 -30.48 -45.06 -2.87
C THR B 199 -30.48 -43.56 -3.21
N PRO B 200 -30.21 -42.68 -2.20
CA PRO B 200 -30.11 -41.23 -2.41
C PRO B 200 -29.18 -40.84 -3.56
N VAL B 201 -28.14 -41.65 -3.77
CA VAL B 201 -27.31 -41.57 -4.97
C VAL B 201 -28.24 -41.36 -6.15
N ASP B 202 -29.03 -42.39 -6.45
CA ASP B 202 -29.99 -42.39 -7.55
C ASP B 202 -30.66 -41.04 -7.71
N VAL B 203 -31.02 -40.44 -6.57
CA VAL B 203 -31.67 -39.13 -6.52
C VAL B 203 -30.71 -38.00 -6.96
N ILE B 204 -29.64 -37.82 -6.18
CA ILE B 204 -28.56 -36.89 -6.52
C ILE B 204 -28.22 -37.01 -8.02
N THR B 205 -28.09 -38.25 -8.51
CA THR B 205 -27.78 -38.47 -9.92
C THR B 205 -28.85 -37.83 -10.77
N ALA B 206 -30.09 -38.19 -10.47
CA ALA B 206 -31.22 -37.77 -11.24
C ALA B 206 -31.32 -36.25 -11.30
N ILE B 207 -31.11 -35.61 -10.16
CA ILE B 207 -31.15 -34.15 -10.04
C ILE B 207 -30.03 -33.52 -10.88
N LYS B 208 -28.82 -34.03 -10.65
CA LYS B 208 -27.64 -33.62 -11.38
C LYS B 208 -27.91 -33.77 -12.87
N ALA B 209 -28.76 -34.71 -13.23
CA ALA B 209 -29.03 -34.94 -14.64
C ALA B 209 -30.25 -34.18 -15.22
N GLN B 210 -31.27 -33.91 -14.39
CA GLN B 210 -32.52 -33.40 -14.92
C GLN B 210 -32.67 -31.91 -14.67
N ASN B 211 -31.95 -31.43 -13.67
CA ASN B 211 -31.79 -30.00 -13.49
C ASN B 211 -30.36 -29.55 -13.74
N ALA B 212 -30.13 -28.88 -14.87
CA ALA B 212 -28.80 -28.41 -15.22
C ALA B 212 -28.83 -27.69 -16.54
N GLN B 213 -28.02 -26.64 -16.66
CA GLN B 213 -28.01 -25.72 -17.82
C GLN B 213 -26.95 -26.21 -18.79
N VAL B 214 -27.27 -26.34 -20.07
CA VAL B 214 -26.31 -26.91 -21.02
C VAL B 214 -25.94 -25.97 -22.17
N ALA B 215 -24.63 -25.76 -22.40
CA ALA B 215 -24.20 -25.00 -23.57
C ALA B 215 -24.45 -25.78 -24.88
N ALA B 216 -24.40 -25.10 -26.03
CA ALA B 216 -24.77 -25.71 -27.34
C ALA B 216 -24.52 -24.85 -28.58
N GLY B 217 -23.49 -24.03 -28.60
CA GLY B 217 -23.06 -23.39 -29.84
C GLY B 217 -24.13 -22.66 -30.60
N GLN B 218 -23.91 -22.38 -31.88
CA GLN B 218 -24.90 -21.65 -32.69
C GLN B 218 -24.91 -21.99 -34.17
N LEU B 219 -26.08 -21.80 -34.80
CA LEU B 219 -26.22 -21.83 -36.25
C LEU B 219 -25.53 -20.62 -36.85
N GLY B 220 -24.80 -20.83 -37.94
CA GLY B 220 -24.08 -19.72 -38.55
C GLY B 220 -22.86 -19.46 -37.69
N GLY B 221 -22.25 -20.53 -37.23
CA GLY B 221 -21.14 -20.48 -36.30
C GLY B 221 -19.87 -19.71 -36.66
N THR B 222 -19.12 -19.48 -35.58
CA THR B 222 -17.88 -18.70 -35.45
C THR B 222 -17.21 -18.36 -36.73
N PRO B 223 -16.67 -19.39 -37.46
CA PRO B 223 -16.29 -19.37 -38.89
C PRO B 223 -17.39 -20.05 -39.74
N PRO B 224 -18.00 -19.27 -40.66
CA PRO B 224 -19.11 -19.74 -41.45
C PRO B 224 -18.74 -20.06 -42.90
N VAL B 225 -19.59 -20.86 -43.57
CA VAL B 225 -19.40 -21.24 -44.98
C VAL B 225 -19.74 -20.03 -45.81
N LYS B 226 -18.96 -19.75 -46.86
CA LYS B 226 -19.02 -18.42 -47.46
C LYS B 226 -20.44 -17.84 -47.61
N GLY B 227 -21.38 -18.61 -48.18
CA GLY B 227 -22.76 -18.13 -48.30
C GLY B 227 -23.36 -17.44 -47.06
N GLN B 228 -24.19 -18.18 -46.34
CA GLN B 228 -24.58 -17.91 -44.94
C GLN B 228 -25.11 -16.55 -44.55
N GLN B 229 -26.32 -16.58 -43.99
CA GLN B 229 -27.13 -15.39 -43.76
C GLN B 229 -28.12 -15.67 -42.64
N LEU B 230 -27.75 -16.53 -41.72
CA LEU B 230 -28.58 -16.79 -40.57
C LEU B 230 -27.58 -17.05 -39.43
N ASN B 231 -27.77 -16.32 -38.32
CA ASN B 231 -26.99 -16.55 -37.11
C ASN B 231 -27.79 -16.39 -35.85
N ALA B 232 -27.95 -17.47 -35.10
CA ALA B 232 -28.61 -17.43 -33.79
C ALA B 232 -28.25 -18.59 -32.88
N SER B 233 -28.51 -18.36 -31.60
CA SER B 233 -28.11 -19.29 -30.56
C SER B 233 -28.88 -20.60 -30.61
N ILE B 234 -28.24 -21.66 -30.16
CA ILE B 234 -28.92 -22.92 -29.96
C ILE B 234 -29.13 -23.04 -28.47
N ILE B 235 -30.38 -23.15 -28.02
CA ILE B 235 -30.62 -23.26 -26.58
C ILE B 235 -30.97 -24.68 -26.19
N ALA B 236 -30.01 -25.43 -25.65
CA ALA B 236 -30.24 -26.81 -25.27
C ALA B 236 -30.90 -26.90 -23.91
N GLN B 237 -30.54 -27.92 -23.12
CA GLN B 237 -31.15 -28.13 -21.80
C GLN B 237 -31.13 -26.89 -20.91
N THR B 238 -32.04 -26.85 -19.93
CA THR B 238 -32.20 -25.67 -19.06
C THR B 238 -32.48 -25.99 -17.60
N ARG B 239 -32.33 -24.99 -16.75
CA ARG B 239 -32.45 -25.17 -15.32
C ARG B 239 -33.88 -25.14 -14.80
N LEU B 240 -34.16 -25.94 -13.77
CA LEU B 240 -35.51 -26.12 -13.27
C LEU B 240 -35.80 -25.15 -12.11
N THR B 241 -36.96 -24.47 -12.19
CA THR B 241 -37.21 -23.27 -11.38
C THR B 241 -38.35 -23.39 -10.37
N SER B 242 -39.16 -24.43 -10.49
CA SER B 242 -40.43 -24.49 -9.78
C SER B 242 -40.48 -25.71 -8.91
N THR B 243 -40.79 -25.54 -7.64
CA THR B 243 -41.04 -26.69 -6.72
C THR B 243 -41.64 -27.91 -7.45
N GLU B 244 -42.48 -27.61 -8.44
CA GLU B 244 -43.24 -28.59 -9.20
C GLU B 244 -42.38 -29.46 -10.14
N GLU B 245 -41.45 -28.82 -10.85
CA GLU B 245 -40.64 -29.49 -11.88
C GLU B 245 -39.68 -30.45 -11.22
N PHE B 246 -39.30 -30.08 -10.00
CA PHE B 246 -38.45 -30.90 -9.18
C PHE B 246 -39.25 -32.06 -8.68
N GLY B 247 -40.57 -31.93 -8.72
CA GLY B 247 -41.48 -33.03 -8.41
C GLY B 247 -41.47 -34.13 -9.46
N LYS B 248 -41.35 -33.72 -10.71
CA LYS B 248 -41.44 -34.62 -11.86
C LYS B 248 -40.11 -35.25 -12.32
N ILE B 249 -39.08 -35.26 -11.47
CA ILE B 249 -37.78 -35.83 -11.87
C ILE B 249 -37.86 -37.34 -12.01
N LEU B 250 -38.04 -37.82 -13.24
CA LEU B 250 -38.15 -39.26 -13.47
C LEU B 250 -37.05 -40.04 -12.78
N LEU B 251 -37.45 -40.92 -11.87
CA LEU B 251 -36.49 -41.56 -11.02
C LEU B 251 -36.26 -43.04 -11.35
N LYS B 252 -37.22 -43.65 -12.06
CA LYS B 252 -37.19 -45.08 -12.45
C LYS B 252 -38.38 -45.46 -13.30
N VAL B 253 -38.12 -46.19 -14.38
CA VAL B 253 -39.16 -46.80 -15.22
C VAL B 253 -39.34 -48.28 -14.84
N ASN B 254 -40.57 -48.69 -14.53
CA ASN B 254 -40.83 -49.98 -13.88
C ASN B 254 -41.26 -51.19 -14.74
N GLN B 255 -41.56 -52.30 -14.05
CA GLN B 255 -42.14 -53.54 -14.59
C GLN B 255 -43.32 -53.25 -15.52
N ASP B 256 -44.41 -52.79 -14.90
CA ASP B 256 -45.70 -52.56 -15.57
C ASP B 256 -45.74 -51.24 -16.34
N GLY B 257 -44.58 -50.77 -16.77
CA GLY B 257 -44.45 -49.52 -17.53
C GLY B 257 -44.65 -48.24 -16.72
N SER B 258 -44.97 -48.38 -15.42
CA SER B 258 -45.18 -47.25 -14.49
C SER B 258 -43.93 -46.35 -14.24
N ARG B 259 -44.07 -45.38 -13.32
CA ARG B 259 -43.05 -44.35 -13.14
C ARG B 259 -42.93 -43.87 -11.69
N VAL B 260 -41.83 -44.23 -11.03
CA VAL B 260 -41.50 -43.63 -9.75
C VAL B 260 -40.71 -42.34 -10.00
N LEU B 261 -41.18 -41.22 -9.45
CA LEU B 261 -40.38 -40.01 -9.54
C LEU B 261 -40.45 -39.11 -8.32
N LEU B 262 -39.29 -38.92 -7.68
CA LEU B 262 -39.06 -37.90 -6.63
C LEU B 262 -40.23 -37.52 -5.72
N ARG B 263 -41.21 -36.80 -6.29
CA ARG B 263 -42.52 -36.61 -5.68
C ARG B 263 -42.95 -37.86 -4.90
N ASP B 264 -42.61 -39.04 -5.45
CA ASP B 264 -43.05 -40.35 -4.94
C ASP B 264 -42.16 -40.85 -3.79
N VAL B 265 -41.16 -40.06 -3.39
CA VAL B 265 -40.14 -40.55 -2.45
C VAL B 265 -39.56 -39.49 -1.46
N ALA B 266 -39.94 -38.23 -1.63
CA ALA B 266 -39.49 -37.16 -0.73
C ALA B 266 -40.28 -35.88 -0.91
N LYS B 267 -40.51 -35.16 0.18
CA LYS B 267 -41.33 -33.96 0.15
C LYS B 267 -40.53 -32.80 -0.46
N ILE B 268 -41.13 -32.10 -1.42
CA ILE B 268 -40.44 -31.01 -2.12
C ILE B 268 -41.06 -29.66 -1.80
N GLU B 269 -40.23 -28.77 -1.27
CA GLU B 269 -40.65 -27.43 -0.90
C GLU B 269 -39.47 -26.50 -0.69
N LEU B 270 -39.64 -25.22 -1.03
CA LEU B 270 -38.65 -24.18 -0.74
C LEU B 270 -38.29 -24.12 0.75
N GLY B 271 -37.06 -23.75 1.06
CA GLY B 271 -36.61 -23.66 2.45
C GLY B 271 -35.16 -23.29 2.68
N GLY B 272 -34.76 -23.30 3.94
CA GLY B 272 -33.41 -22.93 4.32
C GLY B 272 -32.27 -23.75 3.73
N GLU B 273 -31.16 -23.08 3.46
CA GLU B 273 -29.91 -23.76 3.27
C GLU B 273 -29.61 -24.44 4.58
N ASN B 274 -29.89 -23.76 5.68
CA ASN B 274 -29.67 -24.35 6.98
C ASN B 274 -30.64 -23.87 8.06
N TYR B 275 -31.33 -24.83 8.68
CA TYR B 275 -32.21 -24.59 9.81
C TYR B 275 -31.38 -24.69 11.10
N ASP B 276 -30.81 -23.54 11.48
CA ASP B 276 -29.82 -23.45 12.53
C ASP B 276 -29.92 -22.16 13.31
N ILE B 277 -30.42 -21.10 12.67
CA ILE B 277 -30.55 -19.77 13.31
C ILE B 277 -31.99 -19.24 13.31
N ILE B 278 -32.58 -19.13 14.49
CA ILE B 278 -33.94 -18.60 14.61
C ILE B 278 -33.94 -17.26 15.34
N ALA B 279 -34.63 -16.28 14.77
CA ALA B 279 -34.65 -14.97 15.36
C ALA B 279 -36.07 -14.45 15.43
N GLU B 280 -36.30 -13.59 16.43
CA GLU B 280 -37.55 -12.85 16.54
C GLU B 280 -37.37 -11.56 17.33
N PHE B 281 -38.20 -10.59 16.97
CA PHE B 281 -38.15 -9.27 17.54
C PHE B 281 -39.44 -9.06 18.30
N ASN B 282 -39.34 -9.05 19.64
CA ASN B 282 -40.49 -9.04 20.54
C ASN B 282 -41.35 -10.27 20.28
N GLY B 283 -40.77 -11.45 20.54
CA GLY B 283 -41.50 -12.71 20.45
C GLY B 283 -42.03 -13.01 19.06
N GLN B 284 -42.34 -11.96 18.29
CA GLN B 284 -42.85 -12.07 16.93
C GLN B 284 -41.75 -12.68 16.04
N PRO B 285 -42.06 -13.73 15.21
CA PRO B 285 -41.04 -14.30 14.31
C PRO B 285 -40.44 -13.26 13.34
N ALA B 286 -39.12 -13.30 13.16
CA ALA B 286 -38.39 -12.23 12.45
C ALA B 286 -37.00 -12.61 11.90
N SER B 287 -36.63 -11.99 10.78
CA SER B 287 -35.23 -12.02 10.38
C SER B 287 -34.54 -10.66 10.57
N GLY B 288 -33.23 -10.67 10.31
CA GLY B 288 -32.39 -9.48 10.46
C GLY B 288 -30.97 -9.69 9.97
N LEU B 289 -30.35 -8.57 9.58
CA LEU B 289 -28.94 -8.52 9.20
C LEU B 289 -28.13 -7.92 10.33
N GLY B 290 -26.99 -8.52 10.64
CA GLY B 290 -26.12 -7.90 11.59
C GLY B 290 -25.07 -7.02 10.94
N ILE B 291 -25.47 -5.85 10.44
CA ILE B 291 -24.54 -4.92 9.77
C ILE B 291 -23.34 -4.63 10.68
N LYS B 292 -22.13 -4.88 10.17
CA LYS B 292 -20.84 -4.66 10.88
C LYS B 292 -20.11 -3.37 10.41
N LEU B 293 -19.17 -2.86 11.22
CA LEU B 293 -18.46 -1.62 10.81
C LEU B 293 -17.14 -1.87 10.13
N ALA B 294 -17.04 -1.48 8.87
CA ALA B 294 -15.81 -1.71 8.14
C ALA B 294 -14.68 -1.01 8.89
N THR B 295 -13.48 -1.60 8.94
CA THR B 295 -12.36 -1.01 9.68
C THR B 295 -12.05 0.44 9.27
N GLY B 296 -12.11 1.35 10.23
CA GLY B 296 -11.80 2.76 9.96
C GLY B 296 -12.87 3.41 9.12
N ALA B 297 -14.10 2.91 9.26
CA ALA B 297 -15.25 3.47 8.54
C ALA B 297 -15.77 4.69 9.28
N ASN B 298 -16.27 5.65 8.52
CA ASN B 298 -16.79 6.92 9.06
C ASN B 298 -17.76 6.72 10.24
N ALA B 299 -18.21 5.46 10.42
CA ALA B 299 -18.99 4.91 11.59
C ALA B 299 -20.34 5.54 11.88
N LEU B 300 -20.40 6.87 11.93
CA LEU B 300 -21.69 7.52 11.98
C LEU B 300 -22.20 7.73 10.55
N ASP B 301 -21.28 7.97 9.61
CA ASP B 301 -21.63 8.26 8.21
C ASP B 301 -21.91 7.00 7.40
N THR B 302 -21.24 5.91 7.75
CA THR B 302 -21.51 4.61 7.11
C THR B 302 -22.58 3.85 7.90
N ALA B 303 -23.69 4.57 8.09
CA ALA B 303 -24.80 4.17 8.93
C ALA B 303 -25.98 4.97 8.41
N ALA B 304 -25.66 6.13 7.84
CA ALA B 304 -26.58 6.83 6.96
C ALA B 304 -26.85 5.90 5.79
N ALA B 305 -25.76 5.42 5.19
CA ALA B 305 -25.75 4.53 4.02
C ALA B 305 -26.73 3.37 4.18
N ILE B 306 -26.61 2.60 5.27
CA ILE B 306 -27.59 1.58 5.60
C ILE B 306 -29.01 2.13 5.34
N ARG B 307 -29.46 3.11 6.13
CA ARG B 307 -30.85 3.52 6.01
C ARG B 307 -31.15 4.17 4.65
N ALA B 308 -30.14 4.74 4.01
CA ALA B 308 -30.37 5.42 2.73
C ALA B 308 -30.55 4.39 1.64
N GLU B 309 -30.10 3.17 1.92
CA GLU B 309 -30.21 2.05 1.01
C GLU B 309 -31.53 1.36 1.29
N LEU B 310 -31.79 1.12 2.57
CA LEU B 310 -33.02 0.50 3.09
C LEU B 310 -34.20 1.32 2.64
N ALA B 311 -34.08 2.64 2.82
CA ALA B 311 -34.95 3.58 2.16
C ALA B 311 -35.22 3.06 0.76
N LYS B 312 -34.17 3.01 -0.08
CA LYS B 312 -34.29 2.63 -1.50
C LYS B 312 -35.07 1.34 -1.77
N MET B 313 -34.96 0.35 -0.88
CA MET B 313 -35.53 -0.98 -1.15
C MET B 313 -36.82 -1.27 -0.36
N GLU B 314 -37.41 -0.21 0.19
CA GLU B 314 -38.67 -0.28 0.95
C GLU B 314 -39.86 -0.36 0.02
N PRO B 315 -39.90 0.50 -1.02
CA PRO B 315 -41.07 0.61 -1.85
C PRO B 315 -41.42 -0.67 -2.56
N PHE B 316 -40.43 -1.53 -2.80
CA PHE B 316 -40.72 -2.71 -3.57
C PHE B 316 -40.97 -3.89 -2.69
N PHE B 317 -41.10 -3.68 -1.37
CA PHE B 317 -41.38 -4.76 -0.41
C PHE B 317 -42.72 -5.40 -0.68
N PRO B 318 -42.84 -6.72 -0.46
CA PRO B 318 -44.15 -7.32 -0.60
C PRO B 318 -45.07 -6.92 0.58
N SER B 319 -46.39 -6.93 0.33
CA SER B 319 -47.43 -6.60 1.29
C SER B 319 -47.13 -6.85 2.80
N GLY B 320 -46.84 -5.77 3.52
CA GLY B 320 -46.79 -5.76 4.97
C GLY B 320 -45.45 -6.21 5.52
N LEU B 321 -44.38 -5.69 4.93
CA LEU B 321 -43.03 -5.99 5.40
C LEU B 321 -42.33 -4.78 6.03
N LYS B 322 -41.95 -4.94 7.31
CA LYS B 322 -41.46 -3.81 8.13
C LYS B 322 -40.02 -3.96 8.62
N ILE B 323 -39.20 -2.96 8.30
CA ILE B 323 -37.87 -2.81 8.90
C ILE B 323 -38.04 -2.29 10.33
N VAL B 324 -37.35 -2.93 11.25
CA VAL B 324 -37.29 -2.44 12.63
C VAL B 324 -35.83 -2.30 12.97
N TYR B 325 -35.50 -1.35 13.85
CA TYR B 325 -34.12 -1.18 14.24
C TYR B 325 -33.85 -1.59 15.70
N PRO B 326 -33.77 -2.90 15.98
CA PRO B 326 -33.52 -3.41 17.34
C PRO B 326 -32.30 -2.82 18.04
N TYR B 327 -31.15 -3.50 17.95
CA TYR B 327 -29.88 -3.07 18.61
C TYR B 327 -28.97 -2.22 17.68
N ASP B 328 -28.88 -0.92 17.94
CA ASP B 328 -28.06 0.01 17.16
C ASP B 328 -27.33 0.98 18.09
N THR B 329 -26.00 0.91 18.12
CA THR B 329 -25.17 1.71 19.04
C THR B 329 -25.10 3.20 18.66
N THR B 330 -25.61 3.57 17.49
CA THR B 330 -25.38 4.91 16.90
C THR B 330 -26.09 6.16 17.50
N PRO B 331 -27.30 6.03 18.08
CA PRO B 331 -27.89 7.23 18.71
C PRO B 331 -27.23 7.60 20.03
N PHE B 332 -26.42 6.69 20.57
CA PHE B 332 -25.60 6.94 21.74
C PHE B 332 -24.49 7.92 21.39
N VAL B 333 -23.91 7.75 20.21
CA VAL B 333 -22.86 8.66 19.73
C VAL B 333 -23.44 10.06 19.70
N LYS B 334 -24.60 10.20 19.06
CA LYS B 334 -25.17 11.51 18.78
C LYS B 334 -25.56 12.24 20.06
N ILE B 335 -25.70 11.50 21.15
CA ILE B 335 -26.04 12.10 22.43
C ILE B 335 -24.75 12.43 23.14
N SER B 336 -23.94 11.41 23.39
CA SER B 336 -22.62 11.57 23.97
C SER B 336 -21.97 12.87 23.50
N ILE B 337 -21.97 13.13 22.19
CA ILE B 337 -21.38 14.36 21.64
C ILE B 337 -22.17 15.65 21.94
N HIS B 338 -23.50 15.63 21.81
CA HIS B 338 -24.35 16.78 22.19
C HIS B 338 -24.08 17.25 23.61
N GLU B 339 -24.01 16.29 24.53
CA GLU B 339 -23.67 16.57 25.91
C GLU B 339 -22.35 17.32 26.05
N VAL B 340 -21.30 16.82 25.41
CA VAL B 340 -19.97 17.42 25.51
C VAL B 340 -19.86 18.78 24.80
N VAL B 341 -20.71 19.04 23.83
CA VAL B 341 -20.89 20.42 23.37
C VAL B 341 -21.54 21.23 24.49
N LYS B 342 -22.59 20.70 25.12
CA LYS B 342 -23.27 21.41 26.23
C LYS B 342 -22.28 21.90 27.28
N THR B 343 -21.38 21.02 27.71
CA THR B 343 -20.42 21.40 28.73
C THR B 343 -19.42 22.44 28.21
N LEU B 344 -19.22 22.48 26.89
CA LEU B 344 -18.37 23.50 26.28
C LEU B 344 -18.99 24.91 26.39
N VAL B 345 -20.29 25.06 26.11
CA VAL B 345 -20.91 26.38 26.34
C VAL B 345 -20.95 26.72 27.84
N GLU B 346 -21.43 25.80 28.67
CA GLU B 346 -21.37 26.03 30.12
C GLU B 346 -19.95 26.40 30.58
N ALA B 347 -18.97 25.64 30.13
CA ALA B 347 -17.58 25.93 30.43
C ALA B 347 -17.21 27.36 30.05
N ILE B 348 -17.63 27.84 28.89
CA ILE B 348 -17.47 29.26 28.53
C ILE B 348 -18.24 30.13 29.51
N ILE B 349 -19.53 29.81 29.70
CA ILE B 349 -20.44 30.52 30.62
C ILE B 349 -19.77 30.79 31.98
N LEU B 350 -19.29 29.73 32.63
CA LEU B 350 -18.64 29.85 33.91
C LEU B 350 -17.22 30.40 33.83
N VAL B 351 -16.95 31.23 32.83
CA VAL B 351 -15.64 31.89 32.69
C VAL B 351 -15.87 33.29 32.10
N PHE B 352 -17.14 33.65 31.96
CA PHE B 352 -17.53 35.03 31.74
C PHE B 352 -18.00 35.52 33.10
N LEU B 353 -18.48 34.58 33.92
CA LEU B 353 -18.92 34.89 35.27
C LEU B 353 -17.76 35.12 36.25
N VAL B 354 -16.67 34.38 36.10
CA VAL B 354 -15.50 34.55 36.98
C VAL B 354 -14.55 35.62 36.47
N MET B 355 -14.71 36.00 35.20
CA MET B 355 -13.92 37.08 34.61
C MET B 355 -14.68 38.40 34.66
N TYR B 356 -15.58 38.48 35.64
CA TYR B 356 -16.41 39.64 35.83
C TYR B 356 -16.57 39.90 37.33
N LEU B 357 -17.19 38.93 38.01
CA LEU B 357 -17.38 38.98 39.47
C LEU B 357 -16.02 38.66 40.10
N PHE B 358 -15.07 39.54 39.79
CA PHE B 358 -13.65 39.41 40.08
C PHE B 358 -12.93 40.47 39.24
N LEU B 359 -13.56 40.87 38.14
CA LEU B 359 -12.98 41.89 37.28
C LEU B 359 -13.86 43.14 37.19
N GLN B 360 -15.17 42.94 37.07
CA GLN B 360 -16.16 44.03 36.96
C GLN B 360 -16.00 44.82 35.65
N ASN B 361 -17.09 44.94 34.90
CA ASN B 361 -17.14 45.68 33.59
C ASN B 361 -17.19 44.78 32.34
N PHE B 362 -18.08 45.11 31.39
CA PHE B 362 -18.23 44.33 30.11
C PHE B 362 -17.11 44.58 29.07
N ARG B 363 -16.81 45.85 28.79
CA ARG B 363 -15.81 46.24 27.80
C ARG B 363 -14.41 45.66 28.09
N ALA B 364 -14.17 45.35 29.36
CA ALA B 364 -12.91 44.73 29.77
C ALA B 364 -13.04 43.24 30.13
N THR B 365 -14.26 42.71 30.05
CA THR B 365 -14.49 41.29 30.23
C THR B 365 -14.68 40.56 28.88
N LEU B 366 -14.74 41.33 27.80
CA LEU B 366 -14.74 40.74 26.45
C LEU B 366 -13.34 40.39 25.94
N ILE B 367 -12.34 41.21 26.31
CA ILE B 367 -10.96 41.02 25.83
C ILE B 367 -10.33 39.69 26.30
N PRO B 368 -10.69 39.22 27.51
CA PRO B 368 -10.20 37.87 27.80
C PRO B 368 -11.18 36.77 27.35
N THR B 369 -12.43 37.11 27.07
CA THR B 369 -13.34 36.12 26.49
C THR B 369 -13.30 36.07 24.95
N ILE B 370 -12.89 37.14 24.29
CA ILE B 370 -12.82 37.15 22.82
C ILE B 370 -11.69 36.25 22.28
N ALA B 371 -10.82 35.79 23.18
CA ALA B 371 -9.85 34.75 22.83
C ALA B 371 -10.53 33.41 22.61
N VAL B 372 -11.28 32.92 23.62
CA VAL B 372 -11.89 31.59 23.50
C VAL B 372 -12.52 31.24 22.14
N PRO B 373 -13.39 32.11 21.58
CA PRO B 373 -13.85 31.89 20.21
C PRO B 373 -12.75 31.89 19.13
N VAL B 374 -11.86 32.87 19.15
CA VAL B 374 -10.79 32.93 18.15
C VAL B 374 -9.84 31.74 18.27
N VAL B 375 -9.51 31.36 19.50
CA VAL B 375 -8.53 30.31 19.74
C VAL B 375 -9.14 28.98 19.37
N LEU B 376 -10.31 28.68 19.92
CA LEU B 376 -10.96 27.39 19.68
C LEU B 376 -11.10 27.10 18.18
N LEU B 377 -11.79 27.98 17.45
CA LEU B 377 -12.03 27.80 16.01
C LEU B 377 -10.74 27.48 15.26
N GLY B 378 -9.67 28.19 15.61
CA GLY B 378 -8.34 27.92 15.06
C GLY B 378 -7.84 26.50 15.31
N THR B 379 -8.16 25.94 16.48
CA THR B 379 -7.74 24.57 16.82
C THR B 379 -8.59 23.60 16.00
N PHE B 380 -9.86 23.95 15.87
CA PHE B 380 -10.76 23.30 14.92
C PHE B 380 -10.16 23.29 13.50
N ALA B 381 -9.62 24.44 13.06
CA ALA B 381 -8.88 24.52 11.79
C ALA B 381 -7.63 23.64 11.78
N VAL B 382 -7.02 23.40 12.94
CA VAL B 382 -5.84 22.53 12.99
C VAL B 382 -6.28 21.09 13.01
N LEU B 383 -7.44 20.82 13.61
CA LEU B 383 -8.00 19.48 13.51
C LEU B 383 -8.13 19.15 12.04
N ALA B 384 -8.86 19.98 11.31
CA ALA B 384 -8.98 19.84 9.85
C ALA B 384 -7.66 19.46 9.19
N ALA B 385 -6.72 20.41 9.14
CA ALA B 385 -5.47 20.21 8.40
C ALA B 385 -4.63 18.98 8.78
N PHE B 386 -4.94 18.31 9.90
CA PHE B 386 -4.24 17.09 10.30
C PHE B 386 -5.14 15.89 10.19
N GLY B 387 -6.38 16.14 9.76
CA GLY B 387 -7.36 15.12 9.50
C GLY B 387 -7.80 14.39 10.73
N PHE B 388 -7.87 15.11 11.86
CA PHE B 388 -8.44 14.58 13.07
C PHE B 388 -9.95 14.79 12.99
N SER B 389 -10.70 14.31 13.97
CA SER B 389 -12.16 14.36 13.93
C SER B 389 -12.76 15.08 15.15
N ILE B 390 -13.82 15.88 14.93
CA ILE B 390 -14.65 16.30 16.06
C ILE B 390 -15.07 15.01 16.71
N ASN B 391 -14.51 14.71 17.87
CA ASN B 391 -14.97 13.58 18.64
C ASN B 391 -14.92 13.88 20.12
N THR B 392 -15.51 13.01 20.96
CA THR B 392 -15.57 13.29 22.39
C THR B 392 -14.20 13.60 22.95
N LEU B 393 -13.21 12.80 22.56
CA LEU B 393 -11.82 13.02 23.00
C LEU B 393 -11.22 14.33 22.50
N THR B 394 -11.30 14.64 21.20
CA THR B 394 -10.96 16.00 20.76
C THR B 394 -11.75 17.07 21.52
N MET B 395 -13.06 16.87 21.66
CA MET B 395 -13.92 17.81 22.40
C MET B 395 -13.46 18.05 23.83
N PHE B 396 -13.17 16.98 24.56
CA PHE B 396 -12.65 17.08 25.92
C PHE B 396 -11.48 18.02 26.01
N GLY B 397 -10.50 17.83 25.15
CA GLY B 397 -9.35 18.72 25.09
C GLY B 397 -9.76 20.18 24.99
N MET B 398 -10.77 20.46 24.15
CA MET B 398 -11.25 21.83 23.90
C MET B 398 -12.05 22.38 25.07
N VAL B 399 -12.58 21.47 25.89
CA VAL B 399 -13.24 21.83 27.15
C VAL B 399 -12.21 22.17 28.24
N LEU B 400 -11.15 21.37 28.37
CA LEU B 400 -10.06 21.67 29.29
C LEU B 400 -9.44 23.02 29.00
N ALA B 401 -8.94 23.18 27.77
CA ALA B 401 -8.30 24.44 27.30
C ALA B 401 -9.22 25.67 27.34
N ILE B 402 -10.48 25.44 27.71
CA ILE B 402 -11.47 26.50 27.95
C ILE B 402 -11.02 27.40 29.12
N GLY B 403 -10.41 26.76 30.12
CA GLY B 403 -9.84 27.49 31.22
C GLY B 403 -8.34 27.54 31.11
N LEU B 404 -7.81 27.61 29.90
CA LEU B 404 -6.35 27.69 29.71
C LEU B 404 -5.91 28.71 28.67
N LEU B 405 -6.57 28.69 27.51
CA LEU B 405 -6.25 29.61 26.42
C LEU B 405 -6.41 31.05 26.90
N VAL B 406 -7.21 31.18 27.97
CA VAL B 406 -7.54 32.44 28.61
C VAL B 406 -6.47 32.89 29.61
N ASP B 407 -5.81 31.93 30.27
CA ASP B 407 -4.81 32.22 31.29
C ASP B 407 -3.82 33.25 30.81
N ASP B 408 -2.98 32.81 29.89
CA ASP B 408 -2.02 33.68 29.24
C ASP B 408 -2.63 34.99 28.70
N ALA B 409 -3.93 35.01 28.44
CA ALA B 409 -4.59 36.20 27.91
C ALA B 409 -5.24 37.05 29.00
N ILE B 410 -5.11 36.57 30.24
CA ILE B 410 -5.57 37.27 31.45
C ILE B 410 -4.47 38.18 32.02
N VAL B 411 -3.26 37.61 32.17
CA VAL B 411 -2.09 38.33 32.66
C VAL B 411 -1.76 39.53 31.78
N VAL B 412 -2.48 39.66 30.67
CA VAL B 412 -2.34 40.77 29.73
C VAL B 412 -3.31 41.88 30.09
N VAL B 413 -4.48 41.49 30.59
CA VAL B 413 -5.55 42.44 30.89
C VAL B 413 -5.49 42.98 32.33
N GLU B 414 -5.30 42.10 33.32
CA GLU B 414 -5.15 42.55 34.70
C GLU B 414 -3.84 43.32 34.92
N ASN B 415 -2.78 42.89 34.24
CA ASN B 415 -1.46 43.53 34.40
C ASN B 415 -1.37 44.83 33.64
N VAL B 416 -2.46 45.21 32.97
CA VAL B 416 -2.67 46.57 32.46
C VAL B 416 -3.75 47.26 33.31
N GLU B 417 -4.55 46.43 33.99
CA GLU B 417 -5.61 46.88 34.88
C GLU B 417 -5.05 47.24 36.27
N ARG B 418 -3.96 46.58 36.64
CA ARG B 418 -3.22 46.90 37.87
C ARG B 418 -2.31 48.12 37.64
N VAL B 419 -2.34 48.64 36.42
CA VAL B 419 -1.73 49.93 36.13
C VAL B 419 -2.84 51.01 36.08
N MET B 420 -3.67 51.01 37.14
CA MET B 420 -4.36 52.22 37.59
C MET B 420 -3.58 52.78 38.81
N ALA B 421 -2.66 51.97 39.36
CA ALA B 421 -1.68 52.37 40.38
C ALA B 421 -0.80 53.54 39.94
N GLU B 422 -0.87 53.87 38.65
CA GLU B 422 -0.10 54.96 38.03
C GLU B 422 -1.00 55.87 37.19
N GLU B 423 -2.08 55.31 36.62
CA GLU B 423 -3.08 56.08 35.83
C GLU B 423 -4.41 55.32 35.64
N GLY B 424 -5.51 55.97 36.06
CA GLY B 424 -6.86 55.40 35.99
C GLY B 424 -7.44 55.15 34.60
N LEU B 425 -8.35 54.18 34.51
CA LEU B 425 -9.05 53.81 33.24
C LEU B 425 -8.08 53.66 32.03
N PRO B 426 -7.01 52.83 32.17
CA PRO B 426 -5.69 52.85 31.46
C PRO B 426 -5.67 52.97 29.92
N PRO B 427 -4.81 53.86 29.37
CA PRO B 427 -4.75 54.08 27.91
C PRO B 427 -3.81 53.14 27.12
N LYS B 428 -3.54 53.52 25.88
CA LYS B 428 -2.59 52.82 24.97
C LYS B 428 -1.15 52.83 25.48
N GLU B 429 -0.88 53.70 26.46
CA GLU B 429 0.43 53.84 27.07
C GLU B 429 0.55 52.98 28.33
N ALA B 430 -0.58 52.77 29.01
CA ALA B 430 -0.64 51.84 30.13
C ALA B 430 -0.34 50.44 29.60
N THR B 431 -1.03 50.07 28.52
CA THR B 431 -0.79 48.79 27.88
C THR B 431 0.66 48.70 27.39
N ARG B 432 1.04 49.60 26.46
CA ARG B 432 2.35 49.62 25.79
C ARG B 432 3.59 49.46 26.70
N LYS B 433 3.44 49.82 27.97
CA LYS B 433 4.52 49.72 28.97
C LYS B 433 4.42 48.43 29.78
N SER B 434 3.18 47.96 29.99
CA SER B 434 2.93 46.71 30.71
C SER B 434 3.43 45.51 29.91
N MET B 435 3.20 45.57 28.59
CA MET B 435 3.61 44.54 27.63
C MET B 435 5.12 44.31 27.60
N GLY B 436 5.87 45.40 27.74
CA GLY B 436 7.31 45.31 27.89
C GLY B 436 7.74 44.89 29.29
N GLN B 437 6.86 44.22 30.03
CA GLN B 437 7.20 43.73 31.39
C GLN B 437 6.47 42.45 31.79
N ILE B 438 5.47 42.05 31.00
CA ILE B 438 4.72 40.83 31.29
C ILE B 438 5.06 39.64 30.35
N GLN B 439 5.72 39.95 29.23
CA GLN B 439 6.09 38.98 28.19
C GLN B 439 6.51 37.61 28.70
N GLY B 440 7.74 37.48 29.16
CA GLY B 440 8.29 36.19 29.61
C GLY B 440 7.38 35.24 30.39
N ALA B 441 6.37 35.79 31.06
CA ALA B 441 5.37 35.00 31.79
C ALA B 441 4.33 34.40 30.84
N LEU B 442 3.96 35.17 29.82
CA LEU B 442 3.13 34.65 28.73
C LEU B 442 3.79 33.40 28.16
N VAL B 443 4.87 33.60 27.40
CA VAL B 443 5.71 32.52 26.85
C VAL B 443 5.89 31.35 27.83
N GLY B 444 6.29 31.65 29.05
CA GLY B 444 6.40 30.62 30.09
C GLY B 444 5.15 29.80 30.29
N ILE B 445 4.02 30.47 30.53
CA ILE B 445 2.74 29.80 30.76
C ILE B 445 2.40 28.88 29.59
N ALA B 446 2.48 29.42 28.37
CA ALA B 446 2.13 28.71 27.14
C ALA B 446 3.04 27.54 26.84
N MET B 447 4.34 27.80 26.70
CA MET B 447 5.33 26.76 26.44
C MET B 447 5.27 25.61 27.43
N VAL B 448 5.23 25.90 28.72
CA VAL B 448 5.24 24.83 29.71
C VAL B 448 3.93 24.04 29.66
N LEU B 449 2.86 24.72 29.28
CA LEU B 449 1.57 24.09 29.10
C LEU B 449 1.48 23.40 27.71
N SER B 450 2.53 23.55 26.89
CA SER B 450 2.66 22.81 25.63
C SER B 450 3.56 21.61 25.84
N ALA B 451 4.73 21.83 26.44
CA ALA B 451 5.75 20.79 26.59
C ALA B 451 5.16 19.49 27.10
N VAL B 452 4.41 19.58 28.21
CA VAL B 452 3.56 18.48 28.66
C VAL B 452 2.49 18.34 27.59
N PHE B 453 2.17 17.09 27.22
CA PHE B 453 1.28 16.77 26.07
C PHE B 453 2.02 16.42 24.76
N VAL B 454 3.27 16.87 24.59
CA VAL B 454 4.09 16.47 23.45
C VAL B 454 4.55 15.01 23.59
N PRO B 455 5.37 14.69 24.62
CA PRO B 455 5.82 13.31 24.71
C PRO B 455 4.68 12.27 24.68
N MET B 456 3.55 12.60 25.29
CA MET B 456 2.41 11.67 25.33
C MET B 456 2.00 11.20 23.92
N ALA B 457 2.20 12.05 22.93
CA ALA B 457 1.75 11.77 21.58
C ALA B 457 2.62 10.76 20.83
N PHE B 458 3.67 10.26 21.47
CA PHE B 458 4.56 9.36 20.76
C PHE B 458 4.50 7.92 21.22
N PHE B 459 3.43 7.46 21.86
CA PHE B 459 3.41 6.01 22.17
C PHE B 459 2.08 5.28 22.33
N GLY B 460 2.18 4.07 22.91
CA GLY B 460 1.05 3.22 23.28
C GLY B 460 0.24 2.75 22.10
N GLY B 461 -0.49 1.65 22.29
CA GLY B 461 -1.54 1.25 21.37
C GLY B 461 -2.72 2.18 21.60
N SER B 462 -3.91 1.61 21.80
CA SER B 462 -5.16 2.37 21.91
C SER B 462 -5.05 3.63 22.76
N THR B 463 -4.49 3.44 23.95
CA THR B 463 -4.18 4.50 24.90
C THR B 463 -3.42 5.64 24.25
N GLY B 464 -2.25 5.35 23.67
CA GLY B 464 -1.47 6.39 23.03
C GLY B 464 -2.34 7.21 22.12
N ALA B 465 -3.02 6.53 21.21
CA ALA B 465 -3.96 7.16 20.28
C ALA B 465 -4.92 8.12 20.99
N ILE B 466 -5.38 7.72 22.18
CA ILE B 466 -6.19 8.58 23.02
C ILE B 466 -5.41 9.82 23.39
N TYR B 467 -4.26 9.68 24.06
CA TYR B 467 -3.49 10.88 24.43
C TYR B 467 -3.39 11.87 23.27
N ARG B 468 -3.01 11.36 22.10
CA ARG B 468 -2.79 12.16 20.90
C ARG B 468 -3.96 13.08 20.69
N GLN B 469 -5.16 12.53 20.83
CA GLN B 469 -6.37 13.30 20.62
C GLN B 469 -6.31 14.57 21.44
N PHE B 470 -5.80 14.48 22.66
CA PHE B 470 -5.62 15.68 23.49
C PHE B 470 -4.44 16.52 22.98
N SER B 471 -3.26 15.90 23.00
CA SER B 471 -2.04 16.50 22.46
C SER B 471 -2.30 17.52 21.32
N ILE B 472 -2.76 17.05 20.17
CA ILE B 472 -3.12 17.94 19.08
C ILE B 472 -3.99 19.08 19.59
N THR B 473 -5.04 18.78 20.36
CA THR B 473 -6.03 19.80 20.75
C THR B 473 -5.36 20.90 21.55
N ILE B 474 -4.93 20.53 22.77
CA ILE B 474 -4.40 21.44 23.77
C ILE B 474 -3.15 22.19 23.31
N VAL B 475 -2.19 21.46 22.73
CA VAL B 475 -0.97 22.09 22.20
C VAL B 475 -1.35 23.17 21.17
N SER B 476 -2.21 22.81 20.22
CA SER B 476 -2.74 23.83 19.32
C SER B 476 -3.38 24.98 20.11
N ALA B 477 -4.20 24.64 21.11
CA ALA B 477 -4.86 25.66 21.93
C ALA B 477 -3.81 26.60 22.57
N MET B 478 -2.88 26.03 23.34
CA MET B 478 -1.82 26.82 23.99
C MET B 478 -1.06 27.67 22.98
N ALA B 479 -0.46 26.99 22.00
CA ALA B 479 0.31 27.61 20.95
C ALA B 479 -0.48 28.71 20.22
N LEU B 480 -1.79 28.69 20.42
CA LEU B 480 -2.64 29.64 19.76
C LEU B 480 -2.96 30.73 20.79
N SER B 481 -3.23 30.31 22.03
CA SER B 481 -3.51 31.23 23.16
C SER B 481 -2.48 32.35 23.24
N VAL B 482 -1.20 31.98 23.38
CA VAL B 482 -0.08 32.92 23.43
C VAL B 482 -0.09 33.94 22.30
N LEU B 483 -0.44 33.48 21.10
CA LEU B 483 -0.39 34.32 19.91
C LEU B 483 -1.44 35.41 19.94
N VAL B 484 -2.68 35.05 20.26
CA VAL B 484 -3.80 35.99 20.41
C VAL B 484 -3.50 37.09 21.46
N ALA B 485 -3.15 36.65 22.67
CA ALA B 485 -2.81 37.53 23.77
C ALA B 485 -1.39 38.06 23.62
N LEU B 486 -1.08 38.62 22.46
CA LEU B 486 0.28 39.05 22.09
C LEU B 486 0.20 39.77 20.75
N ILE B 487 -0.97 39.71 20.13
CA ILE B 487 -1.28 40.39 18.86
C ILE B 487 -2.64 41.05 19.04
N LEU B 488 -3.62 40.26 19.45
CA LEU B 488 -5.01 40.70 19.48
C LEU B 488 -5.40 41.27 20.81
N THR B 489 -4.96 40.65 21.91
CA THR B 489 -5.30 41.17 23.25
C THR B 489 -4.73 42.58 23.51
N PRO B 490 -3.40 42.77 23.36
CA PRO B 490 -2.80 44.10 23.49
C PRO B 490 -3.51 45.18 22.71
N ALA B 491 -3.59 45.00 21.38
CA ALA B 491 -4.27 45.95 20.46
C ALA B 491 -5.72 46.28 20.82
N LEU B 492 -6.29 45.54 21.77
CA LEU B 492 -7.68 45.75 22.21
C LEU B 492 -7.78 46.44 23.57
N CYS B 493 -6.81 46.18 24.45
CA CYS B 493 -6.69 46.90 25.73
C CYS B 493 -6.45 48.39 25.46
N ALA B 494 -5.67 48.65 24.41
CA ALA B 494 -5.35 50.00 23.96
C ALA B 494 -6.47 50.68 23.17
N THR B 495 -7.58 49.98 22.95
CA THR B 495 -8.68 50.47 22.10
C THR B 495 -10.01 50.46 22.85
N MET B 496 -10.31 49.34 23.48
CA MET B 496 -11.58 49.13 24.17
C MET B 496 -11.47 49.36 25.68
N LEU B 497 -10.22 49.38 26.18
CA LEU B 497 -9.97 49.71 27.58
C LEU B 497 -9.91 51.25 27.74
N LYS B 498 -10.66 51.75 28.73
CA LYS B 498 -10.70 53.17 29.11
C LYS B 498 -11.42 53.36 30.45
N PHE B 513 -22.00 48.56 39.70
CA PHE B 513 -22.88 47.84 38.78
C PHE B 513 -23.39 46.51 39.40
N GLY B 514 -23.40 46.41 40.74
CA GLY B 514 -23.87 45.22 41.48
C GLY B 514 -23.49 45.19 42.96
N TRP B 515 -23.68 44.05 43.60
CA TRP B 515 -23.34 43.88 45.04
C TRP B 515 -21.83 43.56 45.24
N PHE B 516 -21.52 42.58 46.10
CA PHE B 516 -20.17 42.02 46.33
C PHE B 516 -19.03 43.03 46.60
N ASN B 517 -18.06 43.05 45.67
CA ASN B 517 -16.97 44.05 45.56
C ASN B 517 -15.78 43.95 46.54
N ARG B 518 -15.37 45.10 47.11
CA ARG B 518 -14.14 45.20 47.93
C ARG B 518 -14.06 44.24 49.11
N MET B 519 -15.23 43.69 49.49
CA MET B 519 -15.34 42.74 50.59
C MET B 519 -14.10 41.85 50.77
N PHE B 520 -13.81 41.04 49.75
CA PHE B 520 -12.59 40.22 49.74
C PHE B 520 -11.35 41.00 49.26
N GLU B 521 -11.57 42.08 48.51
CA GLU B 521 -10.49 42.83 47.81
C GLU B 521 -9.33 43.35 48.68
N LYS B 522 -9.60 43.56 49.97
CA LYS B 522 -8.57 43.96 50.93
C LYS B 522 -7.71 42.76 51.35
N SER B 523 -8.20 41.55 51.05
CA SER B 523 -7.60 40.29 51.52
C SER B 523 -6.24 39.96 50.94
N THR B 524 -5.78 40.75 49.97
CA THR B 524 -4.41 40.65 49.47
C THR B 524 -3.45 40.94 50.61
N HIS B 525 -3.64 42.10 51.25
CA HIS B 525 -2.80 42.59 52.36
C HIS B 525 -2.71 41.62 53.56
N HIS B 526 -3.84 41.04 53.93
CA HIS B 526 -3.89 40.12 55.06
C HIS B 526 -3.05 38.87 54.78
N TYR B 527 -3.00 38.48 53.51
CA TYR B 527 -2.18 37.37 53.04
C TYR B 527 -0.73 37.75 52.71
N THR B 528 -0.54 38.83 51.94
CA THR B 528 0.80 39.32 51.57
C THR B 528 1.73 39.51 52.77
N ASP B 529 1.14 39.53 53.97
CA ASP B 529 1.87 39.58 55.23
C ASP B 529 2.09 38.16 55.77
N SER B 530 1.04 37.33 55.74
CA SER B 530 1.08 35.93 56.20
C SER B 530 2.16 35.11 55.49
N VAL B 531 2.62 35.62 54.35
CA VAL B 531 3.69 34.98 53.56
C VAL B 531 5.09 35.45 54.00
N GLY B 532 5.16 36.67 54.55
CA GLY B 532 6.39 37.19 55.15
C GLY B 532 6.88 36.32 56.30
N GLY B 533 5.94 35.87 57.12
CA GLY B 533 6.23 35.03 58.29
C GLY B 533 6.64 33.60 57.99
N ILE B 534 6.02 33.02 56.95
CA ILE B 534 6.44 31.73 56.40
C ILE B 534 7.89 31.88 55.89
N LEU B 535 8.23 33.09 55.47
CA LEU B 535 9.55 33.37 54.87
C LEU B 535 10.57 34.01 55.82
N ARG B 536 10.09 34.70 56.85
CA ARG B 536 10.95 35.11 57.98
C ARG B 536 11.54 33.85 58.65
N SER B 537 10.69 32.84 58.84
CA SER B 537 11.14 31.51 59.24
C SER B 537 11.51 30.73 57.97
N THR B 538 12.80 30.85 57.58
CA THR B 538 13.32 30.40 56.26
C THR B 538 12.78 29.06 55.71
N GLY B 539 12.61 28.07 56.58
CA GLY B 539 12.18 26.73 56.19
C GLY B 539 11.41 25.95 57.26
N ARG B 540 10.66 26.68 58.07
CA ARG B 540 9.72 26.12 59.05
C ARG B 540 8.71 25.20 58.39
N TYR B 541 8.88 25.01 57.08
CA TYR B 541 7.83 24.47 56.22
C TYR B 541 8.29 23.31 55.32
N LEU B 542 9.59 23.29 54.98
CA LEU B 542 10.18 22.18 54.23
C LEU B 542 9.98 20.81 54.92
N VAL B 543 9.14 20.78 55.95
CA VAL B 543 8.81 19.54 56.67
C VAL B 543 7.33 19.22 56.49
N LEU B 544 6.55 20.23 56.13
CA LEU B 544 5.18 20.02 55.64
C LEU B 544 5.25 19.47 54.22
N TYR B 545 6.14 20.04 53.41
CA TYR B 545 6.37 19.61 52.03
C TYR B 545 6.71 18.12 51.94
N LEU B 546 7.61 17.65 52.81
CA LEU B 546 8.03 16.25 52.80
C LEU B 546 6.90 15.35 53.28
N ILE B 547 5.94 15.94 53.98
CA ILE B 547 4.78 15.20 54.47
C ILE B 547 3.64 15.23 53.47
N ILE B 548 3.62 16.24 52.61
CA ILE B 548 2.63 16.33 51.52
C ILE B 548 3.04 15.43 50.32
N VAL B 549 4.35 15.35 50.06
CA VAL B 549 4.93 14.38 49.11
C VAL B 549 4.54 12.94 49.47
N VAL B 550 5.09 12.40 50.58
CA VAL B 550 4.62 11.12 51.14
C VAL B 550 3.14 11.30 51.51
N GLY B 551 2.30 10.34 51.16
CA GLY B 551 0.87 10.58 51.27
C GLY B 551 0.29 10.90 49.91
N MET B 552 1.07 11.57 49.06
CA MET B 552 0.81 11.59 47.62
C MET B 552 1.40 10.29 47.09
N ALA B 553 2.64 10.03 47.50
CA ALA B 553 3.30 8.75 47.22
C ALA B 553 2.60 7.60 47.96
N TYR B 554 1.35 7.82 48.34
CA TYR B 554 0.57 6.85 49.12
C TYR B 554 -0.85 6.73 48.60
N LEU B 555 -1.54 7.87 48.48
CA LEU B 555 -2.88 7.92 47.88
C LEU B 555 -2.82 7.44 46.44
N PHE B 556 -1.65 7.62 45.83
CA PHE B 556 -1.30 7.00 44.55
C PHE B 556 -1.21 5.49 44.74
N VAL B 557 -0.28 5.06 45.59
CA VAL B 557 0.07 3.65 45.76
C VAL B 557 -1.10 2.67 45.85
N ARG B 558 -2.28 3.14 46.21
CA ARG B 558 -3.49 2.32 46.10
C ARG B 558 -4.71 3.07 45.60
N LEU B 559 -4.56 3.73 44.45
CA LEU B 559 -5.72 4.07 43.63
C LEU B 559 -5.90 2.87 42.69
N PRO B 560 -7.06 2.20 42.79
CA PRO B 560 -7.39 1.08 41.90
C PRO B 560 -7.22 1.42 40.40
N SER B 561 -6.54 0.54 39.68
CA SER B 561 -6.21 0.74 38.28
C SER B 561 -7.38 0.41 37.36
N SER B 562 -7.55 1.23 36.33
CA SER B 562 -8.72 1.21 35.44
C SER B 562 -8.31 1.44 33.97
N PHE B 563 -9.19 1.11 33.01
CA PHE B 563 -8.95 1.50 31.61
C PHE B 563 -9.74 2.73 31.19
N LEU B 564 -10.96 2.49 30.73
CA LEU B 564 -11.91 3.54 30.42
C LEU B 564 -13.21 3.18 31.10
N PRO B 565 -13.87 4.19 31.70
CA PRO B 565 -15.15 4.04 32.37
C PRO B 565 -16.16 3.34 31.49
N ASP B 566 -17.06 2.55 32.09
CA ASP B 566 -18.18 1.97 31.34
C ASP B 566 -19.19 3.08 31.08
N GLU B 567 -20.10 2.89 30.15
CA GLU B 567 -21.07 3.95 29.87
C GLU B 567 -22.49 3.44 29.69
N ASP B 568 -23.46 4.34 29.63
CA ASP B 568 -24.80 3.94 29.24
C ASP B 568 -25.02 4.28 27.79
N GLN B 569 -24.92 3.26 26.93
CA GLN B 569 -25.01 3.47 25.48
C GLN B 569 -26.44 3.32 24.90
N GLY B 570 -27.38 2.97 25.78
CA GLY B 570 -28.76 2.86 25.41
C GLY B 570 -29.10 1.48 24.95
N VAL B 571 -28.09 0.61 24.89
CA VAL B 571 -28.25 -0.77 24.39
C VAL B 571 -27.44 -1.76 25.22
N PHE B 572 -27.79 -3.04 25.15
CA PHE B 572 -26.98 -4.12 25.76
C PHE B 572 -27.33 -5.56 25.26
N MET B 573 -26.60 -6.56 25.75
CA MET B 573 -26.76 -7.94 25.28
C MET B 573 -26.78 -8.93 26.42
N THR B 574 -27.61 -9.96 26.28
CA THR B 574 -27.67 -11.06 27.20
C THR B 574 -27.35 -12.36 26.45
N MET B 575 -26.35 -13.09 26.95
CA MET B 575 -25.93 -14.35 26.33
C MET B 575 -26.65 -15.55 26.94
N VAL B 576 -26.98 -16.49 26.07
CA VAL B 576 -27.62 -17.72 26.47
C VAL B 576 -26.68 -18.87 26.09
N GLN B 577 -26.58 -19.84 26.97
CA GLN B 577 -25.87 -21.06 26.66
C GLN B 577 -26.42 -22.23 27.49
N LEU B 578 -26.92 -23.24 26.80
CA LEU B 578 -27.36 -24.46 27.46
C LEU B 578 -26.16 -25.40 27.52
N PRO B 579 -26.27 -26.50 28.30
CA PRO B 579 -25.10 -27.37 28.45
C PRO B 579 -25.02 -28.37 27.31
N ALA B 580 -23.90 -29.09 27.25
CA ALA B 580 -23.58 -30.08 26.19
C ALA B 580 -24.78 -30.72 25.45
N GLY B 581 -24.65 -30.84 24.12
CA GLY B 581 -25.71 -31.40 23.25
C GLY B 581 -27.15 -31.10 23.62
N ALA B 582 -27.47 -29.82 23.86
CA ALA B 582 -28.82 -29.44 24.26
C ALA B 582 -29.63 -28.81 23.12
N THR B 583 -30.39 -29.63 22.41
CA THR B 583 -31.31 -29.24 21.32
C THR B 583 -31.80 -27.79 21.19
N GLN B 584 -32.16 -27.44 19.95
CA GLN B 584 -32.75 -26.16 19.57
C GLN B 584 -33.91 -25.79 20.49
N GLU B 585 -34.96 -26.64 20.50
CA GLU B 585 -36.15 -26.55 21.40
C GLU B 585 -35.80 -25.88 22.70
N ARG B 586 -35.11 -26.62 23.57
CA ARG B 586 -34.63 -26.13 24.86
C ARG B 586 -34.25 -24.63 24.81
N THR B 587 -33.26 -24.32 23.98
CA THR B 587 -32.70 -22.97 23.91
C THR B 587 -33.79 -21.99 23.53
N GLN B 588 -34.64 -22.39 22.58
CA GLN B 588 -35.76 -21.56 22.15
C GLN B 588 -36.64 -21.23 23.32
N LYS B 589 -36.96 -22.24 24.13
CA LYS B 589 -37.73 -22.07 25.36
C LYS B 589 -37.02 -21.11 26.31
N VAL B 590 -35.79 -21.42 26.66
CA VAL B 590 -34.97 -20.50 27.44
C VAL B 590 -34.87 -19.07 26.87
N LEU B 591 -34.68 -18.94 25.55
CA LEU B 591 -34.66 -17.63 24.92
C LEU B 591 -35.98 -16.91 25.11
N ASN B 592 -37.07 -17.69 25.09
CA ASN B 592 -38.41 -17.15 25.31
C ASN B 592 -38.59 -16.66 26.74
N GLU B 593 -37.98 -17.40 27.67
CA GLU B 593 -37.83 -16.96 29.06
C GLU B 593 -37.11 -15.61 29.08
N VAL B 594 -35.84 -15.62 28.66
CA VAL B 594 -35.00 -14.42 28.59
C VAL B 594 -35.72 -13.22 28.00
N THR B 595 -36.33 -13.37 26.83
CA THR B 595 -37.06 -12.27 26.21
C THR B 595 -38.31 -11.84 26.97
N HIS B 596 -38.89 -12.76 27.74
CA HIS B 596 -40.11 -12.44 28.50
C HIS B 596 -39.83 -11.37 29.55
N TYR B 597 -38.93 -11.70 30.47
CA TYR B 597 -38.47 -10.82 31.56
C TYR B 597 -38.34 -9.32 31.23
N TYR B 598 -37.84 -8.99 30.05
CA TYR B 598 -37.64 -7.58 29.68
C TYR B 598 -38.94 -6.87 29.29
N LEU B 599 -39.81 -7.57 28.58
CA LEU B 599 -41.06 -6.99 28.10
C LEU B 599 -42.11 -6.82 29.22
N THR B 600 -41.77 -7.30 30.42
CA THR B 600 -42.64 -7.28 31.58
C THR B 600 -41.96 -6.59 32.78
N LYS B 601 -41.23 -7.35 33.61
CA LYS B 601 -40.47 -6.80 34.75
C LYS B 601 -39.44 -5.75 34.38
N GLU B 602 -39.60 -5.13 33.23
CA GLU B 602 -38.69 -4.11 32.76
C GLU B 602 -39.27 -3.26 31.67
N LYS B 603 -40.54 -3.47 31.34
CA LYS B 603 -41.21 -2.71 30.27
C LYS B 603 -41.08 -1.20 30.47
N ASN B 604 -40.72 -0.86 31.71
CA ASN B 604 -40.37 0.49 32.13
C ASN B 604 -39.14 1.07 31.38
N ASN B 605 -38.04 0.31 31.34
CA ASN B 605 -36.76 0.76 30.72
C ASN B 605 -36.29 0.08 29.42
N VAL B 606 -36.96 -1.01 29.02
CA VAL B 606 -36.61 -1.75 27.80
C VAL B 606 -37.59 -1.41 26.68
N GLU B 607 -37.19 -1.60 25.44
CA GLU B 607 -37.99 -1.18 24.31
C GLU B 607 -38.25 -2.31 23.34
N SER B 608 -37.33 -3.26 23.23
CA SER B 608 -37.39 -4.30 22.20
C SER B 608 -36.33 -5.38 22.40
N VAL B 609 -36.72 -6.64 22.25
CA VAL B 609 -35.81 -7.77 22.41
C VAL B 609 -35.65 -8.65 21.18
N PHE B 610 -34.50 -8.53 20.52
CA PHE B 610 -34.20 -9.32 19.34
C PHE B 610 -33.42 -10.55 19.80
N ALA B 611 -34.12 -11.67 19.93
CA ALA B 611 -33.46 -12.88 20.44
C ALA B 611 -33.19 -13.83 19.32
N VAL B 612 -31.91 -14.16 19.16
CA VAL B 612 -31.48 -14.96 18.04
C VAL B 612 -31.03 -16.27 18.64
N ASN B 613 -31.69 -17.36 18.25
CA ASN B 613 -31.41 -18.69 18.81
C ASN B 613 -30.06 -19.28 18.40
N GLY B 614 -30.01 -20.13 17.37
CA GLY B 614 -28.79 -20.87 17.03
C GLY B 614 -27.51 -20.08 16.67
N PHE B 615 -27.37 -18.86 17.19
CA PHE B 615 -26.21 -18.03 16.94
C PHE B 615 -25.61 -17.42 18.20
N GLY B 616 -24.43 -17.88 18.58
CA GLY B 616 -23.68 -17.28 19.70
C GLY B 616 -22.53 -16.38 19.24
N PHE B 617 -21.78 -15.83 20.19
CA PHE B 617 -20.56 -15.13 19.84
C PHE B 617 -19.35 -16.03 20.07
N ALA B 618 -19.51 -17.03 20.94
CA ALA B 618 -18.51 -18.09 21.14
C ALA B 618 -18.65 -19.17 20.04
N GLY B 619 -18.84 -20.41 20.47
CA GLY B 619 -19.17 -21.49 19.52
C GLY B 619 -20.63 -21.37 19.10
N ARG B 620 -20.90 -21.30 17.79
CA ARG B 620 -22.29 -21.33 17.33
C ARG B 620 -22.75 -22.80 17.20
N GLY B 621 -24.06 -23.00 17.36
CA GLY B 621 -24.64 -24.33 17.40
C GLY B 621 -26.04 -24.31 18.02
N GLN B 622 -26.47 -25.47 18.52
CA GLN B 622 -27.79 -25.59 19.19
C GLN B 622 -27.81 -25.02 20.61
N ASN B 623 -26.89 -25.47 21.44
CA ASN B 623 -26.90 -25.10 22.85
C ASN B 623 -26.37 -23.69 23.13
N THR B 624 -26.77 -22.73 22.31
CA THR B 624 -26.22 -21.37 22.37
C THR B 624 -27.05 -20.38 21.59
N GLY B 625 -27.38 -19.26 22.24
CA GLY B 625 -28.09 -18.16 21.59
C GLY B 625 -27.70 -16.84 22.22
N ILE B 626 -28.15 -15.73 21.64
CA ILE B 626 -28.06 -14.46 22.34
C ILE B 626 -29.23 -13.58 21.97
N ALA B 627 -29.40 -12.51 22.77
CA ALA B 627 -30.47 -11.58 22.56
C ALA B 627 -30.05 -10.14 22.79
N PHE B 628 -29.97 -9.39 21.70
CA PHE B 628 -29.69 -7.96 21.72
C PHE B 628 -30.91 -7.24 22.24
N VAL B 629 -30.78 -6.66 23.42
CA VAL B 629 -31.89 -5.91 24.01
C VAL B 629 -31.64 -4.40 23.92
N SER B 630 -32.59 -3.71 23.28
CA SER B 630 -32.52 -2.26 23.12
C SER B 630 -33.37 -1.60 24.16
N LEU B 631 -33.00 -0.39 24.56
CA LEU B 631 -33.66 0.28 25.69
C LEU B 631 -34.62 1.38 25.30
N LYS B 632 -35.44 1.77 26.27
CA LYS B 632 -36.33 2.92 26.14
C LYS B 632 -35.50 4.17 25.88
N ASP B 633 -36.14 5.19 25.31
CA ASP B 633 -35.47 6.40 24.86
C ASP B 633 -34.58 7.01 25.96
N TRP B 634 -33.94 8.15 25.69
CA TRP B 634 -32.98 8.73 26.66
C TRP B 634 -33.55 9.51 27.86
N ALA B 635 -34.42 10.48 27.59
CA ALA B 635 -35.04 11.28 28.64
C ALA B 635 -36.10 10.50 29.45
N ASP B 636 -36.47 9.30 28.99
CA ASP B 636 -37.49 8.48 29.65
C ASP B 636 -36.92 7.57 30.76
N ARG B 637 -35.78 7.98 31.31
CA ARG B 637 -35.15 7.24 32.40
C ARG B 637 -34.50 8.21 33.38
N PRO B 638 -34.91 8.15 34.67
CA PRO B 638 -34.29 8.89 35.79
C PRO B 638 -32.85 8.46 36.05
N GLY B 639 -32.62 7.47 36.91
CA GLY B 639 -31.25 7.13 37.24
C GLY B 639 -30.99 5.80 37.92
N GLU B 640 -29.70 5.44 37.92
CA GLU B 640 -29.09 4.36 38.72
C GLU B 640 -29.82 3.03 38.72
N GLU B 641 -31.01 3.01 39.33
CA GLU B 641 -31.94 1.89 39.23
C GLU B 641 -32.47 1.74 37.78
N ASN B 642 -32.28 2.78 36.97
CA ASN B 642 -32.69 2.77 35.56
C ASN B 642 -31.55 3.06 34.54
N LYS B 643 -30.35 2.68 34.94
CA LYS B 643 -29.20 2.71 34.04
C LYS B 643 -28.71 1.29 33.78
N VAL B 644 -28.25 1.09 32.53
CA VAL B 644 -27.80 -0.21 32.03
C VAL B 644 -27.07 -1.01 33.07
N GLU B 645 -26.28 -0.31 33.87
CA GLU B 645 -25.44 -0.93 34.84
C GLU B 645 -26.26 -1.90 35.63
N ALA B 646 -27.39 -1.41 36.15
CA ALA B 646 -28.25 -2.14 37.08
C ALA B 646 -29.33 -2.98 36.38
N ILE B 647 -30.01 -2.41 35.38
CA ILE B 647 -30.90 -3.16 34.45
C ILE B 647 -30.36 -4.57 34.24
N THR B 648 -29.07 -4.60 33.90
CA THR B 648 -28.22 -5.77 33.83
C THR B 648 -28.16 -6.54 35.15
N MET B 649 -27.54 -5.96 36.18
CA MET B 649 -27.40 -6.59 37.51
C MET B 649 -28.66 -7.37 37.90
N ARG B 650 -29.78 -6.65 37.87
CA ARG B 650 -31.12 -7.21 38.05
C ARG B 650 -31.23 -8.51 37.27
N ALA B 651 -31.07 -8.42 35.95
CA ALA B 651 -31.26 -9.56 35.04
C ALA B 651 -30.25 -10.70 35.23
N THR B 652 -28.97 -10.37 35.39
CA THR B 652 -27.94 -11.37 35.70
C THR B 652 -28.18 -11.94 37.11
N ARG B 653 -29.03 -11.28 37.89
CA ARG B 653 -29.40 -11.74 39.23
C ARG B 653 -30.77 -12.44 39.19
N ALA B 654 -31.67 -11.95 38.36
CA ALA B 654 -32.98 -12.56 38.19
C ALA B 654 -32.78 -13.91 37.53
N PHE B 655 -32.80 -13.96 36.20
CA PHE B 655 -32.62 -15.24 35.50
C PHE B 655 -31.22 -15.86 35.67
N SER B 656 -30.50 -15.36 36.67
CA SER B 656 -29.21 -15.88 37.06
C SER B 656 -29.19 -17.39 37.18
N GLN B 657 -29.42 -17.87 38.40
CA GLN B 657 -29.31 -19.27 38.72
C GLN B 657 -30.69 -19.90 38.62
N ILE B 658 -31.27 -19.79 37.42
CA ILE B 658 -32.55 -20.45 37.07
C ILE B 658 -32.36 -21.60 36.07
N LYS B 659 -33.41 -22.44 35.96
CA LYS B 659 -33.48 -23.53 34.97
C LYS B 659 -32.25 -24.44 34.97
N ASP B 660 -31.61 -24.53 33.80
CA ASP B 660 -30.42 -25.36 33.60
C ASP B 660 -29.56 -24.72 32.49
N ALA B 661 -29.15 -23.46 32.73
CA ALA B 661 -28.54 -22.59 31.72
C ALA B 661 -27.66 -21.49 32.33
N MET B 662 -26.49 -21.27 31.72
CA MET B 662 -25.70 -20.07 32.00
C MET B 662 -26.23 -18.89 31.18
N VAL B 663 -26.64 -17.83 31.86
CA VAL B 663 -27.18 -16.64 31.22
C VAL B 663 -26.59 -15.40 31.91
N PHE B 664 -25.94 -14.51 31.14
CA PHE B 664 -25.38 -13.26 31.66
C PHE B 664 -25.82 -12.07 30.78
N ALA B 665 -25.99 -10.89 31.37
CA ALA B 665 -26.29 -9.71 30.58
C ALA B 665 -24.99 -8.98 30.33
N PHE B 666 -24.92 -7.71 30.74
CA PHE B 666 -23.66 -6.92 30.72
C PHE B 666 -23.56 -5.82 29.66
N ASN B 667 -22.77 -4.79 30.01
CA ASN B 667 -22.54 -3.62 29.17
C ASN B 667 -21.32 -3.79 28.25
N LEU B 668 -21.08 -2.79 27.40
CA LEU B 668 -20.04 -2.85 26.37
C LEU B 668 -18.78 -2.07 26.84
N PRO B 669 -17.64 -2.29 26.17
CA PRO B 669 -16.45 -1.50 26.51
C PRO B 669 -15.95 -0.43 25.47
N ALA B 670 -14.72 -0.60 24.98
CA ALA B 670 -14.17 0.13 23.81
C ALA B 670 -14.78 -0.30 22.45
N ILE B 671 -15.25 -1.56 22.36
CA ILE B 671 -15.88 -2.17 21.15
C ILE B 671 -14.78 -2.62 20.21
N VAL B 672 -15.16 -3.17 19.05
CA VAL B 672 -14.23 -3.52 17.96
C VAL B 672 -13.26 -4.63 18.44
N GLU B 673 -13.43 -5.08 19.69
CA GLU B 673 -12.35 -5.70 20.45
C GLU B 673 -12.75 -6.96 21.25
N LEU B 674 -13.29 -7.95 20.55
CA LEU B 674 -13.82 -9.23 21.12
C LEU B 674 -15.25 -9.09 21.74
N GLY B 675 -16.06 -10.17 21.60
CA GLY B 675 -17.52 -10.17 21.84
C GLY B 675 -18.13 -9.29 22.92
N THR B 676 -18.09 -7.97 22.70
CA THR B 676 -18.48 -6.94 23.70
C THR B 676 -18.28 -7.42 25.15
N ALA B 677 -17.20 -8.17 25.32
CA ALA B 677 -16.74 -8.62 26.63
C ALA B 677 -16.41 -7.44 27.57
N THR B 678 -17.41 -6.97 28.31
CA THR B 678 -17.14 -6.03 29.38
C THR B 678 -16.44 -6.76 30.53
N GLY B 679 -15.59 -6.04 31.24
CA GLY B 679 -14.76 -6.67 32.26
C GLY B 679 -13.41 -7.10 31.75
N PHE B 680 -13.00 -8.32 32.09
CA PHE B 680 -11.66 -8.75 31.73
C PHE B 680 -11.68 -9.94 30.79
N ASP B 681 -10.53 -10.19 30.16
CA ASP B 681 -10.38 -11.14 29.06
C ASP B 681 -9.10 -11.96 29.25
N PHE B 682 -9.25 -13.18 29.80
CA PHE B 682 -8.09 -13.95 30.29
C PHE B 682 -7.79 -15.20 29.46
N GLU B 683 -6.52 -15.39 29.10
CA GLU B 683 -6.14 -16.54 28.26
C GLU B 683 -5.31 -17.57 29.01
N LEU B 684 -5.94 -18.69 29.35
CA LEU B 684 -5.24 -19.77 30.00
C LEU B 684 -4.53 -20.53 28.91
N ILE B 685 -3.21 -20.44 28.91
CA ILE B 685 -2.41 -21.01 27.83
C ILE B 685 -1.74 -22.32 28.30
N ASP B 686 -1.70 -23.31 27.41
CA ASP B 686 -1.07 -24.60 27.73
C ASP B 686 0.33 -24.70 27.12
N GLN B 687 1.33 -24.51 27.97
CA GLN B 687 2.68 -24.23 27.49
C GLN B 687 3.61 -25.43 27.54
N ALA B 688 3.03 -26.62 27.64
CA ALA B 688 3.77 -27.88 27.52
C ALA B 688 2.91 -28.97 26.86
N GLY B 689 3.38 -30.22 26.94
CA GLY B 689 2.58 -31.34 26.51
C GLY B 689 1.28 -31.54 27.28
N LEU B 690 0.59 -32.63 26.92
CA LEU B 690 -0.74 -33.00 27.46
C LEU B 690 -1.77 -31.87 27.44
N GLY B 691 -2.54 -31.88 26.36
CA GLY B 691 -3.50 -30.82 26.06
C GLY B 691 -4.82 -30.96 26.77
N HIS B 692 -5.87 -31.14 25.97
CA HIS B 692 -7.26 -30.90 26.39
C HIS B 692 -7.83 -31.93 27.34
N GLU B 693 -7.19 -32.07 28.50
CA GLU B 693 -7.70 -32.86 29.63
C GLU B 693 -7.07 -32.22 30.84
N LYS B 694 -5.74 -32.35 30.95
CA LYS B 694 -4.92 -31.69 31.95
C LYS B 694 -5.20 -30.20 31.98
N LEU B 695 -5.27 -29.58 30.80
CA LEU B 695 -5.62 -28.18 30.67
C LEU B 695 -7.02 -27.94 31.20
N THR B 696 -7.96 -28.81 30.80
CA THR B 696 -9.36 -28.66 31.21
C THR B 696 -9.48 -28.78 32.72
N GLN B 697 -8.67 -29.66 33.32
CA GLN B 697 -8.57 -29.79 34.77
C GLN B 697 -7.91 -28.57 35.40
N ALA B 698 -7.00 -27.92 34.68
CA ALA B 698 -6.26 -26.76 35.20
C ALA B 698 -7.05 -25.45 35.16
N ARG B 699 -8.09 -25.42 34.34
CA ARG B 699 -9.23 -24.52 34.50
C ARG B 699 -10.05 -25.18 35.61
N ASN B 700 -11.30 -24.78 35.80
CA ASN B 700 -12.13 -25.43 36.81
C ASN B 700 -11.52 -25.22 38.18
N GLN B 701 -10.29 -25.69 38.33
CA GLN B 701 -9.48 -25.42 39.51
C GLN B 701 -8.81 -24.05 39.33
N LEU B 702 -9.42 -23.20 38.51
CA LEU B 702 -9.06 -21.78 38.37
C LEU B 702 -10.28 -20.92 38.71
N LEU B 703 -11.43 -21.27 38.18
CA LEU B 703 -12.67 -20.62 38.57
C LEU B 703 -13.12 -21.15 39.95
N ALA B 704 -12.68 -22.35 40.30
CA ALA B 704 -12.81 -22.85 41.65
C ALA B 704 -11.80 -22.11 42.52
N GLU B 705 -12.13 -20.86 42.81
CA GLU B 705 -11.23 -19.94 43.50
C GLU B 705 -11.62 -18.55 43.06
N ALA B 706 -11.82 -18.39 41.77
CA ALA B 706 -12.28 -17.12 41.23
C ALA B 706 -13.76 -16.86 41.60
N ALA B 707 -14.58 -17.90 41.53
CA ALA B 707 -15.98 -17.83 41.94
C ALA B 707 -16.05 -17.80 43.46
N LYS B 708 -14.88 -17.85 44.09
CA LYS B 708 -14.74 -17.94 45.53
C LYS B 708 -14.42 -16.59 46.21
N HIS B 709 -14.24 -15.53 45.42
CA HIS B 709 -14.06 -14.19 46.00
C HIS B 709 -15.17 -13.21 45.56
N PRO B 710 -16.48 -13.52 45.80
CA PRO B 710 -17.53 -12.62 45.29
C PRO B 710 -17.35 -11.15 45.71
N ASP B 711 -16.49 -10.96 46.71
CA ASP B 711 -16.06 -9.65 47.22
C ASP B 711 -15.33 -8.80 46.15
N MET B 712 -15.04 -9.41 45.00
CA MET B 712 -14.22 -8.80 43.93
C MET B 712 -14.75 -9.18 42.53
N LEU B 713 -14.26 -10.34 42.08
CA LEU B 713 -14.67 -11.04 40.86
C LEU B 713 -16.13 -11.45 40.91
N THR B 714 -16.92 -10.87 40.02
CA THR B 714 -18.36 -11.09 40.00
C THR B 714 -18.82 -12.35 39.25
N SER B 715 -18.36 -12.56 38.01
CA SER B 715 -18.85 -13.72 37.23
C SER B 715 -17.85 -14.33 36.24
N VAL B 716 -16.71 -14.77 36.73
CA VAL B 716 -15.78 -15.57 35.93
C VAL B 716 -16.54 -16.62 35.13
N ARG B 717 -16.21 -16.74 33.86
CA ARG B 717 -16.86 -17.72 32.96
C ARG B 717 -15.92 -18.18 31.83
N PRO B 718 -16.04 -19.47 31.40
CA PRO B 718 -15.32 -19.89 30.19
C PRO B 718 -16.03 -19.37 28.93
N ASN B 719 -15.28 -18.98 27.90
CA ASN B 719 -15.95 -18.50 26.69
C ASN B 719 -16.39 -19.68 25.84
N GLY B 720 -15.77 -20.83 26.06
CA GLY B 720 -15.87 -21.97 25.15
C GLY B 720 -17.08 -22.87 25.28
N LEU B 721 -16.90 -24.12 24.90
CA LEU B 721 -17.94 -25.15 24.97
C LEU B 721 -17.43 -26.43 25.65
N GLU B 722 -18.30 -27.08 26.42
CA GLU B 722 -17.86 -28.16 27.26
C GLU B 722 -17.93 -29.51 26.56
N ASP B 723 -16.92 -30.35 26.84
CA ASP B 723 -16.68 -31.63 26.19
C ASP B 723 -17.90 -32.47 25.81
N THR B 724 -18.26 -32.39 24.54
CA THR B 724 -19.48 -32.98 24.04
C THR B 724 -19.38 -34.52 23.91
N PRO B 725 -20.52 -35.21 24.04
CA PRO B 725 -20.70 -36.59 23.56
C PRO B 725 -20.86 -36.63 22.03
N GLN B 726 -20.33 -37.67 21.41
CA GLN B 726 -20.45 -37.82 19.97
C GLN B 726 -20.62 -39.26 19.53
N PHE B 727 -21.53 -39.45 18.58
CA PHE B 727 -21.93 -40.76 18.14
C PHE B 727 -21.07 -41.29 17.01
N LYS B 728 -20.36 -42.38 17.25
CA LYS B 728 -19.53 -42.98 16.21
C LYS B 728 -20.20 -44.14 15.48
N ILE B 729 -20.85 -43.86 14.36
CA ILE B 729 -21.17 -44.91 13.40
C ILE B 729 -19.86 -45.52 12.93
N ASP B 730 -19.94 -46.54 12.10
CA ASP B 730 -18.74 -47.24 11.68
C ASP B 730 -19.09 -48.19 10.57
N ILE B 731 -18.31 -48.17 9.49
CA ILE B 731 -18.50 -49.07 8.35
C ILE B 731 -17.44 -50.18 8.36
N ASP B 732 -17.88 -51.45 8.34
CA ASP B 732 -16.90 -52.55 8.32
C ASP B 732 -16.76 -53.14 6.94
N GLN B 733 -16.64 -52.20 6.00
CA GLN B 733 -16.33 -52.35 4.58
C GLN B 733 -16.19 -53.76 4.02
N GLU B 734 -15.22 -54.49 4.56
CA GLU B 734 -14.95 -55.88 4.18
C GLU B 734 -16.25 -56.68 4.11
N LYS B 735 -17.09 -56.51 5.12
CA LYS B 735 -18.39 -57.16 5.20
C LYS B 735 -19.25 -56.65 4.05
N ALA B 736 -19.44 -55.32 4.01
CA ALA B 736 -20.15 -54.64 2.92
C ALA B 736 -19.75 -55.04 1.50
N GLN B 737 -18.46 -55.38 1.33
CA GLN B 737 -17.88 -55.80 0.04
C GLN B 737 -18.49 -57.14 -0.44
N ALA B 738 -18.51 -58.12 0.46
CA ALA B 738 -19.11 -59.44 0.18
C ALA B 738 -20.62 -59.37 -0.12
N LEU B 739 -21.31 -58.38 0.47
CA LEU B 739 -22.75 -58.18 0.24
C LEU B 739 -23.06 -57.49 -1.08
N GLY B 740 -22.02 -57.29 -1.90
CA GLY B 740 -22.18 -56.64 -3.21
C GLY B 740 -22.43 -55.15 -3.13
N VAL B 741 -21.93 -54.51 -2.06
CA VAL B 741 -22.25 -53.11 -1.74
C VAL B 741 -21.07 -52.15 -1.87
N SER B 742 -21.23 -51.14 -2.74
CA SER B 742 -20.15 -50.17 -2.99
C SER B 742 -19.93 -49.24 -1.78
N ILE B 743 -18.66 -49.00 -1.45
CA ILE B 743 -18.28 -48.19 -0.29
C ILE B 743 -18.68 -46.74 -0.47
N ASN B 744 -18.87 -46.34 -1.72
CA ASN B 744 -19.34 -45.01 -2.05
C ASN B 744 -20.80 -45.00 -1.70
N ASP B 745 -21.56 -45.84 -2.39
CA ASP B 745 -22.99 -45.85 -2.28
C ASP B 745 -23.40 -45.80 -0.81
N ILE B 746 -22.76 -46.62 0.03
CA ILE B 746 -22.93 -46.48 1.47
C ILE B 746 -22.77 -45.02 1.90
N ASN B 747 -21.55 -44.50 1.75
CA ASN B 747 -21.16 -43.17 2.25
C ASN B 747 -22.09 -42.09 1.79
N THR B 748 -22.30 -42.03 0.45
CA THR B 748 -23.21 -41.07 -0.21
C THR B 748 -24.64 -41.24 0.34
N THR B 749 -24.87 -42.35 1.04
CA THR B 749 -26.16 -42.58 1.63
C THR B 749 -26.12 -42.25 3.11
N LEU B 750 -25.25 -42.89 3.89
CA LEU B 750 -25.18 -42.50 5.29
C LEU B 750 -25.16 -40.98 5.41
N GLY B 751 -24.33 -40.37 4.54
CA GLY B 751 -24.05 -38.93 4.54
C GLY B 751 -25.13 -38.02 4.01
N ALA B 752 -25.50 -38.21 2.75
CA ALA B 752 -26.53 -37.36 2.15
C ALA B 752 -27.81 -37.37 2.98
N ALA B 753 -28.05 -38.49 3.67
CA ALA B 753 -29.26 -38.69 4.46
C ALA B 753 -29.27 -37.76 5.65
N TRP B 754 -28.28 -37.94 6.51
CA TRP B 754 -28.23 -37.24 7.77
C TRP B 754 -27.62 -35.83 7.66
N GLY B 755 -26.72 -35.60 6.71
CA GLY B 755 -26.02 -34.31 6.59
C GLY B 755 -26.61 -33.38 5.55
N GLY B 756 -27.25 -33.99 4.56
CA GLY B 756 -27.71 -33.25 3.39
C GLY B 756 -26.58 -33.19 2.38
N SER B 757 -26.86 -32.67 1.20
CA SER B 757 -25.81 -32.45 0.26
C SER B 757 -26.26 -31.42 -0.72
N TYR B 758 -25.42 -30.39 -0.90
CA TYR B 758 -25.52 -29.43 -2.01
C TYR B 758 -25.38 -30.24 -3.31
N VAL B 759 -26.39 -30.16 -4.17
CA VAL B 759 -26.34 -30.88 -5.46
C VAL B 759 -26.12 -29.90 -6.63
N ASN B 760 -27.05 -28.96 -6.80
CA ASN B 760 -27.02 -28.11 -7.93
C ASN B 760 -27.36 -26.71 -7.54
N ASP B 761 -27.49 -25.86 -8.54
CA ASP B 761 -28.19 -24.63 -8.36
C ASP B 761 -29.38 -24.75 -9.29
N PHE B 762 -30.43 -24.00 -8.95
CA PHE B 762 -31.59 -23.80 -9.79
C PHE B 762 -31.88 -22.29 -9.83
N ILE B 763 -32.75 -21.85 -10.75
CA ILE B 763 -33.04 -20.42 -10.82
C ILE B 763 -34.37 -20.10 -10.16
N ASP B 764 -34.32 -19.68 -8.88
CA ASP B 764 -35.50 -19.23 -8.15
C ASP B 764 -35.90 -17.79 -8.53
N ARG B 765 -37.05 -17.64 -9.16
CA ARG B 765 -37.55 -16.33 -9.50
C ARG B 765 -36.52 -15.42 -10.17
N GLY B 766 -35.38 -16.00 -10.56
CA GLY B 766 -34.32 -15.26 -11.27
C GLY B 766 -32.98 -15.14 -10.56
N ARG B 767 -32.88 -15.71 -9.36
CA ARG B 767 -31.67 -15.64 -8.61
C ARG B 767 -31.22 -17.03 -8.27
N VAL B 768 -29.97 -17.35 -8.61
CA VAL B 768 -29.41 -18.65 -8.40
C VAL B 768 -29.45 -19.03 -6.94
N LYS B 769 -30.07 -20.17 -6.61
CA LYS B 769 -30.06 -20.66 -5.23
C LYS B 769 -29.60 -22.11 -5.12
N LYS B 770 -29.21 -22.50 -3.91
CA LYS B 770 -28.68 -23.84 -3.69
C LYS B 770 -29.83 -24.91 -3.88
N VAL B 771 -29.48 -26.15 -4.22
CA VAL B 771 -30.43 -27.25 -4.29
C VAL B 771 -29.90 -28.38 -3.47
N TYR B 772 -30.51 -28.61 -2.32
CA TYR B 772 -30.10 -29.70 -1.41
C TYR B 772 -30.98 -30.92 -1.42
N VAL B 773 -30.47 -31.94 -0.73
CA VAL B 773 -31.06 -33.24 -0.65
C VAL B 773 -30.71 -33.78 0.72
N MET B 774 -31.72 -34.02 1.54
CA MET B 774 -31.48 -34.35 2.97
C MET B 774 -32.12 -35.67 3.53
N SER B 775 -33.34 -35.53 4.07
CA SER B 775 -34.08 -36.56 4.80
C SER B 775 -35.03 -35.83 5.74
N GLU B 776 -36.30 -36.23 5.76
CA GLU B 776 -37.24 -35.74 6.77
C GLU B 776 -36.62 -35.87 8.17
N ALA B 777 -37.06 -35.04 9.09
CA ALA B 777 -36.41 -34.98 10.38
C ALA B 777 -36.58 -36.31 11.10
N LYS B 778 -37.73 -36.93 10.91
CA LYS B 778 -37.97 -38.34 11.25
C LYS B 778 -36.90 -39.19 10.52
N TYR B 779 -36.56 -40.35 11.07
CA TYR B 779 -35.45 -41.20 10.53
C TYR B 779 -34.15 -40.47 10.23
N ARG B 780 -33.80 -39.57 11.14
CA ARG B 780 -32.60 -38.76 11.04
C ARG B 780 -32.24 -38.19 12.40
N MET B 781 -32.80 -38.80 13.44
CA MET B 781 -32.64 -38.37 14.82
C MET B 781 -31.83 -39.39 15.61
N LEU B 782 -32.52 -40.40 16.14
CA LEU B 782 -31.97 -41.35 17.12
C LEU B 782 -31.13 -42.48 16.47
N PRO B 783 -30.20 -43.06 17.25
CA PRO B 783 -29.28 -44.11 16.82
C PRO B 783 -29.90 -45.37 16.23
N ASP B 784 -31.22 -45.43 16.15
CA ASP B 784 -31.88 -46.62 15.60
C ASP B 784 -32.51 -46.33 14.27
N ASP B 785 -32.77 -45.05 14.03
CA ASP B 785 -33.07 -44.54 12.72
C ASP B 785 -32.03 -45.02 11.73
N ILE B 786 -30.76 -45.04 12.12
CA ILE B 786 -29.72 -45.55 11.24
C ILE B 786 -30.29 -46.72 10.46
N GLY B 787 -30.95 -47.65 11.17
CA GLY B 787 -31.48 -48.89 10.59
C GLY B 787 -32.40 -48.75 9.38
N ASP B 788 -33.20 -47.68 9.39
CA ASP B 788 -34.25 -47.41 8.38
C ASP B 788 -33.78 -47.20 6.92
N TRP B 789 -32.48 -47.00 6.72
CA TRP B 789 -31.93 -46.65 5.42
C TRP B 789 -31.27 -47.85 4.79
N TYR B 790 -31.67 -48.16 3.55
CA TYR B 790 -31.13 -49.35 2.87
C TYR B 790 -30.28 -49.05 1.62
N VAL B 791 -29.15 -49.73 1.50
CA VAL B 791 -28.17 -49.47 0.44
C VAL B 791 -28.18 -50.58 -0.63
N ARG B 792 -28.48 -50.23 -1.89
CA ARG B 792 -28.54 -51.21 -3.00
C ARG B 792 -27.19 -51.88 -3.31
N ALA B 793 -27.23 -53.00 -4.04
CA ALA B 793 -26.03 -53.83 -4.29
C ALA B 793 -25.91 -54.38 -5.72
N ALA B 794 -24.65 -54.65 -6.12
CA ALA B 794 -24.29 -55.32 -7.38
C ALA B 794 -25.42 -56.09 -8.06
N ASP B 795 -25.86 -57.16 -7.39
CA ASP B 795 -26.99 -58.01 -7.79
C ASP B 795 -28.26 -57.19 -8.01
N GLY B 796 -28.85 -56.68 -6.92
CA GLY B 796 -30.04 -55.84 -6.96
C GLY B 796 -30.87 -55.78 -5.69
N GLN B 797 -30.25 -56.09 -4.55
CA GLN B 797 -30.96 -56.17 -3.26
C GLN B 797 -30.60 -55.03 -2.31
N MET B 798 -31.60 -54.40 -1.68
CA MET B 798 -31.33 -53.36 -0.66
C MET B 798 -30.89 -54.01 0.65
N VAL B 799 -29.79 -53.55 1.23
CA VAL B 799 -29.29 -54.18 2.45
C VAL B 799 -29.42 -53.29 3.68
N PRO B 800 -29.83 -53.88 4.80
CA PRO B 800 -30.07 -53.18 6.06
C PRO B 800 -28.79 -52.60 6.55
N PHE B 801 -28.81 -51.33 6.90
CA PHE B 801 -27.59 -50.61 7.15
C PHE B 801 -26.69 -51.30 8.19
N SER B 802 -27.31 -52.15 9.01
CA SER B 802 -26.57 -52.92 9.99
C SER B 802 -26.15 -54.30 9.48
N ALA B 803 -26.05 -54.43 8.16
CA ALA B 803 -25.45 -55.61 7.55
C ALA B 803 -23.95 -55.36 7.43
N PHE B 804 -23.53 -54.14 7.81
CA PHE B 804 -22.13 -53.69 7.69
C PHE B 804 -21.75 -52.50 8.59
N SER B 805 -22.69 -52.04 9.40
CA SER B 805 -22.43 -50.95 10.32
C SER B 805 -21.78 -51.41 11.64
N SER B 806 -22.12 -50.75 12.74
CA SER B 806 -21.50 -50.90 14.06
C SER B 806 -21.81 -49.62 14.86
N SER B 807 -21.16 -49.40 16.01
CA SER B 807 -21.50 -48.26 16.88
C SER B 807 -20.69 -48.17 18.18
N ARG B 808 -20.89 -47.06 18.89
CA ARG B 808 -20.14 -46.70 20.09
C ARG B 808 -20.56 -45.28 20.50
N TRP B 809 -19.92 -44.75 21.54
CA TRP B 809 -19.96 -43.32 21.87
C TRP B 809 -18.54 -42.83 22.13
N GLU B 810 -18.33 -41.51 22.07
CA GLU B 810 -17.06 -40.91 22.47
C GLU B 810 -17.27 -39.52 23.04
N TYR B 811 -16.21 -39.00 23.66
CA TYR B 811 -16.24 -37.67 24.26
C TYR B 811 -15.06 -36.86 23.78
N GLY B 812 -15.27 -36.15 22.68
CA GLY B 812 -14.31 -35.16 22.20
C GLY B 812 -14.78 -33.77 22.59
N SER B 813 -14.14 -32.74 22.05
CA SER B 813 -14.60 -31.37 22.27
C SER B 813 -15.37 -30.88 21.05
N PRO B 814 -16.28 -29.91 21.26
CA PRO B 814 -16.83 -29.20 20.09
C PRO B 814 -16.05 -27.93 19.72
N ARG B 815 -15.11 -27.52 20.59
CA ARG B 815 -14.47 -26.21 20.49
C ARG B 815 -13.12 -26.19 21.12
N LEU B 816 -12.11 -26.35 20.27
CA LEU B 816 -10.70 -26.26 20.66
C LEU B 816 -10.15 -24.89 20.32
N GLU B 817 -9.56 -24.26 21.32
CA GLU B 817 -9.09 -22.90 21.18
C GLU B 817 -7.57 -22.91 21.19
N ARG B 818 -6.99 -21.88 20.54
CA ARG B 818 -5.55 -21.62 20.59
C ARG B 818 -5.25 -20.12 20.73
N TYR B 819 -4.31 -19.82 21.62
CA TYR B 819 -3.71 -18.50 21.70
C TYR B 819 -2.25 -18.64 21.35
N ASN B 820 -1.77 -17.64 20.62
CA ASN B 820 -0.48 -17.68 19.92
C ASN B 820 0.00 -19.11 19.65
N GLY B 821 -0.79 -19.82 18.83
CA GLY B 821 -0.43 -21.13 18.31
C GLY B 821 -0.48 -22.25 19.34
N LEU B 822 -0.62 -21.85 20.60
CA LEU B 822 -0.65 -22.80 21.71
C LEU B 822 -2.11 -23.02 22.13
N PRO B 823 -2.43 -24.24 22.64
CA PRO B 823 -3.78 -24.58 23.08
C PRO B 823 -4.21 -23.77 24.30
N SER B 824 -5.48 -23.36 24.30
CA SER B 824 -5.97 -22.39 25.24
C SER B 824 -7.44 -22.54 25.66
N MET B 825 -7.80 -21.81 26.72
CA MET B 825 -9.20 -21.53 27.05
C MET B 825 -9.33 -20.08 27.48
N GLU B 826 -10.16 -19.32 26.76
CA GLU B 826 -10.37 -17.94 27.08
C GLU B 826 -11.32 -17.94 28.27
N ILE B 827 -11.06 -17.05 29.23
CA ILE B 827 -11.94 -16.83 30.40
C ILE B 827 -12.32 -15.34 30.55
N LEU B 828 -13.62 -15.09 30.74
CA LEU B 828 -14.14 -13.74 30.90
C LEU B 828 -14.47 -13.43 32.34
N GLY B 829 -15.47 -12.57 32.56
CA GLY B 829 -15.87 -12.21 33.91
C GLY B 829 -15.44 -10.81 34.27
N GLN B 830 -15.97 -10.29 35.39
CA GLN B 830 -15.75 -8.88 35.73
C GLN B 830 -15.47 -8.53 37.21
N ALA B 831 -15.80 -7.29 37.58
CA ALA B 831 -15.56 -6.74 38.92
C ALA B 831 -16.56 -5.63 39.31
N ALA B 832 -17.68 -5.56 38.59
CA ALA B 832 -18.66 -4.46 38.72
C ALA B 832 -19.20 -4.21 40.15
N PRO B 833 -19.59 -5.30 40.90
CA PRO B 833 -19.93 -5.06 42.31
C PRO B 833 -18.66 -4.73 43.07
N GLY B 834 -17.63 -5.57 42.92
CA GLY B 834 -16.35 -5.36 43.59
C GLY B 834 -15.77 -3.96 43.41
N LYS B 835 -14.58 -3.90 42.83
CA LYS B 835 -13.93 -2.63 42.63
C LYS B 835 -13.41 -2.43 41.18
N SER B 836 -12.18 -1.97 41.02
CA SER B 836 -11.64 -1.64 39.70
C SER B 836 -11.33 -2.85 38.84
N THR B 837 -11.54 -2.70 37.52
CA THR B 837 -11.18 -3.74 36.55
C THR B 837 -9.71 -4.13 36.68
N GLY B 838 -8.91 -3.21 37.23
CA GLY B 838 -7.50 -3.46 37.52
C GLY B 838 -7.35 -4.50 38.60
N GLU B 839 -8.25 -4.46 39.57
CA GLU B 839 -8.26 -5.41 40.69
C GLU B 839 -8.68 -6.80 40.26
N ALA B 840 -9.78 -6.89 39.50
CA ALA B 840 -10.29 -8.17 39.04
C ALA B 840 -9.21 -8.91 38.25
N MET B 841 -8.45 -8.15 37.44
CA MET B 841 -7.28 -8.64 36.71
C MET B 841 -6.15 -9.02 37.66
N GLU B 842 -5.86 -8.11 38.61
CA GLU B 842 -4.73 -8.24 39.56
C GLU B 842 -4.87 -9.48 40.44
N LEU B 843 -6.06 -9.64 40.98
CA LEU B 843 -6.43 -10.85 41.70
C LEU B 843 -6.23 -12.07 40.79
N MET B 844 -6.78 -12.02 39.58
CA MET B 844 -6.70 -13.14 38.67
C MET B 844 -5.24 -13.60 38.42
N GLU B 845 -4.31 -12.65 38.35
CA GLU B 845 -2.90 -12.97 38.16
C GLU B 845 -2.34 -13.75 39.33
N GLN B 846 -2.92 -13.51 40.51
CA GLN B 846 -2.56 -14.23 41.73
C GLN B 846 -2.96 -15.69 41.57
N LEU B 847 -4.27 -15.91 41.37
CA LEU B 847 -4.85 -17.26 41.28
C LEU B 847 -4.30 -18.01 40.08
N ALA B 848 -3.65 -17.26 39.19
CA ALA B 848 -3.10 -17.81 37.97
C ALA B 848 -1.77 -18.56 38.19
N SER B 849 -0.98 -18.13 39.17
CA SER B 849 0.27 -18.83 39.51
C SER B 849 0.01 -20.15 40.25
N LYS B 850 -1.23 -20.66 40.13
CA LYS B 850 -1.68 -21.92 40.78
C LYS B 850 -2.29 -22.97 39.81
N LEU B 851 -2.33 -24.21 40.31
CA LEU B 851 -2.67 -25.44 39.55
C LEU B 851 -1.86 -25.64 38.26
N PRO B 852 -0.64 -25.07 38.21
CA PRO B 852 0.11 -25.01 36.99
C PRO B 852 0.76 -26.36 36.77
N THR B 853 2.10 -26.37 36.80
CA THR B 853 2.98 -27.49 36.46
C THR B 853 3.37 -27.42 34.99
N GLY B 854 2.91 -26.37 34.32
CA GLY B 854 3.15 -26.18 32.88
C GLY B 854 2.03 -25.37 32.23
N VAL B 855 0.92 -25.24 32.95
CA VAL B 855 -0.22 -24.43 32.53
C VAL B 855 0.10 -22.95 32.78
N GLY B 856 0.11 -22.14 31.72
CA GLY B 856 0.37 -20.71 31.81
C GLY B 856 -0.81 -19.81 31.50
N TYR B 857 -0.57 -18.51 31.43
CA TYR B 857 -1.66 -17.54 31.17
C TYR B 857 -1.24 -16.28 30.41
N ASP B 858 -2.23 -15.56 29.89
CA ASP B 858 -2.01 -14.25 29.27
C ASP B 858 -3.30 -13.46 29.18
N TRP B 859 -3.19 -12.21 28.78
CA TRP B 859 -4.35 -11.34 28.61
C TRP B 859 -4.56 -10.99 27.17
N THR B 860 -5.79 -10.60 26.83
CA THR B 860 -6.10 -10.21 25.45
C THR B 860 -7.19 -9.13 25.39
N GLY B 861 -7.57 -8.74 24.18
CA GLY B 861 -8.67 -7.82 23.96
C GLY B 861 -8.58 -6.57 24.79
N MET B 862 -9.72 -6.15 25.33
CA MET B 862 -9.81 -5.07 26.30
C MET B 862 -8.71 -5.12 27.36
N SER B 863 -8.48 -6.31 27.90
CA SER B 863 -7.45 -6.53 28.89
C SER B 863 -6.08 -6.11 28.37
N TYR B 864 -5.59 -6.79 27.33
CA TYR B 864 -4.21 -6.59 26.83
C TYR B 864 -3.94 -5.13 26.66
N GLN B 865 -4.97 -4.39 26.27
CA GLN B 865 -4.86 -2.99 26.07
C GLN B 865 -4.74 -2.26 27.40
N GLU B 866 -5.46 -2.74 28.42
CA GLU B 866 -5.45 -2.12 29.75
C GLU B 866 -4.11 -2.28 30.44
N ARG B 867 -3.63 -3.52 30.54
CA ARG B 867 -2.25 -3.79 30.97
C ARG B 867 -1.23 -2.82 30.33
N LEU B 868 -1.03 -2.90 29.02
CA LEU B 868 -0.03 -2.07 28.32
C LEU B 868 -0.62 -0.65 28.17
N SER B 869 -0.91 -0.05 29.33
CA SER B 869 -1.38 1.32 29.49
C SER B 869 -0.96 1.79 30.88
N GLY B 870 -1.02 0.86 31.83
CA GLY B 870 -0.61 1.13 33.21
C GLY B 870 0.89 1.01 33.33
N ASN B 871 1.48 0.14 32.52
CA ASN B 871 2.91 -0.10 32.55
C ASN B 871 3.71 1.04 31.92
N GLN B 872 3.05 1.82 31.07
CA GLN B 872 3.67 2.99 30.45
C GLN B 872 3.63 4.23 31.34
N ALA B 873 2.66 4.31 32.24
CA ALA B 873 2.46 5.48 33.11
C ALA B 873 3.76 6.04 33.71
N PRO B 874 4.48 5.22 34.53
CA PRO B 874 5.79 5.64 35.04
C PRO B 874 6.59 6.36 33.96
N SER B 875 7.03 5.61 32.95
CA SER B 875 7.71 6.14 31.78
C SER B 875 7.13 7.46 31.28
N LEU B 876 5.79 7.57 31.30
CA LEU B 876 5.14 8.77 30.80
C LEU B 876 5.50 9.99 31.66
N TYR B 877 5.06 10.02 32.92
CA TYR B 877 5.33 11.18 33.79
C TYR B 877 6.83 11.48 33.83
N ALA B 878 7.65 10.46 34.04
CA ALA B 878 9.09 10.60 33.90
C ALA B 878 9.51 11.52 32.73
N ILE B 879 9.35 11.07 31.49
CA ILE B 879 9.82 11.84 30.31
C ILE B 879 9.13 13.21 30.13
N SER B 880 7.88 13.30 30.59
CA SER B 880 7.06 14.53 30.52
C SER B 880 7.57 15.59 31.49
N LEU B 881 8.04 15.11 32.63
CA LEU B 881 8.76 15.95 33.56
C LEU B 881 10.09 16.33 32.91
N ILE B 882 10.98 15.36 32.70
CA ILE B 882 12.28 15.65 32.08
C ILE B 882 12.14 16.75 31.01
N VAL B 883 11.06 16.70 30.22
CA VAL B 883 10.87 17.67 29.12
C VAL B 883 10.52 19.05 29.65
N VAL B 884 9.56 19.10 30.56
CA VAL B 884 9.17 20.34 31.20
C VAL B 884 10.34 21.01 31.94
N PHE B 885 11.13 20.20 32.67
CA PHE B 885 12.29 20.70 33.41
C PHE B 885 13.36 21.26 32.49
N LEU B 886 13.61 20.58 31.37
CA LEU B 886 14.54 21.07 30.35
C LEU B 886 14.02 22.30 29.61
N CYS B 887 12.71 22.46 29.55
CA CYS B 887 12.06 23.58 28.87
C CYS B 887 12.21 24.90 29.59
N LEU B 888 12.42 24.85 30.90
CA LEU B 888 12.53 26.05 31.70
C LEU B 888 13.99 26.44 31.84
N ALA B 889 14.84 25.43 32.05
CA ALA B 889 16.28 25.62 32.14
C ALA B 889 16.87 26.08 30.80
N ALA B 890 16.06 26.81 30.03
CA ALA B 890 16.43 27.27 28.72
C ALA B 890 15.62 28.52 28.55
N LEU B 891 14.39 28.46 29.07
CA LEU B 891 13.47 29.58 29.02
C LEU B 891 14.02 30.73 29.85
N TYR B 892 14.42 30.42 31.08
CA TYR B 892 14.85 31.47 32.00
C TYR B 892 16.35 31.55 32.18
N GLU B 893 17.09 30.76 31.39
CA GLU B 893 18.56 30.66 31.45
C GLU B 893 19.10 30.21 32.80
N SER B 894 18.20 29.76 33.67
CA SER B 894 18.59 29.31 34.99
C SER B 894 18.61 27.79 35.05
N TRP B 895 19.79 27.21 35.09
CA TRP B 895 19.90 25.78 35.30
C TRP B 895 19.56 25.45 36.76
N SER B 896 19.04 26.46 37.47
CA SER B 896 18.83 26.41 38.92
C SER B 896 17.36 26.54 39.31
N ILE B 897 16.72 27.61 38.82
CA ILE B 897 15.35 27.92 39.22
C ILE B 897 14.33 26.80 38.94
N PRO B 898 14.47 26.07 37.80
CA PRO B 898 13.45 25.06 37.61
C PRO B 898 13.48 23.95 38.68
N PHE B 899 14.67 23.58 39.20
CA PHE B 899 14.79 22.63 40.32
C PHE B 899 13.78 22.94 41.40
N SER B 900 13.14 24.11 41.25
CA SER B 900 12.31 24.74 42.25
C SER B 900 10.93 25.17 41.74
N VAL B 901 10.76 25.19 40.42
CA VAL B 901 9.41 25.27 39.81
C VAL B 901 8.87 23.83 39.87
N MET B 902 9.71 22.87 39.52
CA MET B 902 9.43 21.44 39.64
C MET B 902 8.94 21.06 41.03
N LEU B 903 9.26 21.88 42.01
CA LEU B 903 8.87 21.58 43.37
C LEU B 903 7.38 21.83 43.65
N VAL B 904 6.66 22.42 42.69
CA VAL B 904 5.21 22.59 42.85
C VAL B 904 4.47 21.32 42.45
N VAL B 905 5.06 20.58 41.51
CA VAL B 905 4.43 19.42 40.90
C VAL B 905 3.64 18.56 41.88
N PRO B 906 4.27 18.10 42.98
CA PRO B 906 3.51 17.24 43.87
C PRO B 906 2.41 17.96 44.70
N LEU B 907 2.34 19.28 44.60
CA LEU B 907 1.24 20.05 45.20
C LEU B 907 -0.02 20.06 44.31
N GLY B 908 0.06 19.37 43.18
CA GLY B 908 -1.07 19.18 42.31
C GLY B 908 -1.47 17.74 42.42
N VAL B 909 -0.53 16.86 42.08
CA VAL B 909 -0.75 15.41 42.06
C VAL B 909 -1.21 14.80 43.40
N ILE B 910 -1.47 15.68 44.38
CA ILE B 910 -1.97 15.28 45.70
C ILE B 910 -3.49 15.53 45.76
N GLY B 911 -3.86 16.80 45.60
CA GLY B 911 -5.27 17.17 45.51
C GLY B 911 -5.78 16.73 44.16
N ALA B 912 -4.96 15.96 43.46
CA ALA B 912 -5.41 15.19 42.30
C ALA B 912 -5.90 13.85 42.83
N LEU B 913 -4.95 13.03 43.28
CA LEU B 913 -5.24 11.78 43.95
C LEU B 913 -6.45 11.91 44.87
N LEU B 914 -6.39 12.89 45.78
CA LEU B 914 -7.47 13.16 46.72
C LEU B 914 -8.81 13.27 46.01
N ALA B 915 -8.90 14.26 45.11
CA ALA B 915 -10.15 14.66 44.44
C ALA B 915 -10.98 13.47 43.97
N ALA B 916 -10.30 12.42 43.55
CA ALA B 916 -10.98 11.27 43.02
C ALA B 916 -11.03 10.10 44.00
N THR B 917 -9.98 9.89 44.80
CA THR B 917 -10.01 8.85 45.85
C THR B 917 -11.30 9.08 46.62
N PHE B 918 -11.68 10.36 46.75
CA PHE B 918 -13.02 10.75 47.19
C PHE B 918 -14.10 10.00 46.39
N ARG B 919 -14.50 10.56 45.23
CA ARG B 919 -15.61 10.04 44.39
C ARG B 919 -15.37 8.55 44.09
N GLY B 920 -16.37 7.85 43.55
CA GLY B 920 -16.18 6.42 43.17
C GLY B 920 -14.93 6.22 42.30
N LEU B 921 -14.63 7.30 41.57
CA LEU B 921 -13.56 7.42 40.58
C LEU B 921 -12.24 6.71 40.82
N THR B 922 -11.72 6.25 39.68
CA THR B 922 -10.63 5.28 39.61
C THR B 922 -9.48 5.77 38.72
N ASN B 923 -8.42 4.96 38.65
CA ASN B 923 -7.23 5.25 37.85
C ASN B 923 -7.37 4.89 36.33
N ASP B 924 -8.35 5.55 35.71
CA ASP B 924 -8.59 5.56 34.27
C ASP B 924 -7.38 5.95 33.50
N VAL B 925 -7.42 5.61 32.22
CA VAL B 925 -6.60 6.26 31.25
C VAL B 925 -6.78 7.79 31.39
N TYR B 926 -8.02 8.21 31.66
CA TYR B 926 -8.36 9.63 31.86
C TYR B 926 -7.71 10.30 33.08
N PHE B 927 -7.54 9.55 34.17
CA PHE B 927 -6.83 10.10 35.33
C PHE B 927 -5.45 10.62 34.88
N GLN B 928 -4.80 9.81 34.06
CA GLN B 928 -3.48 10.09 33.49
C GLN B 928 -3.45 11.25 32.48
N VAL B 929 -4.61 11.69 32.02
CA VAL B 929 -4.67 12.91 31.23
C VAL B 929 -4.75 14.08 32.20
N GLY B 930 -5.53 13.90 33.26
CA GLY B 930 -5.59 14.86 34.37
C GLY B 930 -4.22 15.06 35.03
N LEU B 931 -3.58 13.96 35.42
CA LEU B 931 -2.25 13.99 36.03
C LEU B 931 -1.17 14.71 35.22
N LEU B 932 -1.22 14.65 33.89
CA LEU B 932 -0.23 15.39 33.10
C LEU B 932 -0.63 16.85 32.93
N THR B 933 -1.91 17.15 33.14
CA THR B 933 -2.41 18.52 33.02
C THR B 933 -2.09 19.29 34.30
N THR B 934 -2.20 18.61 35.44
CA THR B 934 -1.76 19.15 36.71
C THR B 934 -0.27 19.54 36.63
N ILE B 935 0.59 18.64 36.14
CA ILE B 935 1.99 18.98 35.94
C ILE B 935 2.13 20.37 35.29
N GLY B 936 1.20 20.72 34.40
CA GLY B 936 1.29 21.97 33.67
C GLY B 936 0.60 23.08 34.42
N LEU B 937 -0.56 22.76 34.98
CA LEU B 937 -1.31 23.69 35.81
C LEU B 937 -0.51 24.13 37.03
N SER B 938 0.02 23.13 37.76
CA SER B 938 0.82 23.39 38.94
C SER B 938 1.99 24.31 38.58
N ALA B 939 2.77 23.90 37.59
CA ALA B 939 3.91 24.69 37.16
C ALA B 939 3.52 26.06 36.57
N LYS B 940 2.34 26.17 35.99
CA LYS B 940 1.88 27.47 35.53
C LYS B 940 1.75 28.45 36.72
N ASN B 941 1.13 28.00 37.81
CA ASN B 941 1.00 28.83 39.00
C ASN B 941 2.36 29.29 39.47
N ALA B 942 3.29 28.35 39.52
CA ALA B 942 4.66 28.63 39.90
C ALA B 942 5.24 29.81 39.13
N ILE B 943 5.10 29.78 37.80
CA ILE B 943 5.66 30.82 36.89
C ILE B 943 5.25 32.24 37.31
N LEU B 944 3.98 32.39 37.66
CA LEU B 944 3.37 33.68 37.88
C LEU B 944 3.94 34.46 39.09
N ILE B 945 4.74 33.75 39.91
CA ILE B 945 5.45 34.36 41.04
C ILE B 945 6.96 34.39 40.82
N VAL B 946 7.46 33.44 40.02
CA VAL B 946 8.89 33.23 39.86
C VAL B 946 9.41 34.01 38.67
N GLU B 947 8.62 34.04 37.60
CA GLU B 947 8.95 34.84 36.43
C GLU B 947 9.08 36.31 36.84
N PHE B 948 8.28 36.71 37.84
CA PHE B 948 8.37 38.06 38.40
C PHE B 948 9.37 38.23 39.56
N ALA B 949 9.48 37.22 40.44
CA ALA B 949 10.47 37.23 41.50
C ALA B 949 11.89 37.47 40.97
N LYS B 950 12.35 36.62 40.05
CA LYS B 950 13.70 36.74 39.48
C LYS B 950 13.80 37.90 38.48
N ASP B 951 12.68 38.60 38.28
CA ASP B 951 12.60 39.68 37.29
C ASP B 951 13.00 41.06 37.84
N LEU B 952 12.56 41.36 39.06
CA LEU B 952 13.00 42.57 39.77
C LEU B 952 14.46 42.40 40.22
N MET B 953 14.71 41.32 40.98
CA MET B 953 16.05 40.90 41.41
C MET B 953 17.14 40.98 40.32
N ASP B 954 16.75 41.19 39.07
CA ASP B 954 17.68 41.19 37.94
C ASP B 954 17.51 42.30 36.91
N LYS B 955 16.26 42.60 36.56
CA LYS B 955 15.94 43.57 35.50
C LYS B 955 16.25 45.01 35.97
N GLU B 956 15.92 45.33 37.22
CA GLU B 956 16.34 46.60 37.82
C GLU B 956 16.60 46.51 39.33
N GLY B 957 17.81 46.89 39.73
CA GLY B 957 18.18 47.05 41.14
C GLY B 957 17.93 45.86 42.05
N LYS B 958 17.65 46.18 43.32
CA LYS B 958 17.69 45.28 44.48
C LYS B 958 16.56 44.21 44.55
N GLY B 959 16.80 43.17 45.37
CA GLY B 959 15.82 42.13 45.64
C GLY B 959 16.03 41.38 46.95
N LEU B 960 16.50 40.14 46.85
CA LEU B 960 16.72 39.18 47.97
C LEU B 960 15.39 38.56 48.50
N ILE B 961 14.50 39.41 49.02
CA ILE B 961 13.20 39.02 49.59
C ILE B 961 12.22 40.17 49.36
N GLU B 962 12.77 41.33 49.02
CA GLU B 962 12.04 42.56 48.69
C GLU B 962 11.26 42.44 47.36
N ALA B 963 11.66 41.48 46.51
CA ALA B 963 10.98 41.13 45.25
C ALA B 963 10.04 39.91 45.37
N THR B 964 10.47 38.90 46.14
CA THR B 964 9.63 37.75 46.49
C THR B 964 8.28 38.21 47.04
N LEU B 965 8.32 39.12 48.01
CA LEU B 965 7.14 39.71 48.62
C LEU B 965 6.44 40.66 47.65
N ASP B 966 7.20 41.25 46.75
CA ASP B 966 6.68 42.18 45.75
C ASP B 966 5.76 41.46 44.75
N ALA B 967 6.18 40.27 44.30
CA ALA B 967 5.43 39.50 43.30
C ALA B 967 4.19 38.82 43.88
N VAL B 968 4.38 37.98 44.91
CA VAL B 968 3.27 37.34 45.62
C VAL B 968 2.19 38.36 45.87
N ARG B 969 2.52 39.64 45.71
CA ARG B 969 1.58 40.72 45.91
C ARG B 969 0.96 41.20 44.60
N MET B 970 1.81 41.58 43.65
CA MET B 970 1.38 42.26 42.41
C MET B 970 0.61 41.33 41.44
N ARG B 971 1.26 40.24 41.05
CA ARG B 971 0.61 39.21 40.25
C ARG B 971 0.18 38.03 41.15
N LEU B 972 -0.88 38.29 41.91
CA LEU B 972 -1.49 37.30 42.78
C LEU B 972 -2.95 37.15 42.44
N ARG B 973 -3.59 38.28 42.17
CA ARG B 973 -4.93 38.28 41.59
C ARG B 973 -4.94 37.40 40.33
N PRO B 974 -3.91 37.52 39.45
CA PRO B 974 -3.78 36.54 38.35
C PRO B 974 -3.93 35.09 38.82
N ILE B 975 -2.95 34.56 39.53
CA ILE B 975 -3.05 33.24 40.13
C ILE B 975 -4.46 32.94 40.67
N LEU B 976 -5.16 33.97 41.15
CA LEU B 976 -6.49 33.79 41.74
C LEU B 976 -7.57 33.54 40.67
N MET B 977 -7.82 34.53 39.82
CA MET B 977 -8.84 34.39 38.74
C MET B 977 -8.48 33.31 37.70
N THR B 978 -7.20 33.28 37.31
CA THR B 978 -6.64 32.27 36.38
C THR B 978 -6.95 30.88 36.88
N SER B 979 -6.41 30.53 38.05
CA SER B 979 -6.61 29.20 38.58
C SER B 979 -8.08 28.97 38.92
N LEU B 980 -8.83 30.06 39.12
CA LEU B 980 -10.27 29.98 39.36
C LEU B 980 -11.09 30.15 38.07
N ALA B 981 -10.44 29.88 36.93
CA ALA B 981 -11.11 29.85 35.62
C ALA B 981 -11.14 28.43 35.08
N PHE B 982 -10.13 27.66 35.47
CA PHE B 982 -10.16 26.22 35.31
C PHE B 982 -11.14 25.62 36.33
N ILE B 983 -10.93 25.91 37.62
CA ILE B 983 -11.79 25.30 38.65
C ILE B 983 -13.24 25.61 38.39
N LEU B 984 -13.50 26.59 37.54
CA LEU B 984 -14.88 26.94 37.20
C LEU B 984 -15.34 26.52 35.79
N GLY B 985 -14.39 26.24 34.91
CA GLY B 985 -14.72 25.82 33.55
C GLY B 985 -14.89 24.32 33.47
N VAL B 986 -14.19 23.61 34.35
CA VAL B 986 -14.26 22.17 34.46
C VAL B 986 -15.49 21.78 35.28
N MET B 987 -15.97 22.74 36.06
CA MET B 987 -17.16 22.56 36.88
C MET B 987 -18.27 21.84 36.10
N PRO B 988 -18.59 22.31 34.87
CA PRO B 988 -19.71 21.66 34.19
C PRO B 988 -19.40 20.27 33.60
N LEU B 989 -18.26 19.71 34.00
CA LEU B 989 -17.82 18.40 33.52
C LEU B 989 -17.80 17.43 34.71
N VAL B 990 -17.20 17.91 35.81
CA VAL B 990 -17.04 17.24 37.11
C VAL B 990 -18.36 16.66 37.67
N ILE B 991 -19.46 17.33 37.34
CA ILE B 991 -20.81 16.87 37.69
C ILE B 991 -21.68 16.70 36.45
N SER B 992 -21.41 15.66 35.66
CA SER B 992 -22.28 15.38 34.54
C SER B 992 -23.46 14.50 34.92
N THR B 993 -24.64 15.11 34.83
CA THR B 993 -25.91 14.42 34.85
C THR B 993 -26.33 14.35 33.37
N GLY B 994 -25.59 13.55 32.61
CA GLY B 994 -25.79 13.35 31.16
C GLY B 994 -25.59 11.90 30.74
N ALA B 995 -25.42 11.68 29.43
CA ALA B 995 -25.18 10.35 28.91
C ALA B 995 -23.69 10.08 28.79
N GLY B 996 -22.95 11.11 28.39
CA GLY B 996 -21.49 11.02 28.27
C GLY B 996 -20.75 10.83 29.59
N SER B 997 -21.42 11.19 30.70
CA SER B 997 -20.90 11.14 32.07
C SER B 997 -20.14 9.87 32.41
N GLY B 998 -19.16 10.00 33.30
CA GLY B 998 -18.38 8.84 33.69
C GLY B 998 -17.17 8.85 32.82
N ALA B 999 -17.37 9.20 31.55
CA ALA B 999 -16.25 9.60 30.71
C ALA B 999 -16.12 11.12 30.79
N GLN B 1000 -17.12 11.76 31.39
CA GLN B 1000 -17.00 13.18 31.72
C GLN B 1000 -16.50 13.27 33.16
N ASN B 1001 -17.25 12.69 34.09
CA ASN B 1001 -16.85 12.63 35.49
C ASN B 1001 -15.37 12.28 35.62
N ALA B 1002 -14.92 11.30 34.83
CA ALA B 1002 -13.57 10.78 34.96
C ALA B 1002 -12.49 11.75 34.51
N VAL B 1003 -12.80 12.55 33.48
CA VAL B 1003 -11.86 13.58 32.97
C VAL B 1003 -11.67 14.71 33.96
N GLY B 1004 -12.79 15.26 34.46
CA GLY B 1004 -12.78 16.42 35.37
C GLY B 1004 -12.55 16.21 36.87
N THR B 1005 -13.40 15.39 37.52
CA THR B 1005 -13.27 15.05 38.94
C THR B 1005 -11.90 14.45 39.20
N GLY B 1006 -10.90 15.31 39.37
CA GLY B 1006 -9.54 14.83 39.52
C GLY B 1006 -8.54 15.77 38.88
N VAL B 1007 -9.00 16.52 37.88
CA VAL B 1007 -8.21 17.60 37.31
C VAL B 1007 -8.75 18.94 37.82
N MET B 1008 -9.85 18.88 38.58
CA MET B 1008 -10.41 20.07 39.26
C MET B 1008 -9.82 20.17 40.65
N GLY B 1009 -9.88 19.08 41.41
CA GLY B 1009 -9.25 19.01 42.73
C GLY B 1009 -7.78 19.34 42.73
N GLY B 1010 -7.08 18.87 41.70
CA GLY B 1010 -5.66 19.15 41.49
C GLY B 1010 -5.36 20.60 41.15
N MET B 1011 -6.36 21.35 40.70
CA MET B 1011 -6.15 22.77 40.54
C MET B 1011 -6.27 23.49 41.90
N VAL B 1012 -7.37 23.32 42.63
CA VAL B 1012 -7.51 23.92 43.97
C VAL B 1012 -6.25 23.64 44.83
N THR B 1013 -5.98 22.35 45.05
CA THR B 1013 -4.78 21.90 45.76
C THR B 1013 -3.48 22.58 45.29
N ALA B 1014 -3.46 23.10 44.07
CA ALA B 1014 -2.28 23.82 43.61
C ALA B 1014 -2.59 25.29 43.32
N THR B 1015 -3.75 25.74 43.80
CA THR B 1015 -4.10 27.16 43.87
C THR B 1015 -3.94 27.58 45.34
N VAL B 1016 -4.90 27.14 46.16
CA VAL B 1016 -4.95 27.39 47.60
C VAL B 1016 -3.61 26.97 48.21
N LEU B 1017 -3.49 25.66 48.48
CA LEU B 1017 -2.32 25.08 49.11
C LEU B 1017 -0.97 25.53 48.54
N ALA B 1018 -0.99 26.10 47.33
CA ALA B 1018 0.25 26.34 46.59
C ALA B 1018 0.80 27.78 46.51
N ILE B 1019 0.02 28.80 46.89
CA ILE B 1019 0.57 30.15 47.08
C ILE B 1019 1.67 30.09 48.15
N PHE B 1020 1.33 29.49 49.29
CA PHE B 1020 2.32 29.12 50.28
C PHE B 1020 3.12 28.01 49.65
N PHE B 1021 4.44 28.05 49.82
CA PHE B 1021 5.34 27.01 49.32
C PHE B 1021 6.20 27.45 48.16
N VAL B 1022 5.60 28.11 47.17
CA VAL B 1022 6.41 28.61 46.05
C VAL B 1022 7.45 29.69 46.46
N PRO B 1023 7.05 30.71 47.24
CA PRO B 1023 8.07 31.68 47.67
C PRO B 1023 9.02 31.06 48.71
N VAL B 1024 8.57 29.96 49.31
CA VAL B 1024 9.41 29.12 50.13
C VAL B 1024 10.47 28.51 49.23
N PHE B 1025 10.02 27.76 48.22
CA PHE B 1025 10.88 27.02 47.30
C PHE B 1025 11.98 27.86 46.68
N PHE B 1026 11.62 29.09 46.33
CA PHE B 1026 12.47 29.90 45.46
C PHE B 1026 13.54 30.78 46.08
N VAL B 1027 13.26 31.41 47.20
CA VAL B 1027 14.34 31.98 47.98
C VAL B 1027 15.14 30.85 48.64
N VAL B 1028 14.47 29.75 48.98
CA VAL B 1028 15.16 28.59 49.53
C VAL B 1028 16.14 28.00 48.53
N VAL B 1029 15.74 27.90 47.26
CA VAL B 1029 16.64 27.37 46.23
C VAL B 1029 17.70 28.38 45.74
N ARG B 1030 17.30 29.64 45.53
CA ARG B 1030 18.23 30.68 45.09
C ARG B 1030 19.26 30.94 46.18
N ARG B 1031 18.79 30.93 47.42
CA ARG B 1031 19.60 31.12 48.61
C ARG B 1031 20.46 29.86 48.88
N ARG B 1032 19.89 28.68 48.64
CA ARG B 1032 20.62 27.42 48.74
C ARG B 1032 21.65 27.27 47.61
N PHE B 1033 21.47 28.02 46.51
CA PHE B 1033 22.44 28.01 45.40
C PHE B 1033 23.33 29.26 45.33
N SER B 1034 24.50 29.14 45.97
CA SER B 1034 25.44 30.22 46.30
C SER B 1034 25.30 30.57 47.80
N ARG B 1035 25.93 29.74 48.66
CA ARG B 1035 25.77 29.83 50.13
C ARG B 1035 27.07 30.09 50.93
N LYS B 1036 27.92 29.07 51.06
CA LYS B 1036 29.19 29.18 51.81
C LYS B 1036 30.38 28.91 50.88
N MET C 1 16.40 41.47 4.49
CA MET C 1 15.55 42.11 3.43
C MET C 1 16.34 42.26 2.12
N PRO C 2 15.92 43.19 1.21
CA PRO C 2 16.67 43.41 -0.02
C PRO C 2 18.07 43.99 0.20
N ASN C 3 18.26 44.70 1.30
CA ASN C 3 19.56 45.31 1.60
C ASN C 3 20.70 44.32 1.81
N PHE C 4 20.51 43.35 2.73
CA PHE C 4 21.48 42.27 2.95
C PHE C 4 21.73 41.52 1.63
N PHE C 5 21.00 41.93 0.59
CA PHE C 5 21.10 41.37 -0.77
C PHE C 5 21.48 42.41 -1.86
N ILE C 6 21.14 43.69 -1.62
CA ILE C 6 21.55 44.77 -2.52
C ILE C 6 23.08 44.92 -2.51
N ASP C 7 23.65 45.12 -1.33
CA ASP C 7 25.12 45.16 -1.16
C ASP C 7 25.78 43.79 -1.32
N ARG C 8 24.98 42.75 -1.57
CA ARG C 8 25.51 41.39 -1.77
C ARG C 8 24.85 40.65 -2.95
N PRO C 9 25.11 41.10 -4.21
CA PRO C 9 24.70 40.30 -5.37
C PRO C 9 25.59 39.05 -5.44
N ILE C 10 25.61 38.34 -6.57
CA ILE C 10 26.34 37.06 -6.63
C ILE C 10 25.68 36.04 -5.70
N PHE C 11 25.55 36.38 -4.42
CA PHE C 11 24.74 35.61 -3.46
C PHE C 11 23.28 35.57 -3.90
N ALA C 12 22.74 36.74 -4.28
CA ALA C 12 21.39 36.83 -4.84
C ALA C 12 21.35 36.25 -6.23
N TRP C 13 22.43 36.43 -6.99
CA TRP C 13 22.52 35.93 -8.36
C TRP C 13 22.68 34.39 -8.40
N VAL C 14 23.37 33.83 -7.42
CA VAL C 14 23.48 32.35 -7.26
C VAL C 14 22.16 31.67 -6.84
N ILE C 15 21.50 32.21 -5.81
CA ILE C 15 20.16 31.76 -5.41
C ILE C 15 19.31 31.50 -6.67
N ALA C 16 18.98 32.57 -7.40
CA ALA C 16 18.29 32.44 -8.68
C ALA C 16 18.85 31.30 -9.55
N ILE C 17 20.18 31.21 -9.68
CA ILE C 17 20.79 30.13 -10.46
C ILE C 17 20.40 28.74 -9.88
N ILE C 18 20.69 28.54 -8.60
CA ILE C 18 20.31 27.30 -7.91
C ILE C 18 18.85 26.96 -8.25
N ILE C 19 17.91 27.78 -7.80
CA ILE C 19 16.50 27.61 -8.20
C ILE C 19 16.41 27.14 -9.66
N MET C 20 17.11 27.82 -10.56
CA MET C 20 17.06 27.50 -11.99
C MET C 20 17.58 26.09 -12.31
N LEU C 21 18.54 25.64 -11.52
CA LEU C 21 19.02 24.27 -11.64
C LEU C 21 17.95 23.34 -11.11
N ALA C 22 17.30 23.73 -10.01
CA ALA C 22 16.30 22.89 -9.35
C ALA C 22 15.14 22.61 -10.31
N GLY C 23 14.71 23.63 -11.04
CA GLY C 23 13.70 23.46 -12.08
C GLY C 23 14.28 22.66 -13.23
N GLY C 24 15.56 22.91 -13.51
CA GLY C 24 16.27 22.21 -14.56
C GLY C 24 16.27 20.72 -14.31
N LEU C 25 16.52 20.34 -13.06
CA LEU C 25 16.54 18.95 -12.65
C LEU C 25 15.12 18.42 -12.65
N ALA C 26 14.29 18.99 -11.76
CA ALA C 26 12.88 18.60 -11.63
C ALA C 26 12.04 18.66 -12.92
N ILE C 27 12.59 19.17 -14.03
CA ILE C 27 11.88 19.10 -15.31
C ILE C 27 12.23 17.81 -16.05
N LEU C 28 13.46 17.36 -15.87
CA LEU C 28 13.98 16.19 -16.58
C LEU C 28 13.26 14.92 -16.15
N LYS C 29 12.88 14.89 -14.87
CA LYS C 29 12.26 13.75 -14.23
C LYS C 29 10.73 13.85 -13.95
N LEU C 30 10.17 15.06 -13.96
CA LEU C 30 8.74 15.26 -13.76
C LEU C 30 7.87 14.55 -14.81
N PRO C 31 6.74 13.94 -14.37
CA PRO C 31 5.83 13.22 -15.25
C PRO C 31 5.07 14.15 -16.19
N VAL C 32 5.10 13.81 -17.47
CA VAL C 32 4.52 14.70 -18.47
C VAL C 32 3.22 14.21 -19.01
N ALA C 33 2.43 13.57 -18.14
CA ALA C 33 1.02 13.27 -18.42
C ALA C 33 0.21 14.43 -19.09
N GLN C 34 -0.74 14.03 -19.94
CA GLN C 34 -1.64 14.91 -20.68
C GLN C 34 -2.35 15.94 -19.80
N TYR C 35 -3.23 15.47 -18.95
CA TYR C 35 -4.01 16.26 -18.03
C TYR C 35 -3.98 15.33 -16.79
N PRO C 36 -4.33 15.82 -15.58
CA PRO C 36 -4.15 14.91 -14.44
C PRO C 36 -5.18 13.76 -14.37
N THR C 37 -5.16 13.01 -13.28
CA THR C 37 -6.09 11.89 -13.07
C THR C 37 -7.44 12.29 -12.45
N ILE C 38 -8.52 11.93 -13.13
CA ILE C 38 -9.85 12.34 -12.70
C ILE C 38 -10.82 11.18 -12.66
N ALA C 39 -10.64 10.24 -13.59
CA ALA C 39 -11.43 9.03 -13.67
C ALA C 39 -11.25 8.23 -12.38
N PRO C 40 -12.34 7.65 -11.87
CA PRO C 40 -12.18 6.76 -10.71
C PRO C 40 -11.66 5.39 -11.18
N PRO C 41 -10.88 4.69 -10.34
CA PRO C 41 -10.36 3.38 -10.72
C PRO C 41 -11.49 2.36 -10.99
N ALA C 42 -11.33 1.55 -12.05
CA ALA C 42 -12.29 0.48 -12.32
C ALA C 42 -11.62 -0.89 -12.49
N VAL C 43 -12.01 -1.89 -11.67
CA VAL C 43 -11.49 -3.27 -11.79
C VAL C 43 -12.49 -4.12 -12.57
N THR C 44 -12.04 -5.01 -13.46
CA THR C 44 -12.97 -5.66 -14.39
C THR C 44 -12.72 -7.17 -14.57
N ILE C 45 -13.53 -7.98 -13.89
CA ILE C 45 -13.51 -9.43 -14.02
C ILE C 45 -14.17 -9.80 -15.33
N SER C 46 -13.79 -10.92 -15.93
CA SER C 46 -14.30 -11.26 -17.25
C SER C 46 -13.97 -12.69 -17.57
N ALA C 47 -15.00 -13.52 -17.65
CA ALA C 47 -14.78 -14.90 -18.03
C ALA C 47 -15.44 -15.17 -19.36
N SER C 48 -15.07 -16.27 -20.00
CA SER C 48 -15.89 -16.74 -21.09
C SER C 48 -16.31 -18.21 -20.88
N TYR C 49 -17.41 -18.57 -21.50
CA TYR C 49 -17.97 -19.91 -21.42
C TYR C 49 -18.25 -20.20 -22.88
N PRO C 50 -17.39 -21.00 -23.54
CA PRO C 50 -17.41 -21.31 -24.98
C PRO C 50 -18.74 -21.86 -25.57
N GLY C 51 -19.29 -21.12 -26.53
CA GLY C 51 -20.57 -21.46 -27.18
C GLY C 51 -21.75 -21.46 -26.21
N ALA C 52 -21.56 -20.85 -25.06
CA ALA C 52 -22.65 -20.72 -24.13
C ALA C 52 -23.51 -19.59 -24.62
N ASP C 53 -24.79 -19.61 -24.25
CA ASP C 53 -25.79 -18.60 -24.61
C ASP C 53 -25.94 -17.60 -23.45
N ALA C 54 -26.34 -16.37 -23.80
CA ALA C 54 -26.37 -15.28 -22.82
C ALA C 54 -27.02 -15.71 -21.50
N LYS C 55 -28.26 -16.18 -21.49
CA LYS C 55 -28.84 -16.59 -20.18
C LYS C 55 -27.96 -17.57 -19.35
N THR C 56 -27.45 -18.60 -20.03
CA THR C 56 -26.59 -19.62 -19.42
C THR C 56 -25.27 -19.04 -18.92
N VAL C 57 -24.66 -18.14 -19.67
CA VAL C 57 -23.49 -17.43 -19.17
C VAL C 57 -23.81 -16.80 -17.81
N GLN C 58 -24.83 -15.94 -17.82
CA GLN C 58 -25.36 -15.28 -16.64
C GLN C 58 -25.65 -16.22 -15.49
N ASP C 59 -26.46 -17.24 -15.71
CA ASP C 59 -27.01 -17.97 -14.56
C ASP C 59 -26.09 -19.01 -13.95
N THR C 60 -24.84 -19.02 -14.43
CA THR C 60 -23.84 -20.09 -14.25
C THR C 60 -22.45 -19.52 -13.89
N VAL C 61 -22.13 -18.37 -14.49
CA VAL C 61 -20.92 -17.64 -14.20
C VAL C 61 -21.32 -16.35 -13.47
N THR C 62 -21.66 -15.30 -14.23
CA THR C 62 -22.11 -13.99 -13.70
C THR C 62 -22.75 -13.95 -12.29
N GLN C 63 -23.94 -14.54 -12.14
CA GLN C 63 -24.69 -14.49 -10.87
C GLN C 63 -23.84 -15.00 -9.76
N VAL C 64 -23.12 -16.07 -10.06
CA VAL C 64 -22.30 -16.70 -9.05
C VAL C 64 -21.22 -15.75 -8.60
N ILE C 65 -20.62 -15.03 -9.56
CA ILE C 65 -19.57 -14.06 -9.24
C ILE C 65 -20.10 -12.88 -8.41
N GLU C 66 -21.06 -12.13 -8.95
CA GLU C 66 -21.61 -10.96 -8.25
C GLU C 66 -21.86 -11.34 -6.80
N GLN C 67 -22.68 -12.37 -6.62
CA GLN C 67 -23.06 -12.86 -5.30
C GLN C 67 -21.95 -12.91 -4.29
N ASN C 68 -20.71 -13.07 -4.74
CA ASN C 68 -19.62 -13.06 -3.81
C ASN C 68 -18.96 -11.68 -3.73
N MET C 69 -19.24 -10.77 -4.64
CA MET C 69 -18.63 -9.45 -4.52
C MET C 69 -19.18 -8.71 -3.31
N ASN C 70 -18.40 -8.63 -2.26
CA ASN C 70 -18.79 -7.77 -1.16
C ASN C 70 -17.66 -7.63 -0.15
N GLY C 71 -17.87 -6.78 0.87
CA GLY C 71 -16.82 -6.40 1.79
C GLY C 71 -15.64 -5.89 0.99
N ILE C 72 -15.91 -5.02 0.02
CA ILE C 72 -14.89 -4.42 -0.83
C ILE C 72 -14.91 -2.93 -0.57
N ASP C 73 -13.79 -2.40 -0.07
CA ASP C 73 -13.71 -0.97 0.30
C ASP C 73 -13.96 -0.03 -0.90
N ASN C 74 -14.69 1.05 -0.62
CA ASN C 74 -14.83 2.14 -1.56
C ASN C 74 -15.51 1.75 -2.84
N LEU C 75 -16.37 0.74 -2.76
CA LEU C 75 -17.05 0.31 -3.97
C LEU C 75 -18.18 1.29 -4.28
N MET C 76 -18.15 1.93 -5.44
CA MET C 76 -19.31 2.78 -5.80
C MET C 76 -20.54 2.02 -6.35
N TYR C 77 -20.35 1.37 -7.50
CA TYR C 77 -21.35 0.49 -8.09
C TYR C 77 -20.70 -0.57 -8.97
N MET C 78 -21.52 -1.51 -9.43
CA MET C 78 -21.06 -2.75 -10.11
C MET C 78 -21.99 -3.12 -11.30
N SER C 79 -21.60 -2.81 -12.54
CA SER C 79 -22.42 -3.23 -13.69
C SER C 79 -21.83 -4.47 -14.31
N SER C 80 -22.59 -5.22 -15.11
CA SER C 80 -22.04 -6.39 -15.83
C SER C 80 -22.86 -6.82 -17.05
N ASN C 81 -22.17 -7.37 -18.05
CA ASN C 81 -22.81 -7.93 -19.26
C ASN C 81 -22.63 -9.41 -19.40
N SER C 82 -23.63 -10.06 -19.97
CA SER C 82 -23.50 -11.43 -20.40
C SER C 82 -23.84 -11.55 -21.89
N ASP C 83 -22.81 -11.58 -22.73
CA ASP C 83 -22.92 -11.82 -24.18
C ASP C 83 -23.55 -13.14 -24.54
N SER C 84 -24.08 -13.19 -25.75
CA SER C 84 -24.56 -14.42 -26.31
C SER C 84 -23.51 -15.06 -27.22
N THR C 85 -22.31 -14.47 -27.18
CA THR C 85 -21.10 -15.19 -27.54
C THR C 85 -20.91 -16.19 -26.40
N GLY C 86 -20.62 -15.68 -25.22
CA GLY C 86 -20.51 -16.47 -24.02
C GLY C 86 -19.46 -15.76 -23.22
N THR C 87 -19.79 -14.56 -22.75
CA THR C 87 -18.76 -13.65 -22.26
C THR C 87 -19.25 -12.74 -21.17
N VAL C 88 -18.78 -12.96 -19.94
CA VAL C 88 -19.15 -12.11 -18.83
C VAL C 88 -18.17 -10.96 -18.72
N GLN C 89 -18.66 -9.82 -18.28
CA GLN C 89 -17.79 -8.70 -17.95
C GLN C 89 -18.27 -7.90 -16.76
N ILE C 90 -18.02 -8.41 -15.56
CA ILE C 90 -18.37 -7.74 -14.32
C ILE C 90 -17.37 -6.67 -13.98
N THR C 91 -17.84 -5.45 -13.81
CA THR C 91 -16.91 -4.36 -13.69
C THR C 91 -17.18 -3.41 -12.51
N LEU C 92 -16.29 -3.42 -11.52
CA LEU C 92 -16.53 -2.69 -10.27
C LEU C 92 -15.85 -1.35 -10.23
N THR C 93 -16.61 -0.26 -10.20
CA THR C 93 -16.05 1.10 -10.22
C THR C 93 -15.79 1.56 -8.81
N PHE C 94 -14.63 2.17 -8.59
CA PHE C 94 -14.24 2.54 -7.23
C PHE C 94 -14.24 4.05 -7.07
N GLU C 95 -14.53 4.47 -5.83
CA GLU C 95 -14.57 5.88 -5.45
C GLU C 95 -13.24 6.48 -5.85
N SER C 96 -13.23 7.76 -6.21
CA SER C 96 -12.02 8.41 -6.73
C SER C 96 -11.07 8.55 -5.58
N GLY C 97 -9.78 8.42 -5.86
CA GLY C 97 -8.77 8.42 -4.80
C GLY C 97 -8.34 7.05 -4.31
N THR C 98 -9.24 6.05 -4.41
CA THR C 98 -9.00 4.62 -4.05
C THR C 98 -7.73 4.05 -4.66
N ASP C 99 -7.09 3.11 -3.94
CA ASP C 99 -5.84 2.47 -4.37
C ASP C 99 -6.13 1.30 -5.32
N ALA C 100 -5.91 1.49 -6.61
CA ALA C 100 -6.22 0.42 -7.55
C ALA C 100 -5.61 -0.90 -7.13
N ASP C 101 -4.33 -0.88 -6.73
CA ASP C 101 -3.62 -2.09 -6.35
C ASP C 101 -4.44 -2.87 -5.35
N ILE C 102 -4.98 -2.20 -4.36
CA ILE C 102 -5.79 -2.88 -3.39
C ILE C 102 -7.17 -3.21 -3.94
N ALA C 103 -7.81 -2.25 -4.59
CA ALA C 103 -9.13 -2.53 -5.12
C ALA C 103 -9.04 -3.86 -5.83
N GLN C 104 -8.02 -4.01 -6.70
CA GLN C 104 -7.80 -5.23 -7.48
C GLN C 104 -7.64 -6.41 -6.54
N VAL C 105 -6.77 -6.27 -5.53
CA VAL C 105 -6.62 -7.33 -4.50
C VAL C 105 -7.97 -7.82 -3.95
N GLN C 106 -8.77 -6.91 -3.40
CA GLN C 106 -10.05 -7.28 -2.84
C GLN C 106 -10.94 -7.90 -3.90
N VAL C 107 -11.13 -7.25 -5.04
CA VAL C 107 -11.96 -7.86 -6.06
C VAL C 107 -11.55 -9.33 -6.18
N GLN C 108 -10.25 -9.60 -6.26
CA GLN C 108 -9.69 -10.96 -6.49
C GLN C 108 -9.98 -11.99 -5.42
N ASN C 109 -9.87 -11.55 -4.16
CA ASN C 109 -10.08 -12.40 -3.02
C ASN C 109 -11.53 -12.91 -2.95
N LYS C 110 -12.43 -12.25 -3.67
CA LYS C 110 -13.78 -12.70 -3.68
C LYS C 110 -13.96 -13.63 -4.86
N LEU C 111 -13.58 -13.19 -6.06
CA LEU C 111 -13.61 -14.06 -7.21
C LEU C 111 -13.21 -15.44 -6.75
N GLN C 112 -12.11 -15.48 -6.01
CA GLN C 112 -11.47 -16.72 -5.64
C GLN C 112 -12.36 -17.71 -4.90
N LEU C 113 -13.27 -17.18 -4.09
CA LEU C 113 -14.23 -17.98 -3.32
C LEU C 113 -15.24 -18.61 -4.28
N ALA C 114 -15.69 -17.82 -5.25
CA ALA C 114 -16.56 -18.31 -6.31
C ALA C 114 -15.86 -19.32 -7.19
N MET C 115 -14.58 -19.13 -7.49
CA MET C 115 -13.88 -19.96 -8.49
C MET C 115 -14.26 -21.41 -8.54
N PRO C 116 -14.26 -22.10 -7.39
CA PRO C 116 -14.63 -23.51 -7.31
C PRO C 116 -16.08 -23.78 -7.70
N LEU C 117 -16.78 -22.77 -8.17
CA LEU C 117 -18.16 -22.96 -8.50
C LEU C 117 -18.41 -22.75 -9.96
N LEU C 118 -17.46 -22.15 -10.67
CA LEU C 118 -17.69 -21.97 -12.11
C LEU C 118 -17.49 -23.30 -12.84
N PRO C 119 -18.18 -23.50 -13.97
CA PRO C 119 -17.97 -24.71 -14.74
C PRO C 119 -16.49 -24.90 -15.16
N GLN C 120 -16.10 -26.18 -15.23
CA GLN C 120 -14.72 -26.54 -15.48
C GLN C 120 -14.29 -25.84 -16.74
N GLU C 121 -15.25 -25.75 -17.68
CA GLU C 121 -15.09 -25.12 -18.98
C GLU C 121 -14.64 -23.65 -18.90
N VAL C 122 -15.18 -22.95 -17.91
CA VAL C 122 -14.92 -21.52 -17.71
C VAL C 122 -13.59 -21.33 -16.99
N GLN C 123 -13.36 -22.07 -15.92
CA GLN C 123 -12.02 -22.09 -15.34
C GLN C 123 -11.01 -22.36 -16.46
N GLN C 124 -11.29 -23.35 -17.30
CA GLN C 124 -10.36 -23.80 -18.32
C GLN C 124 -9.91 -22.62 -19.17
N GLN C 125 -10.84 -21.72 -19.47
CA GLN C 125 -10.56 -20.63 -20.39
C GLN C 125 -9.79 -19.55 -19.68
N GLY C 126 -9.89 -19.57 -18.35
CA GLY C 126 -9.20 -18.60 -17.50
C GLY C 126 -10.04 -17.36 -17.33
N VAL C 127 -10.53 -17.13 -16.12
CA VAL C 127 -11.28 -15.92 -15.79
C VAL C 127 -10.18 -14.92 -15.49
N SER C 128 -10.41 -13.61 -15.62
CA SER C 128 -9.30 -12.65 -15.53
C SER C 128 -9.68 -11.36 -14.83
N VAL C 129 -8.81 -10.85 -13.96
CA VAL C 129 -9.19 -9.64 -13.23
C VAL C 129 -8.21 -8.53 -13.55
N GLU C 130 -8.64 -7.46 -14.24
CA GLU C 130 -7.69 -6.36 -14.64
C GLU C 130 -8.14 -4.99 -14.19
N LYS C 131 -7.19 -4.06 -14.23
CA LYS C 131 -7.43 -2.71 -13.79
C LYS C 131 -6.92 -1.69 -14.83
N SER C 132 -7.81 -1.26 -15.72
CA SER C 132 -7.37 -0.37 -16.74
C SER C 132 -8.48 0.56 -17.13
N SER C 133 -8.20 1.39 -18.12
CA SER C 133 -9.14 2.33 -18.63
C SER C 133 -9.82 1.64 -19.73
N SER C 134 -11.04 2.06 -19.96
CA SER C 134 -11.98 1.42 -20.89
C SER C 134 -11.44 1.62 -22.30
N SER C 135 -10.82 2.79 -22.46
CA SER C 135 -10.37 3.38 -23.72
C SER C 135 -9.04 2.84 -24.16
N PHE C 136 -8.80 2.90 -25.46
CA PHE C 136 -7.51 2.45 -25.94
C PHE C 136 -6.47 3.56 -25.81
N LEU C 137 -5.32 3.23 -25.23
CA LEU C 137 -4.16 4.11 -25.22
C LEU C 137 -3.61 4.21 -26.65
N MET C 138 -3.54 3.08 -27.36
CA MET C 138 -2.99 2.99 -28.73
C MET C 138 -3.36 1.67 -29.41
N VAL C 139 -3.33 1.63 -30.74
CA VAL C 139 -3.45 0.36 -31.48
C VAL C 139 -2.15 0.05 -32.21
N VAL C 140 -1.70 -1.19 -32.21
CA VAL C 140 -0.48 -1.45 -32.93
C VAL C 140 -0.81 -2.35 -34.09
N GLY C 141 -0.37 -1.95 -35.28
CA GLY C 141 -0.66 -2.68 -36.50
C GLY C 141 0.48 -3.53 -36.97
N VAL C 142 0.15 -4.66 -37.57
CA VAL C 142 1.15 -5.54 -38.08
C VAL C 142 0.58 -6.03 -39.39
N ILE C 143 1.28 -5.75 -40.49
CA ILE C 143 0.90 -6.23 -41.83
C ILE C 143 2.12 -6.87 -42.50
N ASN C 144 1.89 -7.59 -43.60
CA ASN C 144 3.03 -8.11 -44.36
C ASN C 144 3.09 -7.56 -45.79
N THR C 145 4.17 -6.82 -46.11
CA THR C 145 4.26 -6.13 -47.39
C THR C 145 4.66 -7.02 -48.55
N ASP C 146 5.14 -8.22 -48.32
CA ASP C 146 5.36 -9.12 -49.44
C ASP C 146 4.01 -9.59 -49.98
N GLY C 147 2.96 -9.48 -49.16
CA GLY C 147 1.72 -10.20 -49.38
C GLY C 147 1.89 -11.69 -49.06
N THR C 148 3.08 -12.07 -48.58
CA THR C 148 3.42 -13.48 -48.34
C THR C 148 2.74 -14.19 -47.16
N MET C 149 2.16 -13.45 -46.22
CA MET C 149 1.43 -14.05 -45.08
C MET C 149 -0.10 -13.72 -45.11
N THR C 150 -0.92 -14.56 -44.47
CA THR C 150 -2.38 -14.35 -44.41
C THR C 150 -2.80 -13.38 -43.28
N GLN C 151 -4.10 -13.26 -43.09
CA GLN C 151 -4.66 -12.67 -41.88
C GLN C 151 -4.54 -13.75 -40.80
N GLU C 152 -4.76 -15.00 -41.20
CA GLU C 152 -4.61 -16.16 -40.32
C GLU C 152 -3.23 -16.18 -39.67
N ASP C 153 -2.18 -15.93 -40.45
CA ASP C 153 -0.80 -16.06 -39.97
C ASP C 153 -0.39 -14.84 -39.16
N ILE C 154 -0.76 -13.64 -39.61
CA ILE C 154 -0.27 -12.46 -38.95
C ILE C 154 -0.88 -12.35 -37.57
N SER C 155 -2.14 -12.75 -37.44
CA SER C 155 -2.71 -12.85 -36.10
C SER C 155 -1.86 -13.74 -35.25
N ASP C 156 -1.66 -14.97 -35.73
CA ASP C 156 -0.85 -15.94 -35.01
C ASP C 156 0.57 -15.48 -34.75
N TYR C 157 1.29 -14.96 -35.75
CA TYR C 157 2.64 -14.48 -35.46
C TYR C 157 2.51 -13.64 -34.21
N VAL C 158 1.65 -12.64 -34.29
CA VAL C 158 1.51 -11.61 -33.29
C VAL C 158 1.39 -12.20 -31.89
N ALA C 159 0.30 -13.00 -31.73
CA ALA C 159 -0.04 -13.81 -30.55
C ALA C 159 1.17 -14.49 -29.97
N ALA C 160 1.70 -15.46 -30.71
CA ALA C 160 2.81 -16.28 -30.24
C ALA C 160 4.09 -15.52 -30.00
N ASN C 161 4.31 -14.42 -30.71
CA ASN C 161 5.62 -13.74 -30.71
C ASN C 161 5.75 -12.33 -30.18
N MET C 162 4.63 -11.61 -30.11
CA MET C 162 4.73 -10.23 -29.71
C MET C 162 3.82 -9.88 -28.57
N LYS C 163 2.70 -10.60 -28.42
CA LYS C 163 1.70 -10.19 -27.43
C LYS C 163 2.20 -10.35 -26.01
N ASP C 164 2.68 -11.56 -25.70
CA ASP C 164 3.03 -11.91 -24.32
C ASP C 164 3.92 -10.90 -23.57
N ALA C 165 4.90 -10.29 -24.23
CA ALA C 165 5.74 -9.27 -23.57
C ALA C 165 5.08 -7.89 -23.41
N ILE C 166 4.24 -7.49 -24.35
CA ILE C 166 3.73 -6.16 -24.23
C ILE C 166 2.81 -6.23 -23.06
N SER C 167 2.01 -7.29 -22.98
CA SER C 167 1.06 -7.42 -21.88
C SER C 167 1.74 -7.49 -20.51
N ARG C 168 2.94 -8.08 -20.47
CA ARG C 168 3.78 -8.05 -19.25
C ARG C 168 4.44 -6.71 -18.95
N THR C 169 4.36 -5.80 -19.89
CA THR C 169 4.98 -4.49 -19.69
C THR C 169 4.22 -3.66 -18.65
N SER C 170 4.90 -3.28 -17.57
CA SER C 170 4.26 -2.47 -16.54
C SER C 170 3.58 -1.29 -17.19
N GLY C 171 2.41 -0.93 -16.63
CA GLY C 171 1.54 0.07 -17.25
C GLY C 171 0.51 -0.42 -18.27
N VAL C 172 0.72 -1.58 -18.89
CA VAL C 172 -0.19 -2.11 -19.87
C VAL C 172 -1.31 -2.91 -19.18
N GLY C 173 -2.36 -2.20 -18.78
CA GLY C 173 -3.41 -2.80 -17.98
C GLY C 173 -4.22 -3.81 -18.75
N ASP C 174 -4.41 -3.57 -20.05
CA ASP C 174 -5.10 -4.54 -20.90
C ASP C 174 -4.46 -4.70 -22.28
N VAL C 175 -4.51 -5.92 -22.84
CA VAL C 175 -4.18 -6.10 -24.26
C VAL C 175 -5.28 -6.78 -25.06
N GLN C 176 -5.49 -6.32 -26.29
CA GLN C 176 -6.45 -6.94 -27.18
C GLN C 176 -5.83 -7.39 -28.48
N LEU C 177 -5.99 -8.68 -28.75
CA LEU C 177 -5.50 -9.26 -29.97
C LEU C 177 -6.58 -9.26 -31.06
N PHE C 178 -6.27 -8.50 -32.09
CA PHE C 178 -7.16 -8.36 -33.21
C PHE C 178 -7.00 -9.55 -34.14
N GLY C 179 -7.73 -10.60 -33.79
CA GLY C 179 -7.52 -11.87 -34.42
C GLY C 179 -7.19 -12.90 -33.39
N SER C 180 -6.68 -14.05 -33.82
CA SER C 180 -6.40 -15.10 -32.88
C SER C 180 -5.12 -15.87 -33.18
N GLN C 181 -4.53 -16.39 -32.10
CA GLN C 181 -3.47 -17.40 -32.13
C GLN C 181 -4.03 -18.68 -32.73
N TYR C 182 -3.16 -19.56 -33.23
CA TYR C 182 -3.63 -20.85 -33.74
C TYR C 182 -4.04 -21.86 -32.67
N ALA C 183 -4.57 -22.97 -33.16
CA ALA C 183 -4.82 -24.06 -32.32
C ALA C 183 -4.96 -25.20 -33.26
N MET C 184 -4.81 -26.40 -32.73
CA MET C 184 -4.99 -27.56 -33.57
C MET C 184 -6.49 -27.68 -33.79
N ARG C 185 -6.88 -27.58 -35.07
CA ARG C 185 -8.29 -27.56 -35.42
C ARG C 185 -8.73 -28.87 -35.99
N ILE C 186 -9.66 -29.50 -35.30
CA ILE C 186 -10.18 -30.74 -35.71
C ILE C 186 -11.60 -30.41 -36.06
N TRP C 187 -11.78 -30.01 -37.32
CA TRP C 187 -13.07 -29.81 -37.95
C TRP C 187 -13.78 -31.15 -38.29
N MET C 188 -14.50 -31.73 -37.33
CA MET C 188 -15.22 -32.96 -37.57
C MET C 188 -16.16 -32.86 -38.79
N ASN C 189 -16.34 -34.01 -39.44
CA ASN C 189 -17.41 -34.27 -40.43
C ASN C 189 -18.28 -35.43 -39.88
N PRO C 190 -19.62 -35.19 -39.78
CA PRO C 190 -20.53 -36.05 -39.03
C PRO C 190 -21.06 -37.21 -39.83
N ASN C 191 -20.86 -37.17 -41.13
CA ASN C 191 -21.27 -38.29 -41.96
C ASN C 191 -20.29 -39.42 -41.76
N GLU C 192 -19.03 -39.15 -42.10
CA GLU C 192 -17.92 -40.02 -41.78
C GLU C 192 -18.13 -40.57 -40.39
N LEU C 193 -18.21 -39.68 -39.41
CA LEU C 193 -18.33 -40.05 -38.01
C LEU C 193 -19.34 -41.16 -37.84
N ASN C 194 -20.43 -41.07 -38.62
CA ASN C 194 -21.48 -42.10 -38.65
C ASN C 194 -21.03 -43.33 -39.43
N LYS C 195 -20.53 -43.12 -40.65
CA LYS C 195 -20.00 -44.21 -41.47
C LYS C 195 -19.32 -45.22 -40.56
N PHE C 196 -18.42 -44.75 -39.68
CA PHE C 196 -17.59 -45.64 -38.88
C PHE C 196 -18.13 -45.86 -37.50
N GLN C 197 -19.31 -45.31 -37.23
CA GLN C 197 -19.98 -45.50 -35.94
C GLN C 197 -19.31 -44.80 -34.75
N LEU C 198 -18.89 -43.56 -34.99
CA LEU C 198 -18.26 -42.71 -33.95
C LEU C 198 -18.92 -41.33 -33.70
N THR C 199 -19.09 -41.02 -32.41
CA THR C 199 -19.55 -39.73 -31.89
C THR C 199 -18.33 -38.83 -31.72
N PRO C 200 -18.54 -37.50 -31.57
CA PRO C 200 -17.46 -36.61 -31.19
C PRO C 200 -16.93 -36.95 -29.81
N VAL C 201 -17.73 -37.61 -28.98
CA VAL C 201 -17.23 -38.10 -27.71
C VAL C 201 -15.96 -38.91 -28.02
N ASP C 202 -16.08 -39.87 -28.95
CA ASP C 202 -14.95 -40.71 -29.32
C ASP C 202 -13.74 -39.92 -29.78
N VAL C 203 -13.89 -39.05 -30.79
CA VAL C 203 -12.78 -38.21 -31.21
C VAL C 203 -12.10 -37.57 -30.01
N ILE C 204 -12.92 -37.15 -29.05
CA ILE C 204 -12.40 -36.47 -27.87
C ILE C 204 -11.55 -37.47 -27.09
N THR C 205 -12.17 -38.50 -26.52
CA THR C 205 -11.45 -39.52 -25.74
C THR C 205 -10.16 -39.99 -26.45
N ALA C 206 -10.18 -40.08 -27.77
CA ALA C 206 -8.96 -40.30 -28.55
C ALA C 206 -7.93 -39.16 -28.34
N ILE C 207 -8.22 -37.94 -28.82
CA ILE C 207 -7.28 -36.80 -28.69
C ILE C 207 -6.69 -36.66 -27.27
N LYS C 208 -7.49 -36.88 -26.25
CA LYS C 208 -7.01 -36.75 -24.88
C LYS C 208 -5.88 -37.74 -24.62
N ALA C 209 -6.08 -39.01 -24.99
CA ALA C 209 -5.13 -40.06 -24.63
C ALA C 209 -3.93 -40.23 -25.59
N GLN C 210 -4.10 -39.83 -26.85
CA GLN C 210 -3.01 -39.91 -27.81
C GLN C 210 -2.30 -38.58 -28.04
N ASN C 211 -2.68 -37.57 -27.27
CA ASN C 211 -1.95 -36.31 -27.28
C ASN C 211 -1.70 -35.87 -25.86
N ALA C 212 -0.64 -36.42 -25.25
CA ALA C 212 -0.31 -36.18 -23.84
C ALA C 212 1.19 -36.06 -23.59
N GLN C 213 1.53 -35.62 -22.38
CA GLN C 213 2.92 -35.48 -21.91
C GLN C 213 2.94 -36.17 -20.54
N VAL C 214 3.78 -37.19 -20.39
CA VAL C 214 3.65 -38.02 -19.20
C VAL C 214 4.94 -38.30 -18.45
N ALA C 215 4.97 -37.81 -17.22
CA ALA C 215 6.11 -38.02 -16.37
C ALA C 215 6.24 -39.50 -16.14
N ALA C 216 7.39 -40.01 -16.60
CA ALA C 216 7.66 -41.44 -16.68
C ALA C 216 8.62 -41.96 -15.61
N GLY C 217 9.05 -41.07 -14.72
CA GLY C 217 10.02 -41.41 -13.69
C GLY C 217 11.45 -41.38 -14.20
N GLN C 218 12.29 -42.20 -13.57
CA GLN C 218 13.75 -42.13 -13.71
C GLN C 218 14.46 -43.48 -13.41
N LEU C 219 15.56 -43.75 -14.10
CA LEU C 219 16.31 -45.00 -13.97
C LEU C 219 17.19 -45.02 -12.72
N GLY C 220 18.06 -44.03 -12.61
CA GLY C 220 18.91 -43.95 -11.45
C GLY C 220 18.21 -43.97 -10.10
N GLY C 221 16.88 -43.96 -10.09
CA GLY C 221 16.09 -44.04 -8.84
C GLY C 221 16.21 -42.82 -7.92
N THR C 222 15.32 -42.70 -6.95
CA THR C 222 15.35 -41.52 -6.11
C THR C 222 16.06 -41.91 -4.87
N PRO C 223 15.50 -42.90 -4.08
CA PRO C 223 16.28 -43.70 -3.14
C PRO C 223 16.67 -45.00 -3.86
N PRO C 224 17.98 -45.21 -4.06
CA PRO C 224 18.50 -46.29 -4.90
C PRO C 224 18.84 -47.59 -4.14
N VAL C 225 19.65 -48.45 -4.76
CA VAL C 225 20.03 -49.74 -4.17
C VAL C 225 21.54 -49.81 -3.95
N LYS C 226 21.95 -50.87 -3.27
CA LYS C 226 23.33 -51.36 -3.24
C LYS C 226 24.24 -50.30 -3.77
N GLY C 227 24.62 -50.39 -5.05
CA GLY C 227 25.66 -49.51 -5.51
C GLY C 227 25.59 -49.05 -6.94
N GLN C 228 24.50 -48.34 -7.27
CA GLN C 228 24.18 -48.04 -8.66
C GLN C 228 25.03 -46.97 -9.25
N GLN C 229 25.67 -47.29 -10.36
CA GLN C 229 26.18 -46.30 -11.30
C GLN C 229 25.11 -46.29 -12.36
N LEU C 230 25.09 -45.29 -13.26
CA LEU C 230 23.95 -45.14 -14.23
C LEU C 230 22.68 -44.54 -13.60
N ASN C 231 22.35 -43.33 -14.06
CA ASN C 231 21.16 -42.59 -13.69
C ASN C 231 20.75 -41.72 -14.86
N ALA C 232 19.49 -41.85 -15.28
CA ALA C 232 18.94 -41.17 -16.45
C ALA C 232 17.43 -41.25 -16.39
N SER C 233 16.72 -40.37 -17.08
CA SER C 233 15.27 -40.32 -16.91
C SER C 233 14.49 -41.17 -17.93
N ILE C 234 13.36 -41.72 -17.51
CA ILE C 234 12.41 -42.31 -18.45
C ILE C 234 11.59 -41.22 -19.19
N ILE C 235 11.42 -41.40 -20.48
CA ILE C 235 10.68 -40.43 -21.26
C ILE C 235 9.60 -41.24 -21.95
N ALA C 236 8.36 -41.09 -21.51
CA ALA C 236 7.23 -41.66 -22.22
C ALA C 236 6.72 -40.67 -23.27
N GLN C 237 5.40 -40.61 -23.44
CA GLN C 237 4.75 -39.83 -24.50
C GLN C 237 5.05 -38.37 -24.51
N THR C 238 5.07 -37.83 -25.73
CA THR C 238 5.26 -36.43 -25.98
C THR C 238 4.02 -35.91 -26.66
N ARG C 239 3.68 -34.63 -26.44
CA ARG C 239 2.54 -34.04 -27.12
C ARG C 239 2.81 -34.03 -28.61
N LEU C 240 1.77 -34.15 -29.42
CA LEU C 240 1.99 -34.17 -30.86
C LEU C 240 2.23 -32.72 -31.23
N THR C 241 2.58 -32.45 -32.46
CA THR C 241 3.15 -31.17 -32.76
C THR C 241 3.01 -30.75 -34.18
N SER C 242 2.81 -31.73 -35.06
CA SER C 242 2.52 -31.44 -36.45
C SER C 242 1.06 -31.66 -36.68
N THR C 243 0.53 -30.87 -37.62
CA THR C 243 -0.82 -31.08 -38.13
C THR C 243 -0.95 -32.56 -38.53
N GLU C 244 0.17 -33.06 -39.05
CA GLU C 244 0.28 -34.40 -39.53
C GLU C 244 0.09 -35.48 -38.45
N GLU C 245 0.55 -35.22 -37.23
CA GLU C 245 0.53 -36.27 -36.19
C GLU C 245 -0.86 -36.52 -35.61
N PHE C 246 -1.57 -35.42 -35.31
CA PHE C 246 -2.94 -35.50 -34.85
C PHE C 246 -3.73 -36.32 -35.82
N GLY C 247 -3.55 -36.01 -37.10
CA GLY C 247 -4.19 -36.73 -38.19
C GLY C 247 -4.02 -38.24 -38.18
N LYS C 248 -2.81 -38.72 -37.94
CA LYS C 248 -2.59 -40.14 -37.82
C LYS C 248 -3.22 -40.78 -36.56
N ILE C 249 -3.80 -39.97 -35.67
CA ILE C 249 -4.41 -40.50 -34.43
C ILE C 249 -5.31 -41.69 -34.75
N LEU C 250 -5.34 -42.65 -33.84
CA LEU C 250 -6.00 -43.91 -34.09
C LEU C 250 -7.37 -43.96 -33.40
N LEU C 251 -8.42 -43.99 -34.22
CA LEU C 251 -9.81 -43.99 -33.70
C LEU C 251 -10.40 -45.37 -33.39
N LYS C 252 -10.38 -46.27 -34.40
CA LYS C 252 -10.73 -47.71 -34.22
C LYS C 252 -10.12 -48.65 -35.29
N VAL C 253 -9.98 -49.93 -34.93
CA VAL C 253 -9.73 -51.05 -35.89
C VAL C 253 -11.05 -51.77 -36.09
N ASN C 254 -11.29 -52.37 -37.26
CA ASN C 254 -12.63 -52.95 -37.50
C ASN C 254 -12.75 -54.22 -38.38
N GLN C 255 -12.96 -55.39 -37.73
CA GLN C 255 -13.14 -56.70 -38.40
C GLN C 255 -11.99 -57.05 -39.36
N ASP C 256 -12.00 -56.39 -40.52
CA ASP C 256 -10.87 -56.43 -41.44
C ASP C 256 -9.69 -55.57 -40.97
N GLY C 257 -8.59 -55.65 -41.70
CA GLY C 257 -7.34 -54.97 -41.33
C GLY C 257 -7.37 -53.44 -41.34
N SER C 258 -8.37 -52.88 -42.03
CA SER C 258 -8.57 -51.43 -42.11
C SER C 258 -8.69 -50.84 -40.72
N ARG C 259 -7.94 -49.77 -40.51
CA ARG C 259 -8.02 -49.01 -39.28
C ARG C 259 -8.54 -47.62 -39.65
N VAL C 260 -9.24 -46.97 -38.72
CA VAL C 260 -9.75 -45.63 -38.98
C VAL C 260 -9.10 -44.56 -38.10
N LEU C 261 -8.36 -43.70 -38.77
CA LEU C 261 -7.59 -42.68 -38.12
C LEU C 261 -8.46 -41.45 -37.95
N LEU C 262 -8.02 -40.50 -37.13
CA LEU C 262 -8.80 -39.27 -36.92
C LEU C 262 -9.04 -38.59 -38.25
N ARG C 263 -8.00 -38.54 -39.07
CA ARG C 263 -7.96 -37.86 -40.35
C ARG C 263 -9.04 -38.33 -41.32
N ASP C 264 -9.59 -39.51 -41.03
CA ASP C 264 -10.62 -40.18 -41.85
C ASP C 264 -12.05 -39.65 -41.66
N VAL C 265 -12.22 -38.91 -40.57
CA VAL C 265 -13.48 -38.40 -40.19
C VAL C 265 -13.29 -37.00 -39.64
N ALA C 266 -12.60 -36.14 -40.39
CA ALA C 266 -12.43 -34.73 -39.99
C ALA C 266 -11.22 -34.08 -40.60
N LYS C 267 -11.42 -32.93 -41.25
CA LYS C 267 -10.30 -32.16 -41.78
C LYS C 267 -9.48 -31.79 -40.58
N ILE C 268 -8.15 -31.69 -40.76
CA ILE C 268 -7.22 -31.33 -39.66
C ILE C 268 -6.40 -30.17 -40.14
N GLU C 269 -6.40 -29.08 -39.40
CA GLU C 269 -5.66 -27.93 -39.87
C GLU C 269 -5.27 -27.00 -38.76
N LEU C 270 -4.23 -26.21 -39.03
CA LEU C 270 -3.78 -25.26 -38.08
C LEU C 270 -4.75 -24.12 -38.32
N GLY C 271 -5.33 -23.59 -37.25
CA GLY C 271 -6.31 -22.53 -37.35
C GLY C 271 -6.59 -21.84 -36.04
N GLY C 272 -7.10 -20.61 -36.15
CA GLY C 272 -7.37 -19.73 -35.01
C GLY C 272 -8.20 -20.30 -33.86
N GLU C 273 -7.75 -20.02 -32.63
CA GLU C 273 -8.44 -20.35 -31.39
C GLU C 273 -9.90 -19.94 -31.53
N ASN C 274 -10.16 -18.72 -31.98
CA ASN C 274 -11.52 -18.30 -32.34
C ASN C 274 -11.59 -17.22 -33.43
N TYR C 275 -12.42 -17.45 -34.47
CA TYR C 275 -12.64 -16.49 -35.58
C TYR C 275 -13.77 -15.50 -35.28
N ASP C 276 -13.48 -14.54 -34.41
CA ASP C 276 -14.42 -13.52 -34.09
C ASP C 276 -13.87 -12.22 -34.57
N ILE C 277 -12.55 -12.09 -34.60
CA ILE C 277 -11.99 -10.79 -34.96
C ILE C 277 -11.09 -10.79 -36.23
N ILE C 278 -11.68 -10.35 -37.34
CA ILE C 278 -10.95 -10.12 -38.58
C ILE C 278 -10.66 -8.63 -38.75
N ALA C 279 -9.38 -8.30 -38.86
CA ALA C 279 -8.96 -6.93 -38.96
C ALA C 279 -8.40 -6.73 -40.34
N GLU C 280 -8.04 -5.48 -40.66
CA GLU C 280 -7.31 -5.12 -41.88
C GLU C 280 -6.98 -3.64 -41.93
N PHE C 281 -5.75 -3.34 -42.32
CA PHE C 281 -5.18 -2.00 -42.31
C PHE C 281 -5.17 -1.42 -43.72
N ASN C 282 -6.12 -0.51 -43.98
CA ASN C 282 -6.45 -0.05 -45.32
C ASN C 282 -6.79 -1.21 -46.23
N GLY C 283 -7.83 -1.95 -45.86
CA GLY C 283 -8.41 -2.99 -46.72
C GLY C 283 -7.52 -4.18 -47.00
N GLN C 284 -6.23 -4.05 -46.69
CA GLN C 284 -5.27 -5.16 -46.79
C GLN C 284 -5.14 -5.90 -45.45
N PRO C 285 -5.02 -7.24 -45.49
CA PRO C 285 -4.61 -8.14 -44.43
C PRO C 285 -3.75 -7.58 -43.28
N ALA C 286 -4.34 -7.59 -42.08
CA ALA C 286 -3.68 -7.03 -40.87
C ALA C 286 -3.90 -7.79 -39.57
N SER C 287 -3.18 -7.36 -38.54
CA SER C 287 -3.44 -7.81 -37.19
C SER C 287 -2.94 -6.72 -36.26
N GLY C 288 -3.17 -6.88 -34.96
CA GLY C 288 -2.69 -5.87 -34.07
C GLY C 288 -3.06 -6.02 -32.63
N LEU C 289 -2.28 -5.37 -31.79
CA LEU C 289 -2.57 -5.33 -30.39
C LEU C 289 -3.26 -4.02 -30.03
N GLY C 290 -4.42 -4.13 -29.42
CA GLY C 290 -5.06 -2.95 -28.92
C GLY C 290 -4.71 -2.85 -27.46
N ILE C 291 -4.06 -1.77 -27.09
CA ILE C 291 -3.52 -1.63 -25.75
C ILE C 291 -4.26 -0.57 -24.90
N LYS C 292 -4.69 -0.99 -23.70
CA LYS C 292 -5.34 -0.08 -22.72
C LYS C 292 -4.38 0.22 -21.57
N LEU C 293 -4.53 1.39 -20.94
CA LEU C 293 -3.55 1.86 -19.93
C LEU C 293 -3.90 1.42 -18.54
N ALA C 294 -2.92 0.87 -17.84
CA ALA C 294 -3.08 0.38 -16.48
C ALA C 294 -3.66 1.48 -15.67
N THR C 295 -4.56 1.13 -14.75
CA THR C 295 -5.27 2.14 -13.97
C THR C 295 -4.27 2.99 -13.19
N GLY C 296 -4.26 4.28 -13.42
CA GLY C 296 -3.34 5.10 -12.70
C GLY C 296 -1.98 5.21 -13.34
N ALA C 297 -1.64 4.29 -14.24
CA ALA C 297 -0.33 4.36 -14.92
C ALA C 297 -0.14 5.68 -15.69
N ASN C 298 1.13 6.04 -15.93
CA ASN C 298 1.45 7.22 -16.76
C ASN C 298 1.41 6.95 -18.24
N ALA C 299 0.41 7.51 -18.91
CA ALA C 299 0.20 7.21 -20.33
C ALA C 299 1.50 7.27 -21.13
N LEU C 300 2.13 8.45 -21.11
CA LEU C 300 3.33 8.69 -21.88
C LEU C 300 4.49 7.73 -21.59
N ASP C 301 4.88 7.59 -20.32
CA ASP C 301 5.98 6.66 -19.96
C ASP C 301 5.73 5.24 -20.44
N THR C 302 4.46 4.85 -20.43
CA THR C 302 4.14 3.49 -20.73
C THR C 302 4.34 3.29 -22.21
N ALA C 303 3.88 4.27 -23.00
CA ALA C 303 4.02 4.20 -24.44
C ALA C 303 5.50 4.14 -24.89
N ALA C 304 6.35 4.98 -24.30
CA ALA C 304 7.79 4.86 -24.49
C ALA C 304 8.22 3.38 -24.54
N ALA C 305 7.78 2.62 -23.54
CA ALA C 305 8.13 1.20 -23.37
C ALA C 305 7.45 0.26 -24.39
N ILE C 306 6.13 0.37 -24.54
CA ILE C 306 5.46 -0.45 -25.53
C ILE C 306 6.31 -0.41 -26.78
N ARG C 307 6.80 0.78 -27.13
CA ARG C 307 7.64 0.95 -28.32
C ARG C 307 9.00 0.30 -28.16
N ALA C 308 9.60 0.49 -26.99
CA ALA C 308 10.96 0.01 -26.73
C ALA C 308 11.04 -1.51 -26.76
N GLU C 309 9.89 -2.13 -26.54
CA GLU C 309 9.81 -3.57 -26.49
C GLU C 309 9.73 -3.95 -27.95
N LEU C 310 8.80 -3.33 -28.67
CA LEU C 310 8.58 -3.62 -30.07
C LEU C 310 9.90 -3.53 -30.82
N ALA C 311 10.61 -2.41 -30.60
CA ALA C 311 12.00 -2.23 -30.98
C ALA C 311 12.76 -3.53 -30.91
N LYS C 312 12.77 -4.19 -29.75
CA LYS C 312 13.52 -5.44 -29.62
C LYS C 312 12.99 -6.60 -30.45
N MET C 313 11.81 -6.46 -31.06
CA MET C 313 11.17 -7.62 -31.70
C MET C 313 11.32 -7.69 -33.21
N GLU C 314 11.65 -6.54 -33.80
CA GLU C 314 11.60 -6.35 -35.26
C GLU C 314 12.70 -7.11 -35.94
N PRO C 315 13.94 -6.93 -35.44
CA PRO C 315 15.08 -7.65 -36.02
C PRO C 315 14.77 -9.13 -36.34
N PHE C 316 13.78 -9.74 -35.69
CA PHE C 316 13.58 -11.17 -35.90
C PHE C 316 12.25 -11.55 -36.53
N PHE C 317 11.54 -10.60 -37.16
CA PHE C 317 10.26 -10.94 -37.79
C PHE C 317 10.47 -11.87 -38.97
N PRO C 318 9.42 -12.55 -39.41
CA PRO C 318 9.48 -13.17 -40.73
C PRO C 318 9.65 -12.21 -41.90
N SER C 319 9.63 -12.80 -43.10
CA SER C 319 9.99 -12.19 -44.40
C SER C 319 9.64 -10.72 -44.62
N GLY C 320 8.34 -10.37 -44.68
CA GLY C 320 7.97 -8.95 -44.85
C GLY C 320 6.91 -8.39 -43.90
N LEU C 321 7.12 -8.61 -42.60
CA LEU C 321 6.11 -8.33 -41.58
C LEU C 321 6.50 -7.02 -40.95
N LYS C 322 5.64 -6.03 -41.07
CA LYS C 322 5.97 -4.67 -40.65
C LYS C 322 5.03 -4.18 -39.58
N ILE C 323 5.60 -3.44 -38.64
CA ILE C 323 4.79 -2.74 -37.67
C ILE C 323 4.41 -1.43 -38.32
N VAL C 324 3.15 -1.09 -38.17
CA VAL C 324 2.59 0.17 -38.60
C VAL C 324 1.76 0.65 -37.43
N TYR C 325 1.68 1.95 -37.25
CA TYR C 325 1.05 2.47 -36.06
C TYR C 325 -0.25 3.21 -36.34
N PRO C 326 -1.42 2.51 -36.43
CA PRO C 326 -2.68 3.23 -36.71
C PRO C 326 -3.09 4.22 -35.60
N TYR C 327 -4.21 3.99 -34.94
CA TYR C 327 -4.62 4.77 -33.77
C TYR C 327 -3.49 4.90 -32.73
N ASP C 328 -3.47 6.02 -31.99
CA ASP C 328 -2.46 6.29 -30.94
C ASP C 328 -2.62 7.73 -30.44
N THR C 329 -2.89 7.89 -29.15
CA THR C 329 -3.19 9.22 -28.63
C THR C 329 -1.92 9.92 -28.20
N THR C 330 -0.97 9.14 -27.74
CA THR C 330 0.34 9.63 -27.35
C THR C 330 0.89 10.89 -28.10
N PRO C 331 1.04 10.84 -29.45
CA PRO C 331 1.81 11.91 -30.08
C PRO C 331 1.15 13.27 -29.89
N PHE C 332 -0.19 13.30 -29.85
CA PHE C 332 -0.93 14.51 -29.55
C PHE C 332 -0.45 15.07 -28.21
N VAL C 333 -0.82 14.43 -27.10
CA VAL C 333 -0.36 14.89 -25.79
C VAL C 333 1.05 15.47 -25.85
N LYS C 334 1.97 14.78 -26.52
CA LYS C 334 3.30 15.35 -26.75
C LYS C 334 3.23 16.70 -27.51
N ILE C 335 2.91 16.69 -28.82
CA ILE C 335 2.80 17.91 -29.64
C ILE C 335 2.02 18.93 -28.86
N SER C 336 0.82 18.54 -28.44
CA SER C 336 -0.03 19.32 -27.54
C SER C 336 0.73 20.15 -26.47
N ILE C 337 1.21 19.51 -25.39
CA ILE C 337 1.85 20.30 -24.30
C ILE C 337 3.07 21.09 -24.78
N HIS C 338 3.78 20.55 -25.78
CA HIS C 338 4.97 21.23 -26.31
C HIS C 338 4.64 22.51 -27.07
N GLU C 339 3.51 22.54 -27.75
CA GLU C 339 2.99 23.76 -28.38
C GLU C 339 2.76 24.85 -27.33
N VAL C 340 2.22 24.45 -26.18
CA VAL C 340 1.95 25.36 -25.08
C VAL C 340 3.24 25.84 -24.43
N VAL C 341 4.26 25.00 -24.48
CA VAL C 341 5.58 25.33 -23.96
C VAL C 341 6.29 26.31 -24.90
N LYS C 342 6.01 26.17 -26.20
CA LYS C 342 6.43 27.13 -27.19
C LYS C 342 5.81 28.50 -26.84
N THR C 343 4.48 28.52 -26.68
CA THR C 343 3.75 29.75 -26.37
C THR C 343 4.02 30.22 -24.92
N LEU C 344 5.21 29.84 -24.44
CA LEU C 344 5.64 30.09 -23.08
C LEU C 344 7.05 30.68 -23.17
N VAL C 345 7.83 30.21 -24.16
CA VAL C 345 9.13 30.85 -24.50
C VAL C 345 8.80 32.16 -25.18
N GLU C 346 8.32 32.07 -26.42
CA GLU C 346 8.00 33.24 -27.23
C GLU C 346 7.27 34.37 -26.49
N ALA C 347 6.53 34.03 -25.44
CA ALA C 347 5.90 35.05 -24.60
C ALA C 347 6.91 35.77 -23.68
N ILE C 348 7.97 35.07 -23.26
CA ILE C 348 9.06 35.69 -22.48
C ILE C 348 10.03 36.46 -23.37
N ILE C 349 9.97 36.16 -24.68
CA ILE C 349 10.78 36.84 -25.69
C ILE C 349 10.06 38.10 -26.15
N LEU C 350 8.74 38.07 -25.98
CA LEU C 350 7.84 39.15 -26.38
C LEU C 350 7.46 39.95 -25.15
N VAL C 351 8.31 39.90 -24.14
CA VAL C 351 8.14 40.70 -22.95
C VAL C 351 9.46 41.44 -22.82
N PHE C 352 10.45 40.95 -23.57
CA PHE C 352 11.77 41.55 -23.72
C PHE C 352 11.68 42.77 -24.63
N LEU C 353 10.83 42.65 -25.66
CA LEU C 353 10.57 43.74 -26.58
C LEU C 353 9.75 44.85 -25.91
N VAL C 354 8.60 44.54 -25.32
CA VAL C 354 7.82 45.59 -24.61
C VAL C 354 8.55 46.23 -23.42
N MET C 355 9.63 45.60 -22.98
CA MET C 355 10.51 46.20 -21.97
C MET C 355 11.60 46.99 -22.66
N TYR C 356 11.35 47.32 -23.92
CA TYR C 356 12.30 48.04 -24.74
C TYR C 356 11.66 49.33 -25.25
N LEU C 357 10.39 49.24 -25.59
CA LEU C 357 9.58 50.38 -26.01
C LEU C 357 9.20 51.27 -24.81
N PHE C 358 9.62 50.87 -23.60
CA PHE C 358 9.36 51.68 -22.40
C PHE C 358 10.63 51.92 -21.58
N LEU C 359 11.71 51.21 -21.91
CA LEU C 359 12.95 51.29 -21.15
C LEU C 359 14.15 51.70 -22.01
N GLN C 360 14.37 50.98 -23.11
CA GLN C 360 15.37 51.32 -24.16
C GLN C 360 16.85 51.05 -23.82
N ASN C 361 17.12 50.07 -22.95
CA ASN C 361 18.51 49.64 -22.66
C ASN C 361 18.72 48.14 -22.86
N PHE C 362 19.78 47.75 -23.58
CA PHE C 362 20.14 46.33 -23.77
C PHE C 362 20.14 45.55 -22.43
N ARG C 363 20.89 46.06 -21.46
CA ARG C 363 21.11 45.40 -20.17
C ARG C 363 20.46 46.14 -19.01
N ALA C 364 19.18 46.43 -19.16
CA ALA C 364 18.36 47.00 -18.09
C ALA C 364 16.96 46.60 -18.43
N THR C 365 16.86 45.82 -19.51
CA THR C 365 15.64 45.16 -19.94
C THR C 365 15.59 43.77 -19.31
N LEU C 366 16.76 43.17 -19.10
CA LEU C 366 16.89 41.83 -18.52
C LEU C 366 16.29 41.74 -17.12
N ILE C 367 16.65 42.69 -16.24
CA ILE C 367 16.22 42.68 -14.84
C ILE C 367 14.75 42.30 -14.58
N PRO C 368 13.79 42.71 -15.46
CA PRO C 368 12.45 42.14 -15.34
C PRO C 368 12.20 40.86 -16.16
N THR C 369 12.93 40.67 -17.26
CA THR C 369 12.72 39.49 -18.11
C THR C 369 13.63 38.33 -17.74
N ILE C 370 14.63 38.59 -16.89
CA ILE C 370 15.53 37.53 -16.40
C ILE C 370 15.07 37.09 -15.00
N ALA C 371 14.00 37.71 -14.53
CA ALA C 371 13.34 37.31 -13.29
C ALA C 371 11.94 36.77 -13.58
N VAL C 372 11.73 36.35 -14.82
CA VAL C 372 10.51 35.66 -15.17
C VAL C 372 10.78 34.16 -15.27
N PRO C 373 11.75 33.74 -16.09
CA PRO C 373 12.05 32.32 -16.17
C PRO C 373 12.91 31.83 -14.99
N VAL C 374 13.17 32.70 -14.01
CA VAL C 374 13.71 32.27 -12.73
C VAL C 374 12.52 31.77 -11.92
N VAL C 375 11.49 32.62 -11.85
CA VAL C 375 10.29 32.32 -11.07
C VAL C 375 9.59 31.04 -11.57
N LEU C 376 9.60 30.82 -12.88
CA LEU C 376 9.00 29.64 -13.49
C LEU C 376 9.78 28.34 -13.19
N LEU C 377 11.00 28.23 -13.70
CA LEU C 377 11.91 27.12 -13.39
C LEU C 377 11.77 26.63 -11.95
N GLY C 378 11.49 27.54 -11.02
CA GLY C 378 11.34 27.19 -9.63
C GLY C 378 9.97 26.64 -9.27
N THR C 379 8.99 26.97 -10.11
CA THR C 379 7.67 26.42 -9.95
C THR C 379 7.73 24.92 -10.29
N PHE C 380 8.09 24.60 -11.54
CA PHE C 380 8.36 23.20 -11.94
C PHE C 380 8.99 22.39 -10.81
N ALA C 381 9.99 22.97 -10.14
CA ALA C 381 10.60 22.37 -8.95
C ALA C 381 9.59 22.23 -7.79
N VAL C 382 8.83 23.27 -7.47
CA VAL C 382 7.79 23.16 -6.44
C VAL C 382 6.64 22.21 -6.85
N LEU C 383 6.28 22.24 -8.13
CA LEU C 383 5.39 21.24 -8.70
C LEU C 383 5.91 19.85 -8.33
N ALA C 384 7.16 19.57 -8.71
CA ALA C 384 7.80 18.28 -8.45
C ALA C 384 7.73 17.86 -6.96
N ALA C 385 8.01 18.79 -6.06
CA ALA C 385 7.95 18.49 -4.63
C ALA C 385 6.55 18.07 -4.28
N PHE C 386 5.56 18.89 -4.64
CA PHE C 386 4.18 18.60 -4.29
C PHE C 386 3.58 17.50 -5.16
N GLY C 387 4.42 16.68 -5.79
CA GLY C 387 3.99 15.48 -6.51
C GLY C 387 3.26 15.61 -7.84
N PHE C 388 2.82 16.83 -8.18
CA PHE C 388 2.12 17.18 -9.45
C PHE C 388 2.87 16.85 -10.76
N SER C 389 2.17 16.99 -11.87
CA SER C 389 2.79 16.75 -13.18
C SER C 389 2.92 18.02 -14.01
N ILE C 390 3.74 17.91 -15.05
CA ILE C 390 3.70 18.87 -16.14
C ILE C 390 2.54 18.44 -17.04
N ASN C 391 1.35 18.96 -16.78
CA ASN C 391 0.22 18.66 -17.66
C ASN C 391 -0.34 19.91 -18.30
N THR C 392 -1.27 19.77 -19.26
CA THR C 392 -1.80 20.95 -19.93
C THR C 392 -2.28 21.92 -18.87
N LEU C 393 -3.16 21.46 -17.97
CA LEU C 393 -3.70 22.36 -16.97
C LEU C 393 -2.58 23.10 -16.25
N THR C 394 -1.47 22.43 -16.06
CA THR C 394 -0.37 22.92 -15.24
C THR C 394 0.53 23.92 -16.01
N MET C 395 0.53 23.82 -17.34
CA MET C 395 1.23 24.78 -18.19
C MET C 395 0.48 26.10 -18.34
N PHE C 396 -0.76 26.06 -18.82
CA PHE C 396 -1.62 27.25 -18.82
C PHE C 396 -1.67 27.93 -17.46
N GLY C 397 -1.48 27.14 -16.40
CA GLY C 397 -1.28 27.66 -15.07
C GLY C 397 -0.06 28.56 -15.04
N MET C 398 0.92 28.28 -15.89
CA MET C 398 2.15 29.08 -15.97
C MET C 398 2.16 30.23 -16.98
N VAL C 399 1.49 30.02 -18.11
CA VAL C 399 1.29 31.08 -19.07
C VAL C 399 0.47 32.20 -18.40
N LEU C 400 -0.65 31.84 -17.77
CA LEU C 400 -1.36 32.81 -16.91
C LEU C 400 -0.45 33.47 -15.87
N ALA C 401 0.47 32.67 -15.32
CA ALA C 401 1.40 33.14 -14.30
C ALA C 401 2.30 34.26 -14.79
N ILE C 402 2.67 34.21 -16.08
CA ILE C 402 3.65 35.11 -16.72
C ILE C 402 3.34 36.58 -16.46
N GLY C 403 2.06 36.96 -16.56
CA GLY C 403 1.59 38.28 -16.20
C GLY C 403 1.99 38.52 -14.76
N LEU C 404 1.29 37.87 -13.84
CA LEU C 404 1.56 37.96 -12.40
C LEU C 404 3.06 38.01 -12.03
N LEU C 405 3.87 37.26 -12.76
CA LEU C 405 5.30 37.14 -12.46
C LEU C 405 6.07 38.33 -12.98
N VAL C 406 5.82 38.72 -14.24
CA VAL C 406 6.49 39.87 -14.86
C VAL C 406 6.13 41.15 -14.12
N ASP C 407 4.84 41.41 -13.94
CA ASP C 407 4.35 42.58 -13.22
C ASP C 407 5.15 42.84 -11.94
N ASP C 408 5.45 41.80 -11.19
CA ASP C 408 6.22 41.94 -9.95
C ASP C 408 7.60 42.58 -10.16
N ALA C 409 8.20 42.38 -11.33
CA ALA C 409 9.51 42.97 -11.63
C ALA C 409 9.37 44.40 -12.20
N ILE C 410 8.39 44.57 -13.09
CA ILE C 410 7.98 45.86 -13.64
C ILE C 410 7.75 46.91 -12.53
N VAL C 411 7.15 46.47 -11.42
CA VAL C 411 6.89 47.32 -10.25
C VAL C 411 8.14 47.59 -9.38
N VAL C 412 9.19 46.76 -9.52
CA VAL C 412 10.48 46.96 -8.83
C VAL C 412 11.55 47.40 -9.83
N VAL C 413 11.08 48.06 -10.88
CA VAL C 413 11.95 48.72 -11.83
C VAL C 413 11.33 50.07 -12.19
N GLU C 414 10.09 50.09 -12.68
CA GLU C 414 9.41 51.38 -12.90
C GLU C 414 9.57 52.26 -11.68
N ASN C 415 9.05 51.81 -10.54
CA ASN C 415 9.11 52.64 -9.34
C ASN C 415 10.52 52.86 -8.82
N VAL C 416 11.51 52.30 -9.51
CA VAL C 416 12.92 52.59 -9.20
C VAL C 416 13.62 53.40 -10.33
N GLU C 417 12.87 53.62 -11.41
CA GLU C 417 13.32 54.46 -12.53
C GLU C 417 12.83 55.88 -12.36
N ARG C 418 11.55 56.01 -12.03
CA ARG C 418 10.95 57.29 -11.75
C ARG C 418 11.71 58.02 -10.64
N VAL C 419 12.43 57.26 -9.81
CA VAL C 419 13.26 57.84 -8.75
C VAL C 419 14.67 58.24 -9.27
N MET C 420 14.85 58.27 -10.59
CA MET C 420 15.91 59.08 -11.24
C MET C 420 15.30 60.45 -11.64
N ALA C 421 14.05 60.68 -11.24
CA ALA C 421 13.42 62.00 -11.23
C ALA C 421 13.24 62.50 -9.79
N GLU C 422 14.15 62.08 -8.91
CA GLU C 422 14.34 62.66 -7.57
C GLU C 422 15.83 62.87 -7.36
N GLU C 423 16.58 62.71 -8.46
CA GLU C 423 18.04 62.87 -8.49
C GLU C 423 18.48 63.32 -9.92
N GLY C 424 19.65 62.85 -10.35
CA GLY C 424 20.13 63.05 -11.72
C GLY C 424 20.91 61.85 -12.25
N LEU C 425 21.58 61.13 -11.32
CA LEU C 425 22.44 59.94 -11.63
C LEU C 425 22.23 58.61 -10.79
N PRO C 426 22.18 58.68 -9.42
CA PRO C 426 22.34 57.50 -8.50
C PRO C 426 21.51 56.20 -8.72
N PRO C 427 22.19 55.01 -8.70
CA PRO C 427 21.50 53.72 -8.83
C PRO C 427 21.14 53.04 -7.50
N LYS C 428 22.10 52.85 -6.61
CA LYS C 428 21.96 52.03 -5.39
C LYS C 428 20.87 52.43 -4.39
N GLU C 429 20.84 53.72 -3.99
CA GLU C 429 19.81 54.19 -3.04
C GLU C 429 18.46 54.37 -3.70
N ALA C 430 18.49 54.59 -5.02
CA ALA C 430 17.27 54.73 -5.83
C ALA C 430 16.36 53.52 -5.66
N THR C 431 16.92 52.33 -5.84
CA THR C 431 16.18 51.08 -5.63
C THR C 431 15.84 50.87 -4.15
N ARG C 432 16.81 51.16 -3.27
CA ARG C 432 16.63 50.95 -1.82
C ARG C 432 15.56 51.84 -1.21
N LYS C 433 15.32 53.00 -1.80
CA LYS C 433 14.27 53.89 -1.32
C LYS C 433 12.94 53.55 -1.98
N SER C 434 13.01 52.77 -3.06
CA SER C 434 11.80 52.16 -3.62
C SER C 434 11.34 51.07 -2.68
N MET C 435 12.21 50.09 -2.43
CA MET C 435 11.99 49.07 -1.39
C MET C 435 11.84 49.75 -0.03
N GLY C 436 11.29 49.02 0.95
CA GLY C 436 10.91 49.60 2.24
C GLY C 436 9.65 50.42 2.09
N GLN C 437 9.68 51.30 1.10
CA GLN C 437 8.55 52.12 0.69
C GLN C 437 8.02 51.58 -0.66
N ILE C 438 7.86 50.25 -0.68
CA ILE C 438 7.12 49.48 -1.70
C ILE C 438 7.02 47.99 -1.30
N GLN C 439 8.04 47.50 -0.60
CA GLN C 439 8.18 46.09 -0.28
C GLN C 439 7.06 45.60 0.63
N GLY C 440 6.54 46.49 1.47
CA GLY C 440 5.51 46.13 2.44
C GLY C 440 4.19 45.82 1.79
N ALA C 441 3.98 46.39 0.60
CA ALA C 441 2.76 46.20 -0.18
C ALA C 441 2.89 45.09 -1.25
N LEU C 442 4.13 44.82 -1.68
CA LEU C 442 4.40 43.70 -2.58
C LEU C 442 4.06 42.35 -1.94
N VAL C 443 4.05 42.31 -0.60
CA VAL C 443 3.72 41.11 0.20
C VAL C 443 2.21 41.02 0.44
N GLY C 444 1.60 42.17 0.73
CA GLY C 444 0.17 42.27 0.89
C GLY C 444 -0.62 41.89 -0.35
N ILE C 445 -0.02 42.08 -1.53
CA ILE C 445 -0.67 41.61 -2.78
C ILE C 445 -0.81 40.08 -2.73
N ALA C 446 0.32 39.38 -2.59
CA ALA C 446 0.35 37.93 -2.60
C ALA C 446 -0.62 37.40 -1.54
N MET C 447 -0.79 38.15 -0.46
CA MET C 447 -1.80 37.84 0.53
C MET C 447 -3.20 37.95 -0.06
N VAL C 448 -3.45 38.98 -0.87
CA VAL C 448 -4.78 39.17 -1.45
C VAL C 448 -5.04 38.19 -2.58
N LEU C 449 -4.02 37.99 -3.42
CA LEU C 449 -4.14 37.15 -4.61
C LEU C 449 -4.31 35.65 -4.29
N SER C 450 -3.62 35.18 -3.24
CA SER C 450 -3.86 33.85 -2.70
C SER C 450 -5.36 33.66 -2.46
N ALA C 451 -5.95 34.56 -1.70
CA ALA C 451 -7.38 34.51 -1.40
C ALA C 451 -8.26 34.57 -2.65
N VAL C 452 -7.67 34.94 -3.79
CA VAL C 452 -8.37 34.99 -5.07
C VAL C 452 -8.19 33.65 -5.78
N PHE C 453 -6.93 33.22 -5.87
CA PHE C 453 -6.55 32.01 -6.58
C PHE C 453 -6.82 30.70 -5.86
N VAL C 454 -6.72 30.71 -4.52
CA VAL C 454 -6.84 29.49 -3.72
C VAL C 454 -8.27 28.88 -3.57
N PRO C 455 -9.33 29.71 -3.40
CA PRO C 455 -10.67 29.16 -3.15
C PRO C 455 -11.26 28.24 -4.25
N MET C 456 -10.56 28.12 -5.37
CA MET C 456 -10.98 27.20 -6.44
C MET C 456 -10.33 25.82 -6.30
N ALA C 457 -9.13 25.77 -5.72
CA ALA C 457 -8.53 24.49 -5.30
C ALA C 457 -9.36 23.78 -4.21
N PHE C 458 -10.47 24.38 -3.79
CA PHE C 458 -11.31 23.84 -2.75
C PHE C 458 -12.67 23.45 -3.29
N PHE C 459 -12.72 23.26 -4.60
CA PHE C 459 -13.96 22.88 -5.26
C PHE C 459 -14.37 21.47 -4.86
N GLY C 460 -13.40 20.55 -4.90
CA GLY C 460 -13.68 19.12 -4.72
C GLY C 460 -14.56 18.60 -5.85
N GLY C 461 -14.88 17.32 -5.79
CA GLY C 461 -15.62 16.68 -6.88
C GLY C 461 -14.69 16.32 -8.03
N SER C 462 -15.26 15.86 -9.13
CA SER C 462 -14.46 15.44 -10.29
C SER C 462 -13.68 16.61 -10.89
N THR C 463 -14.34 17.78 -10.94
CA THR C 463 -13.73 19.05 -11.32
C THR C 463 -12.55 19.32 -10.39
N GLY C 464 -12.80 19.94 -9.24
CA GLY C 464 -11.80 20.21 -8.17
C GLY C 464 -10.32 19.93 -8.35
N ALA C 465 -9.97 18.70 -8.74
CA ALA C 465 -8.58 18.32 -9.07
C ALA C 465 -8.11 18.86 -10.44
N ILE C 466 -9.06 19.24 -11.29
CA ILE C 466 -8.80 20.06 -12.47
C ILE C 466 -8.32 21.45 -12.05
N TYR C 467 -9.12 22.14 -11.21
CA TYR C 467 -8.79 23.50 -10.75
C TYR C 467 -7.65 23.53 -9.75
N ARG C 468 -7.79 22.72 -8.71
CA ARG C 468 -6.73 22.49 -7.76
C ARG C 468 -5.34 22.58 -8.45
N GLN C 469 -5.26 22.14 -9.70
CA GLN C 469 -3.98 22.19 -10.45
C GLN C 469 -3.56 23.62 -10.76
N PHE C 470 -4.50 24.41 -11.29
CA PHE C 470 -4.23 25.81 -11.60
C PHE C 470 -3.86 26.56 -10.36
N SER C 471 -4.81 26.63 -9.44
CA SER C 471 -4.58 27.20 -8.13
C SER C 471 -3.14 27.00 -7.66
N ILE C 472 -2.74 25.76 -7.43
CA ILE C 472 -1.40 25.48 -6.93
C ILE C 472 -0.25 26.16 -7.68
N THR C 473 -0.21 25.99 -9.01
CA THR C 473 0.90 26.51 -9.81
C THR C 473 1.02 27.99 -9.58
N ILE C 474 -0.10 28.68 -9.75
CA ILE C 474 -0.22 30.13 -9.59
C ILE C 474 0.12 30.70 -8.21
N VAL C 475 -0.30 30.05 -7.12
CA VAL C 475 -0.01 30.51 -5.74
C VAL C 475 1.42 30.21 -5.31
N SER C 476 1.96 29.07 -5.75
CA SER C 476 3.41 28.88 -5.84
C SER C 476 3.78 29.82 -6.96
N ALA C 477 5.03 29.84 -7.44
CA ALA C 477 5.37 30.78 -8.52
C ALA C 477 5.10 32.25 -8.12
N MET C 478 3.86 32.56 -7.73
CA MET C 478 3.53 33.89 -7.22
C MET C 478 4.26 34.22 -5.93
N ALA C 479 4.46 33.22 -5.08
CA ALA C 479 5.29 33.36 -3.90
C ALA C 479 6.76 33.46 -4.31
N LEU C 480 7.15 32.71 -5.33
CA LEU C 480 8.52 32.77 -5.83
C LEU C 480 8.77 34.12 -6.49
N SER C 481 7.69 34.77 -6.93
CA SER C 481 7.76 36.12 -7.48
C SER C 481 8.11 37.08 -6.33
N VAL C 482 7.27 37.06 -5.29
CA VAL C 482 7.45 37.86 -4.08
C VAL C 482 8.81 37.60 -3.42
N LEU C 483 9.24 36.33 -3.42
CA LEU C 483 10.54 35.98 -2.87
C LEU C 483 11.69 36.57 -3.72
N VAL C 484 11.61 36.40 -5.05
CA VAL C 484 12.62 36.91 -6.00
C VAL C 484 12.66 38.43 -6.01
N ALA C 485 11.47 39.04 -5.99
CA ALA C 485 11.30 40.49 -5.90
C ALA C 485 12.22 41.11 -4.84
N LEU C 486 12.38 40.40 -3.71
CA LEU C 486 13.19 40.87 -2.58
C LEU C 486 14.67 40.49 -2.66
N ILE C 487 15.06 39.66 -3.60
CA ILE C 487 16.42 39.14 -3.63
C ILE C 487 17.13 39.38 -4.95
N LEU C 488 16.60 38.80 -6.02
CA LEU C 488 17.21 38.99 -7.33
C LEU C 488 17.04 40.44 -7.77
N THR C 489 15.79 40.85 -8.01
CA THR C 489 15.51 42.16 -8.62
C THR C 489 16.00 43.41 -7.88
N PRO C 490 16.01 43.41 -6.53
CA PRO C 490 16.55 44.60 -5.84
C PRO C 490 18.04 44.85 -6.11
N ALA C 491 18.90 43.90 -5.79
CA ALA C 491 20.25 43.85 -6.35
C ALA C 491 19.97 43.56 -7.81
N LEU C 492 20.99 43.39 -8.64
CA LEU C 492 20.72 43.08 -10.05
C LEU C 492 19.98 44.25 -10.73
N CYS C 493 19.45 45.14 -9.91
CA CYS C 493 18.95 46.45 -10.32
C CYS C 493 20.08 47.42 -9.97
N ALA C 494 20.38 47.49 -8.69
CA ALA C 494 21.53 48.24 -8.18
C ALA C 494 22.89 47.59 -8.53
N THR C 495 22.90 46.64 -9.48
CA THR C 495 24.15 46.06 -9.99
C THR C 495 24.24 46.35 -11.48
N MET C 496 23.11 46.74 -12.07
CA MET C 496 23.03 47.02 -13.51
C MET C 496 21.81 47.89 -13.81
N LEU C 497 22.05 49.17 -14.09
CA LEU C 497 20.98 50.16 -14.32
C LEU C 497 21.56 51.59 -14.43
N LYS C 498 20.96 52.40 -15.32
CA LYS C 498 21.33 53.83 -15.55
C LYS C 498 22.76 54.02 -16.06
N PHE C 513 16.23 60.81 -29.21
CA PHE C 513 14.97 61.25 -29.80
C PHE C 513 14.46 62.56 -29.19
N GLY C 514 13.46 63.13 -29.86
CA GLY C 514 12.64 64.24 -29.35
C GLY C 514 11.20 64.11 -29.84
N TRP C 515 11.01 63.22 -30.81
CA TRP C 515 9.71 62.92 -31.41
C TRP C 515 9.29 61.42 -31.23
N PHE C 516 10.17 60.61 -30.62
CA PHE C 516 9.97 59.16 -30.48
C PHE C 516 9.94 58.75 -29.00
N ASN C 517 10.93 59.20 -28.24
CA ASN C 517 10.99 58.94 -26.80
C ASN C 517 9.93 59.72 -26.02
N ARG C 518 9.96 61.04 -26.12
CA ARG C 518 9.05 61.92 -25.38
C ARG C 518 7.63 61.75 -25.90
N MET C 519 7.52 61.34 -27.17
CA MET C 519 6.25 61.01 -27.83
C MET C 519 5.35 60.19 -26.90
N PHE C 520 5.95 59.17 -26.29
CA PHE C 520 5.25 58.22 -25.41
C PHE C 520 4.39 58.91 -24.34
N GLU C 521 4.97 59.05 -23.14
CA GLU C 521 4.29 59.60 -21.97
C GLU C 521 3.71 61.01 -22.19
N LYS C 522 3.71 61.49 -23.43
CA LYS C 522 3.13 62.80 -23.72
C LYS C 522 1.61 62.74 -23.65
N SER C 523 1.07 61.55 -23.36
CA SER C 523 -0.36 61.39 -23.12
C SER C 523 -0.69 61.24 -21.64
N THR C 524 0.32 61.36 -20.78
CA THR C 524 0.14 61.28 -19.32
C THR C 524 -0.52 62.51 -18.72
N HIS C 525 -0.11 63.69 -19.18
CA HIS C 525 -0.59 64.97 -18.66
C HIS C 525 -2.01 65.23 -19.13
N HIS C 526 -2.29 64.91 -20.40
CA HIS C 526 -3.63 64.93 -20.98
C HIS C 526 -4.53 63.95 -20.22
N TYR C 527 -3.93 62.84 -19.80
CA TYR C 527 -4.57 61.85 -18.95
C TYR C 527 -4.75 62.40 -17.52
N THR C 528 -3.68 62.94 -16.95
CA THR C 528 -3.73 63.59 -15.62
C THR C 528 -4.90 64.59 -15.57
N ASP C 529 -5.09 65.29 -16.68
CA ASP C 529 -6.15 66.28 -16.83
C ASP C 529 -7.56 65.69 -16.87
N SER C 530 -7.70 64.45 -17.33
CA SER C 530 -9.00 63.77 -17.38
C SER C 530 -9.53 63.49 -15.97
N VAL C 531 -8.63 63.60 -14.99
CA VAL C 531 -8.97 63.52 -13.57
C VAL C 531 -9.25 64.93 -13.02
N GLY C 532 -8.94 65.95 -13.82
CA GLY C 532 -9.38 67.32 -13.56
C GLY C 532 -10.75 67.58 -14.16
N GLY C 533 -11.39 66.51 -14.63
CA GLY C 533 -12.77 66.54 -15.12
C GLY C 533 -13.61 65.46 -14.47
N ILE C 534 -13.20 64.99 -13.30
CA ILE C 534 -13.94 63.98 -12.54
C ILE C 534 -14.84 64.63 -11.47
N LEU C 535 -16.11 64.21 -11.44
CA LEU C 535 -17.10 64.69 -10.47
C LEU C 535 -16.86 66.15 -10.00
N ARG C 536 -16.68 67.06 -10.96
CA ARG C 536 -16.31 68.46 -10.67
C ARG C 536 -17.51 69.44 -10.68
N SER C 537 -18.42 69.26 -11.64
CA SER C 537 -19.60 70.15 -11.78
C SER C 537 -20.69 69.92 -10.72
N THR C 538 -21.35 68.75 -10.77
CA THR C 538 -22.34 68.32 -9.76
C THR C 538 -22.02 66.88 -9.29
N GLY C 539 -22.88 66.30 -8.44
CA GLY C 539 -22.70 64.93 -7.95
C GLY C 539 -23.38 63.88 -8.82
N ARG C 540 -22.70 63.47 -9.89
CA ARG C 540 -23.19 62.43 -10.83
C ARG C 540 -22.09 61.86 -11.75
N TYR C 541 -21.56 60.69 -11.39
CA TYR C 541 -20.59 59.97 -12.23
C TYR C 541 -20.40 58.50 -11.82
N LEU C 542 -20.78 58.21 -10.57
CA LEU C 542 -20.83 56.85 -10.03
C LEU C 542 -22.05 56.11 -10.59
N VAL C 543 -22.54 56.57 -11.73
CA VAL C 543 -23.69 56.00 -12.43
C VAL C 543 -23.20 55.26 -13.68
N LEU C 544 -22.11 55.74 -14.25
CA LEU C 544 -21.48 55.12 -15.43
C LEU C 544 -20.83 53.79 -15.07
N TYR C 545 -20.17 53.72 -13.90
CA TYR C 545 -19.63 52.46 -13.40
C TYR C 545 -20.76 51.46 -13.13
N LEU C 546 -21.84 51.93 -12.53
CA LEU C 546 -22.97 51.08 -12.16
C LEU C 546 -23.70 50.53 -13.38
N ILE C 547 -23.52 51.16 -14.54
CA ILE C 547 -24.00 50.61 -15.82
C ILE C 547 -23.11 49.43 -16.23
N ILE C 548 -21.82 49.52 -15.94
CA ILE C 548 -20.86 48.46 -16.29
C ILE C 548 -21.04 47.23 -15.38
N VAL C 549 -21.57 47.41 -14.17
CA VAL C 549 -21.90 46.27 -13.28
C VAL C 549 -23.12 45.50 -13.81
N VAL C 550 -24.17 46.23 -14.13
CA VAL C 550 -25.32 45.65 -14.84
C VAL C 550 -24.90 45.29 -16.28
N GLY C 551 -23.75 45.80 -16.72
CA GLY C 551 -23.14 45.48 -18.01
C GLY C 551 -22.65 44.03 -18.13
N MET C 552 -22.24 43.46 -16.99
CA MET C 552 -22.12 42.02 -16.87
C MET C 552 -23.49 41.55 -16.45
N ALA C 553 -23.60 40.98 -15.25
CA ALA C 553 -24.85 40.42 -14.72
C ALA C 553 -25.52 39.54 -15.79
N TYR C 554 -26.20 40.15 -16.76
CA TYR C 554 -26.48 39.46 -18.02
C TYR C 554 -25.13 39.23 -18.70
N LEU C 555 -25.09 38.97 -20.01
CA LEU C 555 -23.81 38.59 -20.67
C LEU C 555 -23.21 37.37 -19.99
N PHE C 556 -22.99 37.50 -18.68
CA PHE C 556 -22.66 36.38 -17.81
C PHE C 556 -23.78 35.33 -17.80
N VAL C 557 -25.02 35.78 -17.58
CA VAL C 557 -26.16 34.86 -17.56
C VAL C 557 -26.60 34.50 -18.99
N ARG C 558 -26.33 35.41 -19.93
CA ARG C 558 -26.49 35.13 -21.37
C ARG C 558 -25.24 34.44 -21.96
N LEU C 559 -24.59 33.58 -21.16
CA LEU C 559 -23.45 32.76 -21.62
C LEU C 559 -23.55 31.31 -21.12
N PRO C 560 -23.52 30.34 -22.06
CA PRO C 560 -23.44 28.90 -21.75
C PRO C 560 -22.12 28.49 -21.06
N SER C 561 -22.24 27.59 -20.09
CA SER C 561 -21.08 27.02 -19.40
C SER C 561 -20.64 25.71 -20.07
N SER C 562 -19.54 25.14 -19.60
CA SER C 562 -18.95 23.98 -20.25
C SER C 562 -17.75 23.50 -19.43
N PHE C 563 -17.12 22.41 -19.85
CA PHE C 563 -15.96 21.91 -19.12
C PHE C 563 -14.65 22.18 -19.84
N LEU C 564 -14.29 21.30 -20.77
CA LEU C 564 -13.08 21.48 -21.54
C LEU C 564 -13.35 21.32 -23.02
N PRO C 565 -12.71 22.19 -23.84
CA PRO C 565 -12.97 22.14 -25.27
C PRO C 565 -12.40 20.89 -25.92
N ASP C 566 -13.23 20.25 -26.74
CA ASP C 566 -12.83 19.22 -27.68
C ASP C 566 -11.59 19.64 -28.46
N GLU C 567 -10.74 18.68 -28.78
CA GLU C 567 -9.54 18.96 -29.54
C GLU C 567 -9.31 17.93 -30.61
N ASP C 568 -8.76 18.38 -31.73
CA ASP C 568 -8.40 17.47 -32.77
C ASP C 568 -7.07 16.87 -32.41
N GLN C 569 -7.13 15.61 -31.96
CA GLN C 569 -5.95 14.87 -31.53
C GLN C 569 -5.31 14.07 -32.64
N GLY C 570 -5.92 14.09 -33.82
CA GLY C 570 -5.34 13.50 -35.01
C GLY C 570 -5.63 12.02 -35.19
N VAL C 571 -6.71 11.58 -34.53
CA VAL C 571 -7.14 10.19 -34.49
C VAL C 571 -8.57 10.24 -34.08
N PHE C 572 -9.39 9.39 -34.66
CA PHE C 572 -10.75 9.24 -34.16
C PHE C 572 -11.33 7.84 -34.43
N MET C 573 -12.46 7.55 -33.82
CA MET C 573 -13.06 6.26 -34.04
C MET C 573 -14.33 6.34 -34.86
N THR C 574 -14.89 5.17 -35.16
CA THR C 574 -16.06 5.01 -36.01
C THR C 574 -16.61 3.66 -35.68
N MET C 575 -17.87 3.60 -35.23
CA MET C 575 -18.50 2.31 -34.86
C MET C 575 -19.18 1.69 -36.07
N VAL C 576 -19.71 0.49 -35.89
CA VAL C 576 -20.45 -0.17 -36.96
C VAL C 576 -21.39 -1.14 -36.26
N GLN C 577 -22.64 -0.73 -36.12
CA GLN C 577 -23.61 -1.54 -35.37
C GLN C 577 -24.68 -2.18 -36.23
N LEU C 578 -24.56 -3.49 -36.45
CA LEU C 578 -25.51 -4.20 -37.29
C LEU C 578 -26.73 -4.68 -36.51
N PRO C 579 -27.87 -4.86 -37.19
CA PRO C 579 -29.05 -5.29 -36.43
C PRO C 579 -28.92 -6.70 -35.83
N ALA C 580 -28.37 -6.75 -34.61
CA ALA C 580 -28.26 -7.95 -33.75
C ALA C 580 -28.56 -9.32 -34.41
N GLY C 581 -27.49 -10.10 -34.60
CA GLY C 581 -27.55 -11.43 -35.22
C GLY C 581 -27.36 -11.43 -36.73
N ALA C 582 -26.68 -10.43 -37.25
CA ALA C 582 -26.40 -10.37 -38.68
C ALA C 582 -24.99 -10.88 -39.00
N THR C 583 -24.90 -11.76 -39.99
CA THR C 583 -23.66 -12.44 -40.38
C THR C 583 -22.43 -11.53 -40.53
N GLN C 584 -21.26 -12.04 -40.12
CA GLN C 584 -20.00 -11.25 -40.11
C GLN C 584 -19.56 -10.80 -41.50
N GLU C 585 -19.93 -11.62 -42.49
CA GLU C 585 -19.74 -11.36 -43.90
C GLU C 585 -20.43 -10.06 -44.26
N ARG C 586 -21.64 -9.86 -43.72
CA ARG C 586 -22.38 -8.61 -43.92
C ARG C 586 -21.72 -7.44 -43.19
N THR C 587 -21.14 -7.73 -42.02
CA THR C 587 -20.46 -6.71 -41.22
C THR C 587 -19.17 -6.23 -41.93
N GLN C 588 -18.52 -7.15 -42.64
CA GLN C 588 -17.41 -6.76 -43.52
C GLN C 588 -17.87 -5.78 -44.62
N LYS C 589 -18.95 -6.13 -45.33
CA LYS C 589 -19.49 -5.24 -46.37
C LYS C 589 -19.49 -3.82 -45.85
N VAL C 590 -20.16 -3.59 -44.73
CA VAL C 590 -20.23 -2.24 -44.13
C VAL C 590 -18.82 -1.70 -43.97
N LEU C 591 -17.99 -2.43 -43.23
CA LEU C 591 -16.64 -2.03 -42.93
C LEU C 591 -15.88 -1.60 -44.16
N ASN C 592 -15.95 -2.38 -45.25
CA ASN C 592 -15.23 -2.02 -46.49
C ASN C 592 -15.75 -0.71 -47.11
N GLU C 593 -17.08 -0.61 -47.20
CA GLU C 593 -17.81 0.62 -47.57
C GLU C 593 -17.30 1.81 -46.73
N VAL C 594 -17.15 1.60 -45.42
CA VAL C 594 -16.59 2.61 -44.51
C VAL C 594 -15.14 2.90 -44.87
N THR C 595 -14.31 1.85 -44.88
CA THR C 595 -12.90 1.98 -45.23
C THR C 595 -12.73 2.87 -46.45
N HIS C 596 -13.43 2.54 -47.55
CA HIS C 596 -13.24 3.29 -48.78
C HIS C 596 -13.70 4.73 -48.75
N TYR C 597 -14.82 5.02 -48.09
CA TYR C 597 -15.20 6.42 -47.96
C TYR C 597 -14.01 7.26 -47.51
N TYR C 598 -13.41 6.89 -46.36
CA TYR C 598 -12.32 7.66 -45.77
C TYR C 598 -11.14 7.75 -46.73
N LEU C 599 -10.74 6.58 -47.22
CA LEU C 599 -9.59 6.40 -48.08
C LEU C 599 -9.70 7.15 -49.40
N THR C 600 -10.93 7.34 -49.89
CA THR C 600 -11.16 8.07 -51.17
C THR C 600 -11.51 9.55 -50.98
N LYS C 601 -12.64 9.81 -50.32
CA LYS C 601 -13.13 11.17 -50.07
C LYS C 601 -12.15 11.97 -49.22
N GLU C 602 -12.27 11.81 -47.90
CA GLU C 602 -11.34 12.46 -46.99
C GLU C 602 -9.86 12.11 -47.26
N LYS C 603 -9.59 11.50 -48.40
CA LYS C 603 -8.23 11.14 -48.83
C LYS C 603 -7.16 12.16 -48.47
N ASN C 604 -7.52 13.45 -48.50
CA ASN C 604 -6.56 14.49 -48.15
C ASN C 604 -6.21 14.58 -46.67
N ASN C 605 -7.02 13.96 -45.83
CA ASN C 605 -6.76 13.89 -44.37
C ASN C 605 -6.47 12.47 -43.83
N VAL C 606 -7.37 11.53 -44.10
CA VAL C 606 -7.21 10.14 -43.65
C VAL C 606 -5.93 9.50 -44.22
N GLU C 607 -4.96 9.27 -43.34
CA GLU C 607 -3.70 8.61 -43.67
C GLU C 607 -3.76 7.11 -43.42
N SER C 608 -4.69 6.67 -42.59
CA SER C 608 -4.73 5.28 -42.21
C SER C 608 -6.05 4.87 -41.56
N VAL C 609 -6.51 3.68 -41.93
CA VAL C 609 -7.79 3.13 -41.45
C VAL C 609 -7.66 1.65 -41.07
N PHE C 610 -7.60 1.41 -39.76
CA PHE C 610 -7.43 0.07 -39.20
C PHE C 610 -8.78 -0.47 -38.81
N ALA C 611 -9.43 -1.16 -39.73
CA ALA C 611 -10.81 -1.53 -39.52
C ALA C 611 -10.96 -2.92 -38.96
N VAL C 612 -11.63 -3.03 -37.83
CA VAL C 612 -11.69 -4.28 -37.13
C VAL C 612 -13.12 -4.76 -36.96
N ASN C 613 -13.41 -5.91 -37.56
CA ASN C 613 -14.73 -6.45 -37.57
C ASN C 613 -14.80 -7.57 -36.57
N GLY C 614 -15.80 -7.50 -35.70
CA GLY C 614 -15.98 -8.49 -34.65
C GLY C 614 -15.82 -7.87 -33.30
N PHE C 615 -15.21 -6.68 -33.26
CA PHE C 615 -14.84 -6.06 -31.98
C PHE C 615 -15.77 -5.00 -31.46
N GLY C 616 -16.48 -5.39 -30.40
CA GLY C 616 -17.40 -4.53 -29.67
C GLY C 616 -16.71 -3.86 -28.49
N PHE C 617 -16.94 -2.56 -28.37
CA PHE C 617 -16.34 -1.79 -27.29
C PHE C 617 -16.95 -2.11 -25.91
N ALA C 618 -18.09 -2.81 -25.91
CA ALA C 618 -18.67 -3.34 -24.69
C ALA C 618 -19.68 -4.41 -25.06
N GLY C 619 -19.54 -4.93 -26.27
CA GLY C 619 -20.43 -5.96 -26.82
C GLY C 619 -19.87 -6.73 -28.02
N ARG C 620 -18.93 -7.65 -27.74
CA ARG C 620 -18.55 -8.73 -28.67
C ARG C 620 -19.76 -9.24 -29.49
N GLY C 621 -19.53 -9.65 -30.74
CA GLY C 621 -20.59 -10.24 -31.56
C GLY C 621 -20.30 -10.15 -33.05
N GLN C 622 -21.10 -10.85 -33.88
CA GLN C 622 -20.93 -10.83 -35.36
C GLN C 622 -21.45 -9.54 -35.99
N ASN C 623 -22.28 -8.85 -35.21
CA ASN C 623 -23.04 -7.68 -35.60
C ASN C 623 -22.35 -6.43 -35.13
N THR C 624 -21.04 -6.37 -35.19
CA THR C 624 -20.37 -5.23 -34.62
C THR C 624 -18.93 -5.13 -35.08
N GLY C 625 -18.45 -3.91 -35.22
CA GLY C 625 -17.13 -3.67 -35.76
C GLY C 625 -16.73 -2.27 -35.40
N ILE C 626 -15.46 -1.96 -35.58
CA ILE C 626 -14.95 -0.66 -35.20
C ILE C 626 -13.80 -0.28 -36.13
N ALA C 627 -13.70 1.00 -36.45
CA ALA C 627 -12.65 1.45 -37.37
C ALA C 627 -11.79 2.53 -36.72
N PHE C 628 -10.48 2.36 -36.76
CA PHE C 628 -9.57 3.32 -36.13
C PHE C 628 -8.98 4.20 -37.22
N VAL C 629 -9.50 5.43 -37.30
CA VAL C 629 -9.08 6.36 -38.30
C VAL C 629 -8.03 7.28 -37.77
N SER C 630 -6.91 7.33 -38.48
CA SER C 630 -5.85 8.26 -38.16
C SER C 630 -5.59 9.18 -39.36
N LEU C 631 -5.56 10.48 -39.08
CA LEU C 631 -5.40 11.55 -40.06
C LEU C 631 -3.93 11.87 -40.31
N LYS C 632 -3.65 12.68 -41.32
CA LYS C 632 -2.28 13.14 -41.52
C LYS C 632 -1.97 14.22 -40.48
N ASP C 633 -0.81 14.87 -40.60
CA ASP C 633 -0.39 15.83 -39.57
C ASP C 633 -1.38 17.00 -39.54
N TRP C 634 -1.44 17.68 -38.38
CA TRP C 634 -2.33 18.83 -38.21
C TRP C 634 -1.96 19.95 -39.18
N ALA C 635 -0.66 20.18 -39.35
CA ALA C 635 -0.15 21.12 -40.35
C ALA C 635 -0.93 21.02 -41.67
N ASP C 636 -0.83 19.86 -42.32
CA ASP C 636 -1.40 19.60 -43.65
C ASP C 636 -2.92 19.61 -43.74
N ARG C 637 -3.57 20.27 -42.78
CA ARG C 637 -5.02 20.29 -42.70
C ARG C 637 -5.51 21.64 -42.18
N PRO C 638 -5.35 22.72 -42.99
CA PRO C 638 -5.84 24.06 -42.59
C PRO C 638 -7.37 24.15 -42.49
N GLY C 639 -7.87 25.07 -41.66
CA GLY C 639 -9.30 25.38 -41.61
C GLY C 639 -10.15 24.28 -40.99
N GLU C 640 -11.28 24.68 -40.40
CA GLU C 640 -12.12 23.80 -39.57
C GLU C 640 -12.91 22.71 -40.32
N GLU C 641 -12.75 22.70 -41.64
CA GLU C 641 -13.26 21.66 -42.55
C GLU C 641 -12.31 20.47 -42.55
N ASN C 642 -11.17 20.64 -41.88
CA ASN C 642 -10.09 19.64 -41.77
C ASN C 642 -9.77 19.24 -40.32
N LYS C 643 -10.56 19.78 -39.39
CA LYS C 643 -10.58 19.39 -37.99
C LYS C 643 -11.56 18.22 -37.84
N VAL C 644 -11.36 17.38 -36.83
CA VAL C 644 -12.26 16.26 -36.58
C VAL C 644 -13.67 16.75 -36.38
N GLU C 645 -13.79 17.98 -35.88
CA GLU C 645 -15.08 18.56 -35.56
C GLU C 645 -16.03 18.63 -36.76
N ALA C 646 -15.50 18.34 -37.95
CA ALA C 646 -16.26 18.39 -39.19
C ALA C 646 -15.98 17.20 -40.10
N ILE C 647 -14.71 16.76 -40.15
CA ILE C 647 -14.33 15.57 -40.92
C ILE C 647 -15.30 14.46 -40.56
N THR C 648 -15.45 14.26 -39.25
CA THR C 648 -16.44 13.37 -38.68
C THR C 648 -17.82 13.73 -39.17
N MET C 649 -18.34 14.86 -38.69
CA MET C 649 -19.69 15.32 -39.04
C MET C 649 -20.12 14.89 -40.45
N ARG C 650 -19.29 15.23 -41.43
CA ARG C 650 -19.58 14.89 -42.82
C ARG C 650 -19.72 13.38 -42.99
N ALA C 651 -18.71 12.64 -42.54
CA ALA C 651 -18.73 11.19 -42.55
C ALA C 651 -20.01 10.63 -41.89
N THR C 652 -20.44 11.21 -40.78
CA THR C 652 -21.65 10.74 -40.11
C THR C 652 -22.86 10.77 -41.06
N ARG C 653 -23.08 11.92 -41.72
CA ARG C 653 -24.16 12.06 -42.73
C ARG C 653 -23.88 11.34 -44.05
N ALA C 654 -22.59 11.06 -44.31
CA ALA C 654 -22.18 10.29 -45.49
C ALA C 654 -22.65 8.85 -45.41
N PHE C 655 -22.45 8.23 -44.24
CA PHE C 655 -23.10 6.97 -43.90
C PHE C 655 -24.46 7.38 -43.32
N SER C 656 -24.96 6.63 -42.35
CA SER C 656 -26.30 6.93 -41.77
C SER C 656 -27.23 7.47 -42.86
N GLN C 657 -27.00 6.99 -44.08
CA GLN C 657 -27.81 7.25 -45.24
C GLN C 657 -27.83 5.95 -46.04
N ILE C 658 -26.97 5.84 -47.06
CA ILE C 658 -26.95 4.68 -47.96
C ILE C 658 -26.61 3.41 -47.15
N LYS C 659 -27.62 2.87 -46.45
CA LYS C 659 -27.40 1.85 -45.43
C LYS C 659 -28.58 0.91 -45.13
N ASP C 660 -28.42 0.18 -44.03
CA ASP C 660 -29.42 -0.69 -43.41
C ASP C 660 -29.07 -0.75 -41.90
N ALA C 661 -27.79 -0.59 -41.57
CA ALA C 661 -27.25 -0.55 -40.20
C ALA C 661 -26.57 0.79 -39.84
N MET C 662 -26.58 1.18 -38.56
CA MET C 662 -26.10 2.50 -38.11
C MET C 662 -24.60 2.62 -37.85
N VAL C 663 -24.05 3.77 -38.23
CA VAL C 663 -22.61 3.97 -38.26
C VAL C 663 -22.20 5.31 -37.64
N PHE C 664 -22.22 5.35 -36.31
CA PHE C 664 -21.71 6.48 -35.54
C PHE C 664 -20.21 6.72 -35.78
N ALA C 665 -19.83 7.94 -36.17
CA ALA C 665 -18.41 8.31 -36.29
C ALA C 665 -18.16 9.67 -35.62
N PHE C 666 -17.19 9.71 -34.69
CA PHE C 666 -17.05 10.84 -33.76
C PHE C 666 -15.67 10.97 -33.13
N ASN C 667 -15.38 12.18 -32.62
CA ASN C 667 -14.16 12.43 -31.87
C ASN C 667 -14.51 12.42 -30.40
N LEU C 668 -13.73 11.69 -29.62
CA LEU C 668 -14.02 11.46 -28.19
C LEU C 668 -13.61 12.65 -27.32
N PRO C 669 -14.46 13.00 -26.33
CA PRO C 669 -14.33 14.27 -25.60
C PRO C 669 -13.01 14.34 -24.84
N ALA C 670 -12.30 15.45 -25.00
CA ALA C 670 -10.99 15.59 -24.39
C ALA C 670 -11.13 15.67 -22.86
N ILE C 671 -10.29 14.85 -22.18
CA ILE C 671 -10.13 14.84 -20.70
C ILE C 671 -11.41 14.32 -19.95
N VAL C 672 -12.15 13.45 -20.64
CA VAL C 672 -13.45 12.96 -20.19
C VAL C 672 -13.55 11.40 -20.28
N GLU C 673 -12.70 10.74 -19.50
CA GLU C 673 -12.89 9.31 -19.18
C GLU C 673 -14.16 9.25 -18.31
N LEU C 674 -15.31 9.31 -18.99
CA LEU C 674 -16.64 9.56 -18.38
C LEU C 674 -16.64 10.81 -17.47
N GLY C 675 -17.18 11.90 -17.98
CA GLY C 675 -17.21 13.16 -17.22
C GLY C 675 -18.38 14.07 -17.60
N THR C 676 -18.21 14.80 -18.70
CA THR C 676 -19.27 15.71 -19.20
C THR C 676 -19.52 15.50 -20.72
N ALA C 677 -20.46 14.58 -21.03
CA ALA C 677 -21.02 14.45 -22.38
C ALA C 677 -22.48 14.91 -22.38
N THR C 678 -22.77 15.88 -21.49
CA THR C 678 -24.14 16.33 -21.06
C THR C 678 -25.35 15.49 -21.55
N GLY C 679 -25.24 14.19 -21.25
CA GLY C 679 -26.35 13.27 -21.26
C GLY C 679 -26.54 12.69 -19.87
N PHE C 680 -27.29 11.59 -19.81
CA PHE C 680 -27.51 10.89 -18.55
C PHE C 680 -27.46 9.37 -18.75
N ASP C 681 -27.39 8.65 -17.65
CA ASP C 681 -27.20 7.21 -17.68
C ASP C 681 -28.24 6.55 -16.78
N PHE C 682 -29.44 6.38 -17.31
CA PHE C 682 -30.54 5.85 -16.54
C PHE C 682 -30.42 4.36 -16.52
N GLU C 683 -30.36 3.74 -15.36
CA GLU C 683 -30.34 2.30 -15.37
C GLU C 683 -31.70 1.91 -14.92
N LEU C 684 -32.38 1.11 -15.72
CA LEU C 684 -33.73 0.63 -15.43
C LEU C 684 -33.53 -0.70 -14.75
N ILE C 685 -34.13 -0.88 -13.58
CA ILE C 685 -33.85 -2.10 -12.79
C ILE C 685 -35.07 -2.92 -12.33
N ASP C 686 -34.95 -4.24 -12.39
CA ASP C 686 -35.98 -5.12 -11.87
C ASP C 686 -35.69 -5.34 -10.37
N GLN C 687 -36.69 -5.16 -9.50
CA GLN C 687 -36.45 -5.26 -8.05
C GLN C 687 -37.36 -6.22 -7.30
N ALA C 688 -38.18 -6.96 -8.04
CA ALA C 688 -38.92 -8.05 -7.45
C ALA C 688 -39.00 -9.22 -8.42
N GLY C 689 -37.84 -9.61 -8.94
CA GLY C 689 -37.73 -10.77 -9.76
C GLY C 689 -38.87 -10.87 -10.74
N LEU C 690 -39.15 -9.76 -11.41
CA LEU C 690 -40.20 -9.75 -12.41
C LEU C 690 -39.84 -10.73 -13.51
N GLY C 691 -38.68 -10.49 -14.14
CA GLY C 691 -38.22 -11.22 -15.30
C GLY C 691 -37.68 -10.33 -16.41
N HIS C 692 -37.06 -10.95 -17.41
CA HIS C 692 -36.53 -10.24 -18.55
C HIS C 692 -37.63 -9.66 -19.40
N GLU C 693 -38.65 -10.46 -19.73
CA GLU C 693 -39.79 -9.98 -20.54
C GLU C 693 -40.34 -8.68 -19.96
N LYS C 694 -40.92 -8.77 -18.76
CA LYS C 694 -41.52 -7.59 -18.14
C LYS C 694 -40.58 -6.39 -18.33
N LEU C 695 -39.37 -6.49 -17.80
CA LEU C 695 -38.42 -5.40 -17.80
C LEU C 695 -38.27 -4.84 -19.19
N THR C 696 -38.22 -5.70 -20.21
CA THR C 696 -38.07 -5.24 -21.61
C THR C 696 -39.19 -4.27 -21.96
N GLN C 697 -40.43 -4.76 -21.84
CA GLN C 697 -41.60 -3.93 -22.09
C GLN C 697 -41.76 -2.79 -21.08
N ALA C 698 -41.40 -3.02 -19.80
CA ALA C 698 -41.52 -1.98 -18.80
C ALA C 698 -40.67 -0.84 -19.25
N ARG C 699 -39.54 -1.13 -19.86
CA ARG C 699 -38.67 -0.06 -20.35
C ARG C 699 -39.24 0.54 -21.62
N ASN C 700 -39.83 -0.28 -22.48
CA ASN C 700 -40.53 0.22 -23.64
C ASN C 700 -41.57 1.30 -23.32
N GLN C 701 -42.27 1.13 -22.19
CA GLN C 701 -43.17 2.12 -21.61
C GLN C 701 -42.46 3.45 -21.39
N LEU C 702 -41.45 3.46 -20.50
CA LEU C 702 -40.66 4.66 -20.22
C LEU C 702 -40.10 5.25 -21.51
N LEU C 703 -39.58 4.38 -22.37
CA LEU C 703 -39.01 4.78 -23.64
C LEU C 703 -39.99 5.54 -24.51
N ALA C 704 -41.22 5.03 -24.59
CA ALA C 704 -42.28 5.63 -25.39
C ALA C 704 -42.84 6.94 -24.82
N GLU C 705 -42.90 7.07 -23.49
CA GLU C 705 -43.31 8.34 -22.85
C GLU C 705 -42.32 9.43 -23.19
N ALA C 706 -41.05 9.15 -22.94
CA ALA C 706 -39.97 10.05 -23.29
C ALA C 706 -40.06 10.60 -24.72
N ALA C 707 -40.78 9.88 -25.57
CA ALA C 707 -41.02 10.29 -26.96
C ALA C 707 -42.02 11.46 -27.06
N LYS C 708 -43.10 11.30 -26.28
CA LYS C 708 -44.18 12.26 -26.13
C LYS C 708 -43.69 13.60 -25.60
N HIS C 709 -42.56 13.59 -24.88
CA HIS C 709 -42.06 14.79 -24.24
C HIS C 709 -40.79 15.36 -24.88
N PRO C 710 -40.73 15.50 -26.23
CA PRO C 710 -39.47 15.95 -26.81
C PRO C 710 -39.20 17.40 -26.47
N ASP C 711 -40.15 18.01 -25.78
CA ASP C 711 -40.12 19.41 -25.38
C ASP C 711 -38.98 19.75 -24.40
N MET C 712 -37.81 19.14 -24.63
CA MET C 712 -36.59 19.37 -23.84
C MET C 712 -35.33 18.71 -24.42
N LEU C 713 -35.20 18.84 -25.76
CA LEU C 713 -34.08 18.32 -26.60
C LEU C 713 -33.47 16.97 -26.12
N THR C 714 -34.04 15.86 -26.57
CA THR C 714 -33.72 14.56 -25.98
C THR C 714 -33.46 13.54 -27.09
N SER C 715 -32.87 12.38 -26.75
CA SER C 715 -32.54 11.30 -27.72
C SER C 715 -32.53 9.93 -27.03
N VAL C 716 -33.50 9.73 -26.14
CA VAL C 716 -33.58 8.64 -25.16
C VAL C 716 -33.61 7.20 -25.70
N ARG C 717 -32.47 6.52 -25.64
CA ARG C 717 -32.33 5.17 -26.22
C ARG C 717 -31.92 4.07 -25.20
N PRO C 718 -32.00 2.79 -25.59
CA PRO C 718 -31.45 1.77 -24.72
C PRO C 718 -30.05 1.40 -25.15
N ASN C 719 -29.29 0.71 -24.31
CA ASN C 719 -28.09 0.03 -24.79
C ASN C 719 -28.34 -1.40 -25.39
N GLY C 720 -28.42 -1.43 -26.73
CA GLY C 720 -28.72 -2.56 -27.63
C GLY C 720 -28.83 -4.03 -27.23
N LEU C 721 -29.78 -4.30 -26.36
CA LEU C 721 -30.25 -5.66 -26.11
C LEU C 721 -31.06 -6.11 -27.33
N GLU C 722 -32.37 -5.89 -27.33
CA GLU C 722 -33.28 -6.29 -28.43
C GLU C 722 -33.20 -7.77 -28.75
N ASP C 723 -34.14 -8.51 -28.17
CA ASP C 723 -34.14 -9.95 -28.22
C ASP C 723 -34.01 -10.38 -29.67
N THR C 724 -33.68 -11.65 -29.88
CA THR C 724 -33.33 -12.17 -31.16
C THR C 724 -33.85 -13.59 -31.25
N PRO C 725 -34.29 -14.00 -32.45
CA PRO C 725 -34.75 -15.38 -32.65
C PRO C 725 -33.65 -16.40 -32.32
N GLN C 726 -33.96 -17.39 -31.48
CA GLN C 726 -32.98 -18.40 -31.15
C GLN C 726 -33.65 -19.76 -31.20
N PHE C 727 -32.85 -20.81 -31.40
CA PHE C 727 -33.37 -22.17 -31.66
C PHE C 727 -33.29 -23.09 -30.45
N LYS C 728 -34.43 -23.43 -29.85
CA LYS C 728 -34.46 -24.32 -28.70
C LYS C 728 -34.31 -25.76 -29.15
N ILE C 729 -33.62 -26.61 -28.39
CA ILE C 729 -33.66 -28.05 -28.65
C ILE C 729 -33.92 -28.74 -27.33
N ASP C 730 -35.09 -29.37 -27.22
CA ASP C 730 -35.47 -30.03 -25.98
C ASP C 730 -35.17 -31.51 -26.10
N ILE C 731 -34.07 -31.94 -25.47
CA ILE C 731 -33.75 -33.36 -25.48
C ILE C 731 -34.75 -34.08 -24.58
N ASP C 732 -35.29 -35.20 -25.06
CA ASP C 732 -36.14 -36.02 -24.22
C ASP C 732 -35.31 -37.00 -23.41
N GLN C 733 -34.94 -36.59 -22.20
CA GLN C 733 -34.19 -37.47 -21.34
C GLN C 733 -34.75 -38.87 -21.47
N GLU C 734 -36.05 -39.01 -21.30
CA GLU C 734 -36.68 -40.32 -21.22
C GLU C 734 -36.48 -41.21 -22.45
N LYS C 735 -36.86 -40.69 -23.63
CA LYS C 735 -36.63 -41.38 -24.90
C LYS C 735 -35.18 -41.88 -25.00
N ALA C 736 -34.22 -41.04 -24.61
CA ALA C 736 -32.81 -41.40 -24.61
C ALA C 736 -32.51 -42.53 -23.60
N GLN C 737 -32.80 -42.30 -22.32
CA GLN C 737 -32.50 -43.27 -21.25
C GLN C 737 -33.27 -44.57 -21.44
N ALA C 738 -34.02 -44.62 -22.55
CA ALA C 738 -34.82 -45.77 -22.95
C ALA C 738 -34.29 -46.36 -24.25
N LEU C 739 -33.59 -45.56 -25.05
CA LEU C 739 -32.99 -46.07 -26.27
C LEU C 739 -31.53 -46.49 -26.05
N GLY C 740 -31.17 -46.69 -24.78
CA GLY C 740 -29.79 -47.02 -24.37
C GLY C 740 -28.78 -45.93 -24.69
N VAL C 741 -29.23 -44.68 -24.70
CA VAL C 741 -28.36 -43.51 -24.92
C VAL C 741 -28.16 -42.76 -23.61
N SER C 742 -26.92 -42.35 -23.34
CA SER C 742 -26.63 -41.54 -22.17
C SER C 742 -26.75 -40.06 -22.53
N ILE C 743 -27.43 -39.29 -21.68
CA ILE C 743 -27.58 -37.86 -21.90
C ILE C 743 -26.22 -37.21 -22.17
N ASN C 744 -25.20 -37.54 -21.35
CA ASN C 744 -23.83 -37.01 -21.54
C ASN C 744 -23.34 -37.17 -22.98
N ASP C 745 -23.50 -38.39 -23.49
CA ASP C 745 -23.10 -38.67 -24.85
C ASP C 745 -23.78 -37.71 -25.83
N ILE C 746 -25.08 -37.49 -25.62
CA ILE C 746 -25.89 -36.56 -26.42
C ILE C 746 -25.28 -35.19 -26.30
N ASN C 747 -25.20 -34.74 -25.04
CA ASN C 747 -24.75 -33.40 -24.69
C ASN C 747 -23.44 -33.00 -25.31
N THR C 748 -22.42 -33.84 -25.17
CA THR C 748 -21.13 -33.50 -25.77
C THR C 748 -21.28 -33.29 -27.28
N THR C 749 -21.99 -34.20 -27.94
CA THR C 749 -22.12 -34.18 -29.40
C THR C 749 -22.64 -32.84 -29.97
N LEU C 750 -23.85 -32.47 -29.53
CA LEU C 750 -24.51 -31.20 -29.90
C LEU C 750 -23.58 -30.04 -29.60
N GLY C 751 -23.09 -29.99 -28.36
CA GLY C 751 -22.11 -29.02 -27.92
C GLY C 751 -20.89 -29.02 -28.82
N ALA C 752 -19.98 -29.96 -28.56
CA ALA C 752 -18.71 -30.03 -29.29
C ALA C 752 -18.78 -29.67 -30.77
N ALA C 753 -19.83 -30.13 -31.46
CA ALA C 753 -19.91 -29.89 -32.91
C ALA C 753 -20.42 -28.49 -33.22
N TRP C 754 -21.40 -28.03 -32.41
CA TRP C 754 -22.06 -26.73 -32.63
C TRP C 754 -21.43 -25.56 -31.91
N GLY C 755 -20.91 -25.82 -30.72
CA GLY C 755 -20.01 -24.88 -30.06
C GLY C 755 -18.77 -25.67 -29.69
N GLY C 756 -17.68 -25.47 -30.44
CA GLY C 756 -16.48 -26.32 -30.33
C GLY C 756 -16.05 -26.70 -28.92
N SER C 757 -15.24 -27.75 -28.80
CA SER C 757 -14.65 -28.07 -27.50
C SER C 757 -13.17 -27.91 -27.48
N TYR C 758 -12.70 -27.35 -26.37
CA TYR C 758 -11.29 -27.18 -26.04
C TYR C 758 -10.76 -28.41 -25.31
N VAL C 759 -10.04 -29.30 -26.01
CA VAL C 759 -9.61 -30.61 -25.49
C VAL C 759 -8.36 -30.60 -24.61
N ASN C 760 -7.26 -30.09 -25.13
CA ASN C 760 -6.02 -30.08 -24.39
C ASN C 760 -4.97 -29.37 -25.21
N ASP C 761 -3.80 -29.16 -24.60
CA ASP C 761 -2.74 -28.41 -25.25
C ASP C 761 -1.87 -29.23 -26.21
N PHE C 762 -1.22 -28.58 -27.15
CA PHE C 762 -0.25 -29.29 -27.95
C PHE C 762 0.84 -28.28 -28.09
N ILE C 763 1.97 -28.66 -28.67
CA ILE C 763 3.03 -27.68 -28.87
C ILE C 763 3.21 -27.31 -30.34
N ASP C 764 3.01 -26.05 -30.65
CA ASP C 764 3.27 -25.64 -32.00
C ASP C 764 4.50 -24.79 -31.98
N ARG C 765 5.55 -25.26 -32.64
CA ARG C 765 6.77 -24.47 -32.86
C ARG C 765 7.35 -23.93 -31.55
N GLY C 766 7.40 -24.79 -30.55
CA GLY C 766 7.92 -24.41 -29.25
C GLY C 766 7.01 -23.60 -28.33
N ARG C 767 5.85 -23.20 -28.82
CA ARG C 767 4.83 -22.59 -27.96
C ARG C 767 3.74 -23.59 -27.68
N VAL C 768 3.32 -23.64 -26.43
CA VAL C 768 2.10 -24.38 -26.13
C VAL C 768 0.88 -23.60 -26.74
N LYS C 769 0.02 -24.36 -27.41
CA LYS C 769 -1.29 -23.87 -27.83
C LYS C 769 -2.39 -24.86 -27.43
N LYS C 770 -3.59 -24.66 -27.98
CA LYS C 770 -4.80 -25.40 -27.58
C LYS C 770 -5.33 -26.30 -28.72
N VAL C 771 -5.95 -27.43 -28.38
CA VAL C 771 -6.55 -28.25 -29.43
C VAL C 771 -8.04 -28.09 -29.30
N TYR C 772 -8.77 -28.02 -30.43
CA TYR C 772 -10.25 -27.92 -30.47
C TYR C 772 -10.98 -28.91 -31.39
N VAL C 773 -11.82 -29.76 -30.83
CA VAL C 773 -12.74 -30.50 -31.66
C VAL C 773 -13.89 -29.56 -31.88
N MET C 774 -14.53 -29.67 -33.02
CA MET C 774 -15.68 -28.84 -33.39
C MET C 774 -16.17 -29.38 -34.74
N SER C 775 -17.39 -29.02 -35.17
CA SER C 775 -17.77 -29.35 -36.56
C SER C 775 -17.02 -28.50 -37.61
N GLU C 776 -17.09 -28.90 -38.87
CA GLU C 776 -16.60 -28.11 -39.97
C GLU C 776 -17.71 -27.13 -40.15
N ALA C 777 -17.43 -25.96 -40.74
CA ALA C 777 -18.49 -24.98 -40.99
C ALA C 777 -19.77 -25.56 -41.63
N LYS C 778 -19.63 -26.18 -42.79
CA LYS C 778 -20.79 -26.56 -43.59
C LYS C 778 -21.65 -27.73 -43.06
N TYR C 779 -21.45 -28.12 -41.81
CA TYR C 779 -22.28 -29.17 -41.21
C TYR C 779 -22.82 -28.62 -39.92
N ARG C 780 -22.93 -27.29 -39.89
CA ARG C 780 -23.47 -26.52 -38.74
C ARG C 780 -23.86 -25.03 -39.05
N MET C 781 -24.76 -24.81 -40.03
CA MET C 781 -25.21 -23.45 -40.39
C MET C 781 -26.70 -23.24 -40.33
N LEU C 782 -27.49 -24.28 -40.56
CA LEU C 782 -28.95 -24.13 -40.62
C LEU C 782 -29.45 -25.24 -39.78
N PRO C 783 -30.64 -25.09 -39.21
CA PRO C 783 -31.18 -26.01 -38.19
C PRO C 783 -31.43 -27.41 -38.72
N ASP C 784 -31.79 -27.49 -39.99
CA ASP C 784 -31.92 -28.75 -40.72
C ASP C 784 -30.59 -29.49 -40.92
N ASP C 785 -29.57 -29.07 -40.18
CA ASP C 785 -28.27 -29.73 -40.20
C ASP C 785 -28.18 -30.64 -38.99
N ILE C 786 -28.95 -30.38 -37.94
CA ILE C 786 -28.93 -31.26 -36.76
C ILE C 786 -29.25 -32.67 -37.16
N GLY C 787 -29.82 -32.78 -38.34
CA GLY C 787 -30.08 -34.08 -38.95
C GLY C 787 -28.85 -34.96 -39.12
N ASP C 788 -27.72 -34.32 -39.45
CA ASP C 788 -26.49 -35.00 -39.74
C ASP C 788 -25.87 -35.80 -38.60
N TRP C 789 -26.15 -35.40 -37.37
CA TRP C 789 -25.48 -35.96 -36.19
C TRP C 789 -26.24 -37.16 -35.62
N TYR C 790 -25.58 -38.31 -35.55
CA TYR C 790 -26.12 -39.49 -34.89
C TYR C 790 -25.29 -39.63 -33.64
N VAL C 791 -25.65 -40.55 -32.77
CA VAL C 791 -25.00 -40.71 -31.48
C VAL C 791 -25.11 -42.18 -31.17
N ARG C 792 -24.01 -42.78 -30.71
CA ARG C 792 -23.96 -44.24 -30.49
C ARG C 792 -24.51 -44.58 -29.15
N ALA C 793 -25.50 -45.47 -29.16
CA ALA C 793 -26.15 -45.91 -27.97
C ALA C 793 -25.41 -47.17 -27.51
N ALA C 794 -25.89 -47.74 -26.40
CA ALA C 794 -25.23 -48.87 -25.77
C ALA C 794 -25.28 -50.11 -26.64
N ASP C 795 -26.39 -50.31 -27.36
CA ASP C 795 -26.49 -51.45 -28.29
C ASP C 795 -25.64 -51.27 -29.59
N GLY C 796 -24.82 -50.21 -29.64
CA GLY C 796 -23.96 -49.91 -30.79
C GLY C 796 -24.67 -49.32 -31.99
N GLN C 797 -26.00 -49.42 -31.99
CA GLN C 797 -26.86 -48.97 -33.09
C GLN C 797 -26.81 -47.43 -33.12
N MET C 798 -26.61 -46.83 -34.28
CA MET C 798 -26.44 -45.39 -34.36
C MET C 798 -27.75 -44.62 -34.47
N VAL C 799 -28.19 -44.00 -33.37
CA VAL C 799 -29.44 -43.20 -33.34
C VAL C 799 -29.30 -41.72 -33.75
N PRO C 800 -30.23 -41.20 -34.57
CA PRO C 800 -30.20 -39.80 -35.02
C PRO C 800 -30.92 -38.89 -34.04
N PHE C 801 -30.50 -37.62 -33.97
CA PHE C 801 -31.00 -36.71 -32.95
C PHE C 801 -32.52 -36.71 -32.81
N SER C 802 -33.19 -36.68 -33.95
CA SER C 802 -34.64 -36.77 -34.07
C SER C 802 -35.18 -38.13 -33.64
N ALA C 803 -34.93 -38.50 -32.40
CA ALA C 803 -35.45 -39.75 -31.86
C ALA C 803 -35.44 -39.62 -30.34
N PHE C 804 -34.75 -38.58 -29.88
CA PHE C 804 -34.74 -38.18 -28.47
C PHE C 804 -34.81 -36.64 -28.34
N SER C 805 -34.87 -35.95 -29.48
CA SER C 805 -34.96 -34.50 -29.45
C SER C 805 -36.36 -33.98 -29.86
N SER C 806 -36.40 -32.80 -30.46
CA SER C 806 -37.58 -31.99 -30.78
C SER C 806 -37.19 -30.53 -30.57
N SER C 807 -37.72 -29.66 -31.40
CA SER C 807 -37.34 -28.26 -31.33
C SER C 807 -38.42 -27.31 -31.84
N ARG C 808 -38.28 -26.04 -31.48
CA ARG C 808 -39.10 -24.97 -32.03
C ARG C 808 -38.23 -23.74 -31.90
N TRP C 809 -38.42 -22.73 -32.77
CA TRP C 809 -37.74 -21.44 -32.60
C TRP C 809 -38.30 -20.70 -31.38
N GLU C 810 -37.64 -19.58 -31.03
CA GLU C 810 -38.13 -18.63 -30.02
C GLU C 810 -37.28 -17.37 -29.95
N TYR C 811 -37.78 -16.42 -29.16
CA TYR C 811 -37.13 -15.13 -28.92
C TYR C 811 -36.43 -15.14 -27.53
N GLY C 812 -35.16 -14.72 -27.52
CA GLY C 812 -34.39 -14.64 -26.29
C GLY C 812 -33.32 -13.57 -26.42
N SER C 813 -32.64 -13.21 -25.33
CA SER C 813 -31.76 -12.06 -25.40
C SER C 813 -30.34 -12.40 -25.72
N PRO C 814 -29.72 -11.63 -26.63
CA PRO C 814 -28.34 -11.85 -26.96
C PRO C 814 -27.42 -11.05 -26.05
N ARG C 815 -27.94 -10.57 -24.92
CA ARG C 815 -27.18 -9.73 -23.97
C ARG C 815 -28.02 -9.45 -22.72
N LEU C 816 -27.61 -10.00 -21.58
CA LEU C 816 -28.32 -9.72 -20.34
C LEU C 816 -27.49 -8.77 -19.55
N GLU C 817 -28.09 -7.68 -19.05
CA GLU C 817 -27.36 -6.66 -18.35
C GLU C 817 -27.87 -6.64 -16.94
N ARG C 818 -26.98 -6.28 -16.01
CA ARG C 818 -27.33 -6.14 -14.61
C ARG C 818 -26.54 -4.99 -14.00
N TYR C 819 -27.11 -4.41 -12.95
CA TYR C 819 -26.53 -3.28 -12.23
C TYR C 819 -26.77 -3.57 -10.77
N ASN C 820 -25.76 -3.34 -9.96
CA ASN C 820 -25.75 -3.71 -8.52
C ASN C 820 -26.30 -5.06 -8.12
N GLY C 821 -26.14 -6.04 -9.00
CA GLY C 821 -26.49 -7.41 -8.65
C GLY C 821 -27.88 -7.76 -9.11
N LEU C 822 -28.58 -6.78 -9.68
CA LEU C 822 -29.96 -7.02 -10.09
C LEU C 822 -30.12 -6.90 -11.62
N PRO C 823 -31.02 -7.74 -12.22
CA PRO C 823 -31.16 -7.64 -13.66
C PRO C 823 -31.60 -6.22 -13.88
N SER C 824 -30.97 -5.54 -14.83
CA SER C 824 -31.18 -4.14 -15.03
C SER C 824 -31.43 -3.90 -16.51
N MET C 825 -31.17 -2.68 -16.98
CA MET C 825 -31.32 -2.32 -18.39
C MET C 825 -30.94 -0.84 -18.56
N GLU C 826 -29.83 -0.56 -19.25
CA GLU C 826 -29.29 0.80 -19.29
C GLU C 826 -29.94 1.60 -20.39
N ILE C 827 -30.35 2.81 -20.05
CA ILE C 827 -30.92 3.78 -20.98
C ILE C 827 -30.07 5.07 -21.00
N LEU C 828 -29.58 5.41 -22.17
CA LEU C 828 -28.91 6.68 -22.38
C LEU C 828 -29.90 7.70 -22.92
N GLY C 829 -29.43 8.94 -23.08
CA GLY C 829 -30.25 10.09 -23.46
C GLY C 829 -29.64 11.38 -22.96
N GLN C 830 -30.16 12.51 -23.44
CA GLN C 830 -29.51 13.80 -23.20
C GLN C 830 -30.42 15.01 -23.01
N ALA C 831 -29.78 16.13 -22.73
CA ALA C 831 -30.33 17.44 -22.99
C ALA C 831 -29.28 18.19 -23.84
N ALA C 832 -29.61 18.36 -25.13
CA ALA C 832 -28.81 19.10 -26.11
C ALA C 832 -29.04 20.62 -25.87
N PRO C 833 -28.92 21.50 -26.92
CA PRO C 833 -29.38 22.91 -26.72
C PRO C 833 -30.90 23.10 -26.32
N GLY C 834 -31.14 23.48 -25.06
CA GLY C 834 -32.47 23.70 -24.48
C GLY C 834 -32.47 23.74 -22.95
N LYS C 835 -33.12 22.76 -22.33
CA LYS C 835 -33.28 22.73 -20.85
C LYS C 835 -32.03 22.29 -20.11
N SER C 836 -32.05 22.48 -18.79
CA SER C 836 -30.95 22.12 -17.92
C SER C 836 -30.82 20.61 -17.78
N THR C 837 -29.58 20.14 -17.68
CA THR C 837 -29.27 18.72 -17.50
C THR C 837 -29.98 18.06 -16.29
N GLY C 838 -30.22 18.80 -15.22
CA GLY C 838 -30.98 18.29 -14.06
C GLY C 838 -32.51 18.37 -14.19
N GLU C 839 -32.99 19.05 -15.23
CA GLU C 839 -34.41 19.12 -15.56
C GLU C 839 -34.78 17.81 -16.23
N ALA C 840 -33.99 17.47 -17.26
CA ALA C 840 -34.17 16.21 -17.97
C ALA C 840 -34.20 15.08 -16.95
N MET C 841 -33.12 14.97 -16.17
CA MET C 841 -33.01 13.93 -15.15
C MET C 841 -34.28 13.79 -14.31
N GLU C 842 -34.84 14.94 -13.95
CA GLU C 842 -36.02 15.01 -13.12
C GLU C 842 -37.19 14.33 -13.79
N LEU C 843 -37.51 14.77 -15.01
CA LEU C 843 -38.63 14.21 -15.77
C LEU C 843 -38.56 12.68 -15.76
N MET C 844 -37.39 12.19 -16.16
CA MET C 844 -37.10 10.76 -16.21
C MET C 844 -37.59 9.99 -14.97
N GLU C 845 -37.27 10.51 -13.80
CA GLU C 845 -37.63 9.87 -12.54
C GLU C 845 -39.13 9.83 -12.32
N GLN C 846 -39.82 10.85 -12.86
CA GLN C 846 -41.24 11.02 -12.63
C GLN C 846 -42.02 9.98 -13.40
N LEU C 847 -41.70 9.83 -14.69
CA LEU C 847 -42.34 8.74 -15.45
C LEU C 847 -41.80 7.38 -15.10
N ALA C 848 -40.60 7.35 -14.50
CA ALA C 848 -40.06 6.14 -13.89
C ALA C 848 -40.80 5.70 -12.62
N SER C 849 -41.82 6.47 -12.23
CA SER C 849 -42.71 6.13 -11.11
C SER C 849 -43.99 5.53 -11.68
N LYS C 850 -44.29 5.92 -12.92
CA LYS C 850 -45.44 5.40 -13.64
C LYS C 850 -45.25 3.92 -13.97
N LEU C 851 -44.02 3.53 -14.26
CA LEU C 851 -43.68 2.18 -14.71
C LEU C 851 -44.29 1.10 -13.81
N PRO C 852 -44.60 -0.07 -14.38
CA PRO C 852 -45.35 -1.10 -13.67
C PRO C 852 -44.71 -1.43 -12.34
N THR C 853 -45.37 -2.23 -11.52
CA THR C 853 -44.82 -2.50 -10.17
C THR C 853 -43.59 -3.40 -10.16
N GLY C 854 -42.77 -3.28 -9.12
CA GLY C 854 -41.52 -4.02 -9.04
C GLY C 854 -40.39 -3.46 -9.93
N VAL C 855 -40.70 -2.49 -10.79
CA VAL C 855 -39.68 -1.86 -11.60
C VAL C 855 -39.14 -0.65 -10.85
N GLY C 856 -37.82 -0.59 -10.73
CA GLY C 856 -37.09 0.60 -10.22
C GLY C 856 -36.01 1.15 -11.16
N TYR C 857 -35.15 2.01 -10.62
CA TYR C 857 -34.15 2.71 -11.41
C TYR C 857 -33.02 3.21 -10.54
N ASP C 858 -31.94 3.66 -11.18
CA ASP C 858 -30.84 4.27 -10.48
C ASP C 858 -30.01 5.06 -11.47
N TRP C 859 -29.16 5.97 -10.97
CA TRP C 859 -28.28 6.77 -11.82
C TRP C 859 -26.86 6.22 -11.79
N THR C 860 -26.20 6.19 -12.95
CA THR C 860 -24.83 5.69 -13.01
C THR C 860 -23.96 6.68 -13.72
N GLY C 861 -22.69 6.32 -13.91
CA GLY C 861 -21.77 7.13 -14.69
C GLY C 861 -21.88 8.60 -14.37
N MET C 862 -21.95 9.43 -15.42
CA MET C 862 -21.99 10.88 -15.30
C MET C 862 -23.15 11.38 -14.44
N SER C 863 -24.25 10.63 -14.46
CA SER C 863 -25.45 10.95 -13.70
C SER C 863 -25.38 10.51 -12.24
N TYR C 864 -24.18 10.22 -11.77
CA TYR C 864 -23.95 9.84 -10.41
C TYR C 864 -23.12 10.97 -9.88
N GLN C 865 -22.25 11.46 -10.75
CA GLN C 865 -21.32 12.53 -10.44
C GLN C 865 -21.95 13.94 -10.53
N GLU C 866 -23.26 13.98 -10.80
CA GLU C 866 -24.03 15.22 -10.75
C GLU C 866 -24.46 15.50 -9.31
N ARG C 867 -25.06 14.49 -8.68
CA ARG C 867 -25.60 14.64 -7.34
C ARG C 867 -24.55 14.59 -6.22
N LEU C 868 -23.34 15.03 -6.57
CA LEU C 868 -22.19 15.19 -5.66
C LEU C 868 -21.12 16.02 -6.39
N SER C 869 -20.39 16.85 -5.64
CA SER C 869 -19.22 17.61 -6.15
C SER C 869 -18.51 18.50 -5.10
N GLY C 870 -18.78 18.27 -3.81
CA GLY C 870 -18.13 19.04 -2.72
C GLY C 870 -18.96 20.20 -2.15
N ASN C 871 -18.84 21.38 -2.77
CA ASN C 871 -19.64 22.59 -2.40
C ASN C 871 -19.51 23.79 -3.38
N GLN C 872 -20.31 23.77 -4.45
CA GLN C 872 -20.56 24.88 -5.43
C GLN C 872 -19.50 25.99 -5.64
N ALA C 873 -19.96 27.17 -6.08
CA ALA C 873 -19.07 28.28 -6.48
C ALA C 873 -19.34 29.68 -5.87
N PRO C 874 -20.54 30.29 -6.11
CA PRO C 874 -20.75 31.62 -5.52
C PRO C 874 -20.75 31.59 -3.99
N SER C 875 -20.58 30.38 -3.43
CA SER C 875 -20.34 30.18 -2.01
C SER C 875 -18.86 30.21 -1.70
N LEU C 876 -18.05 29.57 -2.53
CA LEU C 876 -16.61 29.65 -2.36
C LEU C 876 -16.05 30.95 -2.96
N TYR C 877 -16.93 31.78 -3.53
CA TYR C 877 -16.51 33.12 -3.96
C TYR C 877 -16.94 34.23 -3.01
N ALA C 878 -17.93 33.94 -2.15
CA ALA C 878 -18.27 34.82 -1.03
C ALA C 878 -17.19 34.76 0.04
N ILE C 879 -16.64 33.57 0.28
CA ILE C 879 -15.56 33.39 1.23
C ILE C 879 -14.27 34.00 0.66
N SER C 880 -14.24 34.22 -0.65
CA SER C 880 -13.13 34.93 -1.25
C SER C 880 -13.32 36.44 -1.07
N LEU C 881 -14.56 36.91 -1.26
CA LEU C 881 -14.93 38.32 -1.07
C LEU C 881 -14.54 38.76 0.31
N ILE C 882 -15.16 38.15 1.31
CA ILE C 882 -14.80 38.37 2.70
C ILE C 882 -13.27 38.39 2.90
N VAL C 883 -12.60 37.34 2.45
CA VAL C 883 -11.14 37.18 2.68
C VAL C 883 -10.28 38.24 1.97
N VAL C 884 -10.71 38.70 0.79
CA VAL C 884 -10.01 39.78 0.09
C VAL C 884 -10.16 41.09 0.88
N PHE C 885 -11.39 41.39 1.28
CA PHE C 885 -11.70 42.56 2.10
C PHE C 885 -10.74 42.65 3.28
N LEU C 886 -10.95 41.79 4.28
CA LEU C 886 -10.10 41.76 5.48
C LEU C 886 -8.61 41.91 5.24
N CYS C 887 -8.13 41.43 4.10
CA CYS C 887 -6.72 41.58 3.74
C CYS C 887 -6.38 43.04 3.44
N LEU C 888 -7.22 43.69 2.63
CA LEU C 888 -7.01 45.08 2.31
C LEU C 888 -7.18 45.93 3.57
N ALA C 889 -8.28 45.70 4.29
CA ALA C 889 -8.47 46.31 5.59
C ALA C 889 -7.21 46.17 6.43
N ALA C 890 -6.63 44.96 6.43
CA ALA C 890 -5.42 44.66 7.19
C ALA C 890 -4.26 45.55 6.78
N LEU C 891 -4.05 45.61 5.48
CA LEU C 891 -3.03 46.45 4.88
C LEU C 891 -3.34 47.90 5.25
N TYR C 892 -4.38 48.46 4.62
CA TYR C 892 -4.79 49.88 4.69
C TYR C 892 -5.19 50.40 6.07
N GLU C 893 -5.33 49.50 7.04
CA GLU C 893 -5.63 49.86 8.43
C GLU C 893 -7.07 50.38 8.63
N SER C 894 -7.95 50.11 7.65
CA SER C 894 -9.32 50.62 7.69
C SER C 894 -10.35 49.67 7.11
N TRP C 895 -11.60 49.83 7.53
CA TRP C 895 -12.71 49.16 6.88
C TRP C 895 -13.10 49.88 5.60
N SER C 896 -12.69 51.13 5.45
CA SER C 896 -13.19 52.02 4.39
C SER C 896 -12.43 51.94 3.07
N ILE C 897 -11.11 51.98 3.16
CA ILE C 897 -10.25 51.94 1.97
C ILE C 897 -10.33 50.62 1.13
N PRO C 898 -10.66 49.47 1.76
CA PRO C 898 -10.89 48.25 0.97
C PRO C 898 -11.82 48.45 -0.21
N PHE C 899 -12.98 49.06 0.00
CA PHE C 899 -13.95 49.32 -1.08
C PHE C 899 -13.39 50.13 -2.26
N SER C 900 -12.15 50.60 -2.16
CA SER C 900 -11.52 51.36 -3.25
C SER C 900 -10.96 50.44 -4.33
N VAL C 901 -10.41 49.30 -3.89
CA VAL C 901 -9.69 48.38 -4.77
C VAL C 901 -10.58 47.22 -5.20
N MET C 902 -11.55 46.87 -4.35
CA MET C 902 -12.49 45.78 -4.64
C MET C 902 -13.45 46.17 -5.77
N LEU C 903 -13.94 47.41 -5.74
CA LEU C 903 -14.79 47.98 -6.79
C LEU C 903 -14.13 47.93 -8.18
N VAL C 904 -12.87 47.50 -8.24
CA VAL C 904 -12.22 47.23 -9.51
C VAL C 904 -12.91 46.02 -10.13
N VAL C 905 -12.67 44.83 -9.55
CA VAL C 905 -13.16 43.52 -10.04
C VAL C 905 -13.89 43.49 -11.40
N PRO C 906 -15.10 44.12 -11.49
CA PRO C 906 -15.91 44.21 -12.73
C PRO C 906 -15.22 44.74 -14.00
N LEU C 907 -14.42 45.78 -13.87
CA LEU C 907 -13.69 46.38 -15.01
C LEU C 907 -13.01 45.37 -15.97
N GLY C 908 -12.62 44.21 -15.44
CA GLY C 908 -11.94 43.17 -16.22
C GLY C 908 -12.87 42.11 -16.80
N VAL C 909 -13.88 41.73 -16.02
CA VAL C 909 -14.82 40.67 -16.41
C VAL C 909 -15.79 41.14 -17.47
N ILE C 910 -15.97 42.45 -17.56
CA ILE C 910 -16.85 43.06 -18.53
C ILE C 910 -16.31 42.84 -19.93
N GLY C 911 -14.98 42.83 -20.02
CA GLY C 911 -14.32 42.60 -21.28
C GLY C 911 -14.15 41.13 -21.54
N ALA C 912 -13.96 40.35 -20.47
CA ALA C 912 -13.89 38.90 -20.58
C ALA C 912 -15.22 38.32 -21.10
N LEU C 913 -16.33 38.75 -20.51
CA LEU C 913 -17.66 38.31 -20.93
C LEU C 913 -18.02 38.87 -22.30
N LEU C 914 -17.11 39.67 -22.85
CA LEU C 914 -17.11 40.04 -24.26
C LEU C 914 -15.95 39.29 -24.89
N ALA C 915 -15.95 39.14 -26.21
CA ALA C 915 -14.96 38.30 -26.88
C ALA C 915 -15.25 36.84 -26.58
N ALA C 916 -15.50 36.54 -25.30
CA ALA C 916 -16.10 35.27 -24.93
C ALA C 916 -17.55 35.23 -25.38
N THR C 917 -18.12 36.39 -25.69
CA THR C 917 -19.42 36.44 -26.34
C THR C 917 -19.26 36.85 -27.80
N PHE C 918 -18.12 37.42 -28.17
CA PHE C 918 -17.90 37.73 -29.59
C PHE C 918 -17.35 36.54 -30.42
N ARG C 919 -16.27 35.90 -29.94
CA ARG C 919 -15.87 34.60 -30.49
C ARG C 919 -16.76 33.56 -29.84
N GLY C 920 -16.86 32.38 -30.48
CA GLY C 920 -17.79 31.31 -30.07
C GLY C 920 -17.71 30.88 -28.62
N LEU C 921 -16.52 31.04 -28.05
CA LEU C 921 -16.12 30.58 -26.71
C LEU C 921 -17.18 30.54 -25.59
N THR C 922 -16.96 29.65 -24.62
CA THR C 922 -17.91 29.42 -23.52
C THR C 922 -17.31 29.80 -22.17
N ASN C 923 -18.09 29.56 -21.11
CA ASN C 923 -17.59 29.69 -19.73
C ASN C 923 -16.86 28.39 -19.28
N ASP C 924 -15.70 28.15 -19.91
CA ASP C 924 -14.85 26.99 -19.64
C ASP C 924 -14.17 27.04 -18.27
N VAL C 925 -13.24 26.10 -18.05
CA VAL C 925 -12.29 26.21 -16.94
C VAL C 925 -11.31 27.27 -17.38
N TYR C 926 -10.86 27.13 -18.63
CA TYR C 926 -9.88 27.99 -19.25
C TYR C 926 -10.30 29.46 -19.20
N PHE C 927 -11.55 29.76 -19.55
CA PHE C 927 -12.08 31.12 -19.41
C PHE C 927 -11.82 31.72 -18.00
N GLN C 928 -12.18 30.96 -16.97
CA GLN C 928 -12.15 31.41 -15.58
C GLN C 928 -10.75 31.63 -15.05
N VAL C 929 -9.81 30.80 -15.49
CA VAL C 929 -8.44 30.90 -15.02
C VAL C 929 -7.88 32.24 -15.46
N GLY C 930 -8.02 32.50 -16.77
CA GLY C 930 -7.65 33.78 -17.35
C GLY C 930 -8.67 34.86 -17.01
N LEU C 931 -9.65 34.51 -16.19
CA LEU C 931 -10.58 35.49 -15.64
C LEU C 931 -10.31 35.77 -14.15
N LEU C 932 -9.62 34.86 -13.48
CA LEU C 932 -9.12 35.13 -12.12
C LEU C 932 -7.76 35.81 -12.17
N THR C 933 -6.98 35.50 -13.20
CA THR C 933 -5.72 36.17 -13.49
C THR C 933 -5.91 37.68 -13.72
N THR C 934 -7.01 38.07 -14.37
CA THR C 934 -7.30 39.50 -14.54
C THR C 934 -8.00 40.10 -13.31
N ILE C 935 -9.10 39.50 -12.87
CA ILE C 935 -9.75 39.89 -11.61
C ILE C 935 -8.78 40.01 -10.44
N GLY C 936 -7.56 39.53 -10.63
CA GLY C 936 -6.52 39.63 -9.61
C GLY C 936 -5.49 40.68 -9.96
N LEU C 937 -5.15 40.75 -11.24
CA LEU C 937 -4.11 41.67 -11.68
C LEU C 937 -4.62 43.10 -11.65
N SER C 938 -5.90 43.30 -11.98
CA SER C 938 -6.52 44.63 -11.97
C SER C 938 -6.62 45.18 -10.55
N ALA C 939 -6.96 44.31 -9.61
CA ALA C 939 -6.95 44.65 -8.20
C ALA C 939 -5.54 44.97 -7.73
N LYS C 940 -4.54 44.26 -8.26
CA LYS C 940 -3.16 44.43 -7.80
C LYS C 940 -2.66 45.85 -8.00
N ASN C 941 -2.57 46.26 -9.27
CA ASN C 941 -2.11 47.60 -9.62
C ASN C 941 -3.05 48.73 -9.16
N ALA C 942 -4.26 48.33 -8.73
CA ALA C 942 -5.22 49.24 -8.09
C ALA C 942 -4.88 49.42 -6.62
N ILE C 943 -4.32 48.37 -6.01
CA ILE C 943 -3.80 48.43 -4.64
C ILE C 943 -2.57 49.35 -4.63
N LEU C 944 -2.01 49.57 -5.82
CA LEU C 944 -0.81 50.38 -5.99
C LEU C 944 -1.07 51.85 -6.36
N ILE C 945 -2.29 52.20 -6.77
CA ILE C 945 -2.68 53.61 -6.88
C ILE C 945 -3.14 54.03 -5.48
N VAL C 946 -4.11 53.29 -4.93
CA VAL C 946 -4.61 53.56 -3.57
C VAL C 946 -3.53 53.54 -2.49
N GLU C 947 -2.45 52.81 -2.74
CA GLU C 947 -1.29 52.80 -1.86
C GLU C 947 -0.59 54.14 -1.90
N PHE C 948 -0.05 54.47 -3.07
CA PHE C 948 0.60 55.75 -3.28
C PHE C 948 -0.32 56.86 -2.80
N ALA C 949 -1.56 56.88 -3.31
CA ALA C 949 -2.53 57.88 -2.93
C ALA C 949 -2.61 58.14 -1.42
N LYS C 950 -2.78 57.09 -0.64
CA LYS C 950 -2.87 57.22 0.82
C LYS C 950 -1.57 57.68 1.47
N ASP C 951 -0.45 57.13 1.03
CA ASP C 951 0.86 57.44 1.64
C ASP C 951 1.44 58.79 1.20
N LEU C 952 1.39 59.04 -0.11
CA LEU C 952 1.50 60.38 -0.71
C LEU C 952 0.33 61.26 -0.19
N MET C 953 0.21 61.35 1.14
CA MET C 953 -0.91 62.00 1.83
C MET C 953 -0.90 61.69 3.35
N ASP C 954 -0.71 60.42 3.72
CA ASP C 954 -0.65 60.05 5.13
C ASP C 954 0.71 60.41 5.68
N LYS C 955 1.73 60.11 4.88
CA LYS C 955 3.12 60.36 5.23
C LYS C 955 3.70 61.46 4.36
N GLU C 956 2.84 62.11 3.57
CA GLU C 956 3.19 63.34 2.82
C GLU C 956 2.47 64.59 3.33
N GLY C 957 1.14 64.54 3.33
CA GLY C 957 0.32 65.68 3.69
C GLY C 957 -0.30 66.32 2.46
N LYS C 958 -1.37 65.70 1.97
CA LYS C 958 -2.17 66.26 0.89
C LYS C 958 -3.63 65.92 1.17
N GLY C 959 -4.39 65.52 0.15
CA GLY C 959 -5.74 65.03 0.39
C GLY C 959 -6.71 65.02 -0.77
N LEU C 960 -7.93 65.47 -0.48
CA LEU C 960 -9.04 65.63 -1.44
C LEU C 960 -8.73 65.09 -2.86
N ILE C 961 -7.94 65.84 -3.62
CA ILE C 961 -7.47 65.45 -4.96
C ILE C 961 -5.94 65.32 -4.98
N GLU C 962 -5.25 66.21 -4.27
CA GLU C 962 -3.77 66.20 -4.19
C GLU C 962 -3.21 64.87 -3.67
N ALA C 963 -4.05 64.08 -3.00
CA ALA C 963 -3.73 62.70 -2.71
C ALA C 963 -3.77 61.91 -4.04
N THR C 964 -5.00 61.66 -4.51
CA THR C 964 -5.27 60.90 -5.74
C THR C 964 -4.46 61.45 -6.92
N LEU C 965 -3.81 62.58 -6.68
CA LEU C 965 -3.03 63.34 -7.64
C LEU C 965 -1.96 62.49 -8.33
N ASP C 966 -0.73 62.61 -7.84
CA ASP C 966 0.43 61.93 -8.43
C ASP C 966 0.26 60.42 -8.41
N ALA C 967 -0.54 59.90 -7.48
CA ALA C 967 -0.87 58.48 -7.41
C ALA C 967 -1.20 57.94 -8.81
N VAL C 968 -2.38 58.31 -9.31
CA VAL C 968 -2.87 57.86 -10.61
C VAL C 968 -1.93 58.30 -11.73
N ARG C 969 -1.11 59.29 -11.42
CA ARG C 969 -0.14 59.80 -12.36
C ARG C 969 1.09 58.91 -12.32
N MET C 970 1.55 58.59 -11.10
CA MET C 970 2.71 57.73 -10.86
C MET C 970 2.48 56.31 -11.39
N ARG C 971 1.28 55.79 -11.14
CA ARG C 971 0.89 54.45 -11.61
C ARG C 971 0.21 54.53 -13.00
N LEU C 972 1.03 54.62 -14.04
CA LEU C 972 0.50 54.67 -15.40
C LEU C 972 1.56 54.10 -16.32
N ARG C 973 2.71 54.74 -16.36
CA ARG C 973 3.86 54.23 -17.13
C ARG C 973 4.11 52.74 -16.83
N PRO C 974 3.94 52.29 -15.55
CA PRO C 974 3.95 50.87 -15.21
C PRO C 974 2.81 50.05 -15.83
N ILE C 975 1.57 50.26 -15.36
CA ILE C 975 0.39 49.58 -15.89
C ILE C 975 0.49 49.35 -17.41
N LEU C 976 0.59 50.43 -18.18
CA LEU C 976 0.64 50.33 -19.65
C LEU C 976 1.76 49.43 -20.14
N MET C 977 2.77 49.23 -19.29
CA MET C 977 3.80 48.23 -19.55
C MET C 977 3.22 46.84 -19.33
N THR C 978 2.68 46.59 -18.13
CA THR C 978 2.19 45.28 -17.77
C THR C 978 1.20 44.82 -18.82
N SER C 979 0.12 45.58 -18.99
CA SER C 979 -0.95 45.14 -19.86
C SER C 979 -0.53 44.89 -21.32
N LEU C 980 0.57 45.52 -21.74
CA LEU C 980 1.13 45.32 -23.09
C LEU C 980 2.28 44.30 -23.08
N ALA C 981 2.83 44.06 -21.90
CA ALA C 981 3.77 42.96 -21.68
C ALA C 981 2.98 41.67 -21.84
N PHE C 982 1.81 41.64 -21.23
CA PHE C 982 0.90 40.51 -21.28
C PHE C 982 0.31 40.36 -22.70
N ILE C 983 -0.66 41.20 -23.07
CA ILE C 983 -1.38 41.09 -24.35
C ILE C 983 -0.49 40.59 -25.50
N LEU C 984 0.48 41.41 -25.91
CA LEU C 984 1.47 40.93 -26.85
C LEU C 984 2.28 39.86 -26.10
N GLY C 985 1.99 38.60 -26.40
CA GLY C 985 2.61 37.48 -25.69
C GLY C 985 1.58 36.47 -25.29
N VAL C 986 0.38 36.98 -25.01
CA VAL C 986 -0.83 36.18 -24.95
C VAL C 986 -1.45 36.27 -26.35
N MET C 987 -0.93 37.20 -27.14
CA MET C 987 -1.32 37.36 -28.54
C MET C 987 -1.39 36.00 -29.26
N PRO C 988 -0.22 35.31 -29.42
CA PRO C 988 -0.21 34.11 -30.26
C PRO C 988 -1.29 33.10 -29.85
N LEU C 989 -1.42 32.88 -28.55
CA LEU C 989 -2.44 32.01 -27.99
C LEU C 989 -3.83 32.34 -28.53
N VAL C 990 -4.07 33.61 -28.86
CA VAL C 990 -5.42 34.13 -29.21
C VAL C 990 -5.94 33.66 -30.58
N ILE C 991 -5.08 33.60 -31.58
CA ILE C 991 -5.35 32.76 -32.74
C ILE C 991 -4.21 31.77 -32.80
N SER C 992 -4.52 30.52 -32.45
CA SER C 992 -3.54 29.44 -32.39
C SER C 992 -3.53 28.64 -33.68
N THR C 993 -2.33 28.19 -34.07
CA THR C 993 -2.07 27.44 -35.30
C THR C 993 -3.16 26.38 -35.50
N GLY C 994 -2.90 25.19 -34.97
CA GLY C 994 -3.84 24.08 -35.11
C GLY C 994 -3.68 22.97 -34.09
N ALA C 995 -2.44 22.60 -33.79
CA ALA C 995 -2.15 21.47 -32.91
C ALA C 995 -2.51 21.80 -31.48
N GLY C 996 -3.59 21.17 -31.00
CA GLY C 996 -4.14 21.45 -29.69
C GLY C 996 -4.59 22.90 -29.54
N SER C 997 -4.75 23.60 -30.66
CA SER C 997 -5.20 24.99 -30.69
C SER C 997 -6.39 25.24 -29.76
N GLY C 998 -7.61 24.88 -30.18
CA GLY C 998 -8.87 25.13 -29.44
C GLY C 998 -8.89 25.44 -27.93
N ALA C 999 -7.87 24.95 -27.22
CA ALA C 999 -7.70 25.16 -25.78
C ALA C 999 -6.87 26.38 -25.52
N GLN C 1000 -5.99 26.71 -26.47
CA GLN C 1000 -5.16 27.91 -26.43
C GLN C 1000 -6.04 29.13 -26.70
N ASN C 1001 -6.82 29.03 -27.78
CA ASN C 1001 -7.81 30.04 -28.14
C ASN C 1001 -8.70 30.40 -26.95
N ALA C 1002 -9.11 29.38 -26.18
CA ALA C 1002 -9.99 29.56 -25.03
C ALA C 1002 -9.32 30.26 -23.85
N VAL C 1003 -8.04 29.99 -23.63
CA VAL C 1003 -7.29 30.78 -22.67
C VAL C 1003 -7.21 32.20 -23.21
N GLY C 1004 -6.73 32.32 -24.43
CA GLY C 1004 -6.40 33.60 -25.06
C GLY C 1004 -7.51 34.62 -25.27
N THR C 1005 -8.53 34.26 -26.06
CA THR C 1005 -9.55 35.24 -26.48
C THR C 1005 -10.48 35.64 -25.32
N GLY C 1006 -9.92 35.65 -24.11
CA GLY C 1006 -10.65 36.01 -22.91
C GLY C 1006 -9.78 36.70 -21.89
N VAL C 1007 -8.49 36.40 -21.92
CA VAL C 1007 -7.54 37.13 -21.11
C VAL C 1007 -7.26 38.45 -21.82
N MET C 1008 -6.77 38.40 -23.07
CA MET C 1008 -6.56 39.62 -23.87
C MET C 1008 -7.83 40.50 -23.85
N GLY C 1009 -8.96 39.94 -24.27
CA GLY C 1009 -10.26 40.64 -24.24
C GLY C 1009 -10.81 41.04 -22.88
N GLY C 1010 -10.27 40.48 -21.80
CA GLY C 1010 -10.59 40.93 -20.45
C GLY C 1010 -9.47 41.76 -19.84
N MET C 1011 -8.41 41.98 -20.62
CA MET C 1011 -7.27 42.79 -20.19
C MET C 1011 -7.40 44.24 -20.68
N VAL C 1012 -7.57 44.44 -22.00
CA VAL C 1012 -7.74 45.80 -22.59
C VAL C 1012 -8.98 46.50 -22.05
N THR C 1013 -9.98 45.69 -21.72
CA THR C 1013 -11.18 46.18 -21.05
C THR C 1013 -10.90 46.70 -19.63
N ALA C 1014 -9.89 46.18 -18.96
CA ALA C 1014 -9.59 46.56 -17.58
C ALA C 1014 -8.33 47.41 -17.45
N THR C 1015 -7.66 47.62 -18.58
CA THR C 1015 -6.46 48.44 -18.62
C THR C 1015 -6.80 49.91 -18.67
N VAL C 1016 -7.57 50.29 -19.69
CA VAL C 1016 -8.14 51.65 -19.77
C VAL C 1016 -9.55 51.65 -19.18
N LEU C 1017 -9.71 51.06 -18.01
CA LEU C 1017 -10.98 51.13 -17.29
C LEU C 1017 -10.71 51.36 -15.81
N ALA C 1018 -9.60 50.83 -15.33
CA ALA C 1018 -9.18 51.17 -13.99
C ALA C 1018 -8.43 52.48 -14.09
N ILE C 1019 -7.71 52.64 -15.20
CA ILE C 1019 -6.87 53.80 -15.43
C ILE C 1019 -7.61 55.14 -15.19
N PHE C 1020 -8.92 55.16 -15.48
CA PHE C 1020 -9.77 56.32 -15.15
C PHE C 1020 -10.72 56.08 -13.94
N PHE C 1021 -11.21 54.85 -13.75
CA PHE C 1021 -12.26 54.59 -12.76
C PHE C 1021 -11.79 54.31 -11.34
N VAL C 1022 -10.62 53.68 -11.20
CA VAL C 1022 -10.09 53.37 -9.85
C VAL C 1022 -9.65 54.61 -9.03
N PRO C 1023 -9.37 55.75 -9.70
CA PRO C 1023 -9.23 57.00 -8.93
C PRO C 1023 -10.54 57.43 -8.24
N VAL C 1024 -11.67 57.24 -8.92
CA VAL C 1024 -12.99 57.70 -8.45
C VAL C 1024 -13.48 56.97 -7.20
N PHE C 1025 -13.36 55.64 -7.19
CA PHE C 1025 -13.81 54.83 -6.05
C PHE C 1025 -13.12 55.39 -4.83
N PHE C 1026 -11.80 55.43 -4.90
CA PHE C 1026 -10.94 55.99 -3.87
C PHE C 1026 -11.46 57.31 -3.27
N VAL C 1027 -11.94 58.21 -4.13
CA VAL C 1027 -12.47 59.49 -3.68
C VAL C 1027 -13.75 59.27 -2.85
N VAL C 1028 -14.93 59.27 -3.48
CA VAL C 1028 -16.19 59.13 -2.71
C VAL C 1028 -16.34 57.69 -2.19
N VAL C 1029 -15.35 57.28 -1.40
CA VAL C 1029 -15.30 55.99 -0.71
C VAL C 1029 -14.74 56.20 0.69
N ARG C 1030 -13.80 57.14 0.81
CA ARG C 1030 -13.34 57.61 2.11
C ARG C 1030 -13.84 59.03 2.34
N ARG C 1031 -14.23 59.69 1.24
CA ARG C 1031 -15.04 60.90 1.34
C ARG C 1031 -16.42 60.52 1.89
N ARG C 1032 -16.98 59.43 1.39
CA ARG C 1032 -18.30 58.94 1.84
C ARG C 1032 -18.21 58.10 3.12
N PHE C 1033 -17.15 57.28 3.21
CA PHE C 1033 -16.91 56.44 4.39
C PHE C 1033 -15.85 57.07 5.32
N SER C 1034 -16.32 58.03 6.11
CA SER C 1034 -15.59 58.70 7.19
C SER C 1034 -16.67 59.40 8.04
N ARG C 1035 -17.91 58.95 7.82
CA ARG C 1035 -19.15 59.52 8.37
C ARG C 1035 -19.65 60.77 7.62
N LYS C 1036 -20.89 60.69 7.13
CA LYS C 1036 -21.48 61.74 6.27
C LYS C 1036 -22.55 62.59 6.97
O8 MIY D . 10.51 -31.57 -3.72
C21 MIY D . 11.58 -31.24 -3.23
N2 MIY D . 12.70 -31.19 -3.94
C2 MIY D . 11.67 -30.90 -1.79
C1 MIY D . 12.60 -31.63 -0.91
O1 MIY D . 13.35 -32.48 -1.37
C3 MIY D . 10.88 -29.92 -1.27
O2 MIY D . 9.84 -29.49 -1.99
C4 MIY D . 11.14 -29.26 0.08
N1 MIY D . 9.92 -29.16 0.96
C20 MIY D . 10.23 -29.09 2.40
C19 MIY D . 8.92 -30.22 0.75
C5 MIY D . 12.41 -29.80 0.79
C18 MIY D . 12.65 -31.30 0.56
O7 MIY D . 11.63 -32.04 1.24
C17 MIY D . 14.01 -31.71 1.12
O6 MIY D . 14.31 -33.01 1.05
C16 MIY D . 14.89 -30.84 1.67
C7 MIY D . 14.80 -29.36 1.40
C6 MIY D . 13.68 -29.03 0.41
C15 MIY D . 15.98 -31.31 2.60
O5 MIY D . 16.33 -32.68 2.40
C14 MIY D . 17.20 -30.45 2.62
C9 MIY D . 17.30 -29.27 1.85
C8 MIY D . 16.15 -28.83 0.93
C13 MIY D . 18.27 -30.81 3.45
O4 MIY D . 18.22 -31.93 4.22
C12 MIY D . 19.41 -30.04 3.51
C11 MIY D . 19.50 -28.89 2.76
C10 MIY D . 18.45 -28.50 1.92
N7 MIY D . 18.60 -27.32 1.16
CN7 MIY D . 19.24 -27.58 -0.14
C71 MIY D . 19.42 -26.32 1.88
C1 RFP E . -21.12 1.01 -25.28
C2 RFP E . -21.65 0.76 -26.53
C3 RFP E . -21.06 1.27 -27.68
C4 RFP E . -19.91 2.06 -27.55
C5 RFP E . -18.20 3.09 -26.09
C6 RFP E . -17.68 3.31 -24.82
C7 RFP E . -18.28 2.79 -23.68
C8 RFP E . -19.44 2.02 -23.85
C9 RFP E . -19.97 1.79 -25.15
C10 RFP E . -19.35 2.32 -26.30
C11 RFP E . -17.31 3.78 -27.06
C12 RFP E . -16.57 4.78 -26.17
C13 RFP E . -15.13 4.98 -26.67
C14 RFP E . -17.69 3.05 -22.31
C15 RFP E . -22.80 -1.28 -27.02
C16 RFP E . -24.09 -2.03 -27.01
C17 RFP E . -25.28 -1.53 -27.42
C18 RFP E . -25.52 -0.19 -27.96
C19 RFP E . -26.55 0.03 -28.78
C20 RFP E . -26.85 1.39 -29.38
C21 RFP E . -25.96 2.49 -28.76
C22 RFP E . -25.91 3.83 -29.51
C23 RFP E . -25.12 4.92 -28.74
C24 RFP E . -23.59 4.91 -28.86
C25 RFP E . -23.00 6.14 -28.14
C26 RFP E . -21.73 5.79 -27.36
C27 RFP E . -20.96 7.04 -26.86
C28 RFP E . -19.46 6.81 -26.99
C29 RFP E . -18.70 6.30 -26.00
C30 RFP E . -24.12 -3.45 -26.52
C31 RFP E . -26.71 1.26 -30.88
C32 RFP E . -27.29 4.37 -29.87
C33 RFP E . -23.09 4.78 -30.30
C34 RFP E . -22.07 4.83 -26.23
C35 RFP E . -23.92 8.19 -29.12
C36 RFP E . -23.96 9.20 -30.24
C37 RFP E . -22.04 8.56 -25.34
C38 RFP E . -21.22 -3.37 -30.23
C39 RFP E . -23.40 -2.41 -30.55
C40 RFP E . -23.63 -0.92 -30.79
C41 RFP E . -21.46 -0.56 -31.88
C42 RFP E . -21.60 -2.04 -32.25
C43 RFP E . -21.66 1.05 -29.02
N1 RFP E . -22.82 -0.02 -26.61
N2 RFP E . -21.81 -0.08 -29.59
N3 RFP E . -22.39 -0.12 -30.82
N4 RFP E . -22.20 -2.94 -31.24
O1 RFP E . -21.73 0.48 -24.19
O2 RFP E . -20.04 1.48 -22.75
O3 RFP E . -16.56 4.11 -24.89
O4 RFP E . -17.99 4.45 -28.15
O5 RFP E . -17.25 6.07 -26.14
O6 RFP E . -21.30 7.35 -25.50
O7 RFP E . -22.80 7.24 -29.03
O8 RFP E . -24.82 8.16 -28.29
O9 RFP E . -25.44 4.90 -27.35
O10 RFP E . -26.42 2.70 -27.43
O11 RFP E . -21.74 -1.81 -27.37
O12 RFP E . -19.38 2.54 -28.71
#